data_1RU7
#
_entry.id   1RU7
#
_cell.length_a   227.515
_cell.length_b   131.084
_cell.length_c   174.383
_cell.angle_alpha   90.00
_cell.angle_beta   109.81
_cell.angle_gamma   90.00
#
_symmetry.space_group_name_H-M   'C 1 2 1'
#
loop_
_entity.id
_entity.type
_entity.pdbx_description
1 polymer hemagglutinin
2 polymer hemagglutinin
3 water water
#
loop_
_entity_poly.entity_id
_entity_poly.type
_entity_poly.pdbx_seq_one_letter_code
_entity_poly.pdbx_strand_id
1 'polypeptide(L)'
;ADADDTICIGYHANNSTDTVDTVLEKNVTVTHSVNLLEDSHNGKLCRLKGIAPLQLGKCNIAGWLLGNPECDPLLPVRSW
SYIVETPNSENGICYPGDFIDYEELREQLSSVSSFERFEIFPKESSWPNHNTNGVTAACSHEGKSSFYRNLLWLTEKEGS
YPKLKNSYVNKKGKEVLVLWGIHHPPNSKEQQNLYQNENAYVSVVTSNYNRRFTPEIAERPKVRDQAGRMNYYWTLLKPG
DTIIFEANGNLIAPMYAFALRRGFGSGIITSNASMHECNTKCQTPLGAINSSLPYQNIHPVTIGECPKYVRSAKLRMVTG
LRNIPAR
;
A,C,E,G,I,K
2 'polypeptide(L)'
;GLFGAIAGFIEGGWTGMIDGWYGYHHQNEQGSGYAADQKSTQNAINGITNKVNSVIEKMNIQFTAVGKEFNKLEKRMENL
NNKVDDGFLDIWTYNAELLVLLENERTLDFHDSNVKNLYEKVKSQLKNNAKEIGNGCFEFYHKCDNECMESVRNGTYDYP
;
B,D,F,H,J,L
#
# COMPACT_ATOMS: atom_id res chain seq x y z
N ASP A 5 -2.45 59.93 -103.71
CA ASP A 5 -1.40 59.93 -102.65
C ASP A 5 -1.93 59.36 -101.34
N THR A 6 -1.22 58.36 -100.81
CA THR A 6 -1.62 57.72 -99.57
C THR A 6 -0.44 57.47 -98.64
N ILE A 7 -0.72 57.30 -97.35
CA ILE A 7 0.29 57.04 -96.35
C ILE A 7 -0.33 56.08 -95.32
N CYS A 8 0.31 54.94 -95.10
CA CYS A 8 -0.21 53.96 -94.16
C CYS A 8 0.69 53.81 -92.93
N ILE A 9 0.09 53.33 -91.85
CA ILE A 9 0.81 53.09 -90.61
C ILE A 9 0.85 51.57 -90.45
N GLY A 10 2.04 51.03 -90.20
CA GLY A 10 2.16 49.60 -90.06
C GLY A 10 3.27 49.19 -89.10
N TYR A 11 3.46 47.89 -88.97
CA TYR A 11 4.48 47.36 -88.06
C TYR A 11 5.40 46.34 -88.71
N HIS A 12 6.61 46.22 -88.13
CA HIS A 12 7.64 45.31 -88.60
C HIS A 12 7.27 43.83 -88.60
N ALA A 13 7.88 43.10 -89.53
CA ALA A 13 7.70 41.65 -89.68
C ALA A 13 8.97 41.11 -90.33
N ASN A 14 9.25 39.82 -90.15
CA ASN A 14 10.44 39.21 -90.74
C ASN A 14 10.32 37.71 -90.94
N ASN A 15 11.45 37.02 -91.13
CA ASN A 15 11.43 35.57 -91.35
C ASN A 15 11.69 34.76 -90.07
N SER A 16 11.80 35.46 -88.94
CA SER A 16 12.05 34.80 -87.65
C SER A 16 11.05 33.70 -87.34
N THR A 17 11.52 32.63 -86.72
CA THR A 17 10.66 31.52 -86.34
C THR A 17 10.62 31.35 -84.82
N ASP A 18 11.29 32.27 -84.12
CA ASP A 18 11.32 32.25 -82.66
C ASP A 18 9.90 32.20 -82.13
N THR A 19 9.65 31.35 -81.15
CA THR A 19 8.32 31.25 -80.56
C THR A 19 8.41 31.42 -79.05
N VAL A 20 7.34 31.91 -78.46
CA VAL A 20 7.29 32.14 -77.03
C VAL A 20 5.89 31.80 -76.56
N ASP A 21 5.72 31.64 -75.25
CA ASP A 21 4.41 31.36 -74.71
C ASP A 21 3.93 32.57 -73.93
N THR A 22 2.62 32.70 -73.85
CA THR A 22 2.01 33.79 -73.10
C THR A 22 0.92 33.11 -72.30
N VAL A 23 0.25 33.86 -71.43
CA VAL A 23 -0.79 33.30 -70.62
C VAL A 23 -2.04 32.95 -71.45
N LEU A 24 -2.31 33.74 -72.48
CA LEU A 24 -3.48 33.51 -73.31
C LEU A 24 -3.22 32.61 -74.50
N GLU A 25 -1.99 32.57 -74.97
CA GLU A 25 -1.66 31.77 -76.15
C GLU A 25 -0.27 31.14 -76.10
N LYS A 26 -0.21 29.86 -76.45
CA LYS A 26 1.06 29.13 -76.47
C LYS A 26 1.66 29.21 -77.87
N ASN A 27 2.97 29.04 -77.95
CA ASN A 27 3.71 29.05 -79.22
C ASN A 27 3.34 30.19 -80.16
N VAL A 28 3.63 31.42 -79.74
CA VAL A 28 3.36 32.58 -80.56
C VAL A 28 4.64 32.97 -81.30
N THR A 29 4.57 33.04 -82.62
CA THR A 29 5.72 33.40 -83.44
C THR A 29 5.98 34.89 -83.32
N VAL A 30 7.22 35.25 -83.00
CA VAL A 30 7.58 36.67 -82.84
C VAL A 30 8.80 37.03 -83.69
N THR A 31 9.03 38.34 -83.85
CA THR A 31 10.16 38.83 -84.65
C THR A 31 11.49 38.88 -83.92
N HIS A 32 11.44 39.15 -82.62
CA HIS A 32 12.64 39.22 -81.79
C HIS A 32 12.36 38.66 -80.41
N SER A 33 13.37 38.03 -79.81
CA SER A 33 13.26 37.44 -78.49
C SER A 33 14.63 37.13 -77.93
N VAL A 34 14.70 36.86 -76.63
CA VAL A 34 15.95 36.54 -75.98
C VAL A 34 15.78 35.33 -75.08
N ASN A 35 16.71 34.38 -75.21
CA ASN A 35 16.67 33.18 -74.38
C ASN A 35 17.26 33.55 -73.02
N LEU A 36 16.58 33.14 -71.94
CA LEU A 36 17.06 33.44 -70.60
C LEU A 36 17.55 32.18 -69.88
N LEU A 37 17.39 31.04 -70.55
CA LEU A 37 17.77 29.75 -69.98
C LEU A 37 19.02 29.12 -70.62
N GLU A 38 20.09 29.00 -69.84
CA GLU A 38 21.32 28.41 -70.33
C GLU A 38 21.24 26.88 -70.28
N ASP A 39 21.42 26.25 -71.44
CA ASP A 39 21.35 24.80 -71.51
C ASP A 39 22.62 24.19 -72.12
N SER A 40 23.70 24.96 -72.16
CA SER A 40 24.96 24.48 -72.71
C SER A 40 26.13 24.54 -71.75
N HIS A 41 26.90 23.46 -71.71
CA HIS A 41 28.09 23.36 -70.87
C HIS A 41 29.16 22.68 -71.74
N ASN A 42 30.44 22.78 -71.36
CA ASN A 42 31.51 22.21 -72.16
C ASN A 42 31.87 20.74 -71.88
N GLY A 43 31.05 20.09 -71.06
CA GLY A 43 31.28 18.69 -70.72
C GLY A 43 32.62 18.35 -70.09
N LYS A 44 33.29 19.34 -69.50
CA LYS A 44 34.58 19.13 -68.88
C LYS A 44 34.73 19.72 -67.48
N LEU A 45 35.66 19.18 -66.71
CA LEU A 45 35.96 19.71 -65.38
C LEU A 45 37.07 20.71 -65.66
N CYS A 46 36.94 21.91 -65.11
CA CYS A 46 37.91 22.96 -65.34
C CYS A 46 38.49 23.60 -64.09
N ARG A 47 39.49 24.45 -64.30
CA ARG A 47 40.10 25.19 -63.22
C ARG A 47 39.06 26.23 -62.89
N LEU A 48 38.99 26.62 -61.62
CA LEU A 48 38.05 27.63 -61.18
C LEU A 48 38.87 28.88 -60.96
N LYS A 49 38.77 29.80 -61.91
CA LYS A 49 39.53 31.04 -61.85
C LYS A 49 41.03 30.77 -61.69
N GLY A 50 41.55 29.89 -62.54
CA GLY A 50 42.96 29.56 -62.53
C GLY A 50 43.40 28.42 -61.62
N ILE A 51 42.57 28.04 -60.65
CA ILE A 51 42.94 26.98 -59.72
C ILE A 51 42.28 25.63 -60.01
N ALA A 52 43.10 24.60 -60.07
CA ALA A 52 42.61 23.26 -60.36
C ALA A 52 41.94 22.58 -59.17
N PRO A 53 40.95 21.72 -59.46
CA PRO A 53 40.27 21.02 -58.37
C PRO A 53 41.11 19.83 -57.92
N LEU A 54 40.81 19.30 -56.74
CA LEU A 54 41.52 18.14 -56.23
C LEU A 54 40.71 16.94 -56.71
N GLN A 55 41.33 16.10 -57.56
CA GLN A 55 40.64 14.92 -58.07
C GLN A 55 41.01 13.72 -57.24
N LEU A 56 40.06 13.24 -56.45
CA LEU A 56 40.31 12.07 -55.60
C LEU A 56 40.30 10.79 -56.41
N GLY A 57 39.70 10.86 -57.60
CA GLY A 57 39.63 9.69 -58.47
C GLY A 57 39.03 8.46 -57.81
N LYS A 58 39.84 7.40 -57.74
CA LYS A 58 39.44 6.13 -57.14
C LYS A 58 39.35 6.14 -55.62
N CYS A 59 39.76 7.26 -55.02
CA CYS A 59 39.72 7.39 -53.55
C CYS A 59 38.61 8.32 -53.10
N ASN A 60 38.36 8.36 -51.80
CA ASN A 60 37.36 9.27 -51.23
C ASN A 60 38.06 10.02 -50.11
N ILE A 61 37.38 11.01 -49.55
CA ILE A 61 37.96 11.81 -48.47
C ILE A 61 38.69 10.96 -47.43
N ALA A 62 38.02 9.94 -46.92
CA ALA A 62 38.60 9.07 -45.90
C ALA A 62 39.95 8.47 -46.34
N GLY A 63 39.98 7.87 -47.52
CA GLY A 63 41.21 7.28 -48.02
C GLY A 63 42.32 8.31 -48.15
N TRP A 64 41.92 9.49 -48.61
CA TRP A 64 42.84 10.60 -48.81
C TRP A 64 43.44 11.12 -47.51
N LEU A 65 42.62 11.40 -46.50
CA LEU A 65 43.12 11.93 -45.23
C LEU A 65 43.82 10.90 -44.35
N LEU A 66 43.42 9.64 -44.44
CA LEU A 66 44.07 8.63 -43.62
C LEU A 66 45.38 8.24 -44.28
N GLY A 67 45.40 8.27 -45.60
CA GLY A 67 46.61 7.90 -46.32
C GLY A 67 46.53 6.47 -46.81
N ASN A 68 45.37 6.10 -47.33
CA ASN A 68 45.20 4.77 -47.87
C ASN A 68 46.30 4.64 -48.94
N PRO A 69 47.09 3.56 -48.90
CA PRO A 69 48.17 3.32 -49.86
C PRO A 69 47.76 3.51 -51.32
N GLU A 70 46.49 3.24 -51.60
CA GLU A 70 45.93 3.38 -52.95
C GLU A 70 45.76 4.84 -53.37
N CYS A 71 46.06 5.78 -52.48
CA CYS A 71 45.89 7.20 -52.79
C CYS A 71 47.18 8.00 -52.67
N ASP A 72 48.33 7.33 -52.80
CA ASP A 72 49.62 8.02 -52.69
C ASP A 72 49.76 9.22 -53.65
N PRO A 73 49.25 9.09 -54.90
CA PRO A 73 49.37 10.21 -55.85
C PRO A 73 48.81 11.54 -55.33
N LEU A 74 47.94 11.46 -54.31
CA LEU A 74 47.33 12.67 -53.75
C LEU A 74 48.16 13.34 -52.66
N LEU A 75 49.02 12.57 -52.01
CA LEU A 75 49.87 13.08 -50.93
C LEU A 75 50.52 14.45 -51.15
N PRO A 76 51.04 14.71 -52.35
CA PRO A 76 51.69 15.99 -52.63
C PRO A 76 50.78 17.21 -52.88
N VAL A 77 49.51 16.97 -53.20
CA VAL A 77 48.59 18.08 -53.48
C VAL A 77 48.39 18.93 -52.23
N ARG A 78 48.56 20.24 -52.39
CA ARG A 78 48.43 21.19 -51.27
C ARG A 78 47.31 22.20 -51.36
N SER A 79 46.82 22.46 -52.57
CA SER A 79 45.74 23.42 -52.73
C SER A 79 44.85 23.02 -53.90
N TRP A 80 43.60 23.48 -53.85
CA TRP A 80 42.60 23.17 -54.87
C TRP A 80 41.48 24.20 -54.78
N SER A 81 40.63 24.23 -55.79
CA SER A 81 39.52 25.17 -55.85
C SER A 81 38.20 24.49 -55.44
N TYR A 82 38.16 23.17 -55.59
CA TYR A 82 37.00 22.36 -55.23
C TYR A 82 37.45 20.90 -55.27
N ILE A 83 36.74 20.03 -54.55
CA ILE A 83 37.08 18.61 -54.48
C ILE A 83 36.14 17.78 -55.34
N VAL A 84 36.68 16.84 -56.09
CA VAL A 84 35.89 16.00 -56.97
C VAL A 84 36.01 14.53 -56.63
N GLU A 85 34.88 13.88 -56.39
CA GLU A 85 34.86 12.45 -56.14
C GLU A 85 34.19 11.88 -57.37
N THR A 86 34.36 10.58 -57.61
CA THR A 86 33.75 9.96 -58.79
C THR A 86 32.87 8.80 -58.33
N PRO A 87 32.09 8.23 -59.25
CA PRO A 87 31.21 7.10 -58.92
C PRO A 87 32.08 5.91 -58.47
N ASN A 88 33.36 5.94 -58.84
CA ASN A 88 34.28 4.89 -58.44
C ASN A 88 35.24 5.29 -57.33
N SER A 89 34.78 6.14 -56.42
CA SER A 89 35.61 6.54 -55.28
C SER A 89 35.35 5.54 -54.16
N GLU A 90 35.86 4.33 -54.34
CA GLU A 90 35.69 3.24 -53.39
C GLU A 90 36.75 3.12 -52.29
N ASN A 91 37.99 3.46 -52.60
CA ASN A 91 39.08 3.36 -51.62
C ASN A 91 39.04 4.40 -50.51
N GLY A 92 38.54 4.01 -49.34
CA GLY A 92 38.48 4.89 -48.20
C GLY A 92 39.29 4.21 -47.12
N ILE A 93 38.63 3.71 -46.08
CA ILE A 93 39.35 3.00 -45.03
C ILE A 93 39.63 1.61 -45.59
N CYS A 94 40.77 1.03 -45.26
CA CYS A 94 41.08 -0.31 -45.76
C CYS A 94 40.92 -1.35 -44.66
N TYR A 95 41.16 -0.95 -43.42
CA TYR A 95 40.95 -1.86 -42.29
C TYR A 95 39.53 -1.55 -41.81
N PRO A 96 38.63 -2.55 -41.85
CA PRO A 96 37.24 -2.33 -41.43
C PRO A 96 37.09 -1.66 -40.07
N GLY A 97 36.02 -0.86 -39.95
CA GLY A 97 35.75 -0.15 -38.72
C GLY A 97 34.88 1.06 -38.97
N ASP A 98 34.71 1.90 -37.96
CA ASP A 98 33.88 3.08 -38.11
C ASP A 98 34.68 4.38 -38.10
N PHE A 99 34.31 5.30 -38.99
CA PHE A 99 34.97 6.60 -39.08
C PHE A 99 34.03 7.59 -38.38
N ILE A 100 34.33 7.91 -37.13
CA ILE A 100 33.48 8.80 -36.34
C ILE A 100 33.36 10.23 -36.83
N ASP A 101 32.12 10.66 -37.05
CA ASP A 101 31.79 12.00 -37.53
C ASP A 101 32.44 12.27 -38.86
N TYR A 102 32.41 11.26 -39.72
CA TYR A 102 32.98 11.36 -41.05
C TYR A 102 32.30 12.43 -41.91
N GLU A 103 30.96 12.48 -41.89
CA GLU A 103 30.26 13.48 -42.71
C GLU A 103 30.62 14.91 -42.28
N GLU A 104 30.82 15.12 -40.98
CA GLU A 104 31.20 16.46 -40.50
C GLU A 104 32.64 16.77 -40.95
N LEU A 105 33.49 15.74 -41.03
CA LEU A 105 34.86 15.97 -41.46
C LEU A 105 34.83 16.43 -42.91
N ARG A 106 33.97 15.80 -43.71
CA ARG A 106 33.84 16.17 -45.13
C ARG A 106 33.36 17.62 -45.22
N GLU A 107 32.45 18.01 -44.32
CA GLU A 107 31.92 19.36 -44.33
C GLU A 107 33.07 20.33 -44.02
N GLN A 108 33.93 19.96 -43.08
CA GLN A 108 35.08 20.79 -42.72
C GLN A 108 36.00 20.99 -43.92
N LEU A 109 36.41 19.89 -44.55
CA LEU A 109 37.30 19.97 -45.71
C LEU A 109 36.68 20.78 -46.83
N SER A 110 35.36 20.97 -46.77
CA SER A 110 34.67 21.74 -47.80
C SER A 110 34.96 23.24 -47.83
N SER A 111 35.57 23.75 -46.77
CA SER A 111 35.91 25.18 -46.71
C SER A 111 37.41 25.35 -46.55
N VAL A 112 38.15 24.31 -46.92
CA VAL A 112 39.59 24.33 -46.85
C VAL A 112 40.08 24.61 -48.25
N SER A 113 40.92 25.63 -48.39
CA SER A 113 41.45 26.02 -49.69
C SER A 113 42.82 25.40 -49.86
N SER A 114 43.46 25.07 -48.73
CA SER A 114 44.78 24.46 -48.78
C SER A 114 45.26 24.05 -47.40
N PHE A 115 46.17 23.07 -47.35
CA PHE A 115 46.74 22.66 -46.09
C PHE A 115 48.17 22.19 -46.29
N GLU A 116 48.92 22.06 -45.19
CA GLU A 116 50.26 21.56 -45.31
C GLU A 116 50.31 20.27 -44.51
N ARG A 117 50.70 19.19 -45.17
CA ARG A 117 50.81 17.87 -44.55
C ARG A 117 52.19 17.83 -43.91
N PHE A 118 52.24 17.64 -42.60
CA PHE A 118 53.51 17.59 -41.87
C PHE A 118 53.54 16.46 -40.84
N GLU A 119 54.75 16.04 -40.47
CA GLU A 119 54.94 15.00 -39.48
C GLU A 119 54.68 15.57 -38.10
N ILE A 120 53.57 15.18 -37.49
CA ILE A 120 53.24 15.66 -36.15
C ILE A 120 53.99 14.79 -35.16
N PHE A 121 54.18 13.53 -35.53
CA PHE A 121 54.90 12.59 -34.68
C PHE A 121 55.86 11.72 -35.49
N PRO A 122 57.08 12.24 -35.75
CA PRO A 122 58.11 11.52 -36.51
C PRO A 122 58.26 10.07 -36.06
N LYS A 123 58.06 9.16 -37.00
CA LYS A 123 58.14 7.73 -36.73
C LYS A 123 59.38 7.27 -35.94
N GLU A 124 60.54 7.79 -36.33
CA GLU A 124 61.80 7.39 -35.70
C GLU A 124 62.10 7.90 -34.29
N SER A 125 61.68 9.11 -33.95
CA SER A 125 61.99 9.65 -32.63
C SER A 125 60.81 9.74 -31.66
N SER A 126 59.61 9.52 -32.15
CA SER A 126 58.44 9.63 -31.30
C SER A 126 58.15 8.43 -30.40
N TRP A 127 58.41 7.22 -30.90
CA TRP A 127 58.12 6.02 -30.11
C TRP A 127 59.32 5.10 -29.87
N PRO A 128 60.21 5.47 -28.95
CA PRO A 128 61.41 4.70 -28.62
C PRO A 128 61.15 3.32 -28.03
N ASN A 129 60.11 3.22 -27.20
CA ASN A 129 59.79 1.96 -26.53
C ASN A 129 58.65 1.16 -27.11
N HIS A 130 58.36 1.32 -28.40
CA HIS A 130 57.26 0.58 -29.02
C HIS A 130 57.64 0.25 -30.45
N ASN A 131 57.11 -0.85 -30.97
CA ASN A 131 57.37 -1.19 -32.36
C ASN A 131 56.40 -0.34 -33.19
N THR A 132 56.81 -0.01 -34.41
CA THR A 132 55.98 0.83 -35.27
C THR A 132 55.82 0.23 -36.66
N ASN A 133 56.17 -1.04 -36.82
CA ASN A 133 56.08 -1.66 -38.12
C ASN A 133 54.80 -2.43 -38.38
N GLY A 134 53.79 -2.21 -37.55
CA GLY A 134 52.52 -2.89 -37.74
C GLY A 134 52.05 -2.70 -39.17
N VAL A 135 51.67 -3.79 -39.81
CA VAL A 135 51.22 -3.75 -41.20
C VAL A 135 50.05 -4.71 -41.37
N THR A 136 49.29 -4.59 -42.46
CA THR A 136 48.14 -5.47 -42.65
C THR A 136 47.83 -5.71 -44.11
N ALA A 137 47.35 -6.92 -44.42
CA ALA A 137 47.02 -7.28 -45.80
C ALA A 137 45.81 -6.50 -46.28
N ALA A 138 45.04 -5.97 -45.33
CA ALA A 138 43.85 -5.20 -45.66
C ALA A 138 44.23 -3.86 -46.29
N CYS A 139 45.45 -3.42 -46.06
CA CYS A 139 45.95 -2.17 -46.62
C CYS A 139 47.24 -2.47 -47.36
N SER A 140 47.15 -3.37 -48.32
CA SER A 140 48.32 -3.76 -49.09
C SER A 140 48.61 -2.79 -50.22
N HIS A 141 49.86 -2.81 -50.64
CA HIS A 141 50.34 -1.96 -51.71
C HIS A 141 51.43 -2.75 -52.44
N GLU A 142 51.31 -2.85 -53.76
CA GLU A 142 52.28 -3.61 -54.55
C GLU A 142 52.28 -5.08 -54.10
N GLY A 143 51.09 -5.60 -53.83
CA GLY A 143 50.97 -6.99 -53.42
C GLY A 143 51.57 -7.35 -52.06
N LYS A 144 51.92 -6.36 -51.26
CA LYS A 144 52.50 -6.62 -49.95
C LYS A 144 51.72 -5.87 -48.86
N SER A 145 51.64 -6.48 -47.69
CA SER A 145 50.93 -5.88 -46.56
C SER A 145 51.57 -4.52 -46.25
N SER A 146 50.73 -3.50 -46.09
CA SER A 146 51.22 -2.16 -45.79
C SER A 146 50.30 -1.47 -44.79
N PHE A 147 50.36 -0.15 -44.72
CA PHE A 147 49.50 0.59 -43.81
C PHE A 147 49.27 2.03 -44.26
N TYR A 148 48.39 2.72 -43.54
CA TYR A 148 48.06 4.12 -43.82
C TYR A 148 49.33 4.95 -43.76
N ARG A 149 49.48 5.87 -44.71
CA ARG A 149 50.67 6.72 -44.76
C ARG A 149 50.69 7.77 -43.66
N ASN A 150 49.53 8.11 -43.12
CA ASN A 150 49.50 9.16 -42.10
C ASN A 150 49.38 8.70 -40.67
N LEU A 151 49.25 7.39 -40.48
CA LEU A 151 49.12 6.82 -39.16
C LEU A 151 50.22 5.79 -38.94
N LEU A 152 50.39 5.37 -37.69
CA LEU A 152 51.38 4.38 -37.29
C LEU A 152 50.77 3.33 -36.36
N TRP A 153 50.88 2.06 -36.72
CA TRP A 153 50.34 0.98 -35.89
C TRP A 153 51.40 0.62 -34.85
N LEU A 154 51.22 1.10 -33.62
CA LEU A 154 52.16 0.81 -32.55
C LEU A 154 51.85 -0.54 -31.91
N THR A 155 52.89 -1.31 -31.58
CA THR A 155 52.68 -2.61 -30.94
C THR A 155 53.72 -2.87 -29.86
N GLU A 156 53.55 -4.01 -29.19
CA GLU A 156 54.45 -4.43 -28.14
C GLU A 156 55.90 -4.56 -28.66
N LYS A 157 56.85 -4.20 -27.81
CA LYS A 157 58.26 -4.30 -28.17
C LYS A 157 58.99 -5.14 -27.11
N GLU A 158 59.52 -6.28 -27.55
CA GLU A 158 60.25 -7.18 -26.67
C GLU A 158 59.36 -7.66 -25.52
N GLY A 159 58.11 -8.00 -25.86
CA GLY A 159 57.16 -8.48 -24.89
C GLY A 159 56.59 -7.42 -23.96
N SER A 160 56.85 -6.16 -24.25
CA SER A 160 56.37 -5.08 -23.41
C SER A 160 55.76 -3.90 -24.17
N TYR A 161 54.73 -3.31 -23.58
CA TYR A 161 54.05 -2.14 -24.15
C TYR A 161 53.93 -1.15 -23.01
N PRO A 162 54.98 -0.34 -22.78
CA PRO A 162 55.04 0.67 -21.72
C PRO A 162 53.95 1.71 -21.92
N LYS A 163 53.47 2.31 -20.84
CA LYS A 163 52.44 3.33 -20.98
C LYS A 163 53.09 4.50 -21.70
N LEU A 164 52.54 4.88 -22.85
CA LEU A 164 53.09 5.99 -23.62
C LEU A 164 52.33 7.29 -23.38
N LYS A 165 53.02 8.40 -23.54
CA LYS A 165 52.41 9.72 -23.40
C LYS A 165 53.22 10.65 -24.28
N ASN A 166 52.56 11.20 -25.29
CA ASN A 166 53.22 12.13 -26.18
C ASN A 166 52.28 13.26 -26.47
N SER A 167 52.84 14.45 -26.68
CA SER A 167 52.04 15.62 -26.95
C SER A 167 52.63 16.45 -28.08
N TYR A 168 51.78 17.27 -28.67
CA TYR A 168 52.22 18.13 -29.75
C TYR A 168 51.61 19.50 -29.55
N VAL A 169 52.46 20.52 -29.58
CA VAL A 169 52.01 21.90 -29.42
C VAL A 169 51.85 22.48 -30.81
N ASN A 170 50.66 22.99 -31.10
CA ASN A 170 50.39 23.57 -32.41
C ASN A 170 51.00 24.96 -32.50
N LYS A 171 52.09 25.08 -33.25
CA LYS A 171 52.75 26.36 -33.43
C LYS A 171 52.70 26.75 -34.90
N LYS A 172 51.73 26.17 -35.62
CA LYS A 172 51.55 26.42 -37.06
C LYS A 172 50.80 27.71 -37.38
N GLY A 173 50.14 28.31 -36.39
CA GLY A 173 49.39 29.52 -36.65
C GLY A 173 48.08 29.24 -37.37
N LYS A 174 47.68 27.97 -37.40
CA LYS A 174 46.45 27.56 -38.05
C LYS A 174 45.88 26.33 -37.37
N GLU A 175 44.65 25.98 -37.72
CA GLU A 175 44.01 24.80 -37.14
C GLU A 175 44.75 23.59 -37.67
N VAL A 176 44.95 22.61 -36.82
CA VAL A 176 45.63 21.39 -37.24
C VAL A 176 44.68 20.21 -37.09
N LEU A 177 44.32 19.61 -38.23
CA LEU A 177 43.45 18.46 -38.25
C LEU A 177 44.30 17.25 -37.86
N VAL A 178 43.96 16.61 -36.75
CA VAL A 178 44.69 15.43 -36.28
C VAL A 178 43.78 14.20 -36.37
N LEU A 179 44.27 13.13 -36.99
CA LEU A 179 43.49 11.89 -37.11
C LEU A 179 44.23 10.74 -36.43
N TRP A 180 43.48 9.76 -35.94
CA TRP A 180 44.07 8.59 -35.28
C TRP A 180 43.07 7.45 -35.27
N GLY A 181 43.51 6.29 -34.81
CA GLY A 181 42.63 5.14 -34.75
C GLY A 181 42.75 4.39 -33.44
N ILE A 182 41.84 3.45 -33.23
CA ILE A 182 41.82 2.61 -32.04
C ILE A 182 41.59 1.21 -32.57
N HIS A 183 42.50 0.29 -32.29
CA HIS A 183 42.33 -1.07 -32.80
C HIS A 183 41.50 -1.93 -31.85
N HIS A 184 40.64 -2.78 -32.43
CA HIS A 184 39.81 -3.65 -31.63
C HIS A 184 40.04 -5.09 -32.08
N PRO A 185 40.92 -5.81 -31.38
CA PRO A 185 41.22 -7.21 -31.71
C PRO A 185 39.96 -8.09 -31.66
N PRO A 186 39.95 -9.22 -32.38
CA PRO A 186 38.77 -10.08 -32.33
C PRO A 186 38.72 -10.99 -31.09
N ASN A 187 39.86 -11.22 -30.45
CA ASN A 187 39.93 -12.06 -29.25
C ASN A 187 41.04 -11.62 -28.31
N SER A 188 40.90 -12.03 -27.06
CA SER A 188 41.86 -11.67 -26.03
C SER A 188 43.29 -12.13 -26.36
N LYS A 189 43.42 -13.21 -27.12
CA LYS A 189 44.75 -13.70 -27.47
C LYS A 189 45.50 -12.65 -28.29
N GLU A 190 44.85 -12.13 -29.34
CA GLU A 190 45.48 -11.11 -30.18
C GLU A 190 45.80 -9.87 -29.36
N GLN A 191 44.84 -9.44 -28.54
CA GLN A 191 45.05 -8.27 -27.69
C GLN A 191 46.37 -8.43 -26.94
N GLN A 192 46.62 -9.64 -26.44
CA GLN A 192 47.83 -9.90 -25.68
C GLN A 192 49.09 -9.95 -26.54
N ASN A 193 49.05 -10.66 -27.67
CA ASN A 193 50.22 -10.72 -28.53
C ASN A 193 50.61 -9.34 -29.04
N LEU A 194 49.62 -8.52 -29.33
CA LEU A 194 49.87 -7.18 -29.83
C LEU A 194 50.15 -6.10 -28.80
N TYR A 195 49.39 -6.08 -27.70
CA TYR A 195 49.61 -5.02 -26.72
C TYR A 195 49.97 -5.43 -25.29
N GLN A 196 50.07 -6.73 -25.04
CA GLN A 196 50.44 -7.24 -23.73
C GLN A 196 49.42 -6.97 -22.65
N ASN A 197 49.10 -5.70 -22.44
CA ASN A 197 48.13 -5.31 -21.42
C ASN A 197 46.73 -5.75 -21.83
N GLU A 198 46.12 -6.58 -21.00
CA GLU A 198 44.79 -7.11 -21.27
C GLU A 198 43.69 -6.05 -21.19
N ASN A 199 43.84 -5.11 -20.25
CA ASN A 199 42.87 -4.05 -20.08
C ASN A 199 43.53 -2.71 -20.37
N ALA A 200 43.58 -2.38 -21.64
CA ALA A 200 44.20 -1.14 -22.10
C ALA A 200 43.20 0.00 -22.33
N TYR A 201 43.73 1.19 -22.54
CA TYR A 201 42.90 2.36 -22.79
C TYR A 201 43.74 3.40 -23.53
N VAL A 202 43.05 4.26 -24.28
CA VAL A 202 43.73 5.32 -25.00
C VAL A 202 43.03 6.59 -24.57
N SER A 203 43.80 7.64 -24.32
CA SER A 203 43.23 8.93 -23.94
C SER A 203 43.76 9.98 -24.91
N VAL A 204 42.89 10.85 -25.39
CA VAL A 204 43.28 11.92 -26.31
C VAL A 204 42.64 13.19 -25.76
N VAL A 205 43.45 14.20 -25.49
CA VAL A 205 42.91 15.45 -24.95
C VAL A 205 43.58 16.72 -25.47
N THR A 206 42.80 17.80 -25.48
CA THR A 206 43.28 19.11 -25.89
C THR A 206 42.58 20.06 -24.92
N SER A 207 42.58 21.36 -25.22
CA SER A 207 41.92 22.31 -24.33
C SER A 207 40.40 22.20 -24.46
N ASN A 208 39.92 21.77 -25.63
CA ASN A 208 38.50 21.65 -25.85
C ASN A 208 38.04 20.26 -26.31
N TYR A 209 38.96 19.29 -26.27
CA TYR A 209 38.65 17.92 -26.67
C TYR A 209 39.06 17.02 -25.52
N ASN A 210 38.27 15.98 -25.25
CA ASN A 210 38.55 15.09 -24.14
C ASN A 210 37.79 13.79 -24.29
N ARG A 211 38.46 12.74 -24.73
CA ARG A 211 37.82 11.44 -24.90
C ARG A 211 38.72 10.28 -24.53
N ARG A 212 38.11 9.22 -23.98
CA ARG A 212 38.85 8.04 -23.56
C ARG A 212 38.32 6.87 -24.39
N PHE A 213 39.19 5.94 -24.76
CA PHE A 213 38.78 4.81 -25.57
C PHE A 213 39.14 3.46 -24.95
N THR A 214 38.18 2.54 -24.96
CA THR A 214 38.38 1.21 -24.40
C THR A 214 38.19 0.15 -25.47
N PRO A 215 39.17 -0.75 -25.61
CA PRO A 215 39.05 -1.81 -26.63
C PRO A 215 37.84 -2.68 -26.32
N GLU A 216 37.06 -2.95 -27.35
CA GLU A 216 35.90 -3.81 -27.19
C GLU A 216 36.28 -5.05 -28.00
N ILE A 217 36.59 -6.12 -27.29
CA ILE A 217 37.03 -7.37 -27.88
C ILE A 217 35.90 -8.37 -28.09
N ALA A 218 35.74 -8.83 -29.33
CA ALA A 218 34.71 -9.79 -29.68
C ALA A 218 34.89 -10.32 -31.09
N GLU A 219 34.35 -11.50 -31.36
CA GLU A 219 34.42 -12.10 -32.68
C GLU A 219 33.48 -11.33 -33.58
N ARG A 220 33.88 -11.06 -34.82
CA ARG A 220 33.01 -10.32 -35.74
C ARG A 220 33.13 -10.88 -37.15
N PRO A 221 32.13 -10.63 -38.01
CA PRO A 221 32.21 -11.13 -39.39
C PRO A 221 33.43 -10.50 -40.06
N LYS A 222 33.99 -11.19 -41.04
CA LYS A 222 35.17 -10.68 -41.71
C LYS A 222 34.89 -9.70 -42.85
N VAL A 223 35.56 -8.56 -42.81
CA VAL A 223 35.45 -7.55 -43.85
C VAL A 223 36.89 -7.36 -44.32
N ARG A 224 37.11 -7.50 -45.63
CA ARG A 224 38.47 -7.43 -46.17
C ARG A 224 39.24 -8.44 -45.34
N ASP A 225 38.57 -9.58 -45.13
CA ASP A 225 39.01 -10.72 -44.33
C ASP A 225 39.72 -10.39 -43.02
N GLN A 226 39.11 -9.50 -42.26
CA GLN A 226 39.61 -9.10 -40.95
C GLN A 226 38.45 -9.22 -39.97
N ALA A 227 38.67 -9.85 -38.82
CA ALA A 227 37.62 -9.99 -37.83
C ALA A 227 37.79 -8.82 -36.88
N GLY A 228 38.97 -8.20 -36.94
CA GLY A 228 39.24 -7.06 -36.10
C GLY A 228 38.55 -5.84 -36.66
N ARG A 229 38.60 -4.75 -35.91
CA ARG A 229 37.99 -3.51 -36.33
C ARG A 229 38.89 -2.36 -35.91
N MET A 230 38.84 -1.29 -36.67
CA MET A 230 39.63 -0.12 -36.36
C MET A 230 38.71 1.09 -36.50
N ASN A 231 38.56 1.87 -35.43
CA ASN A 231 37.71 3.06 -35.50
C ASN A 231 38.60 4.29 -35.65
N TYR A 232 38.19 5.22 -36.50
CA TYR A 232 38.99 6.42 -36.73
C TYR A 232 38.34 7.67 -36.16
N TYR A 233 39.16 8.53 -35.57
CA TYR A 233 38.70 9.76 -34.97
C TYR A 233 39.55 10.94 -35.42
N TRP A 234 39.04 12.15 -35.17
CA TRP A 234 39.74 13.37 -35.53
C TRP A 234 39.27 14.53 -34.66
N THR A 235 40.08 15.58 -34.59
CA THR A 235 39.74 16.78 -33.84
C THR A 235 40.53 17.91 -34.49
N LEU A 236 40.07 19.14 -34.28
CA LEU A 236 40.78 20.29 -34.83
C LEU A 236 41.52 20.90 -33.66
N LEU A 237 42.82 21.05 -33.80
CA LEU A 237 43.64 21.62 -32.73
C LEU A 237 43.86 23.09 -33.09
N LYS A 238 43.35 23.97 -32.24
CA LYS A 238 43.44 25.41 -32.42
C LYS A 238 44.86 25.90 -32.31
N PRO A 239 45.18 27.00 -32.99
CA PRO A 239 46.53 27.57 -32.95
C PRO A 239 46.98 27.75 -31.51
N GLY A 240 48.20 27.33 -31.20
CA GLY A 240 48.71 27.48 -29.85
C GLY A 240 48.33 26.41 -28.84
N ASP A 241 47.31 25.60 -29.12
CA ASP A 241 46.91 24.59 -28.15
C ASP A 241 47.75 23.31 -28.22
N THR A 242 47.57 22.44 -27.23
CA THR A 242 48.33 21.20 -27.16
C THR A 242 47.43 19.95 -27.17
N ILE A 243 47.84 18.92 -27.91
CA ILE A 243 47.09 17.68 -27.92
C ILE A 243 47.97 16.61 -27.26
N ILE A 244 47.37 15.83 -26.36
CA ILE A 244 48.10 14.80 -25.64
C ILE A 244 47.54 13.40 -25.84
N PHE A 245 48.38 12.48 -26.33
CA PHE A 245 47.98 11.10 -26.52
C PHE A 245 48.62 10.27 -25.40
N GLU A 246 47.81 9.48 -24.72
CA GLU A 246 48.28 8.62 -23.66
C GLU A 246 47.64 7.25 -23.90
N ALA A 247 48.44 6.19 -23.81
CA ALA A 247 47.91 4.86 -24.04
C ALA A 247 48.80 3.76 -23.52
N ASN A 248 48.20 2.59 -23.32
CA ASN A 248 48.95 1.43 -22.90
C ASN A 248 48.51 0.30 -23.83
N GLY A 249 48.13 0.70 -25.04
CA GLY A 249 47.71 -0.24 -26.07
C GLY A 249 46.65 0.28 -27.03
N ASN A 250 46.42 -0.47 -28.10
CA ASN A 250 45.39 -0.17 -29.08
C ASN A 250 45.39 1.15 -29.85
N LEU A 251 46.38 2.00 -29.62
CA LEU A 251 46.45 3.27 -30.33
C LEU A 251 47.05 3.17 -31.72
N ILE A 252 46.31 3.65 -32.72
CA ILE A 252 46.81 3.71 -34.08
C ILE A 252 47.13 5.20 -34.14
N ALA A 253 48.36 5.52 -33.76
CA ALA A 253 48.82 6.90 -33.68
C ALA A 253 48.96 7.78 -34.91
N PRO A 254 48.90 9.10 -34.69
CA PRO A 254 49.03 10.10 -35.74
C PRO A 254 50.51 10.19 -36.09
N MET A 255 50.82 10.26 -37.39
CA MET A 255 52.19 10.41 -37.83
C MET A 255 52.20 11.73 -38.59
N TYR A 256 51.29 11.85 -39.56
CA TYR A 256 51.15 13.09 -40.32
C TYR A 256 49.81 13.74 -39.99
N ALA A 257 49.83 15.07 -39.88
CA ALA A 257 48.65 15.87 -39.58
C ALA A 257 48.54 16.99 -40.63
N PHE A 258 47.48 17.80 -40.56
CA PHE A 258 47.29 18.87 -41.55
C PHE A 258 47.01 20.25 -40.95
N ALA A 259 47.78 21.23 -41.37
CA ALA A 259 47.59 22.62 -40.94
C ALA A 259 46.67 23.21 -42.01
N LEU A 260 45.42 23.45 -41.65
CA LEU A 260 44.41 23.95 -42.59
C LEU A 260 44.28 25.45 -42.83
N ARG A 261 43.99 25.80 -44.07
CA ARG A 261 43.78 27.20 -44.45
C ARG A 261 42.35 27.25 -44.98
N ARG A 262 41.56 28.21 -44.49
CA ARG A 262 40.18 28.34 -44.91
C ARG A 262 39.99 29.26 -46.11
N GLY A 263 38.96 28.97 -46.89
CA GLY A 263 38.63 29.76 -48.06
C GLY A 263 37.13 29.75 -48.27
N PHE A 264 36.65 30.33 -49.36
CA PHE A 264 35.22 30.37 -49.62
C PHE A 264 34.90 29.88 -51.02
N GLY A 265 33.68 29.37 -51.18
CA GLY A 265 33.25 28.92 -52.50
C GLY A 265 33.60 27.51 -52.87
N SER A 266 34.34 26.80 -52.03
CA SER A 266 34.69 25.43 -52.38
C SER A 266 33.56 24.48 -51.99
N GLY A 267 33.71 23.22 -52.38
CA GLY A 267 32.69 22.23 -52.07
C GLY A 267 33.11 20.90 -52.64
N ILE A 268 32.36 19.85 -52.35
CA ILE A 268 32.69 18.53 -52.86
C ILE A 268 31.60 18.10 -53.81
N ILE A 269 31.99 17.78 -55.04
CA ILE A 269 31.01 17.34 -56.04
C ILE A 269 31.39 15.92 -56.51
N THR A 270 30.45 15.25 -57.15
CA THR A 270 30.68 13.91 -57.67
C THR A 270 30.51 14.03 -59.18
N SER A 271 31.45 13.49 -59.94
CA SER A 271 31.36 13.61 -61.39
C SER A 271 32.14 12.54 -62.13
N ASN A 272 31.72 12.22 -63.35
CA ASN A 272 32.47 11.25 -64.14
C ASN A 272 33.02 11.96 -65.37
N ALA A 273 33.07 13.28 -65.31
CA ALA A 273 33.61 14.09 -66.40
C ALA A 273 35.11 14.22 -66.16
N SER A 274 35.87 14.52 -67.21
CA SER A 274 37.33 14.62 -67.06
C SER A 274 37.90 16.03 -66.91
N MET A 275 39.02 16.11 -66.20
CA MET A 275 39.74 17.36 -65.99
C MET A 275 40.43 17.75 -67.29
N HIS A 276 40.34 19.02 -67.67
CA HIS A 276 40.95 19.54 -68.89
C HIS A 276 41.61 20.87 -68.55
N GLU A 277 42.57 21.28 -69.36
CA GLU A 277 43.21 22.56 -69.12
C GLU A 277 42.26 23.60 -69.69
N CYS A 278 41.26 23.92 -68.88
CA CYS A 278 40.20 24.85 -69.22
C CYS A 278 39.96 25.70 -67.97
N ASN A 279 39.39 26.88 -68.14
CA ASN A 279 39.11 27.76 -67.01
C ASN A 279 37.66 28.22 -67.07
N THR A 280 37.05 28.38 -65.90
CA THR A 280 35.65 28.80 -65.82
C THR A 280 35.42 29.53 -64.52
N LYS A 281 34.24 30.14 -64.43
CA LYS A 281 33.81 30.84 -63.23
C LYS A 281 32.65 30.01 -62.70
N CYS A 282 32.19 29.04 -63.49
CA CYS A 282 31.07 28.19 -63.10
C CYS A 282 31.20 26.72 -63.51
N GLN A 283 31.35 25.85 -62.52
CA GLN A 283 31.50 24.42 -62.76
C GLN A 283 30.38 23.54 -62.22
N THR A 284 29.89 22.63 -63.06
CA THR A 284 28.84 21.68 -62.63
C THR A 284 29.42 20.29 -62.82
N PRO A 285 28.83 19.28 -62.16
CA PRO A 285 29.32 17.90 -62.28
C PRO A 285 29.29 17.40 -63.73
N LEU A 286 28.54 18.08 -64.58
CA LEU A 286 28.45 17.66 -65.98
C LEU A 286 29.38 18.42 -66.91
N GLY A 287 29.78 19.62 -66.48
CA GLY A 287 30.63 20.44 -67.31
C GLY A 287 30.60 21.90 -66.86
N ALA A 288 31.46 22.71 -67.43
CA ALA A 288 31.52 24.12 -67.06
C ALA A 288 30.58 24.96 -67.90
N ILE A 289 30.10 26.04 -67.30
CA ILE A 289 29.19 26.97 -67.93
C ILE A 289 29.84 28.33 -68.07
N ASN A 290 29.69 28.93 -69.25
CA ASN A 290 30.20 30.26 -69.53
C ASN A 290 28.95 30.97 -70.01
N SER A 291 28.29 31.70 -69.12
CA SER A 291 27.04 32.36 -69.49
C SER A 291 26.68 33.59 -68.65
N SER A 292 25.80 34.42 -69.21
CA SER A 292 25.34 35.63 -68.54
C SER A 292 23.85 35.53 -68.24
N LEU A 293 23.22 34.47 -68.73
CA LEU A 293 21.78 34.27 -68.52
C LEU A 293 21.46 34.02 -67.04
N PRO A 294 20.30 34.47 -66.57
CA PRO A 294 19.88 34.30 -65.17
C PRO A 294 19.55 32.87 -64.74
N TYR A 295 19.16 32.02 -65.70
CA TYR A 295 18.83 30.63 -65.36
C TYR A 295 19.59 29.60 -66.19
N GLN A 296 19.59 28.35 -65.71
CA GLN A 296 20.23 27.24 -66.39
C GLN A 296 19.48 25.99 -65.96
N ASN A 297 19.33 25.04 -66.88
CA ASN A 297 18.64 23.80 -66.57
C ASN A 297 19.62 22.65 -66.71
N ILE A 298 20.91 22.95 -66.54
CA ILE A 298 21.96 21.95 -66.67
C ILE A 298 22.08 21.07 -65.42
N HIS A 299 22.36 21.67 -64.27
CA HIS A 299 22.52 20.90 -63.05
C HIS A 299 22.32 21.72 -61.78
N PRO A 300 21.76 21.10 -60.74
CA PRO A 300 21.53 21.79 -59.47
C PRO A 300 22.79 22.01 -58.65
N VAL A 301 23.80 21.15 -58.84
CA VAL A 301 25.06 21.28 -58.10
C VAL A 301 25.92 22.26 -58.87
N THR A 302 26.40 23.27 -58.15
CA THR A 302 27.16 24.36 -58.72
C THR A 302 28.36 24.82 -57.87
N ILE A 303 29.47 25.09 -58.55
CA ILE A 303 30.67 25.59 -57.89
C ILE A 303 31.04 26.93 -58.57
N GLY A 304 31.07 28.01 -57.80
CA GLY A 304 31.42 29.31 -58.34
C GLY A 304 30.29 30.33 -58.42
N GLU A 305 30.20 31.03 -59.56
CA GLU A 305 29.16 32.04 -59.80
C GLU A 305 28.39 31.55 -61.01
N CYS A 306 27.19 31.05 -60.78
CA CYS A 306 26.42 30.48 -61.87
C CYS A 306 24.99 30.98 -61.97
N PRO A 307 24.29 30.59 -63.05
CA PRO A 307 22.90 31.00 -63.23
C PRO A 307 22.11 30.14 -62.25
N LYS A 308 20.89 30.54 -61.94
CA LYS A 308 20.06 29.77 -61.02
C LYS A 308 19.49 28.53 -61.70
N TYR A 309 19.63 27.39 -61.04
CA TYR A 309 19.11 26.14 -61.59
C TYR A 309 17.58 26.12 -61.50
N VAL A 310 16.95 25.75 -62.60
CA VAL A 310 15.51 25.68 -62.68
C VAL A 310 15.22 24.43 -63.51
N ARG A 311 14.02 23.85 -63.37
CA ARG A 311 13.69 22.63 -64.12
C ARG A 311 13.14 22.89 -65.50
N SER A 312 12.94 24.16 -65.83
CA SER A 312 12.39 24.54 -67.12
C SER A 312 13.16 24.04 -68.34
N ALA A 313 12.40 23.72 -69.38
CA ALA A 313 12.96 23.25 -70.64
C ALA A 313 13.13 24.46 -71.54
N LYS A 314 12.31 25.48 -71.32
CA LYS A 314 12.36 26.70 -72.12
C LYS A 314 11.96 27.97 -71.37
N LEU A 315 12.73 29.03 -71.58
CA LEU A 315 12.45 30.32 -70.98
C LEU A 315 12.89 31.41 -71.94
N ARG A 316 11.98 31.82 -72.81
CA ARG A 316 12.27 32.84 -73.82
C ARG A 316 11.34 34.04 -73.66
N MET A 317 11.95 35.21 -73.55
CA MET A 317 11.23 36.46 -73.38
C MET A 317 11.10 37.19 -74.73
N VAL A 318 9.86 37.42 -75.17
CA VAL A 318 9.66 38.12 -76.44
C VAL A 318 10.14 39.55 -76.31
N THR A 319 10.73 40.07 -77.38
CA THR A 319 11.23 41.43 -77.41
C THR A 319 10.55 42.23 -78.51
N GLY A 320 10.43 41.63 -79.69
CA GLY A 320 9.79 42.29 -80.79
C GLY A 320 8.30 42.12 -80.68
N LEU A 321 7.62 42.01 -81.82
CA LEU A 321 6.17 41.83 -81.79
C LEU A 321 5.73 40.59 -82.52
N ARG A 322 4.43 40.34 -82.48
CA ARG A 322 3.85 39.20 -83.14
C ARG A 322 4.33 39.28 -84.59
N ASN A 323 4.83 38.18 -85.12
CA ASN A 323 5.36 38.16 -86.48
C ASN A 323 4.31 37.69 -87.49
N ILE A 324 3.92 38.59 -88.38
CA ILE A 324 2.91 38.26 -89.38
C ILE A 324 3.38 38.67 -90.78
N PRO A 325 4.31 37.89 -91.37
CA PRO A 325 4.86 38.16 -92.71
C PRO A 325 3.78 38.51 -93.72
N ALA A 326 2.64 37.85 -93.60
CA ALA A 326 1.51 38.09 -94.50
C ALA A 326 1.88 37.77 -95.95
N ARG A 327 2.22 36.51 -96.20
CA ARG A 327 2.59 36.06 -97.54
C ARG A 327 1.41 35.44 -98.29
N GLY B 1 -5.43 41.25 -80.18
CA GLY B 1 -4.68 42.28 -79.47
C GLY B 1 -5.55 43.09 -78.54
N LEU B 2 -4.99 43.47 -77.40
CA LEU B 2 -5.71 44.25 -76.41
C LEU B 2 -6.14 45.63 -76.94
N PHE B 3 -5.34 46.20 -77.84
CA PHE B 3 -5.65 47.51 -78.38
C PHE B 3 -6.24 47.56 -79.80
N GLY B 4 -6.43 46.40 -80.41
CA GLY B 4 -7.03 46.34 -81.73
C GLY B 4 -6.23 46.60 -83.00
N ALA B 5 -4.99 47.06 -82.88
CA ALA B 5 -4.18 47.34 -84.07
C ALA B 5 -3.48 46.12 -84.66
N ILE B 6 -2.43 45.64 -84.01
CA ILE B 6 -1.68 44.49 -84.49
C ILE B 6 -2.56 43.25 -84.65
N ALA B 7 -2.54 42.68 -85.85
CA ALA B 7 -3.35 41.51 -86.19
C ALA B 7 -4.81 41.89 -85.96
N GLY B 8 -5.07 43.19 -86.01
CA GLY B 8 -6.42 43.70 -85.81
C GLY B 8 -6.87 44.45 -87.06
N PHE B 9 -7.16 45.74 -86.92
CA PHE B 9 -7.58 46.51 -88.08
C PHE B 9 -6.43 46.73 -89.06
N ILE B 10 -5.23 46.36 -88.64
CA ILE B 10 -4.05 46.45 -89.49
C ILE B 10 -3.58 45.00 -89.62
N GLU B 11 -4.32 44.25 -90.42
CA GLU B 11 -4.08 42.82 -90.67
C GLU B 11 -2.69 42.21 -90.49
N GLY B 12 -1.67 42.82 -91.09
CA GLY B 12 -0.34 42.24 -90.97
C GLY B 12 0.84 43.18 -90.92
N GLY B 13 2.04 42.59 -90.79
CA GLY B 13 3.26 43.37 -90.74
C GLY B 13 3.89 43.53 -92.10
N TRP B 14 4.94 44.33 -92.17
CA TRP B 14 5.62 44.58 -93.43
C TRP B 14 7.07 44.09 -93.39
N THR B 15 7.36 43.01 -94.12
CA THR B 15 8.73 42.51 -94.17
C THR B 15 9.60 43.54 -94.85
N GLY B 16 8.95 44.52 -95.49
CA GLY B 16 9.67 45.57 -96.19
C GLY B 16 10.26 46.64 -95.28
N MET B 17 9.70 46.84 -94.09
CA MET B 17 10.23 47.84 -93.18
C MET B 17 11.25 47.21 -92.24
N ILE B 18 12.49 47.67 -92.33
CA ILE B 18 13.56 47.10 -91.52
C ILE B 18 14.32 48.12 -90.66
N ASP B 19 13.77 49.31 -90.51
CA ASP B 19 14.41 50.35 -89.70
C ASP B 19 13.92 50.35 -88.25
N GLY B 20 12.77 49.76 -88.02
CA GLY B 20 12.22 49.72 -86.67
C GLY B 20 10.98 48.86 -86.58
N TRP B 21 10.31 48.90 -85.44
CA TRP B 21 9.10 48.10 -85.24
C TRP B 21 7.83 48.75 -85.77
N TYR B 22 7.80 50.08 -85.77
CA TYR B 22 6.62 50.82 -86.25
C TYR B 22 7.01 51.92 -87.24
N GLY B 23 6.22 52.05 -88.31
CA GLY B 23 6.51 53.07 -89.31
C GLY B 23 5.40 53.30 -90.32
N TYR B 24 5.75 54.00 -91.41
CA TYR B 24 4.80 54.32 -92.45
C TYR B 24 5.21 53.73 -93.81
N HIS B 25 4.24 53.60 -94.71
CA HIS B 25 4.49 53.08 -96.05
C HIS B 25 4.65 54.24 -97.03
N HIS B 26 3.55 54.93 -97.29
CA HIS B 26 3.53 56.09 -98.19
C HIS B 26 3.93 55.81 -99.64
N GLN B 27 3.11 56.31 -100.57
CA GLN B 27 3.37 56.15 -101.99
C GLN B 27 2.92 57.41 -102.73
N ASN B 28 3.82 58.38 -102.83
CA ASN B 28 3.55 59.63 -103.50
C ASN B 28 3.90 59.49 -104.98
N GLU B 29 3.56 60.50 -105.78
CA GLU B 29 3.86 60.47 -107.20
C GLU B 29 5.37 60.37 -107.42
N GLN B 30 6.13 60.82 -106.43
CA GLN B 30 7.59 60.79 -106.50
C GLN B 30 8.12 59.37 -106.30
N GLY B 31 7.35 58.54 -105.59
CA GLY B 31 7.77 57.18 -105.34
C GLY B 31 7.13 56.55 -104.11
N SER B 32 7.49 55.30 -103.85
CA SER B 32 6.97 54.55 -102.70
C SER B 32 8.04 54.41 -101.62
N GLY B 33 8.06 53.25 -100.95
CA GLY B 33 9.04 53.00 -99.92
C GLY B 33 8.48 52.80 -98.52
N TYR B 34 9.39 52.71 -97.55
CA TYR B 34 9.03 52.52 -96.15
C TYR B 34 9.88 53.42 -95.27
N ALA B 35 9.33 53.84 -94.14
CA ALA B 35 10.04 54.70 -93.21
C ALA B 35 9.62 54.37 -91.78
N ALA B 36 10.60 54.18 -90.90
CA ALA B 36 10.32 53.85 -89.51
C ALA B 36 10.30 55.10 -88.65
N ASP B 37 9.45 55.08 -87.62
CA ASP B 37 9.34 56.22 -86.71
C ASP B 37 10.33 55.99 -85.57
N GLN B 38 11.42 56.76 -85.56
CA GLN B 38 12.42 56.63 -84.51
C GLN B 38 11.83 56.93 -83.14
N LYS B 39 11.02 57.98 -83.06
CA LYS B 39 10.39 58.36 -81.80
C LYS B 39 9.78 57.13 -81.12
N SER B 40 8.84 56.49 -81.80
CA SER B 40 8.17 55.29 -81.27
C SER B 40 9.10 54.11 -81.08
N THR B 41 9.63 53.59 -82.19
CA THR B 41 10.52 52.44 -82.15
C THR B 41 11.58 52.55 -81.06
N GLN B 42 12.12 53.75 -80.87
CA GLN B 42 13.15 53.93 -79.85
C GLN B 42 12.58 53.81 -78.45
N ASN B 43 11.52 54.54 -78.15
CA ASN B 43 10.91 54.47 -76.82
C ASN B 43 10.57 53.03 -76.49
N ALA B 44 10.09 52.30 -77.50
CA ALA B 44 9.73 50.90 -77.32
C ALA B 44 10.98 50.13 -76.92
N ILE B 45 12.07 50.37 -77.63
CA ILE B 45 13.32 49.69 -77.35
C ILE B 45 13.82 49.98 -75.94
N ASN B 46 13.65 51.22 -75.48
CA ASN B 46 14.10 51.58 -74.15
C ASN B 46 13.32 50.85 -73.06
N GLY B 47 12.00 50.78 -73.22
CA GLY B 47 11.17 50.12 -72.23
C GLY B 47 11.45 48.62 -72.15
N ILE B 48 11.38 47.94 -73.29
CA ILE B 48 11.62 46.51 -73.34
C ILE B 48 13.02 46.13 -72.89
N THR B 49 14.00 46.94 -73.27
CA THR B 49 15.38 46.68 -72.86
C THR B 49 15.46 46.75 -71.34
N ASN B 50 14.76 47.74 -70.76
CA ASN B 50 14.73 47.91 -69.32
C ASN B 50 14.03 46.72 -68.67
N LYS B 51 12.98 46.23 -69.31
CA LYS B 51 12.24 45.08 -68.77
C LYS B 51 13.14 43.87 -68.66
N VAL B 52 13.69 43.45 -69.80
CA VAL B 52 14.58 42.30 -69.83
C VAL B 52 15.73 42.44 -68.83
N ASN B 53 16.24 43.65 -68.68
CA ASN B 53 17.32 43.87 -67.73
C ASN B 53 16.83 43.75 -66.30
N SER B 54 15.58 44.13 -66.05
CA SER B 54 15.04 44.01 -64.71
C SER B 54 14.91 42.53 -64.37
N VAL B 55 14.27 41.78 -65.27
CA VAL B 55 14.06 40.35 -65.09
C VAL B 55 15.39 39.66 -64.79
N ILE B 56 16.42 40.01 -65.56
CA ILE B 56 17.73 39.42 -65.38
C ILE B 56 18.37 39.85 -64.06
N GLU B 57 18.32 41.15 -63.77
CA GLU B 57 18.91 41.68 -62.54
C GLU B 57 18.29 41.14 -61.26
N LYS B 58 16.99 40.87 -61.27
CA LYS B 58 16.35 40.36 -60.06
C LYS B 58 16.84 38.96 -59.69
N MET B 59 17.31 38.21 -60.68
CA MET B 59 17.86 36.88 -60.44
C MET B 59 19.36 36.97 -60.26
N ASN B 60 19.78 37.57 -59.16
CA ASN B 60 21.21 37.71 -58.88
C ASN B 60 21.86 36.32 -58.97
N ILE B 61 23.17 36.30 -59.18
CA ILE B 61 23.91 35.04 -59.33
C ILE B 61 23.81 34.02 -58.21
N GLN B 62 23.84 32.76 -58.63
CA GLN B 62 23.77 31.60 -57.76
C GLN B 62 25.19 31.20 -57.36
N PHE B 63 25.51 31.27 -56.07
CA PHE B 63 26.83 30.89 -55.62
C PHE B 63 26.89 29.40 -55.32
N THR B 64 28.08 28.92 -54.96
CA THR B 64 28.29 27.50 -54.68
C THR B 64 27.19 26.82 -53.88
N ALA B 65 26.62 25.78 -54.47
CA ALA B 65 25.56 24.99 -53.87
C ALA B 65 25.84 23.54 -54.23
N VAL B 66 26.16 22.73 -53.22
CA VAL B 66 26.47 21.31 -53.44
C VAL B 66 25.67 20.38 -52.52
N GLY B 67 25.69 19.08 -52.83
CA GLY B 67 25.00 18.10 -52.03
C GLY B 67 25.76 17.87 -50.73
N LYS B 68 25.17 17.10 -49.81
CA LYS B 68 25.81 16.80 -48.53
C LYS B 68 25.60 15.33 -48.20
N GLU B 69 26.49 14.76 -47.40
CA GLU B 69 26.36 13.36 -47.00
C GLU B 69 25.72 13.23 -45.60
N PHE B 70 25.03 12.13 -45.39
CA PHE B 70 24.36 11.86 -44.12
C PHE B 70 24.63 10.40 -43.80
N ASN B 71 24.97 10.08 -42.56
CA ASN B 71 25.21 8.67 -42.28
C ASN B 71 23.86 7.94 -42.24
N LYS B 72 23.92 6.61 -42.08
CA LYS B 72 22.72 5.78 -42.07
C LYS B 72 21.73 6.11 -40.95
N LEU B 73 22.19 6.78 -39.90
CA LEU B 73 21.31 7.13 -38.79
C LEU B 73 20.84 8.59 -38.82
N GLU B 74 20.92 9.20 -40.00
CA GLU B 74 20.51 10.59 -40.17
C GLU B 74 19.55 10.70 -41.36
N LYS B 75 18.64 9.73 -41.49
CA LYS B 75 17.70 9.71 -42.59
C LYS B 75 16.74 10.91 -42.52
N ARG B 76 16.34 11.29 -41.31
CA ARG B 76 15.45 12.43 -41.14
C ARG B 76 16.15 13.71 -41.62
N MET B 77 17.39 13.91 -41.20
CA MET B 77 18.14 15.09 -41.62
C MET B 77 18.32 15.11 -43.13
N GLU B 78 18.60 13.95 -43.72
CA GLU B 78 18.78 13.86 -45.16
C GLU B 78 17.49 14.19 -45.91
N ASN B 79 16.35 13.77 -45.36
CA ASN B 79 15.08 14.05 -45.99
C ASN B 79 14.69 15.53 -45.81
N LEU B 80 15.09 16.13 -44.70
CA LEU B 80 14.76 17.53 -44.44
C LEU B 80 15.53 18.34 -45.50
N ASN B 81 16.80 17.98 -45.67
CA ASN B 81 17.65 18.65 -46.65
C ASN B 81 17.03 18.51 -48.03
N ASN B 82 16.47 17.33 -48.30
CA ASN B 82 15.84 17.04 -49.59
C ASN B 82 14.57 17.88 -49.79
N LYS B 83 13.82 18.08 -48.70
CA LYS B 83 12.59 18.87 -48.77
C LYS B 83 12.95 20.33 -49.06
N VAL B 84 14.01 20.81 -48.41
CA VAL B 84 14.46 22.18 -48.59
C VAL B 84 14.90 22.41 -50.04
N ASP B 85 15.74 21.52 -50.55
CA ASP B 85 16.21 21.68 -51.93
C ASP B 85 15.10 21.57 -52.97
N ASP B 86 14.20 20.60 -52.82
CA ASP B 86 13.10 20.45 -53.76
C ASP B 86 12.11 21.62 -53.65
N GLY B 87 11.91 22.08 -52.41
CA GLY B 87 11.00 23.20 -52.18
C GLY B 87 11.44 24.46 -52.88
N PHE B 88 12.68 24.87 -52.65
CA PHE B 88 13.21 26.08 -53.29
C PHE B 88 13.21 25.89 -54.80
N LEU B 89 13.61 24.71 -55.27
CA LEU B 89 13.64 24.45 -56.70
C LEU B 89 12.23 24.57 -57.31
N ASP B 90 11.22 24.09 -56.60
CA ASP B 90 9.85 24.18 -57.08
C ASP B 90 9.42 25.65 -57.22
N ILE B 91 9.72 26.46 -56.21
CA ILE B 91 9.34 27.86 -56.22
C ILE B 91 10.03 28.67 -57.31
N TRP B 92 11.34 28.50 -57.46
CA TRP B 92 12.04 29.25 -58.49
C TRP B 92 11.66 28.83 -59.90
N THR B 93 11.38 27.55 -60.08
CA THR B 93 10.97 27.08 -61.41
C THR B 93 9.64 27.73 -61.74
N TYR B 94 8.77 27.76 -60.74
CA TYR B 94 7.43 28.35 -60.88
C TYR B 94 7.56 29.86 -61.16
N ASN B 95 8.35 30.55 -60.35
CA ASN B 95 8.53 31.98 -60.50
C ASN B 95 9.05 32.33 -61.89
N ALA B 96 10.13 31.67 -62.29
CA ALA B 96 10.71 31.93 -63.61
C ALA B 96 9.69 31.73 -64.73
N GLU B 97 8.98 30.62 -64.73
CA GLU B 97 8.02 30.34 -65.78
C GLU B 97 6.80 31.29 -65.83
N LEU B 98 6.29 31.69 -64.65
CA LEU B 98 5.16 32.61 -64.61
C LEU B 98 5.56 33.99 -65.09
N LEU B 99 6.64 34.52 -64.52
CA LEU B 99 7.12 35.85 -64.89
C LEU B 99 7.27 35.98 -66.40
N VAL B 100 7.89 34.99 -67.03
CA VAL B 100 8.09 35.05 -68.47
C VAL B 100 6.78 34.98 -69.24
N LEU B 101 5.89 34.07 -68.85
CA LEU B 101 4.60 33.92 -69.49
C LEU B 101 3.80 35.22 -69.38
N LEU B 102 3.79 35.78 -68.17
CA LEU B 102 3.06 37.00 -67.93
C LEU B 102 3.66 38.21 -68.63
N GLU B 103 4.96 38.39 -68.53
CA GLU B 103 5.57 39.55 -69.17
C GLU B 103 5.53 39.49 -70.69
N ASN B 104 5.49 38.28 -71.24
CA ASN B 104 5.41 38.11 -72.68
C ASN B 104 4.07 38.64 -73.19
N GLU B 105 3.03 38.41 -72.39
CA GLU B 105 1.70 38.88 -72.75
C GLU B 105 1.73 40.40 -72.76
N ARG B 106 2.28 40.98 -71.70
CA ARG B 106 2.37 42.41 -71.54
C ARG B 106 3.15 43.07 -72.68
N THR B 107 4.26 42.44 -73.06
CA THR B 107 5.11 42.97 -74.12
C THR B 107 4.38 43.06 -75.45
N LEU B 108 3.61 42.03 -75.80
CA LEU B 108 2.87 42.05 -77.05
C LEU B 108 1.82 43.17 -77.00
N ASP B 109 1.10 43.28 -75.89
CA ASP B 109 0.09 44.33 -75.76
C ASP B 109 0.76 45.70 -75.91
N PHE B 110 1.91 45.87 -75.27
CA PHE B 110 2.66 47.11 -75.34
C PHE B 110 2.89 47.51 -76.80
N HIS B 111 3.28 46.55 -77.63
CA HIS B 111 3.51 46.84 -79.04
C HIS B 111 2.18 47.19 -79.71
N ASP B 112 1.14 46.41 -79.42
CA ASP B 112 -0.17 46.67 -80.00
C ASP B 112 -0.55 48.10 -79.64
N SER B 113 -0.29 48.46 -78.39
CA SER B 113 -0.58 49.78 -77.88
C SER B 113 0.17 50.86 -78.63
N ASN B 114 1.47 50.66 -78.84
CA ASN B 114 2.27 51.66 -79.55
C ASN B 114 1.81 51.88 -80.98
N VAL B 115 1.48 50.79 -81.69
CA VAL B 115 1.01 50.91 -83.07
C VAL B 115 -0.30 51.69 -83.08
N LYS B 116 -1.13 51.44 -82.07
CA LYS B 116 -2.42 52.10 -81.92
C LYS B 116 -2.27 53.60 -81.73
N ASN B 117 -1.44 54.01 -80.77
CA ASN B 117 -1.21 55.42 -80.49
C ASN B 117 -0.52 56.13 -81.65
N LEU B 118 0.21 55.40 -82.46
CA LEU B 118 0.89 56.01 -83.60
C LEU B 118 -0.14 56.33 -84.65
N TYR B 119 -1.08 55.40 -84.84
CA TYR B 119 -2.15 55.57 -85.80
C TYR B 119 -3.02 56.77 -85.44
N GLU B 120 -3.60 56.77 -84.24
CA GLU B 120 -4.46 57.86 -83.80
C GLU B 120 -3.74 59.21 -83.79
N LYS B 121 -2.43 59.18 -83.59
CA LYS B 121 -1.63 60.41 -83.54
C LYS B 121 -1.56 61.10 -84.90
N VAL B 122 -1.60 60.30 -85.95
CA VAL B 122 -1.56 60.81 -87.32
C VAL B 122 -2.98 61.20 -87.74
N LYS B 123 -3.94 60.37 -87.38
CA LYS B 123 -5.33 60.63 -87.70
C LYS B 123 -5.77 61.98 -87.13
N SER B 124 -5.27 62.32 -85.94
CA SER B 124 -5.64 63.59 -85.32
C SER B 124 -4.99 64.77 -86.04
N GLN B 125 -3.93 64.50 -86.79
CA GLN B 125 -3.24 65.54 -87.53
C GLN B 125 -3.96 65.81 -88.84
N LEU B 126 -4.01 64.78 -89.69
CA LEU B 126 -4.66 64.87 -90.99
C LEU B 126 -6.07 65.42 -90.86
N LYS B 127 -6.89 64.74 -90.06
CA LYS B 127 -8.26 65.13 -89.83
C LYS B 127 -9.14 65.01 -91.07
N ASN B 128 -9.37 66.13 -91.75
CA ASN B 128 -10.22 66.16 -92.94
C ASN B 128 -9.46 66.10 -94.26
N ASN B 129 -8.16 66.36 -94.23
CA ASN B 129 -7.35 66.34 -95.44
C ASN B 129 -7.09 64.95 -96.03
N ALA B 130 -7.87 63.97 -95.61
CA ALA B 130 -7.73 62.60 -96.11
C ALA B 130 -8.77 61.70 -95.45
N LYS B 131 -8.97 60.51 -96.01
CA LYS B 131 -9.95 59.58 -95.45
C LYS B 131 -9.32 58.26 -95.01
N GLU B 132 -9.87 57.69 -93.95
CA GLU B 132 -9.39 56.41 -93.43
C GLU B 132 -9.93 55.29 -94.30
N ILE B 133 -9.08 54.72 -95.15
CA ILE B 133 -9.51 53.63 -96.02
C ILE B 133 -9.57 52.36 -95.20
N GLY B 134 -8.56 51.51 -95.36
CA GLY B 134 -8.51 50.26 -94.63
C GLY B 134 -7.11 49.96 -94.14
N ASN B 135 -6.95 48.88 -93.39
CA ASN B 135 -5.66 48.49 -92.84
C ASN B 135 -4.86 49.68 -92.33
N GLY B 136 -5.57 50.61 -91.69
CA GLY B 136 -4.90 51.77 -91.13
C GLY B 136 -4.16 52.62 -92.14
N CYS B 137 -4.80 52.90 -93.28
CA CYS B 137 -4.20 53.73 -94.31
C CYS B 137 -4.96 55.05 -94.44
N PHE B 138 -4.27 56.07 -94.94
CA PHE B 138 -4.86 57.38 -95.13
C PHE B 138 -4.70 57.85 -96.58
N GLU B 139 -5.80 57.90 -97.31
CA GLU B 139 -5.78 58.35 -98.70
C GLU B 139 -5.95 59.87 -98.74
N PHE B 140 -4.88 60.58 -99.06
CA PHE B 140 -4.93 62.03 -99.11
C PHE B 140 -5.90 62.57 -100.14
N TYR B 141 -6.44 63.75 -99.84
CA TYR B 141 -7.39 64.43 -100.72
C TYR B 141 -6.64 65.43 -101.59
N HIS B 142 -5.74 66.18 -100.96
CA HIS B 142 -4.97 67.19 -101.68
C HIS B 142 -3.71 66.68 -102.35
N LYS B 143 -3.39 65.40 -102.13
CA LYS B 143 -2.19 64.81 -102.73
C LYS B 143 -0.94 65.59 -102.31
N CYS B 144 -0.15 65.02 -101.41
CA CYS B 144 1.07 65.69 -100.94
C CYS B 144 2.34 64.96 -101.32
N ASP B 145 3.35 65.74 -101.71
CA ASP B 145 4.64 65.21 -102.13
C ASP B 145 5.48 64.61 -101.00
N ASN B 146 6.54 63.91 -101.39
CA ASN B 146 7.45 63.28 -100.44
C ASN B 146 7.87 64.21 -99.31
N GLU B 147 8.25 65.43 -99.66
CA GLU B 147 8.67 66.39 -98.66
C GLU B 147 7.54 66.61 -97.66
N CYS B 148 6.30 66.50 -98.13
CA CYS B 148 5.15 66.68 -97.26
C CYS B 148 4.95 65.44 -96.39
N MET B 149 5.05 64.27 -97.01
CA MET B 149 4.89 63.01 -96.29
C MET B 149 5.77 63.05 -95.04
N GLU B 150 6.90 63.72 -95.14
CA GLU B 150 7.82 63.83 -94.03
C GLU B 150 7.31 64.73 -92.91
N SER B 151 6.45 65.68 -93.25
CA SER B 151 5.89 66.57 -92.24
C SER B 151 4.99 65.75 -91.35
N VAL B 152 4.35 64.75 -91.93
CA VAL B 152 3.45 63.86 -91.21
C VAL B 152 4.25 62.94 -90.29
N ARG B 153 5.41 62.49 -90.78
CA ARG B 153 6.26 61.59 -90.01
C ARG B 153 6.88 62.28 -88.80
N ASN B 154 7.32 63.53 -88.97
CA ASN B 154 7.94 64.25 -87.86
C ASN B 154 6.93 64.91 -86.94
N GLY B 155 5.65 64.81 -87.30
CA GLY B 155 4.60 65.37 -86.48
C GLY B 155 4.38 66.88 -86.60
N THR B 156 4.11 67.35 -87.81
CA THR B 156 3.85 68.77 -88.06
C THR B 156 2.61 68.92 -88.93
N TYR B 157 2.80 68.78 -90.24
CA TYR B 157 1.70 68.88 -91.21
C TYR B 157 1.02 70.25 -91.24
N ASP B 158 0.19 70.52 -90.23
CA ASP B 158 -0.53 71.79 -90.15
C ASP B 158 -1.51 71.99 -91.30
N TYR B 159 -2.77 71.63 -91.06
CA TYR B 159 -3.85 71.74 -92.04
C TYR B 159 -5.08 70.95 -91.61
N PRO B 160 -5.70 71.33 -90.48
CA PRO B 160 -6.89 70.63 -89.97
C PRO B 160 -8.01 70.52 -91.01
N ASP C 5 -34.42 51.23 -88.00
CA ASP C 5 -33.58 50.01 -87.93
C ASP C 5 -32.28 50.26 -87.16
N THR C 6 -32.08 49.50 -86.09
CA THR C 6 -30.89 49.65 -85.26
C THR C 6 -30.16 48.34 -84.96
N ILE C 7 -28.83 48.44 -84.87
CA ILE C 7 -28.00 47.30 -84.54
C ILE C 7 -27.10 47.73 -83.38
N CYS C 8 -27.24 47.04 -82.25
CA CYS C 8 -26.44 47.37 -81.08
C CYS C 8 -25.41 46.30 -80.77
N ILE C 9 -24.30 46.72 -80.17
CA ILE C 9 -23.24 45.82 -79.78
C ILE C 9 -23.26 45.77 -78.25
N GLY C 10 -23.41 44.58 -77.68
CA GLY C 10 -23.45 44.44 -76.24
C GLY C 10 -22.82 43.16 -75.72
N TYR C 11 -22.95 42.93 -74.41
CA TYR C 11 -22.38 41.74 -73.80
C TYR C 11 -23.34 40.91 -72.96
N HIS C 12 -22.96 39.65 -72.75
CA HIS C 12 -23.73 38.67 -71.99
C HIS C 12 -23.88 39.04 -70.52
N ALA C 13 -25.01 38.62 -69.94
CA ALA C 13 -25.30 38.84 -68.52
C ALA C 13 -26.18 37.66 -68.12
N ASN C 14 -26.26 37.36 -66.84
CA ASN C 14 -27.07 36.25 -66.37
C ASN C 14 -27.42 36.34 -64.89
N ASN C 15 -28.02 35.29 -64.34
CA ASN C 15 -28.42 35.29 -62.94
C ASN C 15 -27.34 34.82 -61.98
N SER C 16 -26.16 34.52 -62.51
CA SER C 16 -25.05 34.04 -61.68
C SER C 16 -24.80 34.97 -60.51
N THR C 17 -24.41 34.39 -59.38
CA THR C 17 -24.14 35.14 -58.17
C THR C 17 -22.69 34.93 -57.72
N ASP C 18 -21.88 34.34 -58.61
CA ASP C 18 -20.47 34.09 -58.36
C ASP C 18 -19.71 35.40 -58.12
N THR C 19 -18.85 35.41 -57.11
CA THR C 19 -18.06 36.59 -56.82
C THR C 19 -16.58 36.25 -56.80
N VAL C 20 -15.75 37.22 -57.16
CA VAL C 20 -14.30 37.04 -57.17
C VAL C 20 -13.66 38.32 -56.70
N ASP C 21 -12.37 38.26 -56.37
CA ASP C 21 -11.65 39.44 -55.93
C ASP C 21 -10.66 39.83 -57.00
N THR C 22 -10.36 41.12 -57.07
CA THR C 22 -9.37 41.62 -58.01
C THR C 22 -8.47 42.50 -57.17
N VAL C 23 -7.43 43.04 -57.78
CA VAL C 23 -6.52 43.90 -57.03
C VAL C 23 -7.19 45.25 -56.74
N LEU C 24 -8.05 45.69 -57.64
CA LEU C 24 -8.72 46.98 -57.49
C LEU C 24 -10.08 46.93 -56.81
N GLU C 25 -10.74 45.78 -56.83
CA GLU C 25 -12.08 45.68 -56.26
C GLU C 25 -12.39 44.28 -55.73
N LYS C 26 -12.97 44.22 -54.53
CA LYS C 26 -13.33 42.95 -53.92
C LYS C 26 -14.77 42.58 -54.22
N ASN C 27 -15.09 41.30 -54.04
CA ASN C 27 -16.43 40.77 -54.27
C ASN C 27 -17.11 41.33 -55.52
N VAL C 28 -16.56 41.00 -56.67
CA VAL C 28 -17.08 41.43 -57.94
C VAL C 28 -17.92 40.29 -58.51
N THR C 29 -19.19 40.56 -58.75
CA THR C 29 -20.11 39.55 -59.28
C THR C 29 -19.81 39.30 -60.75
N VAL C 30 -19.66 38.04 -61.12
CA VAL C 30 -19.34 37.71 -62.49
C VAL C 30 -20.24 36.61 -63.05
N THR C 31 -20.30 36.53 -64.37
CA THR C 31 -21.13 35.56 -65.06
C THR C 31 -20.61 34.13 -65.02
N HIS C 32 -19.29 33.96 -65.12
CA HIS C 32 -18.70 32.64 -65.08
C HIS C 32 -17.38 32.64 -64.33
N SER C 33 -17.20 31.66 -63.46
CA SER C 33 -15.97 31.53 -62.68
C SER C 33 -15.65 30.06 -62.49
N VAL C 34 -14.48 29.79 -61.92
CA VAL C 34 -14.05 28.43 -61.68
C VAL C 34 -13.26 28.37 -60.39
N ASN C 35 -13.66 27.46 -59.51
CA ASN C 35 -12.99 27.29 -58.23
C ASN C 35 -11.68 26.52 -58.45
N LEU C 36 -10.64 26.90 -57.73
CA LEU C 36 -9.35 26.25 -57.86
C LEU C 36 -8.90 25.69 -56.52
N LEU C 37 -9.70 25.94 -55.50
CA LEU C 37 -9.39 25.51 -54.14
C LEU C 37 -10.30 24.40 -53.65
N GLU C 38 -9.77 23.18 -53.58
CA GLU C 38 -10.55 22.03 -53.11
C GLU C 38 -10.75 22.10 -51.62
N ASP C 39 -12.00 22.04 -51.18
CA ASP C 39 -12.31 22.10 -49.76
C ASP C 39 -13.18 20.93 -49.30
N SER C 40 -13.38 19.96 -50.18
CA SER C 40 -14.20 18.80 -49.85
C SER C 40 -13.39 17.52 -49.72
N HIS C 41 -13.75 16.71 -48.73
CA HIS C 41 -13.07 15.44 -48.51
C HIS C 41 -14.06 14.41 -47.96
N ASN C 42 -13.71 13.12 -48.10
CA ASN C 42 -14.52 12.01 -47.62
C ASN C 42 -15.05 12.26 -46.23
N GLY C 43 -14.26 12.59 -43.77
CA GLY C 43 -13.95 11.48 -42.89
C GLY C 43 -13.45 10.35 -43.75
N LYS C 44 -13.38 9.16 -43.19
CA LYS C 44 -12.92 8.03 -43.98
C LYS C 44 -11.46 7.99 -44.43
N LEU C 45 -10.79 6.92 -44.05
CA LEU C 45 -9.43 6.65 -44.45
C LEU C 45 -9.69 5.63 -45.55
N CYS C 46 -9.02 5.74 -46.69
CA CYS C 46 -9.28 4.79 -47.75
C CYS C 46 -8.05 4.02 -48.18
N ARG C 47 -8.26 3.12 -49.11
CA ARG C 47 -7.17 2.34 -49.66
C ARG C 47 -6.51 3.33 -50.61
N LEU C 48 -5.22 3.17 -50.81
CA LEU C 48 -4.49 4.02 -51.71
C LEU C 48 -4.23 3.16 -52.92
N LYS C 49 -4.97 3.42 -53.99
CA LYS C 49 -4.81 2.65 -55.21
C LYS C 49 -4.97 1.15 -54.94
N GLY C 50 -6.02 0.80 -54.20
CA GLY C 50 -6.26 -0.60 -53.91
C GLY C 50 -5.62 -1.19 -52.66
N ILE C 51 -4.52 -0.62 -52.18
CA ILE C 51 -3.86 -1.15 -50.98
C ILE C 51 -4.33 -0.47 -49.70
N ALA C 52 -4.61 -1.27 -48.69
CA ALA C 52 -5.09 -0.73 -47.42
C ALA C 52 -3.95 -0.26 -46.52
N PRO C 53 -4.25 0.71 -45.65
CA PRO C 53 -3.29 1.29 -44.70
C PRO C 53 -3.09 0.32 -43.54
N LEU C 54 -2.07 0.57 -42.74
CA LEU C 54 -1.83 -0.25 -41.58
C LEU C 54 -2.35 0.57 -40.41
N GLN C 55 -3.40 0.09 -39.75
CA GLN C 55 -3.96 0.81 -38.61
C GLN C 55 -3.39 0.26 -37.31
N LEU C 56 -2.56 1.06 -36.66
CA LEU C 56 -1.94 0.66 -35.41
C LEU C 56 -2.90 0.80 -34.21
N GLY C 57 -4.00 1.53 -34.41
CA GLY C 57 -4.98 1.72 -33.36
C GLY C 57 -4.41 2.20 -32.03
N LYS C 58 -4.56 1.38 -31.00
CA LYS C 58 -4.05 1.71 -29.67
C LYS C 58 -2.55 1.47 -29.53
N CYS C 59 -1.89 1.19 -30.63
CA CYS C 59 -0.46 0.94 -30.61
C CYS C 59 0.33 1.95 -31.44
N ASN C 60 1.60 2.15 -31.10
CA ASN C 60 2.46 3.04 -31.88
C ASN C 60 3.49 2.14 -32.55
N ILE C 61 4.37 2.73 -33.36
CA ILE C 61 5.38 1.94 -34.06
C ILE C 61 6.17 1.01 -33.13
N ALA C 62 6.54 1.52 -31.96
CA ALA C 62 7.31 0.73 -31.00
C ALA C 62 6.59 -0.53 -30.56
N GLY C 63 5.32 -0.38 -30.18
CA GLY C 63 4.55 -1.53 -29.74
C GLY C 63 4.44 -2.57 -30.84
N TRP C 64 4.24 -2.11 -32.06
CA TRP C 64 4.12 -2.97 -33.22
C TRP C 64 5.38 -3.78 -33.53
N LEU C 65 6.52 -3.12 -33.66
CA LEU C 65 7.76 -3.79 -33.99
C LEU C 65 8.31 -4.66 -32.84
N LEU C 66 8.15 -4.21 -31.60
CA LEU C 66 8.64 -5.00 -30.47
C LEU C 66 7.72 -6.18 -30.23
N GLY C 67 6.45 -5.99 -30.58
CA GLY C 67 5.47 -7.04 -30.36
C GLY C 67 4.78 -6.94 -29.01
N ASN C 68 4.45 -5.71 -28.62
CA ASN C 68 3.73 -5.46 -27.37
C ASN C 68 2.49 -6.38 -27.44
N PRO C 69 2.24 -7.17 -26.37
CA PRO C 69 1.08 -8.08 -26.34
C PRO C 69 -0.23 -7.40 -26.72
N GLU C 70 -0.35 -6.11 -26.39
CA GLU C 70 -1.56 -5.37 -26.71
C GLU C 70 -1.76 -5.14 -28.21
N CYS C 71 -0.76 -5.51 -29.02
CA CYS C 71 -0.87 -5.30 -30.46
C CYS C 71 -0.84 -6.59 -31.29
N ASP C 72 -1.14 -7.73 -30.67
CA ASP C 72 -1.12 -9.00 -31.41
C ASP C 72 -1.92 -8.98 -32.71
N PRO C 73 -3.07 -8.30 -32.75
CA PRO C 73 -3.86 -8.25 -33.98
C PRO C 73 -3.08 -7.73 -35.20
N LEU C 74 -1.94 -7.09 -34.95
CA LEU C 74 -1.12 -6.53 -36.02
C LEU C 74 -0.09 -7.52 -36.58
N LEU C 75 0.30 -8.50 -35.75
CA LEU C 75 1.29 -9.49 -36.14
C LEU C 75 1.24 -10.06 -37.57
N PRO C 76 0.04 -10.42 -38.05
CA PRO C 76 -0.11 -10.98 -39.41
C PRO C 76 0.01 -10.03 -40.61
N VAL C 77 -0.25 -8.75 -40.41
CA VAL C 77 -0.19 -7.80 -41.52
C VAL C 77 1.18 -7.73 -42.20
N ARG C 78 1.21 -7.99 -43.50
CA ARG C 78 2.46 -8.01 -44.27
C ARG C 78 2.75 -6.84 -45.19
N SER C 79 1.73 -6.15 -45.68
CA SER C 79 1.94 -5.01 -46.56
C SER C 79 0.89 -3.92 -46.32
N TRP C 80 1.19 -2.71 -46.77
CA TRP C 80 0.28 -1.58 -46.57
C TRP C 80 0.66 -0.44 -47.50
N SER C 81 -0.24 0.54 -47.66
CA SER C 81 0.03 1.67 -48.52
C SER C 81 0.55 2.85 -47.70
N TYR C 82 0.16 2.89 -46.43
CA TYR C 82 0.60 3.92 -45.49
C TYR C 82 0.28 3.47 -44.06
N ILE C 83 0.92 4.09 -43.08
CA ILE C 83 0.74 3.76 -41.67
C ILE C 83 -0.07 4.83 -40.95
N VAL C 84 -0.99 4.38 -40.09
CA VAL C 84 -1.86 5.29 -39.37
C VAL C 84 -1.83 5.12 -37.86
N GLU C 85 -1.43 6.17 -37.16
CA GLU C 85 -1.41 6.15 -35.71
C GLU C 85 -2.58 7.01 -35.29
N THR C 86 -3.09 6.81 -34.08
CA THR C 86 -4.22 7.61 -33.62
C THR C 86 -3.84 8.36 -32.37
N PRO C 87 -4.67 9.34 -31.95
CA PRO C 87 -4.39 10.10 -30.75
C PRO C 87 -4.28 9.14 -29.56
N ASN C 88 -4.86 7.95 -29.70
CA ASN C 88 -4.82 6.96 -28.63
C ASN C 88 -3.75 5.88 -28.78
N SER C 89 -2.72 6.15 -29.59
CA SER C 89 -1.64 5.17 -29.78
C SER C 89 -0.65 5.29 -28.63
N GLU C 90 -1.04 4.77 -27.47
CA GLU C 90 -0.22 4.83 -26.28
C GLU C 90 0.55 3.54 -25.98
N ASN C 91 0.15 2.43 -26.59
CA ASN C 91 0.82 1.15 -26.36
C ASN C 91 2.08 0.96 -27.19
N GLY C 92 3.22 1.34 -26.62
CA GLY C 92 4.48 1.18 -27.31
C GLY C 92 5.27 0.16 -26.52
N ILE C 93 6.28 0.61 -25.80
CA ILE C 93 7.06 -0.31 -24.99
C ILE C 93 6.29 -0.48 -23.68
N CYS C 94 6.27 -1.70 -23.15
CA CYS C 94 5.54 -1.93 -21.90
C CYS C 94 6.49 -1.98 -20.70
N TYR C 95 7.73 -2.38 -20.91
CA TYR C 95 8.70 -2.38 -19.81
C TYR C 95 9.44 -1.03 -20.00
N PRO C 96 9.44 -0.16 -18.98
CA PRO C 96 10.09 1.15 -19.06
C PRO C 96 11.55 1.19 -19.50
N GLY C 97 11.87 2.18 -20.33
CA GLY C 97 13.22 2.35 -20.83
C GLY C 97 13.29 3.29 -22.01
N ASP C 98 14.46 3.35 -22.65
CA ASP C 98 14.65 4.23 -23.79
C ASP C 98 14.77 3.43 -25.07
N PHE C 99 14.11 3.89 -26.12
CA PHE C 99 14.16 3.22 -27.41
C PHE C 99 15.15 4.04 -28.25
N ILE C 100 16.40 3.57 -28.29
CA ILE C 100 17.47 4.26 -29.02
C ILE C 100 17.20 4.43 -30.51
N ASP C 101 17.32 5.68 -30.98
CA ASP C 101 17.08 6.06 -32.37
C ASP C 101 15.69 5.69 -32.87
N TYR C 102 14.72 5.81 -31.97
CA TYR C 102 13.34 5.49 -32.29
C TYR C 102 12.80 6.29 -33.48
N GLU C 103 13.12 7.57 -33.52
CA GLU C 103 12.64 8.42 -34.61
C GLU C 103 13.25 8.02 -35.94
N GLU C 104 14.51 7.60 -35.93
CA GLU C 104 15.14 7.14 -37.17
C GLU C 104 14.47 5.82 -37.64
N LEU C 105 14.03 5.00 -36.68
CA LEU C 105 13.37 3.75 -37.06
C LEU C 105 12.01 4.06 -37.69
N ARG C 106 11.32 5.08 -37.19
CA ARG C 106 10.01 5.47 -37.75
C ARG C 106 10.21 5.93 -39.19
N GLU C 107 11.27 6.71 -39.40
CA GLU C 107 11.60 7.23 -40.72
C GLU C 107 11.95 6.06 -41.65
N GLN C 108 12.64 5.05 -41.14
CA GLN C 108 12.99 3.90 -41.96
C GLN C 108 11.70 3.16 -42.40
N LEU C 109 10.82 2.87 -41.45
CA LEU C 109 9.56 2.19 -41.75
C LEU C 109 8.71 2.98 -42.73
N SER C 110 8.95 4.29 -42.81
CA SER C 110 8.16 5.17 -43.68
C SER C 110 8.31 4.89 -45.16
N SER C 111 9.37 4.20 -45.55
CA SER C 111 9.58 3.87 -46.95
C SER C 111 9.52 2.35 -47.12
N VAL C 112 8.86 1.68 -46.19
CA VAL C 112 8.70 0.22 -46.26
C VAL C 112 7.31 -0.09 -46.80
N SER C 113 7.26 -0.84 -47.90
CA SER C 113 6.00 -1.20 -48.52
C SER C 113 5.48 -2.53 -47.99
N SER C 114 6.41 -3.38 -47.52
CA SER C 114 6.04 -4.68 -46.97
C SER C 114 7.23 -5.42 -46.37
N PHE C 115 6.94 -6.33 -45.47
CA PHE C 115 7.99 -7.14 -44.87
C PHE C 115 7.45 -8.51 -44.47
N GLU C 116 8.35 -9.39 -44.07
CA GLU C 116 7.92 -10.69 -43.60
C GLU C 116 8.51 -10.85 -42.22
N ARG C 117 7.64 -11.13 -41.25
CA ARG C 117 8.07 -11.35 -39.89
C ARG C 117 8.49 -12.81 -39.86
N PHE C 118 9.74 -13.07 -39.46
CA PHE C 118 10.24 -14.44 -39.40
C PHE C 118 11.08 -14.68 -38.15
N GLU C 119 11.22 -15.96 -37.79
CA GLU C 119 11.98 -16.37 -36.62
C GLU C 119 13.47 -16.32 -36.87
N ILE C 120 14.14 -15.30 -36.36
CA ILE C 120 15.57 -15.22 -36.55
C ILE C 120 16.27 -16.17 -35.57
N PHE C 121 15.75 -16.27 -34.35
CA PHE C 121 16.30 -17.17 -33.34
C PHE C 121 15.17 -17.95 -32.66
N PRO C 122 14.75 -19.09 -33.23
CA PRO C 122 13.68 -19.92 -32.67
C PRO C 122 13.84 -20.17 -31.17
N LYS C 123 12.77 -19.93 -30.42
CA LYS C 123 12.75 -20.09 -28.96
C LYS C 123 13.30 -21.43 -28.48
N GLU C 124 12.92 -22.51 -29.15
CA GLU C 124 13.38 -23.84 -28.77
C GLU C 124 14.42 -24.34 -29.76
N SER C 125 15.69 -24.23 -29.37
CA SER C 125 16.85 -24.66 -30.17
C SER C 125 17.94 -23.59 -30.21
N SER C 126 17.56 -22.34 -29.96
CA SER C 126 18.53 -21.25 -30.00
C SER C 126 19.27 -21.06 -28.68
N TRP C 127 18.61 -21.31 -27.56
CA TRP C 127 19.24 -21.12 -26.25
C TRP C 127 19.12 -22.35 -25.35
N PRO C 128 19.87 -23.42 -25.68
CA PRO C 128 19.90 -24.70 -24.96
C PRO C 128 20.30 -24.61 -23.49
N ASN C 129 21.19 -23.68 -23.18
CA ASN C 129 21.67 -23.53 -21.81
C ASN C 129 21.13 -22.34 -21.04
N HIS C 130 20.00 -21.79 -21.48
CA HIS C 130 19.42 -20.64 -20.77
C HIS C 130 17.91 -20.76 -20.70
N ASN C 131 17.31 -20.13 -19.70
CA ASN C 131 15.86 -20.14 -19.60
C ASN C 131 15.35 -19.02 -20.48
N THR C 132 14.22 -19.25 -21.13
CA THR C 132 13.66 -18.28 -22.05
C THR C 132 12.22 -17.90 -21.72
N ASN C 133 11.80 -18.16 -20.48
CA ASN C 133 10.44 -17.88 -20.08
C ASN C 133 10.20 -16.63 -19.21
N GLY C 134 11.17 -15.73 -19.19
CA GLY C 134 11.00 -14.52 -18.41
C GLY C 134 9.79 -13.72 -18.88
N VAL C 135 9.00 -13.23 -17.94
CA VAL C 135 7.81 -12.44 -18.24
C VAL C 135 7.70 -11.35 -17.19
N THR C 136 6.88 -10.34 -17.46
CA THR C 136 6.73 -9.25 -16.51
C THR C 136 5.31 -8.76 -16.42
N ALA C 137 4.94 -8.25 -15.26
CA ALA C 137 3.60 -7.73 -15.05
C ALA C 137 3.43 -6.46 -15.89
N ALA C 138 4.55 -5.88 -16.32
CA ALA C 138 4.53 -4.65 -17.10
C ALA C 138 4.07 -4.91 -18.53
N CYS C 139 4.17 -6.15 -18.98
CA CYS C 139 3.75 -6.53 -20.33
C CYS C 139 2.77 -7.68 -20.20
N SER C 140 1.70 -7.47 -19.44
CA SER C 140 0.71 -8.52 -19.23
C SER C 140 -0.33 -8.64 -20.34
N HIS C 141 -0.85 -9.86 -20.49
CA HIS C 141 -1.86 -10.16 -21.50
C HIS C 141 -2.84 -11.09 -20.81
N GLU C 142 -4.13 -10.79 -20.93
CA GLU C 142 -5.17 -11.60 -20.28
C GLU C 142 -4.97 -11.68 -18.78
N GLY C 143 -4.62 -10.57 -18.15
CA GLY C 143 -4.41 -10.56 -16.72
C GLY C 143 -3.22 -11.38 -16.22
N LYS C 144 -2.37 -11.82 -17.14
CA LYS C 144 -1.18 -12.62 -16.78
C LYS C 144 0.12 -11.96 -17.26
N SER C 145 1.16 -12.04 -16.44
CA SER C 145 2.45 -11.47 -16.83
C SER C 145 2.90 -12.12 -18.14
N SER C 146 3.25 -11.31 -19.12
CA SER C 146 3.67 -11.84 -20.41
C SER C 146 4.94 -11.10 -20.89
N PHE C 147 5.18 -11.06 -22.19
CA PHE C 147 6.34 -10.37 -22.71
C PHE C 147 6.18 -10.12 -24.21
N TYR C 148 7.06 -9.29 -24.75
CA TYR C 148 7.06 -8.95 -26.17
C TYR C 148 7.05 -10.23 -26.99
N ARG C 149 6.35 -10.21 -28.12
CA ARG C 149 6.27 -11.39 -28.97
C ARG C 149 7.48 -11.55 -29.88
N ASN C 150 8.20 -10.48 -30.15
CA ASN C 150 9.36 -10.59 -31.04
C ASN C 150 10.69 -10.69 -30.32
N LEU C 151 10.66 -10.63 -28.99
CA LEU C 151 11.86 -10.69 -28.17
C LEU C 151 11.72 -11.81 -27.14
N LEU C 152 12.86 -12.22 -26.57
CA LEU C 152 12.91 -13.27 -25.55
C LEU C 152 13.77 -12.80 -24.39
N TRP C 153 13.24 -12.91 -23.18
CA TRP C 153 13.99 -12.53 -21.99
C TRP C 153 14.79 -13.75 -21.55
N LEU C 154 16.10 -13.73 -21.73
CA LEU C 154 16.95 -14.85 -21.34
C LEU C 154 17.43 -14.68 -19.91
N THR C 155 17.44 -15.79 -19.16
CA THR C 155 17.87 -15.74 -17.78
C THR C 155 18.67 -16.98 -17.39
N GLU C 156 19.15 -16.97 -16.14
CA GLU C 156 19.92 -18.06 -15.60
C GLU C 156 19.16 -19.39 -15.64
N LYS C 157 19.90 -20.48 -15.84
CA LYS C 157 19.30 -21.80 -15.88
C LYS C 157 20.06 -22.73 -14.95
N GLU C 158 19.37 -23.22 -13.92
CA GLU C 158 19.95 -24.12 -12.94
C GLU C 158 21.08 -23.45 -12.16
N GLY C 159 20.93 -22.16 -11.93
CA GLY C 159 21.92 -21.41 -11.17
C GLY C 159 23.09 -20.86 -11.95
N SER C 160 23.07 -21.01 -13.28
CA SER C 160 24.18 -20.50 -14.07
C SER C 160 23.77 -19.82 -15.37
N TYR C 161 24.54 -18.81 -15.77
CA TYR C 161 24.29 -18.09 -17.01
C TYR C 161 25.60 -18.13 -17.80
N PRO C 162 25.77 -19.16 -18.63
CA PRO C 162 26.97 -19.35 -19.46
C PRO C 162 27.09 -18.25 -20.51
N LYS C 163 28.31 -17.99 -20.95
CA LYS C 163 28.54 -16.99 -21.97
C LYS C 163 27.90 -17.52 -23.24
N LEU C 164 27.02 -16.74 -23.85
CA LEU C 164 26.36 -17.17 -25.07
C LEU C 164 26.87 -16.41 -26.29
N LYS C 165 26.75 -17.05 -27.44
CA LYS C 165 27.14 -16.45 -28.72
C LYS C 165 26.30 -17.12 -29.79
N ASN C 166 25.49 -16.31 -30.48
CA ASN C 166 24.66 -16.86 -31.53
C ASN C 166 24.76 -15.98 -32.75
N SER C 167 24.62 -16.60 -33.91
CA SER C 167 24.73 -15.90 -35.18
C SER C 167 23.56 -16.19 -36.11
N TYR C 168 23.37 -15.28 -37.05
CA TYR C 168 22.34 -15.38 -38.06
C TYR C 168 22.90 -14.77 -39.34
N VAL C 169 22.77 -15.51 -40.44
CA VAL C 169 23.25 -15.05 -41.74
C VAL C 169 22.03 -14.64 -42.54
N ASN C 170 22.03 -13.40 -43.02
CA ASN C 170 20.90 -12.91 -43.80
C ASN C 170 20.87 -13.51 -45.20
N LYS C 171 20.00 -14.51 -45.40
CA LYS C 171 19.88 -15.15 -46.69
C LYS C 171 18.55 -14.80 -47.34
N LYS C 172 17.91 -13.75 -46.83
CA LYS C 172 16.62 -13.31 -47.34
C LYS C 172 16.70 -12.54 -48.66
N GLY C 173 17.88 -12.02 -48.99
CA GLY C 173 18.02 -11.24 -50.21
C GLY C 173 17.39 -9.86 -50.04
N LYS C 174 17.27 -9.44 -48.79
CA LYS C 174 16.68 -8.15 -48.44
C LYS C 174 17.25 -7.74 -47.09
N GLU C 175 17.12 -6.45 -46.76
CA GLU C 175 17.58 -5.94 -45.48
C GLU C 175 16.70 -6.58 -44.40
N VAL C 176 17.31 -6.88 -43.26
CA VAL C 176 16.56 -7.45 -42.16
C VAL C 176 16.70 -6.56 -40.93
N LEU C 177 15.56 -6.07 -40.45
CA LEU C 177 15.53 -5.22 -39.26
C LEU C 177 15.58 -6.15 -38.05
N VAL C 178 16.58 -5.97 -37.19
CA VAL C 178 16.72 -6.79 -36.00
C VAL C 178 16.58 -5.89 -34.77
N LEU C 179 15.79 -6.33 -33.80
CA LEU C 179 15.62 -5.56 -32.58
C LEU C 179 16.04 -6.41 -31.39
N TRP C 180 16.41 -5.77 -30.30
CA TRP C 180 16.82 -6.49 -29.11
C TRP C 180 16.85 -5.48 -27.99
N GLY C 181 17.04 -5.97 -26.77
CA GLY C 181 17.06 -5.07 -25.64
C GLY C 181 18.15 -5.41 -24.66
N ILE C 182 18.34 -4.53 -23.71
CA ILE C 182 19.34 -4.70 -22.67
C ILE C 182 18.64 -4.36 -21.37
N HIS C 183 18.57 -5.32 -20.46
CA HIS C 183 17.92 -5.10 -19.19
C HIS C 183 18.88 -4.47 -18.17
N HIS C 184 18.34 -3.54 -17.38
CA HIS C 184 19.11 -2.86 -16.35
C HIS C 184 18.37 -3.01 -15.02
N PRO C 185 18.71 -4.05 -14.24
CA PRO C 185 18.07 -4.29 -12.94
C PRO C 185 18.19 -3.08 -12.01
N PRO C 186 17.27 -2.96 -11.05
CA PRO C 186 17.27 -1.85 -10.08
C PRO C 186 18.32 -2.06 -8.98
N ASN C 187 18.72 -3.30 -8.76
CA ASN C 187 19.72 -3.58 -7.74
C ASN C 187 20.56 -4.81 -7.99
N SER C 188 21.65 -4.92 -7.24
CA SER C 188 22.59 -6.02 -7.33
C SER C 188 21.93 -7.39 -7.12
N LYS C 189 20.91 -7.42 -6.25
CA LYS C 189 20.23 -8.67 -5.97
C LYS C 189 19.53 -9.22 -7.20
N GLU C 190 18.77 -8.38 -7.90
CA GLU C 190 18.06 -8.79 -9.09
C GLU C 190 19.05 -9.21 -10.18
N GLN C 191 20.16 -8.48 -10.28
CA GLN C 191 21.17 -8.80 -11.26
C GLN C 191 21.66 -10.22 -11.03
N GLN C 192 21.91 -10.56 -9.76
CA GLN C 192 22.40 -11.88 -9.38
C GLN C 192 21.47 -13.05 -9.70
N ASN C 193 20.23 -12.99 -9.22
CA ASN C 193 19.33 -14.11 -9.46
C ASN C 193 18.75 -14.20 -10.86
N LEU C 194 18.96 -13.18 -11.68
CA LEU C 194 18.46 -13.24 -13.05
C LEU C 194 19.57 -13.68 -13.98
N TYR C 195 20.81 -13.26 -13.70
CA TYR C 195 21.93 -13.59 -14.57
C TYR C 195 23.19 -14.10 -13.87
N GLN C 196 23.14 -14.23 -12.54
CA GLN C 196 24.29 -14.69 -11.76
C GLN C 196 25.46 -13.72 -11.89
N ASN C 197 26.17 -13.79 -13.01
CA ASN C 197 27.31 -12.92 -13.26
C ASN C 197 26.99 -11.49 -12.82
N GLU C 198 27.83 -10.95 -11.94
CA GLU C 198 27.63 -9.60 -11.41
C GLU C 198 28.04 -8.50 -12.41
N ASN C 199 29.13 -8.71 -13.13
CA ASN C 199 29.60 -7.75 -14.11
C ASN C 199 29.46 -8.31 -15.52
N ALA C 200 28.25 -8.22 -16.06
CA ALA C 200 27.94 -8.75 -17.38
C ALA C 200 28.09 -7.75 -18.50
N TYR C 201 27.92 -8.21 -19.73
CA TYR C 201 28.03 -7.35 -20.88
C TYR C 201 27.37 -8.02 -22.09
N VAL C 202 26.98 -7.20 -23.06
CA VAL C 202 26.35 -7.69 -24.27
C VAL C 202 27.05 -7.07 -25.47
N SER C 203 27.36 -7.89 -26.46
CA SER C 203 28.02 -7.42 -27.66
C SER C 203 27.14 -7.78 -28.85
N VAL C 204 27.00 -6.84 -29.79
CA VAL C 204 26.20 -7.07 -31.00
C VAL C 204 27.01 -6.50 -32.15
N VAL C 205 27.37 -7.34 -33.12
CA VAL C 205 28.19 -6.88 -34.23
C VAL C 205 27.77 -7.45 -35.59
N THR C 206 28.01 -6.67 -36.65
CA THR C 206 27.72 -7.09 -38.01
C THR C 206 28.91 -6.59 -38.82
N SER C 207 28.78 -6.52 -40.14
CA SER C 207 29.88 -6.01 -40.94
C SER C 207 30.01 -4.51 -40.78
N ASN C 208 28.90 -3.84 -40.49
CA ASN C 208 28.93 -2.39 -40.33
C ASN C 208 28.36 -1.84 -39.02
N TYR C 209 28.01 -2.73 -38.10
CA TYR C 209 27.46 -2.34 -36.79
C TYR C 209 28.33 -2.99 -35.72
N ASN C 210 28.64 -2.23 -34.67
CA ASN C 210 29.51 -2.74 -33.63
C ASN C 210 29.26 -2.00 -32.33
N ARG C 211 28.58 -2.64 -31.39
CA ARG C 211 28.31 -1.99 -30.12
C ARG C 211 28.36 -2.94 -28.92
N ARG C 212 28.69 -2.39 -27.76
CA ARG C 212 28.81 -3.18 -26.55
C ARG C 212 27.96 -2.50 -25.47
N PHE C 213 27.32 -3.31 -24.63
CA PHE C 213 26.45 -2.76 -23.58
C PHE C 213 26.80 -3.28 -22.21
N THR C 214 26.88 -2.36 -21.27
CA THR C 214 27.19 -2.66 -19.88
C THR C 214 25.94 -2.39 -19.04
N PRO C 215 25.55 -3.34 -18.19
CA PRO C 215 24.36 -3.10 -17.37
C PRO C 215 24.66 -1.98 -16.38
N GLU C 216 23.70 -1.09 -16.18
CA GLU C 216 23.90 0.00 -15.22
C GLU C 216 22.85 -0.22 -14.13
N ILE C 217 23.30 -0.71 -12.98
CA ILE C 217 22.39 -1.01 -11.89
C ILE C 217 22.16 0.18 -10.97
N ALA C 218 20.89 0.49 -10.74
CA ALA C 218 20.51 1.61 -9.88
C ALA C 218 19.00 1.66 -9.65
N GLU C 219 18.60 2.06 -8.45
CA GLU C 219 17.19 2.16 -8.12
C GLU C 219 16.66 3.37 -8.91
N ARG C 220 15.53 3.20 -9.59
CA ARG C 220 14.94 4.29 -10.37
C ARG C 220 13.46 4.45 -10.05
N PRO C 221 12.92 5.67 -10.22
CA PRO C 221 11.50 5.85 -9.92
C PRO C 221 10.71 4.81 -10.72
N LYS C 222 9.68 4.25 -10.12
CA LYS C 222 8.89 3.23 -10.80
C LYS C 222 7.97 3.73 -11.91
N VAL C 223 8.01 3.01 -13.03
CA VAL C 223 7.18 3.30 -14.19
C VAL C 223 6.55 1.95 -14.49
N ARG C 224 5.23 1.92 -14.62
CA ARG C 224 4.49 0.69 -14.86
C ARG C 224 4.91 -0.28 -13.76
N ASP C 225 5.09 0.28 -12.57
CA ASP C 225 5.50 -0.45 -11.39
C ASP C 225 6.89 -1.08 -11.46
N GLN C 226 7.68 -0.69 -12.45
CA GLN C 226 9.04 -1.23 -12.59
C GLN C 226 10.14 -0.22 -12.25
N ALA C 227 11.04 -0.62 -11.36
CA ALA C 227 12.13 0.24 -10.94
C ALA C 227 13.33 -0.01 -11.85
N GLY C 228 13.27 -1.10 -12.60
CA GLY C 228 14.35 -1.41 -13.52
C GLY C 228 14.05 -0.77 -14.85
N ARG C 229 14.97 -0.89 -15.79
CA ARG C 229 14.78 -0.32 -17.12
C ARG C 229 15.26 -1.27 -18.19
N MET C 230 14.77 -1.07 -19.39
CA MET C 230 15.14 -1.90 -20.51
C MET C 230 15.30 -0.97 -21.72
N ASN C 231 16.49 -0.94 -22.31
CA ASN C 231 16.73 -0.12 -23.49
C ASN C 231 16.63 -1.00 -24.73
N TYR C 232 15.96 -0.49 -25.75
CA TYR C 232 15.78 -1.25 -26.97
C TYR C 232 16.61 -0.70 -28.11
N TYR C 233 17.26 -1.60 -28.85
CA TYR C 233 18.09 -1.18 -29.98
C TYR C 233 17.73 -1.95 -31.24
N TRP C 234 18.16 -1.44 -32.38
CA TRP C 234 17.91 -2.08 -33.66
C TRP C 234 19.02 -1.76 -34.65
N THR C 235 19.08 -2.55 -35.72
CA THR C 235 20.05 -2.32 -36.76
C THR C 235 19.54 -3.00 -38.02
N LEU C 236 20.07 -2.58 -39.16
CA LEU C 236 19.67 -3.17 -40.43
C LEU C 236 20.79 -4.07 -40.90
N LEU C 237 20.49 -5.36 -41.00
CA LEU C 237 21.47 -6.34 -41.43
C LEU C 237 21.37 -6.44 -42.96
N LYS C 238 22.43 -6.06 -43.65
CA LYS C 238 22.43 -6.11 -45.10
C LYS C 238 22.33 -7.55 -45.62
N PRO C 239 21.86 -7.72 -46.86
CA PRO C 239 21.74 -9.05 -47.46
C PRO C 239 23.09 -9.78 -47.47
N GLY C 240 23.10 -11.02 -47.00
CA GLY C 240 24.33 -11.79 -46.99
C GLY C 240 25.23 -11.57 -45.78
N ASP C 241 24.99 -10.50 -45.03
CA ASP C 241 25.81 -10.22 -43.86
C ASP C 241 25.38 -11.09 -42.68
N THR C 242 26.21 -11.10 -41.65
CA THR C 242 25.94 -11.91 -40.46
C THR C 242 25.92 -11.05 -39.21
N ILE C 243 24.97 -11.30 -38.33
CA ILE C 243 24.90 -10.57 -37.07
C ILE C 243 25.22 -11.58 -35.96
N ILE C 244 26.10 -11.19 -35.05
CA ILE C 244 26.50 -12.06 -33.96
C ILE C 244 26.16 -11.45 -32.60
N PHE C 245 25.46 -12.22 -31.77
CA PHE C 245 25.12 -11.77 -30.43
C PHE C 245 25.98 -12.55 -29.43
N GLU C 246 26.58 -11.83 -28.50
CA GLU C 246 27.42 -12.46 -27.49
C GLU C 246 27.05 -11.78 -26.19
N ALA C 247 26.89 -12.58 -25.14
CA ALA C 247 26.51 -12.02 -23.85
C ALA C 247 26.70 -12.98 -22.70
N ASN C 248 26.83 -12.42 -21.50
CA ASN C 248 26.97 -13.23 -20.31
C ASN C 248 25.92 -12.72 -19.31
N GLY C 249 24.87 -12.13 -19.87
CA GLY C 249 23.79 -11.61 -19.06
C GLY C 249 23.10 -10.37 -19.63
N ASN C 250 21.92 -10.06 -19.10
CA ASN C 250 21.15 -8.87 -19.47
C ASN C 250 20.64 -8.71 -20.91
N LEU C 251 20.80 -9.73 -21.72
CA LEU C 251 20.35 -9.65 -23.09
C LEU C 251 18.88 -10.02 -23.29
N ILE C 252 18.12 -9.13 -23.91
CA ILE C 252 16.72 -9.41 -24.24
C ILE C 252 16.89 -9.73 -25.72
N ALA C 253 17.09 -11.01 -26.01
CA ALA C 253 17.32 -11.49 -27.36
C ALA C 253 16.22 -11.35 -28.40
N PRO C 254 16.63 -11.28 -29.67
CA PRO C 254 15.67 -11.16 -30.77
C PRO C 254 15.11 -12.57 -30.98
N MET C 255 13.83 -12.66 -31.32
CA MET C 255 13.20 -13.95 -31.60
C MET C 255 12.71 -13.84 -33.04
N TYR C 256 11.91 -12.81 -33.32
CA TYR C 256 11.41 -12.56 -34.66
C TYR C 256 12.04 -11.30 -35.20
N ALA C 257 12.30 -11.29 -36.50
CA ALA C 257 12.88 -10.12 -37.16
C ALA C 257 12.09 -9.87 -38.45
N PHE C 258 12.40 -8.79 -39.16
CA PHE C 258 11.65 -8.48 -40.37
C PHE C 258 12.51 -8.27 -41.61
N ALA C 259 12.18 -8.99 -42.68
CA ALA C 259 12.88 -8.85 -43.95
C ALA C 259 12.05 -7.77 -44.68
N LEU C 260 12.67 -6.62 -44.91
CA LEU C 260 12.00 -5.46 -45.52
C LEU C 260 12.07 -5.30 -47.03
N ARG C 261 10.97 -4.79 -47.59
CA ARG C 261 10.87 -4.49 -49.02
C ARG C 261 10.56 -2.99 -49.04
N ARG C 262 11.26 -2.23 -49.88
CA ARG C 262 11.05 -0.78 -49.96
C ARG C 262 10.10 -0.33 -51.06
N GLY C 263 9.43 0.80 -50.84
CA GLY C 263 8.50 1.35 -51.81
C GLY C 263 8.49 2.87 -51.72
N PHE C 264 7.69 3.53 -52.56
CA PHE C 264 7.63 4.99 -52.53
C PHE C 264 6.22 5.52 -52.28
N GLY C 265 6.14 6.74 -51.77
CA GLY C 265 4.84 7.37 -51.52
C GLY C 265 4.14 7.04 -50.23
N SER C 266 4.81 6.33 -49.34
CA SER C 266 4.21 5.98 -48.06
C SER C 266 4.66 6.91 -46.95
N GLY C 267 4.08 6.76 -45.77
CA GLY C 267 4.45 7.59 -44.65
C GLY C 267 3.55 7.30 -43.48
N ILE C 268 3.86 7.91 -42.34
CA ILE C 268 3.07 7.74 -41.14
C ILE C 268 2.25 9.00 -40.88
N ILE C 269 0.97 8.83 -40.62
CA ILE C 269 0.08 9.96 -40.33
C ILE C 269 -0.70 9.63 -39.05
N THR C 270 -1.26 10.67 -38.43
CA THR C 270 -2.03 10.52 -37.22
C THR C 270 -3.44 10.93 -37.58
N SER C 271 -4.39 10.02 -37.41
CA SER C 271 -5.77 10.28 -37.78
C SER C 271 -6.76 9.73 -36.76
N ASN C 272 -7.88 10.42 -36.64
CA ASN C 272 -8.96 10.03 -35.74
C ASN C 272 -10.10 9.46 -36.57
N ALA C 273 -9.94 9.47 -37.90
CA ALA C 273 -10.96 8.96 -38.82
C ALA C 273 -10.97 7.43 -38.92
N SER C 274 -12.04 6.88 -39.48
CA SER C 274 -12.16 5.44 -39.61
C SER C 274 -11.93 4.90 -41.00
N MET C 275 -11.41 3.68 -41.05
CA MET C 275 -11.16 2.99 -42.32
C MET C 275 -12.50 2.57 -42.92
N HIS C 276 -12.62 2.68 -44.22
CA HIS C 276 -13.85 2.29 -44.92
C HIS C 276 -13.41 1.63 -46.20
N GLU C 277 -14.31 0.89 -46.84
CA GLU C 277 -13.95 0.25 -48.10
C GLU C 277 -14.13 1.24 -49.25
N CYS C 278 -13.21 2.19 -49.33
CA CYS C 278 -13.20 3.22 -50.36
C CYS C 278 -11.79 3.25 -50.94
N ASN C 279 -11.65 3.75 -52.17
CA ASN C 279 -10.35 3.83 -52.81
C ASN C 279 -10.09 5.28 -53.21
N THR C 280 -8.85 5.72 -53.03
CA THR C 280 -8.50 7.10 -53.36
C THR C 280 -7.07 7.18 -53.84
N LYS C 281 -6.72 8.29 -54.47
CA LYS C 281 -5.38 8.50 -54.95
C LYS C 281 -4.74 9.54 -54.05
N CYS C 282 -5.55 10.12 -53.17
CA CYS C 282 -5.07 11.15 -52.26
C CYS C 282 -5.73 11.04 -50.88
N GLN C 283 -4.92 10.83 -49.84
CA GLN C 283 -5.44 10.72 -48.48
C GLN C 283 -4.87 11.76 -47.51
N THR C 284 -5.72 12.32 -46.65
CA THR C 284 -5.28 13.27 -45.63
C THR C 284 -5.76 12.71 -44.30
N PRO C 285 -5.23 13.23 -43.18
CA PRO C 285 -5.66 12.73 -41.88
C PRO C 285 -7.15 12.96 -41.58
N LEU C 286 -7.81 13.82 -42.36
CA LEU C 286 -9.23 14.11 -42.12
C LEU C 286 -10.19 13.34 -43.04
N GLY C 287 -9.69 12.95 -44.21
CA GLY C 287 -10.50 12.23 -45.16
C GLY C 287 -9.78 12.20 -46.50
N ALA C 288 -10.30 11.42 -47.44
CA ALA C 288 -9.70 11.32 -48.76
C ALA C 288 -10.22 12.43 -49.66
N ILE C 289 -9.41 12.78 -50.65
CA ILE C 289 -9.74 13.83 -51.61
C ILE C 289 -9.82 13.26 -53.03
N ASN C 290 -10.86 13.65 -53.77
CA ASN C 290 -10.99 13.22 -55.17
C ASN C 290 -11.13 14.52 -55.94
N SER C 291 -10.02 15.02 -56.47
CA SER C 291 -10.05 16.31 -57.15
C SER C 291 -8.94 16.56 -58.16
N SER C 292 -9.21 17.46 -59.09
CA SER C 292 -8.23 17.82 -60.11
C SER C 292 -7.82 19.28 -59.90
N LEU C 293 -8.35 19.91 -58.84
CA LEU C 293 -8.02 21.30 -58.57
C LEU C 293 -6.57 21.41 -58.12
N PRO C 294 -5.90 22.52 -58.46
CA PRO C 294 -4.50 22.71 -58.07
C PRO C 294 -4.26 22.93 -56.59
N TYR C 295 -5.24 23.49 -55.88
CA TYR C 295 -5.03 23.74 -54.45
C TYR C 295 -6.10 23.12 -53.55
N GLN C 296 -5.76 22.96 -52.27
CA GLN C 296 -6.67 22.43 -51.27
C GLN C 296 -6.35 23.11 -49.94
N ASN C 297 -7.36 23.33 -49.10
CA ASN C 297 -7.13 23.96 -47.80
C ASN C 297 -7.61 23.02 -46.72
N ILE C 298 -7.64 21.73 -47.05
CA ILE C 298 -8.10 20.69 -46.13
C ILE C 298 -7.08 20.30 -45.07
N HIS C 299 -5.87 19.91 -45.49
CA HIS C 299 -4.85 19.54 -44.53
C HIS C 299 -3.46 19.55 -45.16
N PRO C 300 -2.43 19.93 -44.38
CA PRO C 300 -1.06 19.96 -44.91
C PRO C 300 -0.46 18.55 -45.10
N VAL C 301 -0.95 17.58 -44.33
CA VAL C 301 -0.45 16.20 -44.44
C VAL C 301 -1.22 15.44 -45.51
N THR C 302 -0.49 14.88 -46.47
CA THR C 302 -1.10 14.14 -47.56
C THR C 302 -0.31 12.89 -48.01
N ILE C 303 -1.03 11.85 -48.38
CA ILE C 303 -0.43 10.62 -48.88
C ILE C 303 -0.97 10.47 -50.30
N GLY C 304 -0.08 10.26 -51.27
CA GLY C 304 -0.52 10.08 -52.64
C GLY C 304 -0.24 11.23 -53.58
N GLU C 305 -1.20 11.52 -54.46
CA GLU C 305 -1.06 12.61 -55.42
C GLU C 305 -2.19 13.58 -55.11
N CYS C 306 -1.82 14.67 -54.44
CA CYS C 306 -2.81 15.65 -54.00
C CYS C 306 -2.58 17.08 -54.47
N PRO C 307 -3.56 17.95 -54.17
CA PRO C 307 -3.45 19.35 -54.54
C PRO C 307 -2.52 19.98 -53.51
N LYS C 308 -1.89 21.10 -53.85
CA LYS C 308 -1.00 21.78 -52.92
C LYS C 308 -1.81 22.37 -51.77
N TYR C 309 -1.37 22.16 -50.54
CA TYR C 309 -2.08 22.72 -49.41
C TYR C 309 -1.76 24.21 -49.33
N VAL C 310 -2.75 24.99 -48.94
CA VAL C 310 -2.61 26.43 -48.83
C VAL C 310 -3.56 26.86 -47.70
N ARG C 311 -3.26 27.97 -47.04
CA ARG C 311 -4.11 28.44 -45.94
C ARG C 311 -5.34 29.20 -46.43
N SER C 312 -5.40 29.49 -47.72
CA SER C 312 -6.52 30.24 -48.30
C SER C 312 -7.92 29.71 -48.00
N ALA C 313 -8.86 30.63 -47.87
CA ALA C 313 -10.26 30.29 -47.61
C ALA C 313 -11.01 30.25 -48.94
N LYS C 314 -10.52 31.02 -49.91
CA LYS C 314 -11.14 31.09 -51.22
C LYS C 314 -10.15 31.40 -52.34
N LEU C 315 -10.29 30.69 -53.45
CA LEU C 315 -9.45 30.89 -54.63
C LEU C 315 -10.32 30.66 -55.87
N ARG C 316 -10.97 31.71 -56.35
CA ARG C 316 -11.83 31.58 -57.52
C ARG C 316 -11.35 32.50 -58.62
N MET C 317 -11.18 31.93 -59.80
CA MET C 317 -10.70 32.67 -60.96
C MET C 317 -11.89 32.98 -61.86
N VAL C 318 -12.07 34.26 -62.22
CA VAL C 318 -13.17 34.62 -63.09
C VAL C 318 -12.80 34.23 -64.51
N THR C 319 -13.77 33.72 -65.24
CA THR C 319 -13.56 33.32 -66.63
C THR C 319 -14.45 34.18 -67.51
N GLY C 320 -15.65 34.47 -67.00
CA GLY C 320 -16.60 35.29 -67.72
C GLY C 320 -16.37 36.76 -67.44
N LEU C 321 -17.41 37.57 -67.63
CA LEU C 321 -17.28 38.99 -67.39
C LEU C 321 -18.10 39.52 -66.23
N ARG C 322 -17.88 40.80 -65.94
CA ARG C 322 -18.59 41.47 -64.88
C ARG C 322 -20.08 41.27 -65.21
N ASN C 323 -20.85 40.77 -64.25
CA ASN C 323 -22.27 40.51 -64.50
C ASN C 323 -23.18 41.67 -64.13
N ILE C 324 -23.80 42.25 -65.15
CA ILE C 324 -24.69 43.39 -64.98
C ILE C 324 -26.01 43.11 -65.72
N PRO C 325 -26.90 42.35 -65.09
CA PRO C 325 -28.21 41.99 -65.66
C PRO C 325 -29.02 43.23 -66.06
N ALA C 326 -28.74 44.34 -65.38
CA ALA C 326 -29.42 45.60 -65.66
C ALA C 326 -30.94 45.43 -65.53
N ARG C 327 -31.37 45.00 -64.36
CA ARG C 327 -32.79 44.79 -64.10
C ARG C 327 -33.39 46.01 -63.41
N GLY D 1 -13.84 50.09 -66.27
CA GLY D 1 -13.01 49.22 -67.08
C GLY D 1 -11.92 49.99 -67.81
N LEU D 2 -10.77 49.36 -67.99
CA LEU D 2 -9.64 50.00 -68.66
C LEU D 2 -9.96 50.43 -70.07
N PHE D 3 -10.89 49.74 -70.72
CA PHE D 3 -11.19 50.12 -72.08
C PHE D 3 -12.49 50.89 -72.33
N GLY D 4 -13.22 51.19 -71.25
CA GLY D 4 -14.44 51.98 -71.37
C GLY D 4 -15.75 51.39 -71.84
N ALA D 5 -15.72 50.20 -72.44
CA ALA D 5 -16.96 49.58 -72.93
C ALA D 5 -17.86 49.00 -71.85
N ILE D 6 -17.50 47.83 -71.34
CA ILE D 6 -18.29 47.17 -70.30
C ILE D 6 -18.45 48.08 -69.08
N ALA D 7 -19.70 48.27 -68.65
CA ALA D 7 -20.03 49.14 -67.52
C ALA D 7 -19.56 50.54 -67.84
N GLY D 8 -19.39 50.81 -69.14
CA GLY D 8 -18.94 52.11 -69.60
C GLY D 8 -19.95 52.73 -70.54
N PHE D 9 -19.58 52.96 -71.80
CA PHE D 9 -20.53 53.56 -72.72
C PHE D 9 -21.61 52.55 -73.13
N ILE D 10 -21.37 51.27 -72.81
CA ILE D 10 -22.35 50.21 -73.05
C ILE D 10 -22.71 49.82 -71.62
N GLU D 11 -23.56 50.63 -71.02
CA GLU D 11 -24.03 50.52 -69.64
C GLU D 11 -24.40 49.18 -69.01
N GLY D 12 -24.98 48.26 -69.76
CA GLY D 12 -25.36 46.99 -69.16
C GLY D 12 -25.22 45.75 -70.02
N GLY D 13 -25.44 44.60 -69.39
CA GLY D 13 -25.35 43.35 -70.12
C GLY D 13 -26.72 42.84 -70.52
N TRP D 14 -26.77 41.93 -71.49
CA TRP D 14 -28.05 41.39 -71.94
C TRP D 14 -28.28 39.95 -71.46
N THR D 15 -29.23 39.78 -70.55
CA THR D 15 -29.56 38.45 -70.07
C THR D 15 -30.25 37.72 -71.22
N GLY D 16 -30.50 38.46 -72.30
CA GLY D 16 -31.14 37.90 -73.47
C GLY D 16 -30.13 37.22 -74.38
N MET D 17 -28.87 37.62 -74.23
CA MET D 17 -27.77 37.06 -75.02
C MET D 17 -27.32 35.77 -74.35
N ILE D 18 -27.58 34.63 -74.98
CA ILE D 18 -27.20 33.36 -74.40
C ILE D 18 -26.45 32.44 -75.36
N ASP D 19 -25.79 33.03 -76.36
CA ASP D 19 -25.04 32.25 -77.33
C ASP D 19 -23.54 32.47 -77.15
N GLY D 20 -23.20 33.49 -76.37
CA GLY D 20 -21.81 33.80 -76.13
C GLY D 20 -21.68 34.94 -75.15
N TRP D 21 -20.48 35.52 -75.07
CA TRP D 21 -20.22 36.63 -74.15
C TRP D 21 -20.41 37.98 -74.82
N TYR D 22 -20.14 38.02 -76.13
CA TYR D 22 -20.26 39.24 -76.92
C TYR D 22 -21.28 39.01 -78.04
N GLY D 23 -22.06 40.03 -78.37
CA GLY D 23 -23.05 39.87 -79.42
C GLY D 23 -23.73 41.13 -79.91
N TYR D 24 -24.71 40.94 -80.79
CA TYR D 24 -25.44 42.05 -81.36
C TYR D 24 -26.93 41.95 -81.07
N HIS D 25 -27.57 43.10 -80.82
CA HIS D 25 -29.00 43.11 -80.61
C HIS D 25 -29.59 43.56 -81.95
N HIS D 26 -30.51 42.75 -82.44
CA HIS D 26 -31.16 42.96 -83.72
C HIS D 26 -32.50 43.69 -83.57
N GLN D 27 -32.80 44.57 -84.51
CA GLN D 27 -34.05 45.32 -84.50
C GLN D 27 -34.37 45.79 -85.92
N ASN D 28 -35.07 44.94 -86.66
CA ASN D 28 -35.43 45.21 -88.04
C ASN D 28 -36.93 45.33 -88.18
N GLU D 29 -37.41 45.40 -89.42
CA GLU D 29 -38.83 45.50 -89.70
C GLU D 29 -39.40 44.09 -89.58
N GLN D 30 -38.54 43.11 -89.84
CA GLN D 30 -38.91 41.70 -89.80
C GLN D 30 -38.95 41.19 -88.35
N GLY D 31 -38.42 41.98 -87.43
CA GLY D 31 -38.41 41.59 -86.03
C GLY D 31 -37.14 41.99 -85.31
N SER D 32 -37.01 41.57 -84.06
CA SER D 32 -35.83 41.86 -83.24
C SER D 32 -35.13 40.57 -82.81
N GLY D 33 -34.25 40.68 -81.82
CA GLY D 33 -33.55 39.50 -81.33
C GLY D 33 -32.07 39.71 -81.04
N TYR D 34 -31.43 38.71 -80.45
CA TYR D 34 -30.02 38.78 -80.12
C TYR D 34 -29.24 37.79 -80.95
N ALA D 35 -27.91 37.92 -80.93
CA ALA D 35 -27.05 37.02 -81.68
C ALA D 35 -25.60 37.19 -81.23
N ALA D 36 -24.99 36.10 -80.79
CA ALA D 36 -23.61 36.15 -80.33
C ALA D 36 -22.61 36.15 -81.47
N ASP D 37 -21.51 36.87 -81.27
CA ASP D 37 -20.46 36.93 -82.27
C ASP D 37 -19.51 35.77 -81.96
N GLN D 38 -19.75 34.63 -82.62
CA GLN D 38 -18.92 33.44 -82.40
C GLN D 38 -17.43 33.72 -82.55
N LYS D 39 -17.07 34.52 -83.53
CA LYS D 39 -15.69 34.87 -83.79
C LYS D 39 -15.01 35.36 -82.50
N SER D 40 -15.51 36.48 -81.98
CA SER D 40 -14.96 37.07 -80.76
C SER D 40 -15.14 36.23 -79.49
N THR D 41 -16.30 35.60 -79.34
CA THR D 41 -16.56 34.78 -78.16
C THR D 41 -15.64 33.57 -78.11
N GLN D 42 -15.39 32.96 -79.26
CA GLN D 42 -14.54 31.78 -79.30
C GLN D 42 -13.10 32.15 -78.95
N ASN D 43 -12.55 33.17 -79.60
CA ASN D 43 -11.19 33.61 -79.32
C ASN D 43 -11.03 33.91 -77.83
N ALA D 44 -12.03 34.55 -77.24
CA ALA D 44 -11.99 34.88 -75.83
C ALA D 44 -11.96 33.61 -74.99
N ILE D 45 -12.73 32.61 -75.40
CA ILE D 45 -12.80 31.34 -74.70
C ILE D 45 -11.46 30.61 -74.77
N ASN D 46 -10.85 30.65 -75.95
CA ASN D 46 -9.56 29.99 -76.13
C ASN D 46 -8.52 30.62 -75.24
N GLY D 47 -8.62 31.94 -75.08
CA GLY D 47 -7.68 32.68 -74.26
C GLY D 47 -7.81 32.39 -72.77
N ILE D 48 -9.05 32.46 -72.28
CA ILE D 48 -9.31 32.19 -70.86
C ILE D 48 -9.06 30.72 -70.54
N THR D 49 -9.41 29.84 -71.46
CA THR D 49 -9.19 28.42 -71.24
C THR D 49 -7.70 28.16 -71.04
N ASN D 50 -6.90 28.69 -71.96
CA ASN D 50 -5.46 28.52 -71.89
C ASN D 50 -4.89 29.15 -70.60
N LYS D 51 -5.47 30.28 -70.17
CA LYS D 51 -4.98 30.94 -68.97
C LYS D 51 -5.21 30.08 -67.73
N VAL D 52 -6.45 29.66 -67.53
CA VAL D 52 -6.77 28.83 -66.38
C VAL D 52 -6.00 27.50 -66.44
N ASN D 53 -5.78 26.99 -67.65
CA ASN D 53 -5.02 25.75 -67.79
C ASN D 53 -3.56 25.99 -67.41
N SER D 54 -3.04 27.16 -67.73
CA SER D 54 -1.66 27.46 -67.38
C SER D 54 -1.52 27.52 -65.86
N VAL D 55 -2.42 28.24 -65.19
CA VAL D 55 -2.36 28.37 -63.74
C VAL D 55 -2.38 27.01 -63.07
N ILE D 56 -3.21 26.12 -63.59
CA ILE D 56 -3.33 24.79 -63.03
C ILE D 56 -2.08 23.96 -63.29
N GLU D 57 -1.64 23.92 -64.54
CA GLU D 57 -0.45 23.17 -64.92
C GLU D 57 0.79 23.58 -64.14
N LYS D 58 0.90 24.86 -63.80
CA LYS D 58 2.06 25.35 -63.07
C LYS D 58 2.19 24.83 -61.65
N MET D 59 1.07 24.43 -61.05
CA MET D 59 1.07 23.87 -59.70
C MET D 59 1.16 22.36 -59.79
N ASN D 60 2.32 21.85 -60.15
CA ASN D 60 2.49 20.41 -60.27
C ASN D 60 1.90 19.74 -59.04
N ILE D 61 1.51 18.48 -59.20
CA ILE D 61 0.93 17.69 -58.13
C ILE D 61 1.79 17.55 -56.87
N GLN D 62 1.13 17.63 -55.72
CA GLN D 62 1.74 17.50 -54.41
C GLN D 62 1.86 16.02 -54.04
N PHE D 63 3.08 15.55 -53.82
CA PHE D 63 3.26 14.15 -53.46
C PHE D 63 3.34 14.01 -51.94
N THR D 64 3.43 12.77 -51.48
CA THR D 64 3.49 12.50 -50.05
C THR D 64 4.33 13.48 -49.26
N ALA D 65 3.70 14.06 -48.25
CA ALA D 65 4.34 15.01 -47.35
C ALA D 65 3.68 14.78 -45.99
N VAL D 66 4.48 14.38 -45.01
CA VAL D 66 3.95 14.14 -43.68
C VAL D 66 4.86 14.73 -42.62
N GLY D 67 4.46 14.60 -41.37
CA GLY D 67 5.26 15.13 -40.28
C GLY D 67 6.37 14.18 -39.87
N LYS D 68 7.22 14.63 -38.97
CA LYS D 68 8.33 13.81 -38.47
C LYS D 68 8.35 13.96 -36.97
N GLU D 69 8.93 12.98 -36.30
CA GLU D 69 9.05 13.05 -34.84
C GLU D 69 10.49 13.44 -34.48
N PHE D 70 10.67 13.98 -33.29
CA PHE D 70 11.97 14.40 -32.81
C PHE D 70 12.00 14.08 -31.33
N ASN D 71 13.10 13.54 -30.81
CA ASN D 71 13.10 13.26 -29.39
C ASN D 71 13.26 14.58 -28.63
N LYS D 72 13.16 14.52 -27.30
CA LYS D 72 13.23 15.70 -26.46
C LYS D 72 14.54 16.49 -26.55
N LEU D 73 15.58 15.89 -27.10
CA LEU D 73 16.86 16.59 -27.24
C LEU D 73 17.12 17.04 -28.68
N GLU D 74 16.05 17.12 -29.47
CA GLU D 74 16.15 17.56 -30.86
C GLU D 74 15.22 18.75 -31.10
N LYS D 75 15.14 19.63 -30.12
CA LYS D 75 14.26 20.79 -30.24
C LYS D 75 14.67 21.73 -31.37
N ARG D 76 15.97 21.90 -31.58
CA ARG D 76 16.43 22.77 -32.66
C ARG D 76 16.05 22.20 -34.04
N MET D 77 16.25 20.90 -34.22
CA MET D 77 15.92 20.25 -35.50
C MET D 77 14.41 20.35 -35.72
N GLU D 78 13.65 20.12 -34.65
CA GLU D 78 12.19 20.21 -34.74
C GLU D 78 11.78 21.63 -35.14
N ASN D 79 12.42 22.64 -34.55
CA ASN D 79 12.08 24.02 -34.90
C ASN D 79 12.52 24.35 -36.32
N LEU D 80 13.60 23.73 -36.77
CA LEU D 80 14.08 23.98 -38.12
C LEU D 80 13.04 23.41 -39.09
N ASN D 81 12.60 22.18 -38.82
CA ASN D 81 11.61 21.51 -39.66
C ASN D 81 10.35 22.39 -39.70
N ASN D 82 10.04 23.02 -38.58
CA ASN D 82 8.86 23.88 -38.46
C ASN D 82 9.03 25.17 -39.27
N LYS D 83 10.21 25.79 -39.19
CA LYS D 83 10.47 27.00 -39.96
C LYS D 83 10.37 26.71 -41.46
N VAL D 84 10.90 25.55 -41.86
CA VAL D 84 10.85 25.13 -43.25
C VAL D 84 9.41 24.92 -43.72
N ASP D 85 8.63 24.17 -42.96
CA ASP D 85 7.24 23.91 -43.35
C ASP D 85 6.37 25.16 -43.39
N ASP D 86 6.53 26.05 -42.41
CA ASP D 86 5.75 27.29 -42.38
C ASP D 86 6.19 28.25 -43.48
N GLY D 87 7.51 28.29 -43.72
CA GLY D 87 8.05 29.18 -44.72
C GLY D 87 7.52 28.86 -46.10
N PHE D 88 7.55 27.58 -46.48
CA PHE D 88 7.05 27.20 -47.80
C PHE D 88 5.55 27.47 -47.90
N LEU D 89 4.83 27.12 -46.84
CA LEU D 89 3.38 27.32 -46.84
C LEU D 89 3.05 28.81 -47.01
N ASP D 90 3.77 29.70 -46.34
CA ASP D 90 3.52 31.14 -46.48
C ASP D 90 3.69 31.59 -47.93
N ILE D 91 4.74 31.11 -48.57
CA ILE D 91 5.04 31.47 -49.94
C ILE D 91 4.01 30.98 -50.95
N TRP D 92 3.60 29.73 -50.83
CA TRP D 92 2.61 29.20 -51.75
C TRP D 92 1.25 29.83 -51.55
N THR D 93 0.89 30.11 -50.29
CA THR D 93 -0.40 30.75 -50.03
C THR D 93 -0.38 32.13 -50.65
N TYR D 94 0.72 32.83 -50.45
CA TYR D 94 0.92 34.18 -50.98
C TYR D 94 0.89 34.12 -52.50
N ASN D 95 1.62 33.17 -53.10
CA ASN D 95 1.65 33.03 -54.55
C ASN D 95 0.29 32.75 -55.17
N ALA D 96 -0.45 31.80 -54.59
CA ALA D 96 -1.76 31.45 -55.12
C ALA D 96 -2.73 32.63 -55.03
N GLU D 97 -2.76 33.30 -53.89
CA GLU D 97 -3.68 34.42 -53.71
C GLU D 97 -3.37 35.60 -54.62
N LEU D 98 -2.11 35.99 -54.70
CA LEU D 98 -1.71 37.11 -55.56
C LEU D 98 -2.01 36.80 -57.01
N LEU D 99 -1.56 35.64 -57.49
CA LEU D 99 -1.78 35.25 -58.87
C LEU D 99 -3.25 35.33 -59.28
N VAL D 100 -4.13 34.77 -58.45
CA VAL D 100 -5.56 34.81 -58.74
C VAL D 100 -6.09 36.25 -58.77
N LEU D 101 -5.73 37.03 -57.75
CA LEU D 101 -6.15 38.42 -57.67
C LEU D 101 -5.74 39.23 -58.91
N LEU D 102 -4.48 39.09 -59.30
CA LEU D 102 -3.96 39.81 -60.45
C LEU D 102 -4.52 39.36 -61.79
N GLU D 103 -4.70 38.05 -61.96
CA GLU D 103 -5.22 37.55 -63.21
C GLU D 103 -6.70 37.79 -63.41
N ASN D 104 -7.45 37.92 -62.31
CA ASN D 104 -8.87 38.21 -62.41
C ASN D 104 -9.04 39.64 -62.94
N GLU D 105 -8.22 40.56 -62.45
CA GLU D 105 -8.29 41.94 -62.89
C GLU D 105 -8.02 41.93 -64.40
N ARG D 106 -7.01 41.18 -64.79
CA ARG D 106 -6.61 41.07 -66.19
C ARG D 106 -7.68 40.43 -67.07
N THR D 107 -8.36 39.42 -66.54
CA THR D 107 -9.39 38.75 -67.32
C THR D 107 -10.53 39.72 -67.59
N LEU D 108 -10.91 40.50 -66.58
CA LEU D 108 -11.99 41.48 -66.75
C LEU D 108 -11.58 42.53 -67.78
N ASP D 109 -10.35 43.05 -67.69
CA ASP D 109 -9.88 44.05 -68.65
C ASP D 109 -9.96 43.44 -70.04
N PHE D 110 -9.64 42.15 -70.11
CA PHE D 110 -9.62 41.39 -71.36
C PHE D 110 -10.99 41.45 -72.04
N HIS D 111 -12.03 41.16 -71.28
CA HIS D 111 -13.37 41.20 -71.82
C HIS D 111 -13.69 42.61 -72.27
N ASP D 112 -13.38 43.58 -71.43
CA ASP D 112 -13.63 44.98 -71.74
C ASP D 112 -13.00 45.29 -73.09
N SER D 113 -11.76 44.87 -73.26
CA SER D 113 -11.06 45.09 -74.52
C SER D 113 -11.78 44.42 -75.69
N ASN D 114 -12.21 43.18 -75.51
CA ASN D 114 -12.89 42.49 -76.59
C ASN D 114 -14.17 43.21 -77.02
N VAL D 115 -14.95 43.64 -76.05
CA VAL D 115 -16.20 44.34 -76.35
C VAL D 115 -15.86 45.65 -77.08
N LYS D 116 -14.84 46.34 -76.59
CA LYS D 116 -14.40 47.59 -77.20
C LYS D 116 -13.99 47.39 -78.65
N ASN D 117 -13.07 46.47 -78.89
CA ASN D 117 -12.60 46.20 -80.25
C ASN D 117 -13.70 45.75 -81.21
N LEU D 118 -14.68 45.00 -80.71
CA LEU D 118 -15.77 44.54 -81.57
C LEU D 118 -16.60 45.76 -81.97
N TYR D 119 -16.86 46.63 -81.00
CA TYR D 119 -17.62 47.84 -81.25
C TYR D 119 -16.93 48.71 -82.29
N GLU D 120 -15.63 48.92 -82.13
CA GLU D 120 -14.87 49.73 -83.07
C GLU D 120 -14.77 49.06 -84.45
N LYS D 121 -15.02 47.75 -84.49
CA LYS D 121 -14.96 47.03 -85.76
C LYS D 121 -16.23 47.31 -86.57
N VAL D 122 -17.37 47.31 -85.89
CA VAL D 122 -18.64 47.57 -86.53
C VAL D 122 -18.80 49.07 -86.85
N LYS D 123 -18.27 49.92 -85.98
CA LYS D 123 -18.36 51.36 -86.21
C LYS D 123 -17.67 51.71 -87.52
N SER D 124 -16.52 51.09 -87.77
CA SER D 124 -15.78 51.38 -88.99
C SER D 124 -16.54 50.92 -90.24
N GLN D 125 -17.41 49.93 -90.09
CA GLN D 125 -18.18 49.43 -91.22
C GLN D 125 -19.38 50.33 -91.51
N LEU D 126 -20.11 50.67 -90.46
CA LEU D 126 -21.29 51.51 -90.57
C LEU D 126 -20.97 53.01 -90.62
N LYS D 127 -19.71 53.34 -90.36
CA LYS D 127 -19.22 54.70 -90.35
C LYS D 127 -19.99 55.74 -91.18
N ASN D 128 -20.30 55.41 -92.43
CA ASN D 128 -21.00 56.35 -93.29
C ASN D 128 -22.41 55.94 -93.68
N ASN D 129 -23.02 55.03 -92.93
CA ASN D 129 -24.37 54.57 -93.26
C ASN D 129 -25.32 54.49 -92.07
N ALA D 130 -24.96 55.19 -91.01
CA ALA D 130 -25.77 55.20 -89.79
C ALA D 130 -25.11 56.15 -88.82
N LYS D 131 -25.80 56.49 -87.74
CA LYS D 131 -25.20 57.37 -86.76
C LYS D 131 -25.02 56.65 -85.43
N GLU D 132 -23.99 57.06 -84.69
CA GLU D 132 -23.71 56.46 -83.39
C GLU D 132 -24.65 57.00 -82.33
N ILE D 133 -25.55 56.17 -81.85
CA ILE D 133 -26.47 56.61 -80.82
C ILE D 133 -25.65 56.98 -79.58
N GLY D 134 -24.77 56.07 -79.16
CA GLY D 134 -23.94 56.32 -78.00
C GLY D 134 -23.97 55.19 -76.98
N ASN D 135 -25.05 54.42 -76.99
CA ASN D 135 -25.21 53.30 -76.06
C ASN D 135 -24.62 52.05 -76.68
N GLY D 136 -23.83 52.24 -77.74
CA GLY D 136 -23.24 51.11 -78.42
C GLY D 136 -24.14 50.68 -79.56
N CYS D 137 -25.10 51.53 -79.91
CA CYS D 137 -26.03 51.22 -80.99
C CYS D 137 -25.77 52.10 -82.22
N PHE D 138 -26.31 51.67 -83.35
CA PHE D 138 -26.18 52.40 -84.60
C PHE D 138 -27.52 52.44 -85.33
N GLU D 139 -27.95 53.62 -85.72
CA GLU D 139 -29.23 53.75 -86.45
C GLU D 139 -28.92 53.87 -87.93
N PHE D 140 -29.27 52.84 -88.70
CA PHE D 140 -29.02 52.86 -90.13
C PHE D 140 -29.76 53.98 -90.82
N TYR D 141 -29.10 54.61 -91.78
CA TYR D 141 -29.70 55.69 -92.55
C TYR D 141 -30.73 55.07 -93.49
N HIS D 142 -30.28 54.08 -94.26
CA HIS D 142 -31.12 53.40 -95.23
C HIS D 142 -31.97 52.27 -94.66
N LYS D 143 -31.72 51.89 -93.41
CA LYS D 143 -32.47 50.81 -92.78
C LYS D 143 -32.30 49.51 -93.58
N CYS D 144 -31.59 48.54 -93.00
CA CYS D 144 -31.33 47.27 -93.67
C CYS D 144 -31.99 46.06 -93.03
N ASP D 145 -32.62 45.23 -93.85
CA ASP D 145 -33.31 44.02 -93.40
C ASP D 145 -32.37 43.03 -92.73
N ASN D 146 -32.92 41.87 -92.37
CA ASN D 146 -32.15 40.82 -91.70
C ASN D 146 -30.98 40.30 -92.52
N GLU D 147 -31.17 40.18 -93.83
CA GLU D 147 -30.10 39.70 -94.69
C GLU D 147 -28.94 40.66 -94.70
N CYS D 148 -29.22 41.93 -94.38
CA CYS D 148 -28.18 42.94 -94.34
C CYS D 148 -27.60 43.03 -92.93
N MET D 149 -28.45 42.84 -91.93
CA MET D 149 -27.99 42.87 -90.54
C MET D 149 -26.92 41.80 -90.40
N GLU D 150 -27.05 40.74 -91.18
CA GLU D 150 -26.10 39.65 -91.15
C GLU D 150 -24.77 40.08 -91.76
N SER D 151 -24.83 40.86 -92.83
CA SER D 151 -23.60 41.33 -93.49
C SER D 151 -22.77 42.14 -92.49
N VAL D 152 -23.43 42.62 -91.45
CA VAL D 152 -22.75 43.41 -90.42
C VAL D 152 -22.07 42.46 -89.43
N ARG D 153 -22.79 41.41 -89.06
CA ARG D 153 -22.28 40.42 -88.11
C ARG D 153 -21.08 39.64 -88.66
N ASN D 154 -21.15 39.25 -89.94
CA ASN D 154 -20.05 38.47 -90.53
C ASN D 154 -18.93 39.33 -91.10
N GLY D 155 -18.88 40.60 -90.70
CA GLY D 155 -17.83 41.50 -91.16
C GLY D 155 -17.74 41.91 -92.61
N THR D 156 -18.85 41.85 -93.36
CA THR D 156 -18.83 42.24 -94.76
C THR D 156 -19.45 43.63 -94.93
N TYR D 157 -20.75 43.68 -95.22
CA TYR D 157 -21.46 44.94 -95.39
C TYR D 157 -20.89 45.75 -96.56
N ASP D 158 -19.66 46.23 -96.41
CA ASP D 158 -18.98 47.01 -97.43
C ASP D 158 -19.95 47.82 -98.30
N TYR D 159 -20.59 48.82 -97.70
CA TYR D 159 -21.53 49.67 -98.40
C TYR D 159 -21.36 51.14 -98.01
N PRO D 160 -20.11 51.65 -98.04
CA PRO D 160 -19.84 53.05 -97.68
C PRO D 160 -20.64 54.05 -98.52
N ASP E 5 -16.43 79.95 -75.70
CA ASP E 5 -16.49 79.09 -74.49
C ASP E 5 -15.78 77.76 -74.73
N THR E 6 -14.92 77.40 -73.80
CA THR E 6 -14.14 76.17 -73.90
C THR E 6 -14.19 75.32 -72.62
N ILE E 7 -13.77 74.08 -72.75
CA ILE E 7 -13.72 73.15 -71.62
C ILE E 7 -12.65 72.10 -71.95
N CYS E 8 -11.66 72.00 -71.09
CA CYS E 8 -10.58 71.04 -71.30
C CYS E 8 -10.56 69.95 -70.24
N ILE E 9 -10.21 68.74 -70.65
CA ILE E 9 -10.11 67.60 -69.75
C ILE E 9 -8.61 67.47 -69.44
N GLY E 10 -8.28 67.38 -68.16
CA GLY E 10 -6.87 67.26 -67.80
C GLY E 10 -6.62 66.47 -66.53
N TYR E 11 -5.38 66.50 -66.06
CA TYR E 11 -5.01 65.75 -64.86
C TYR E 11 -4.04 66.48 -63.93
N HIS E 12 -4.17 66.15 -62.64
CA HIS E 12 -3.37 66.73 -61.57
C HIS E 12 -1.86 66.69 -61.79
N ALA E 13 -1.18 67.66 -61.17
CA ALA E 13 0.27 67.80 -61.24
C ALA E 13 0.62 68.59 -59.98
N ASN E 14 1.85 68.46 -59.49
CA ASN E 14 2.25 69.18 -58.29
C ASN E 14 3.76 69.36 -58.16
N ASN E 15 4.23 69.67 -56.96
CA ASN E 15 5.65 69.90 -56.73
C ASN E 15 6.39 68.68 -56.15
N SER E 16 5.76 67.52 -56.20
CA SER E 16 6.35 66.29 -55.67
C SER E 16 7.57 65.84 -56.45
N THR E 17 8.56 65.31 -55.76
CA THR E 17 9.77 64.81 -56.42
C THR E 17 9.94 63.32 -56.14
N ASP E 18 8.89 62.71 -55.59
CA ASP E 18 8.92 61.28 -55.29
C ASP E 18 9.13 60.50 -56.58
N THR E 19 10.00 59.50 -56.52
CA THR E 19 10.24 58.68 -57.70
C THR E 19 9.96 57.22 -57.39
N VAL E 20 9.57 56.47 -58.41
CA VAL E 20 9.29 55.06 -58.26
C VAL E 20 9.81 54.38 -59.51
N ASP E 21 10.07 53.08 -59.42
CA ASP E 21 10.54 52.36 -60.58
C ASP E 21 9.42 51.48 -61.12
N THR E 22 9.42 51.28 -62.42
CA THR E 22 8.42 50.44 -63.07
C THR E 22 9.18 49.44 -63.92
N VAL E 23 8.43 48.56 -64.58
CA VAL E 23 9.00 47.53 -65.43
C VAL E 23 9.71 48.15 -66.63
N LEU E 24 9.05 49.10 -67.26
CA LEU E 24 9.57 49.76 -68.46
C LEU E 24 10.51 50.92 -68.22
N GLU E 25 10.33 51.62 -67.12
CA GLU E 25 11.17 52.79 -66.84
C GLU E 25 11.50 52.98 -65.37
N LYS E 26 12.73 53.40 -65.10
CA LYS E 26 13.20 53.64 -63.73
C LYS E 26 13.16 55.13 -63.39
N ASN E 27 13.18 55.41 -62.09
CA ASN E 27 13.16 56.77 -61.57
C ASN E 27 12.13 57.66 -62.28
N VAL E 28 10.86 57.35 -62.07
CA VAL E 28 9.76 58.11 -62.66
C VAL E 28 9.15 58.96 -61.56
N THR E 29 9.09 60.27 -61.79
CA THR E 29 8.53 61.19 -60.81
C THR E 29 7.00 61.10 -60.79
N VAL E 30 6.42 60.99 -59.60
CA VAL E 30 4.97 60.87 -59.48
C VAL E 30 4.40 61.81 -58.42
N THR E 31 3.12 62.13 -58.58
CA THR E 31 2.44 63.06 -57.68
C THR E 31 2.19 62.55 -56.27
N HIS E 32 1.84 61.27 -56.15
CA HIS E 32 1.58 60.67 -54.84
C HIS E 32 2.14 59.24 -54.82
N SER E 33 2.56 58.80 -53.63
CA SER E 33 3.10 57.46 -53.49
C SER E 33 3.20 57.10 -52.02
N VAL E 34 3.38 55.82 -51.74
CA VAL E 34 3.50 55.34 -50.37
C VAL E 34 4.72 54.44 -50.25
N ASN E 35 5.47 54.61 -49.16
CA ASN E 35 6.64 53.79 -48.91
C ASN E 35 6.17 52.54 -48.17
N LEU E 36 6.63 51.37 -48.61
CA LEU E 36 6.24 50.11 -47.99
C LEU E 36 7.39 49.48 -47.23
N LEU E 37 8.56 50.12 -47.28
CA LEU E 37 9.76 49.60 -46.63
C LEU E 37 10.17 50.39 -45.38
N GLU E 38 10.05 49.78 -44.21
CA GLU E 38 10.45 50.45 -42.97
C GLU E 38 11.95 50.38 -42.83
N ASP E 39 12.59 51.55 -42.72
CA ASP E 39 14.05 51.62 -42.59
C ASP E 39 14.42 52.41 -41.35
N SER E 40 13.43 52.77 -40.56
CA SER E 40 13.68 53.54 -39.35
C SER E 40 13.58 52.70 -38.09
N HIS E 41 14.57 52.83 -37.24
CA HIS E 41 14.53 52.12 -35.99
C HIS E 41 14.98 53.06 -34.88
N ASN E 42 14.48 52.74 -33.71
CA ASN E 42 14.62 53.44 -32.45
C ASN E 42 16.01 53.41 -31.81
N GLY E 43 16.86 52.49 -32.26
CA GLY E 43 18.13 52.34 -31.56
C GLY E 43 17.56 51.83 -30.25
N LYS E 44 18.35 51.55 -29.24
CA LYS E 44 17.73 51.13 -27.97
C LYS E 44 16.98 49.78 -27.92
N LEU E 45 17.10 49.11 -26.78
CA LEU E 45 16.43 47.85 -26.52
C LEU E 45 15.24 48.25 -25.64
N CYS E 46 14.04 47.80 -25.99
CA CYS E 46 12.88 48.18 -25.21
C CYS E 46 12.16 47.03 -24.54
N ARG E 47 11.16 47.39 -23.75
CA ARG E 47 10.33 46.41 -23.08
C ARG E 47 9.44 45.94 -24.22
N LEU E 48 8.97 44.70 -24.15
CA LEU E 48 8.11 44.16 -25.18
C LEU E 48 6.72 44.04 -24.55
N LYS E 49 5.83 44.94 -24.94
CA LYS E 49 4.47 44.94 -24.39
C LYS E 49 4.53 45.01 -22.86
N GLY E 50 5.36 45.94 -22.38
CA GLY E 50 5.49 46.14 -20.95
C GLY E 50 6.53 45.32 -20.20
N ILE E 51 7.00 44.23 -20.78
CA ILE E 51 7.97 43.39 -20.08
C ILE E 51 9.41 43.58 -20.55
N ALA E 52 10.31 43.76 -19.59
CA ALA E 52 11.73 43.97 -19.89
C ALA E 52 12.44 42.67 -20.22
N PRO E 53 13.48 42.75 -21.07
CA PRO E 53 14.25 41.56 -21.44
C PRO E 53 15.26 41.24 -20.35
N LEU E 54 15.93 40.10 -20.49
CA LEU E 54 16.94 39.69 -19.54
C LEU E 54 18.26 40.04 -20.21
N GLN E 55 19.08 40.84 -19.55
CA GLN E 55 20.38 41.23 -20.11
C GLN E 55 21.50 40.51 -19.41
N LEU E 56 22.03 39.48 -20.06
CA LEU E 56 23.11 38.69 -19.49
C LEU E 56 24.42 39.48 -19.48
N GLY E 57 24.47 40.57 -20.24
CA GLY E 57 25.66 41.41 -20.28
C GLY E 57 26.95 40.64 -20.53
N LYS E 58 27.84 40.67 -19.54
CA LYS E 58 29.13 39.98 -19.62
C LYS E 58 28.99 38.46 -19.51
N CYS E 59 27.81 37.99 -19.18
CA CYS E 59 27.55 36.56 -19.01
C CYS E 59 26.81 35.94 -20.18
N ASN E 60 26.88 34.61 -20.29
CA ASN E 60 26.13 33.90 -21.33
C ASN E 60 25.21 32.93 -20.61
N ILE E 61 24.36 32.22 -21.34
CA ILE E 61 23.41 31.29 -20.74
C ILE E 61 24.05 30.34 -19.72
N ALA E 62 25.17 29.73 -20.08
CA ALA E 62 25.89 28.82 -19.20
C ALA E 62 26.22 29.49 -17.87
N GLY E 63 26.85 30.66 -17.94
CA GLY E 63 27.22 31.35 -16.71
C GLY E 63 26.01 31.68 -15.85
N TRP E 64 24.93 32.05 -16.50
CA TRP E 64 23.70 32.41 -15.80
C TRP E 64 23.03 31.21 -15.11
N LEU E 65 22.84 30.12 -15.85
CA LEU E 65 22.19 28.93 -15.29
C LEU E 65 23.05 28.17 -14.28
N LEU E 66 24.37 28.15 -14.48
CA LEU E 66 25.23 27.45 -13.53
C LEU E 66 25.45 28.28 -12.27
N GLY E 67 25.39 29.59 -12.42
CA GLY E 67 25.61 30.46 -11.27
C GLY E 67 27.06 30.91 -11.20
N ASN E 68 27.63 31.23 -12.35
CA ASN E 68 29.01 31.72 -12.40
C ASN E 68 29.01 32.99 -11.52
N PRO E 69 29.87 33.05 -10.49
CA PRO E 69 29.95 34.21 -9.59
C PRO E 69 29.96 35.57 -10.29
N GLU E 70 30.50 35.63 -11.50
CA GLU E 70 30.52 36.88 -12.26
C GLU E 70 29.11 37.27 -12.70
N CYS E 71 28.14 36.39 -12.50
CA CYS E 71 26.76 36.65 -12.91
C CYS E 71 25.76 36.81 -11.77
N ASP E 72 26.24 37.09 -10.57
CA ASP E 72 25.34 37.25 -9.42
C ASP E 72 24.24 38.31 -9.63
N PRO E 73 24.54 39.43 -10.31
CA PRO E 73 23.50 40.43 -10.50
C PRO E 73 22.23 39.87 -11.15
N LEU E 74 22.36 38.74 -11.82
CA LEU E 74 21.24 38.10 -12.51
C LEU E 74 20.44 37.12 -11.65
N LEU E 75 20.97 36.74 -10.50
CA LEU E 75 20.29 35.79 -9.62
C LEU E 75 18.82 36.05 -9.29
N PRO E 76 18.44 37.30 -9.03
CA PRO E 76 17.03 37.61 -8.70
C PRO E 76 16.02 37.71 -9.85
N VAL E 77 16.47 37.93 -11.08
CA VAL E 77 15.55 38.05 -12.20
C VAL E 77 14.69 36.80 -12.36
N ARG E 78 13.37 36.98 -12.41
CA ARG E 78 12.44 35.86 -12.53
C ARG E 78 11.63 35.78 -13.81
N SER E 79 11.48 36.88 -14.52
CA SER E 79 10.71 36.88 -15.75
C SER E 79 11.30 37.86 -16.73
N TRP E 80 11.01 37.66 -18.01
CA TRP E 80 11.53 38.51 -19.08
C TRP E 80 10.75 38.29 -20.37
N SER E 81 10.89 39.20 -21.33
CA SER E 81 10.19 39.09 -22.61
C SER E 81 11.06 38.45 -23.68
N TYR E 82 12.38 38.57 -23.53
CA TYR E 82 13.35 37.98 -24.45
C TYR E 82 14.72 38.06 -23.80
N ILE E 83 15.66 37.27 -24.29
CA ILE E 83 17.00 37.26 -23.72
C ILE E 83 18.01 37.96 -24.62
N VAL E 84 18.89 38.72 -24.00
CA VAL E 84 19.91 39.46 -24.74
C VAL E 84 21.32 39.12 -24.30
N GLU E 85 22.15 38.70 -25.27
CA GLU E 85 23.55 38.42 -24.99
C GLU E 85 24.29 39.53 -25.72
N THR E 86 25.51 39.82 -25.30
CA THR E 86 26.29 40.87 -25.93
C THR E 86 27.55 40.28 -26.55
N PRO E 87 28.25 41.07 -27.36
CA PRO E 87 29.48 40.56 -27.98
C PRO E 87 30.48 40.26 -26.86
N ASN E 88 30.20 40.76 -25.66
CA ASN E 88 31.07 40.56 -24.51
C ASN E 88 30.60 39.49 -23.52
N SER E 89 29.61 38.69 -23.91
CA SER E 89 29.11 37.64 -23.04
C SER E 89 30.12 36.50 -23.01
N GLU E 90 31.21 36.71 -22.28
CA GLU E 90 32.29 35.72 -22.17
C GLU E 90 32.21 34.77 -20.98
N ASN E 91 31.72 35.25 -19.85
CA ASN E 91 31.64 34.43 -18.65
C ASN E 91 30.54 33.37 -18.66
N GLY E 92 30.93 32.16 -19.02
CA GLY E 92 30.01 31.03 -19.04
C GLY E 92 30.51 30.11 -17.95
N ILE E 93 31.07 28.97 -18.34
CA ILE E 93 31.59 28.04 -17.35
C ILE E 93 32.96 28.59 -16.94
N CYS E 94 33.30 28.48 -15.66
CA CYS E 94 34.59 28.98 -15.19
C CYS E 94 35.59 27.84 -14.96
N TYR E 95 35.08 26.64 -14.68
CA TYR E 95 35.97 25.50 -14.52
C TYR E 95 35.85 24.82 -15.88
N PRO E 96 36.98 24.63 -16.58
CA PRO E 96 37.03 24.00 -17.90
C PRO E 96 36.35 22.64 -18.04
N GLY E 97 35.64 22.47 -19.15
CA GLY E 97 34.96 21.22 -19.40
C GLY E 97 33.98 21.38 -20.54
N ASP E 98 33.13 20.38 -20.73
CA ASP E 98 32.14 20.43 -21.79
C ASP E 98 30.75 20.53 -21.17
N PHE E 99 29.89 21.31 -21.81
CA PHE E 99 28.52 21.50 -21.34
C PHE E 99 27.69 20.66 -22.32
N ILE E 100 27.35 19.44 -21.92
CA ILE E 100 26.59 18.55 -22.80
C ILE E 100 25.20 19.07 -23.18
N ASP E 101 24.95 19.07 -24.49
CA ASP E 101 23.68 19.55 -25.05
C ASP E 101 23.37 21.00 -24.68
N TYR E 102 24.40 21.82 -24.65
CA TYR E 102 24.25 23.23 -24.33
C TYR E 102 23.34 23.97 -25.30
N GLU E 103 23.46 23.68 -26.60
CA GLU E 103 22.63 24.35 -27.59
C GLU E 103 21.15 24.05 -27.38
N GLU E 104 20.82 22.80 -27.06
CA GLU E 104 19.44 22.41 -26.81
C GLU E 104 18.92 23.10 -25.55
N LEU E 105 19.78 23.28 -24.56
CA LEU E 105 19.37 23.94 -23.33
C LEU E 105 19.05 25.40 -23.66
N ARG E 106 19.83 26.02 -24.54
CA ARG E 106 19.59 27.40 -24.94
C ARG E 106 18.25 27.47 -25.65
N GLU E 107 18.00 26.49 -26.52
CA GLU E 107 16.74 26.45 -27.25
C GLU E 107 15.59 26.33 -26.26
N GLN E 108 15.78 25.53 -25.21
CA GLN E 108 14.75 25.35 -24.20
C GLN E 108 14.42 26.68 -23.50
N LEU E 109 15.44 27.39 -23.02
CA LEU E 109 15.22 28.65 -22.34
C LEU E 109 14.53 29.69 -23.22
N SER E 110 14.61 29.47 -24.53
CA SER E 110 14.01 30.37 -25.52
C SER E 110 12.48 30.44 -25.49
N SER E 111 11.84 29.46 -24.84
CA SER E 111 10.39 29.47 -24.75
C SER E 111 9.97 29.57 -23.29
N VAL E 112 10.92 29.98 -22.46
CA VAL E 112 10.66 30.15 -21.04
C VAL E 112 10.37 31.63 -20.77
N SER E 113 9.18 31.92 -20.27
CA SER E 113 8.77 33.29 -19.98
C SER E 113 9.19 33.68 -18.57
N SER E 114 9.35 32.69 -17.71
CA SER E 114 9.76 32.93 -16.34
C SER E 114 10.03 31.64 -15.59
N PHE E 115 10.73 31.74 -14.46
CA PHE E 115 10.99 30.57 -13.64
C PHE E 115 11.21 30.98 -12.20
N GLU E 116 11.27 30.01 -11.32
CA GLU E 116 11.57 30.31 -9.92
C GLU E 116 12.81 29.51 -9.55
N ARG E 117 13.82 30.20 -9.06
CA ARG E 117 15.06 29.58 -8.63
C ARG E 117 14.85 29.19 -7.18
N PHE E 118 14.98 27.89 -6.88
CA PHE E 118 14.77 27.39 -5.52
C PHE E 118 15.81 26.32 -5.13
N GLU E 119 15.98 26.11 -3.84
CA GLU E 119 16.93 25.11 -3.34
C GLU E 119 16.38 23.71 -3.44
N ILE E 120 16.87 22.95 -4.41
CA ILE E 120 16.42 21.58 -4.58
C ILE E 120 17.11 20.70 -3.52
N PHE E 121 18.35 21.05 -3.19
CA PHE E 121 19.10 20.31 -2.18
C PHE E 121 19.82 21.32 -1.28
N PRO E 122 19.19 21.73 -0.18
CA PRO E 122 19.81 22.69 0.75
C PRO E 122 21.25 22.30 1.10
N LYS E 123 22.17 23.26 1.01
CA LYS E 123 23.58 23.00 1.31
C LYS E 123 23.78 22.31 2.66
N GLU E 124 23.03 22.75 3.66
CA GLU E 124 23.15 22.16 4.99
C GLU E 124 21.91 21.36 5.36
N SER E 125 22.07 20.04 5.37
CA SER E 125 21.03 19.07 5.70
C SER E 125 20.90 18.03 4.60
N SER E 126 21.40 18.36 3.41
CA SER E 126 21.33 17.44 2.30
C SER E 126 22.53 16.49 2.26
N TRP E 127 23.69 16.99 2.67
CA TRP E 127 24.91 16.19 2.64
C TRP E 127 25.63 16.12 3.99
N PRO E 128 24.99 15.47 4.98
CA PRO E 128 25.53 15.31 6.34
C PRO E 128 26.92 14.69 6.44
N ASN E 129 27.22 13.72 5.57
CA ASN E 129 28.49 13.02 5.60
C ASN E 129 29.54 13.41 4.56
N HIS E 130 29.42 14.60 3.99
CA HIS E 130 30.38 15.03 2.98
C HIS E 130 30.74 16.50 3.16
N ASN E 131 31.93 16.89 2.72
CA ASN E 131 32.30 18.30 2.82
C ASN E 131 31.68 18.95 1.59
N THR E 132 31.34 20.23 1.72
CA THR E 132 30.71 20.97 0.62
C THR E 132 31.41 22.31 0.41
N ASN E 133 32.49 22.52 1.13
CA ASN E 133 33.25 23.77 1.08
C ASN E 133 34.13 23.93 -0.16
N GLY E 134 34.20 22.89 -0.99
CA GLY E 134 35.01 22.94 -2.19
C GLY E 134 34.92 24.22 -3.02
N VAL E 135 36.07 24.81 -3.34
CA VAL E 135 36.13 26.02 -4.16
C VAL E 135 37.32 25.94 -5.11
N THR E 136 37.40 26.86 -6.07
CA THR E 136 38.49 26.83 -7.04
C THR E 136 38.82 28.24 -7.49
N ALA E 137 40.08 28.50 -7.81
CA ALA E 137 40.51 29.81 -8.27
C ALA E 137 39.99 30.07 -9.68
N ALA E 138 39.46 29.02 -10.30
CA ALA E 138 38.94 29.14 -11.65
C ALA E 138 37.62 29.90 -11.60
N CYS E 139 36.93 29.82 -10.47
CA CYS E 139 35.67 30.53 -10.29
C CYS E 139 35.82 31.45 -9.11
N SER E 140 36.78 32.37 -9.20
CA SER E 140 37.03 33.32 -8.12
C SER E 140 36.06 34.50 -8.13
N HIS E 141 35.86 35.09 -6.96
CA HIS E 141 35.00 36.24 -6.79
C HIS E 141 35.65 37.09 -5.70
N GLU E 142 35.82 38.38 -5.98
CA GLU E 142 36.47 39.28 -5.02
C GLU E 142 37.90 38.78 -4.73
N GLY E 143 38.57 38.33 -5.78
CA GLY E 143 39.93 37.84 -5.63
C GLY E 143 40.08 36.60 -4.75
N LYS E 144 38.98 35.93 -4.44
CA LYS E 144 39.03 34.73 -3.61
C LYS E 144 38.44 33.54 -4.35
N SER E 145 39.01 32.35 -4.13
CA SER E 145 38.48 31.15 -4.77
C SER E 145 37.02 31.01 -4.35
N SER E 146 36.16 30.66 -5.31
CA SER E 146 34.75 30.48 -5.01
C SER E 146 34.17 29.35 -5.85
N PHE E 147 32.86 29.35 -6.06
CA PHE E 147 32.22 28.31 -6.86
C PHE E 147 30.83 28.73 -7.36
N TYR E 148 30.26 27.93 -8.23
CA TYR E 148 28.93 28.19 -8.79
C TYR E 148 27.94 28.40 -7.65
N ARG E 149 27.02 29.34 -7.83
CA ARG E 149 26.04 29.58 -6.78
C ARG E 149 24.93 28.52 -6.81
N ASN E 150 24.81 27.79 -7.92
CA ASN E 150 23.76 26.78 -8.02
C ASN E 150 24.21 25.33 -7.89
N LEU E 151 25.51 25.12 -7.69
CA LEU E 151 26.06 23.79 -7.56
C LEU E 151 26.93 23.71 -6.30
N LEU E 152 27.21 22.49 -5.86
CA LEU E 152 28.04 22.25 -4.68
C LEU E 152 29.10 21.20 -4.97
N TRP E 153 30.35 21.53 -4.65
CA TRP E 153 31.43 20.60 -4.86
C TRP E 153 31.54 19.68 -3.64
N LEU E 154 31.04 18.45 -3.76
CA LEU E 154 31.09 17.50 -2.66
C LEU E 154 32.43 16.77 -2.63
N THR E 155 33.01 16.63 -1.45
CA THR E 155 34.27 15.93 -1.29
C THR E 155 34.33 15.13 0.01
N GLU E 156 35.39 14.35 0.14
CA GLU E 156 35.63 13.52 1.30
C GLU E 156 35.55 14.29 2.62
N LYS E 157 35.04 13.62 3.65
CA LYS E 157 34.94 14.22 4.97
C LYS E 157 35.56 13.26 5.98
N GLU E 158 36.60 13.73 6.68
CA GLU E 158 37.28 12.92 7.68
C GLU E 158 37.82 11.62 7.07
N GLY E 159 38.50 11.75 5.94
CA GLY E 159 39.08 10.59 5.28
C GLY E 159 38.11 9.61 4.64
N SER E 160 36.83 9.98 4.55
CA SER E 160 35.86 9.07 3.95
C SER E 160 34.76 9.73 3.11
N TYR E 161 34.39 9.07 2.02
CA TYR E 161 33.35 9.54 1.10
C TYR E 161 32.33 8.42 0.96
N PRO E 162 31.31 8.39 1.82
CA PRO E 162 30.26 7.37 1.80
C PRO E 162 29.45 7.44 0.50
N LYS E 163 28.93 6.31 0.05
CA LYS E 163 28.12 6.34 -1.15
C LYS E 163 26.89 7.16 -0.80
N LEU E 164 26.58 8.16 -1.61
CA LEU E 164 25.43 8.98 -1.33
C LEU E 164 24.26 8.69 -2.26
N LYS E 165 23.06 8.88 -1.76
CA LYS E 165 21.85 8.67 -2.54
C LYS E 165 20.83 9.68 -2.05
N ASN E 166 20.58 10.67 -2.88
CA ASN E 166 19.64 11.71 -2.53
C ASN E 166 18.66 11.88 -3.68
N SER E 167 17.41 12.13 -3.32
CA SER E 167 16.38 12.30 -4.33
C SER E 167 15.54 13.53 -4.06
N TYR E 168 14.79 13.92 -5.07
CA TYR E 168 13.91 15.08 -4.99
C TYR E 168 12.66 14.82 -5.80
N VAL E 169 11.51 15.10 -5.20
CA VAL E 169 10.23 14.90 -5.85
C VAL E 169 9.72 16.27 -6.33
N ASN E 170 9.45 16.37 -7.62
CA ASN E 170 8.97 17.63 -8.18
C ASN E 170 7.51 17.89 -7.82
N LYS E 171 7.31 18.80 -6.87
CA LYS E 171 5.95 19.14 -6.44
C LYS E 171 5.66 20.61 -6.77
N LYS E 172 6.37 21.14 -7.75
CA LYS E 172 6.20 22.53 -8.16
C LYS E 172 5.06 22.74 -9.17
N GLY E 173 4.55 21.66 -9.74
CA GLY E 173 3.48 21.80 -10.71
C GLY E 173 3.98 22.28 -12.06
N LYS E 174 5.30 22.25 -12.24
CA LYS E 174 5.93 22.68 -13.50
C LYS E 174 7.22 21.88 -13.73
N GLU E 175 7.74 21.95 -14.95
CA GLU E 175 8.99 21.26 -15.27
C GLU E 175 10.08 21.92 -14.45
N VAL E 176 10.99 21.13 -13.90
CA VAL E 176 12.08 21.68 -13.13
C VAL E 176 13.40 21.36 -13.84
N LEU E 177 14.16 22.41 -14.14
CA LEU E 177 15.44 22.26 -14.79
C LEU E 177 16.47 21.96 -13.72
N VAL E 178 17.14 20.82 -13.83
CA VAL E 178 18.16 20.44 -12.87
C VAL E 178 19.52 20.37 -13.58
N LEU E 179 20.54 20.95 -12.97
CA LEU E 179 21.88 20.92 -13.55
C LEU E 179 22.84 20.33 -12.53
N TRP E 180 23.93 19.75 -13.01
CA TRP E 180 24.91 19.17 -12.11
C TRP E 180 26.19 18.94 -12.90
N GLY E 181 27.26 18.58 -12.21
CA GLY E 181 28.50 18.36 -12.92
C GLY E 181 29.20 17.10 -12.47
N ILE E 182 30.17 16.69 -13.26
CA ILE E 182 30.98 15.51 -12.97
C ILE E 182 32.39 16.02 -13.01
N HIS E 183 33.15 15.83 -11.94
CA HIS E 183 34.53 16.31 -11.91
C HIS E 183 35.49 15.21 -12.35
N HIS E 184 36.44 15.57 -13.20
CA HIS E 184 37.44 14.65 -13.73
C HIS E 184 38.84 15.11 -13.32
N PRO E 185 39.41 14.50 -12.27
CA PRO E 185 40.75 14.89 -11.81
C PRO E 185 41.85 14.61 -12.84
N PRO E 186 42.99 15.30 -12.73
CA PRO E 186 44.11 15.11 -13.65
C PRO E 186 44.98 13.88 -13.37
N ASN E 187 44.96 13.40 -12.13
CA ASN E 187 45.74 12.21 -11.73
C ASN E 187 45.05 11.46 -10.60
N SER E 188 45.35 10.15 -10.51
CA SER E 188 44.75 9.30 -9.49
C SER E 188 44.96 9.80 -8.06
N LYS E 189 46.05 10.53 -7.85
CA LYS E 189 46.36 11.04 -6.53
C LYS E 189 45.26 12.01 -6.06
N GLU E 190 44.88 12.92 -6.94
CA GLU E 190 43.84 13.90 -6.64
C GLU E 190 42.51 13.17 -6.50
N GLN E 191 42.26 12.22 -7.39
CA GLN E 191 41.02 11.45 -7.34
C GLN E 191 40.85 10.90 -5.93
N GLN E 192 41.91 10.29 -5.41
CA GLN E 192 41.88 9.68 -4.08
C GLN E 192 41.82 10.71 -2.94
N ASN E 193 42.57 11.80 -3.07
CA ASN E 193 42.56 12.83 -2.02
C ASN E 193 41.19 13.47 -1.88
N LEU E 194 40.51 13.68 -3.00
CA LEU E 194 39.19 14.30 -2.98
C LEU E 194 38.02 13.34 -2.73
N TYR E 195 38.07 12.15 -3.33
CA TYR E 195 36.94 11.22 -3.16
C TYR E 195 37.20 9.88 -2.47
N GLN E 196 38.44 9.64 -2.06
CA GLN E 196 38.79 8.41 -1.36
C GLN E 196 38.71 7.14 -2.22
N ASN E 197 37.60 6.98 -2.95
CA ASN E 197 37.43 5.80 -3.79
C ASN E 197 38.07 6.02 -5.15
N GLU E 198 38.78 5.00 -5.65
CA GLU E 198 39.46 5.10 -6.94
C GLU E 198 38.54 4.77 -8.12
N ASN E 199 37.58 3.87 -7.89
CA ASN E 199 36.63 3.49 -8.93
C ASN E 199 35.24 4.05 -8.62
N ALA E 200 35.16 5.38 -8.69
CA ALA E 200 33.91 6.09 -8.40
C ALA E 200 32.97 6.18 -9.60
N TYR E 201 31.72 6.51 -9.32
CA TYR E 201 30.74 6.64 -10.38
C TYR E 201 29.60 7.51 -9.89
N VAL E 202 28.89 8.10 -10.85
CA VAL E 202 27.76 8.93 -10.54
C VAL E 202 26.59 8.43 -11.36
N SER E 203 25.44 8.30 -10.73
CA SER E 203 24.23 7.87 -11.40
C SER E 203 23.15 8.91 -11.16
N VAL E 204 22.41 9.25 -12.21
CA VAL E 204 21.33 10.22 -12.11
C VAL E 204 20.17 9.63 -12.91
N VAL E 205 19.00 9.55 -12.29
CA VAL E 205 17.85 8.98 -12.97
C VAL E 205 16.51 9.64 -12.61
N THR E 206 15.57 9.58 -13.54
CA THR E 206 14.22 10.11 -13.36
C THR E 206 13.35 9.05 -14.02
N SER E 207 12.07 9.33 -14.21
CA SER E 207 11.21 8.34 -14.85
C SER E 207 11.53 8.22 -16.33
N ASN E 208 12.19 9.24 -16.88
CA ASN E 208 12.51 9.21 -18.30
C ASN E 208 13.95 9.61 -18.63
N TYR E 209 14.81 9.70 -17.62
CA TYR E 209 16.22 10.05 -17.81
C TYR E 209 17.04 8.99 -17.07
N ASN E 210 18.10 8.50 -17.69
CA ASN E 210 18.90 7.44 -17.10
C ASN E 210 20.35 7.50 -17.58
N ARG E 211 21.25 7.97 -16.74
CA ARG E 211 22.65 8.05 -17.15
C ARG E 211 23.65 7.78 -16.04
N ARG E 212 24.77 7.19 -16.42
CA ARG E 212 25.84 6.85 -15.49
C ARG E 212 27.12 7.57 -15.92
N PHE E 213 27.87 8.10 -14.95
CA PHE E 213 29.09 8.82 -15.27
C PHE E 213 30.30 8.25 -14.55
N THR E 214 31.36 8.02 -15.32
CA THR E 214 32.62 7.46 -14.83
C THR E 214 33.76 8.45 -14.98
N PRO E 215 34.53 8.66 -13.91
CA PRO E 215 35.66 9.60 -13.97
C PRO E 215 36.68 9.10 -15.00
N GLU E 216 37.21 9.99 -15.82
CA GLU E 216 38.21 9.61 -16.80
C GLU E 216 39.45 10.44 -16.46
N ILE E 217 40.33 9.86 -15.64
CA ILE E 217 41.56 10.51 -15.18
C ILE E 217 42.69 10.60 -16.20
N ALA E 218 43.24 11.79 -16.38
CA ALA E 218 44.34 12.01 -17.31
C ALA E 218 44.88 13.44 -17.28
N GLU E 219 46.17 13.59 -17.55
CA GLU E 219 46.81 14.90 -17.58
C GLU E 219 46.23 15.62 -18.78
N ARG E 220 45.93 16.91 -18.65
CA ARG E 220 45.36 17.66 -19.77
C ARG E 220 45.97 19.06 -19.79
N PRO E 221 46.00 19.70 -20.96
CA PRO E 221 46.57 21.05 -21.00
C PRO E 221 45.76 21.90 -20.02
N LYS E 222 46.39 22.89 -19.39
CA LYS E 222 45.68 23.74 -18.45
C LYS E 222 44.80 24.77 -19.14
N VAL E 223 43.66 25.04 -18.55
CA VAL E 223 42.70 26.03 -19.03
C VAL E 223 42.27 26.71 -17.74
N ARG E 224 42.43 28.03 -17.68
CA ARG E 224 42.10 28.80 -16.47
C ARG E 224 42.84 28.17 -15.30
N ASP E 225 44.06 27.70 -15.59
CA ASP E 225 44.93 27.07 -14.61
C ASP E 225 44.53 25.68 -14.15
N GLN E 226 43.57 25.06 -14.82
CA GLN E 226 43.13 23.74 -14.41
C GLN E 226 43.49 22.63 -15.38
N ALA E 227 44.12 21.59 -14.86
CA ALA E 227 44.49 20.43 -15.68
C ALA E 227 43.28 19.50 -15.61
N GLY E 228 42.47 19.68 -14.58
CA GLY E 228 41.28 18.87 -14.42
C GLY E 228 40.15 19.37 -15.31
N ARG E 229 39.08 18.60 -15.36
CA ARG E 229 37.92 18.97 -16.17
C ARG E 229 36.63 18.74 -15.42
N MET E 230 35.61 19.48 -15.82
CA MET E 230 34.31 19.38 -15.20
C MET E 230 33.29 19.42 -16.32
N ASN E 231 32.52 18.34 -16.47
CA ASN E 231 31.48 18.25 -17.48
C ASN E 231 30.14 18.62 -16.83
N TYR E 232 29.30 19.36 -17.55
CA TYR E 232 28.02 19.77 -17.00
C TYR E 232 26.86 19.12 -17.73
N TYR E 233 25.86 18.70 -16.96
CA TYR E 233 24.69 18.06 -17.56
C TYR E 233 23.41 18.62 -16.99
N TRP E 234 22.31 18.38 -17.70
CA TRP E 234 21.02 18.86 -17.25
C TRP E 234 19.90 17.97 -17.76
N THR E 235 18.74 18.16 -17.18
CA THR E 235 17.57 17.42 -17.62
C THR E 235 16.33 18.13 -17.08
N LEU E 236 15.20 17.88 -17.73
CA LEU E 236 13.94 18.48 -17.32
C LEU E 236 13.13 17.45 -16.53
N LEU E 237 12.96 17.70 -15.24
CA LEU E 237 12.20 16.80 -14.37
C LEU E 237 10.71 17.15 -14.48
N LYS E 238 9.92 16.24 -15.03
CA LYS E 238 8.49 16.44 -15.18
C LYS E 238 7.75 16.60 -13.85
N PRO E 239 6.59 17.29 -13.87
CA PRO E 239 5.77 17.51 -12.68
C PRO E 239 5.39 16.19 -12.04
N GLY E 240 5.58 16.07 -10.73
CA GLY E 240 5.26 14.84 -10.05
C GLY E 240 6.36 13.79 -10.05
N ASP E 241 7.29 13.89 -11.00
CA ASP E 241 8.39 12.91 -11.11
C ASP E 241 9.50 13.13 -10.07
N THR E 242 10.37 12.13 -9.94
CA THR E 242 11.48 12.17 -8.99
C THR E 242 12.84 12.02 -9.67
N ILE E 243 13.84 12.73 -9.17
CA ILE E 243 15.17 12.61 -9.70
C ILE E 243 16.03 12.07 -8.56
N ILE E 244 16.84 11.06 -8.87
CA ILE E 244 17.69 10.45 -7.85
C ILE E 244 19.17 10.50 -8.20
N PHE E 245 19.96 11.06 -7.28
CA PHE E 245 21.41 11.16 -7.43
C PHE E 245 22.08 10.13 -6.51
N GLU E 246 22.92 9.30 -7.11
CA GLU E 246 23.65 8.28 -6.37
C GLU E 246 25.09 8.37 -6.80
N ALA E 247 26.02 8.41 -5.84
CA ALA E 247 27.43 8.51 -6.21
C ALA E 247 28.37 8.27 -5.05
N ASN E 248 29.57 7.82 -5.38
CA ASN E 248 30.58 7.58 -4.37
C ASN E 248 31.80 8.44 -4.71
N GLY E 249 31.53 9.57 -5.37
CA GLY E 249 32.59 10.51 -5.73
C GLY E 249 32.37 11.27 -7.03
N ASN E 250 33.18 12.30 -7.24
CA ASN E 250 33.14 13.07 -8.46
C ASN E 250 31.87 13.84 -8.80
N LEU E 251 30.89 13.87 -7.91
CA LEU E 251 29.64 14.57 -8.18
C LEU E 251 29.65 16.05 -7.80
N ILE E 252 29.29 16.90 -8.75
CA ILE E 252 29.16 18.31 -8.48
C ILE E 252 27.64 18.42 -8.42
N ALA E 253 27.11 18.29 -7.21
CA ALA E 253 25.68 18.29 -6.97
C ALA E 253 24.90 19.57 -7.22
N PRO E 254 23.61 19.40 -7.53
CA PRO E 254 22.73 20.54 -7.78
C PRO E 254 22.43 21.11 -6.40
N MET E 255 22.28 22.42 -6.30
CA MET E 255 21.94 23.04 -5.04
C MET E 255 20.64 23.80 -5.33
N TYR E 256 20.63 24.54 -6.44
CA TYR E 256 19.45 25.27 -6.86
C TYR E 256 19.00 24.74 -8.19
N ALA E 257 17.69 24.65 -8.37
CA ALA E 257 17.10 24.19 -9.63
C ALA E 257 16.08 25.26 -10.07
N PHE E 258 15.51 25.10 -11.26
CA PHE E 258 14.57 26.09 -11.76
C PHE E 258 13.23 25.50 -12.16
N ALA E 259 12.14 26.04 -11.63
CA ALA E 259 10.80 25.59 -11.99
C ALA E 259 10.43 26.53 -13.15
N LEU E 260 10.23 25.94 -14.33
CA LEU E 260 9.95 26.71 -15.53
C LEU E 260 8.49 26.93 -15.94
N ARG E 261 8.23 28.12 -16.47
CA ARG E 261 6.90 28.46 -16.98
C ARG E 261 7.15 28.76 -18.46
N ARG E 262 6.35 28.17 -19.33
CA ARG E 262 6.51 28.37 -20.77
C ARG E 262 5.70 29.53 -21.31
N GLY E 263 6.22 30.14 -22.38
CA GLY E 263 5.55 31.27 -23.01
C GLY E 263 5.79 31.26 -24.50
N PHE E 264 5.22 32.21 -25.21
CA PHE E 264 5.39 32.29 -26.65
C PHE E 264 6.00 33.63 -27.09
N GLY E 265 6.72 33.59 -28.20
CA GLY E 265 7.32 34.81 -28.73
C GLY E 265 8.71 35.20 -28.24
N SER E 266 9.22 34.54 -27.20
CA SER E 266 10.54 34.89 -26.70
C SER E 266 11.65 34.34 -27.59
N GLY E 267 12.89 34.72 -27.27
CA GLY E 267 14.03 34.27 -28.03
C GLY E 267 15.32 34.86 -27.49
N ILE E 268 16.45 34.43 -28.02
CA ILE E 268 17.75 34.94 -27.60
C ILE E 268 18.34 35.72 -28.75
N ILE E 269 18.75 36.96 -28.48
CA ILE E 269 19.36 37.80 -29.51
C ILE E 269 20.70 38.34 -29.00
N THR E 270 21.55 38.76 -29.93
CA THR E 270 22.85 39.30 -29.58
C THR E 270 22.85 40.76 -30.00
N SER E 271 23.05 41.64 -29.04
CA SER E 271 23.03 43.07 -29.33
C SER E 271 23.98 43.90 -28.49
N ASN E 272 24.46 45.02 -29.04
CA ASN E 272 25.31 45.90 -28.26
C ASN E 272 24.52 47.18 -27.99
N ALA E 273 23.23 47.18 -28.27
CA ALA E 273 22.40 48.35 -28.02
C ALA E 273 22.08 48.38 -26.53
N SER E 274 21.63 49.53 -26.04
CA SER E 274 21.33 49.66 -24.62
C SER E 274 19.84 49.62 -24.31
N MET E 275 19.53 49.14 -23.11
CA MET E 275 18.16 49.05 -22.63
C MET E 275 17.73 50.44 -22.15
N HIS E 276 16.54 50.86 -22.56
CA HIS E 276 15.99 52.16 -22.17
C HIS E 276 14.58 51.88 -21.69
N GLU E 277 13.92 52.86 -21.08
CA GLU E 277 12.56 52.66 -20.62
C GLU E 277 11.58 53.06 -21.72
N CYS E 278 11.55 52.23 -22.76
CA CYS E 278 10.69 52.41 -23.93
C CYS E 278 9.90 51.13 -24.08
N ASN E 279 8.78 51.20 -24.79
CA ASN E 279 7.95 50.02 -24.98
C ASN E 279 7.76 49.84 -26.49
N THR E 280 7.77 48.61 -26.94
CA THR E 280 7.60 48.33 -28.35
C THR E 280 6.88 47.01 -28.57
N LYS E 281 6.45 46.80 -29.82
CA LYS E 281 5.80 45.56 -30.18
C LYS E 281 6.76 44.78 -31.07
N CYS E 282 7.82 45.46 -31.51
CA CYS E 282 8.81 44.84 -32.38
C CYS E 282 10.26 45.26 -32.06
N GLN E 283 11.08 44.30 -31.65
CA GLN E 283 12.46 44.59 -31.30
C GLN E 283 13.50 43.87 -32.16
N THR E 284 14.51 44.59 -32.63
CA THR E 284 15.58 43.96 -33.39
C THR E 284 16.87 44.20 -32.61
N PRO E 285 17.97 43.52 -33.00
CA PRO E 285 19.24 43.71 -32.28
C PRO E 285 19.77 45.14 -32.37
N LEU E 286 19.32 45.88 -33.37
CA LEU E 286 19.75 47.26 -33.59
C LEU E 286 18.89 48.33 -32.91
N GLY E 287 17.63 48.00 -32.68
CA GLY E 287 16.72 48.95 -32.05
C GLY E 287 15.28 48.52 -32.28
N ALA E 288 14.36 49.17 -31.58
CA ALA E 288 12.93 48.87 -31.71
C ALA E 288 12.32 49.50 -32.96
N ILE E 289 11.30 48.83 -33.49
CA ILE E 289 10.58 49.28 -34.67
C ILE E 289 9.13 49.59 -34.30
N ASN E 290 8.64 50.72 -34.77
CA ASN E 290 7.24 51.09 -34.55
C ASN E 290 6.69 51.41 -35.94
N SER E 291 6.08 50.42 -36.56
CA SER E 291 5.56 50.63 -37.90
C SER E 291 4.43 49.68 -38.29
N SER E 292 3.71 50.06 -39.34
CA SER E 292 2.62 49.27 -39.88
C SER E 292 2.97 48.84 -41.30
N LEU E 293 4.12 49.28 -41.79
CA LEU E 293 4.56 48.93 -43.14
C LEU E 293 4.81 47.43 -43.25
N PRO E 294 4.56 46.86 -44.44
CA PRO E 294 4.77 45.42 -44.65
C PRO E 294 6.20 44.90 -44.62
N TYR E 295 7.17 45.74 -44.99
CA TYR E 295 8.56 45.28 -44.99
C TYR E 295 9.52 46.18 -44.24
N GLN E 296 10.71 45.64 -43.98
CA GLN E 296 11.78 46.37 -43.30
C GLN E 296 13.12 45.80 -43.77
N ASN E 297 14.14 46.65 -43.80
CA ASN E 297 15.48 46.25 -44.23
C ASN E 297 16.47 46.55 -43.11
N ILE E 298 15.97 46.57 -41.88
CA ILE E 298 16.78 46.88 -40.71
C ILE E 298 17.57 45.66 -40.21
N HIS E 299 16.87 44.57 -39.94
CA HIS E 299 17.55 43.38 -39.46
C HIS E 299 16.67 42.12 -39.59
N PRO E 300 17.28 40.98 -39.95
CA PRO E 300 16.52 39.72 -40.09
C PRO E 300 16.11 39.09 -38.76
N VAL E 301 16.80 39.43 -37.67
CA VAL E 301 16.47 38.91 -36.36
C VAL E 301 15.38 39.78 -35.76
N THR E 302 14.26 39.14 -35.43
CA THR E 302 13.07 39.84 -34.94
C THR E 302 12.37 39.24 -33.72
N ILE E 303 11.96 40.09 -32.77
CA ILE E 303 11.23 39.66 -31.58
C ILE E 303 9.88 40.38 -31.56
N GLY E 304 8.78 39.62 -31.59
CA GLY E 304 7.47 40.24 -31.53
C GLY E 304 6.66 40.18 -32.80
N GLU E 305 6.04 41.30 -33.17
CA GLU E 305 5.23 41.41 -34.38
C GLU E 305 5.92 42.47 -35.21
N CYS E 306 6.59 42.05 -36.27
CA CYS E 306 7.36 42.93 -37.11
C CYS E 306 7.09 42.80 -38.59
N PRO E 307 7.57 43.76 -39.40
CA PRO E 307 7.37 43.70 -40.84
C PRO E 307 8.36 42.63 -41.33
N LYS E 308 8.18 42.13 -42.54
CA LYS E 308 9.08 41.12 -43.08
C LYS E 308 10.41 41.71 -43.55
N TYR E 309 11.51 41.09 -43.14
CA TYR E 309 12.83 41.56 -43.55
C TYR E 309 13.11 41.23 -45.01
N VAL E 310 13.67 42.19 -45.74
CA VAL E 310 14.05 42.00 -47.14
C VAL E 310 15.35 42.77 -47.35
N ARG E 311 16.11 42.40 -48.37
CA ARG E 311 17.38 43.08 -48.62
C ARG E 311 17.22 44.41 -49.36
N SER E 312 16.01 44.65 -49.85
CA SER E 312 15.71 45.86 -50.60
C SER E 312 16.16 47.16 -49.95
N ALA E 313 16.56 48.11 -50.80
CA ALA E 313 16.98 49.41 -50.33
C ALA E 313 15.78 50.35 -50.44
N LYS E 314 14.93 50.09 -51.43
CA LYS E 314 13.75 50.91 -51.65
C LYS E 314 12.54 50.11 -52.17
N LEU E 315 11.37 50.41 -51.61
CA LEU E 315 10.12 49.78 -52.01
C LEU E 315 9.02 50.82 -51.88
N ARG E 316 8.73 51.52 -52.98
CA ARG E 316 7.72 52.57 -52.96
C ARG E 316 6.67 52.29 -54.03
N MET E 317 5.41 52.37 -53.64
CA MET E 317 4.30 52.11 -54.53
C MET E 317 3.65 53.42 -54.97
N VAL E 318 3.60 53.66 -56.27
CA VAL E 318 2.98 54.89 -56.75
C VAL E 318 1.46 54.81 -56.61
N THR E 319 0.86 55.91 -56.20
CA THR E 319 -0.58 55.96 -56.04
C THR E 319 -1.13 57.00 -57.02
N GLY E 320 -0.42 58.10 -57.15
CA GLY E 320 -0.84 59.15 -58.07
C GLY E 320 -0.43 58.85 -59.49
N LEU E 321 -0.19 59.89 -60.28
CA LEU E 321 0.21 59.68 -61.66
C LEU E 321 1.55 60.33 -61.97
N ARG E 322 1.99 60.17 -63.21
CA ARG E 322 3.24 60.74 -63.67
C ARG E 322 3.10 62.26 -63.46
N ASN E 323 4.05 62.84 -62.73
CA ASN E 323 4.02 64.28 -62.46
C ASN E 323 4.62 65.09 -63.58
N ILE E 324 3.77 65.82 -64.30
CA ILE E 324 4.22 66.65 -65.40
C ILE E 324 3.70 68.06 -65.20
N PRO E 325 4.33 68.82 -64.28
CA PRO E 325 3.97 70.20 -63.94
C PRO E 325 3.65 71.08 -65.15
N ALA E 326 4.20 70.71 -66.30
CA ALA E 326 3.98 71.45 -67.54
C ALA E 326 4.33 72.93 -67.37
N ARG E 327 5.18 73.19 -66.38
CA ARG E 327 5.61 74.56 -66.08
C ARG E 327 6.38 75.18 -67.24
N GLY F 1 2.29 56.40 -72.62
CA GLY F 1 1.34 55.64 -71.82
C GLY F 1 0.53 54.69 -72.67
N LEU F 2 0.17 53.55 -72.09
CA LEU F 2 -0.61 52.53 -72.79
C LEU F 2 -1.86 53.08 -73.50
N PHE F 3 -2.51 54.08 -72.92
CA PHE F 3 -3.72 54.58 -73.55
C PHE F 3 -3.60 55.90 -74.33
N GLY F 4 -2.40 56.48 -74.33
CA GLY F 4 -2.14 57.69 -75.08
C GLY F 4 -2.64 59.04 -74.56
N ALA F 5 -3.27 59.07 -73.40
CA ALA F 5 -3.78 60.32 -72.85
C ALA F 5 -2.74 61.09 -72.05
N ILE F 6 -2.40 60.60 -70.86
CA ILE F 6 -1.41 61.28 -70.02
C ILE F 6 -0.05 61.28 -70.71
N ALA F 7 0.60 62.44 -70.73
CA ALA F 7 1.89 62.61 -71.41
C ALA F 7 1.70 62.22 -72.88
N GLY F 8 0.44 62.26 -73.33
CA GLY F 8 0.12 61.91 -74.71
C GLY F 8 -0.57 63.06 -75.41
N PHE F 9 -1.79 62.86 -75.89
CA PHE F 9 -2.51 63.93 -76.59
C PHE F 9 -2.97 65.01 -75.61
N ILE F 10 -2.47 64.91 -74.38
CA ILE F 10 -2.74 65.88 -73.32
C ILE F 10 -1.38 66.02 -72.66
N GLU F 11 -0.47 66.65 -73.39
CA GLU F 11 0.91 66.90 -73.00
C GLU F 11 1.30 66.96 -71.52
N GLY F 12 0.68 67.84 -70.74
CA GLY F 12 1.05 67.95 -69.35
C GLY F 12 -0.06 67.98 -68.33
N GLY F 13 0.30 68.17 -67.07
CA GLY F 13 -0.67 68.22 -65.99
C GLY F 13 -0.96 69.63 -65.49
N TRP F 14 -2.01 69.76 -64.69
CA TRP F 14 -2.39 71.06 -64.16
C TRP F 14 -2.08 71.25 -62.68
N THR F 15 -1.00 71.96 -62.38
CA THR F 15 -0.67 72.22 -60.99
C THR F 15 -1.80 73.07 -60.41
N GLY F 16 -2.65 73.57 -61.30
CA GLY F 16 -3.77 74.41 -60.91
C GLY F 16 -4.96 73.66 -60.34
N MET F 17 -5.08 72.38 -60.69
CA MET F 17 -6.19 71.58 -60.17
C MET F 17 -5.73 70.87 -58.92
N ILE F 18 -6.51 70.97 -57.84
CA ILE F 18 -6.12 70.34 -56.58
C ILE F 18 -7.27 69.74 -55.80
N ASP F 19 -8.23 69.14 -56.50
CA ASP F 19 -9.38 68.52 -55.84
C ASP F 19 -9.40 67.03 -56.12
N GLY F 20 -8.67 66.63 -57.15
CA GLY F 20 -8.61 65.23 -57.53
C GLY F 20 -7.52 65.00 -58.55
N TRP F 21 -7.49 63.80 -59.11
CA TRP F 21 -6.48 63.46 -60.10
C TRP F 21 -6.89 63.82 -61.51
N TYR F 22 -8.19 63.78 -61.78
CA TYR F 22 -8.72 64.10 -63.11
C TYR F 22 -9.76 65.20 -63.00
N GLY F 23 -9.83 66.07 -64.01
CA GLY F 23 -10.79 67.16 -63.97
C GLY F 23 -10.98 67.95 -65.26
N TYR F 24 -11.50 69.16 -65.11
CA TYR F 24 -11.76 70.05 -66.24
C TYR F 24 -11.28 71.47 -65.94
N HIS F 25 -10.94 72.22 -66.98
CA HIS F 25 -10.50 73.61 -66.83
C HIS F 25 -11.72 74.51 -67.02
N HIS F 26 -12.04 74.81 -68.28
CA HIS F 26 -13.20 75.64 -68.66
C HIS F 26 -13.03 77.16 -68.58
N GLN F 27 -13.30 77.82 -69.71
CA GLN F 27 -13.24 79.26 -69.84
C GLN F 27 -14.66 79.71 -70.14
N ASN F 28 -15.17 80.65 -69.36
CA ASN F 28 -16.53 81.11 -69.56
C ASN F 28 -16.64 82.62 -69.44
N GLU F 29 -17.82 83.15 -69.74
CA GLU F 29 -18.07 84.58 -69.66
C GLU F 29 -17.97 84.99 -68.20
N GLN F 30 -18.46 84.11 -67.33
CA GLN F 30 -18.46 84.35 -65.89
C GLN F 30 -17.10 84.11 -65.25
N GLY F 31 -16.11 83.74 -66.06
CA GLY F 31 -14.78 83.49 -65.52
C GLY F 31 -14.21 82.12 -65.82
N SER F 32 -13.02 81.85 -65.32
CA SER F 32 -12.34 80.57 -65.54
C SER F 32 -12.10 79.83 -64.23
N GLY F 33 -11.33 78.74 -64.30
CA GLY F 33 -11.02 77.96 -63.12
C GLY F 33 -10.83 76.48 -63.40
N TYR F 34 -10.74 75.70 -62.32
CA TYR F 34 -10.56 74.26 -62.43
C TYR F 34 -11.62 73.56 -61.60
N ALA F 35 -11.82 72.29 -61.90
CA ALA F 35 -12.78 71.48 -61.17
C ALA F 35 -12.42 70.01 -61.39
N ALA F 36 -12.35 69.24 -60.32
CA ALA F 36 -12.01 67.84 -60.42
C ALA F 36 -13.27 67.00 -60.60
N ASP F 37 -13.19 65.95 -61.40
CA ASP F 37 -14.33 65.07 -61.62
C ASP F 37 -14.38 64.10 -60.45
N GLN F 38 -15.11 64.46 -59.39
CA GLN F 38 -15.22 63.61 -58.21
C GLN F 38 -15.55 62.16 -58.54
N LYS F 39 -16.48 61.96 -59.48
CA LYS F 39 -16.90 60.63 -59.88
C LYS F 39 -15.74 59.71 -60.30
N SER F 40 -14.87 60.18 -61.18
CA SER F 40 -13.76 59.36 -61.65
C SER F 40 -12.55 59.40 -60.74
N THR F 41 -12.44 60.44 -59.93
CA THR F 41 -11.31 60.56 -59.01
C THR F 41 -11.54 59.63 -57.84
N GLN F 42 -12.79 59.55 -57.38
CA GLN F 42 -13.11 58.70 -56.25
C GLN F 42 -12.95 57.22 -56.63
N ASN F 43 -13.48 56.83 -57.78
CA ASN F 43 -13.36 55.45 -58.24
C ASN F 43 -11.89 55.05 -58.24
N ALA F 44 -11.05 55.95 -58.75
CA ALA F 44 -9.63 55.72 -58.82
C ALA F 44 -9.04 55.59 -57.42
N ILE F 45 -9.53 56.39 -56.49
CA ILE F 45 -9.03 56.33 -55.13
C ILE F 45 -9.42 55.02 -54.46
N ASN F 46 -10.61 54.53 -54.75
CA ASN F 46 -11.06 53.29 -54.16
C ASN F 46 -10.22 52.13 -54.70
N GLY F 47 -10.02 52.10 -56.01
CA GLY F 47 -9.24 51.04 -56.63
C GLY F 47 -7.80 50.96 -56.15
N ILE F 48 -7.10 52.09 -56.17
CA ILE F 48 -5.70 52.14 -55.74
C ILE F 48 -5.56 51.89 -54.25
N THR F 49 -6.52 52.39 -53.46
CA THR F 49 -6.47 52.18 -52.03
C THR F 49 -6.54 50.68 -51.80
N ASN F 50 -7.44 50.02 -52.53
CA ASN F 50 -7.59 48.59 -52.40
C ASN F 50 -6.32 47.86 -52.82
N LYS F 51 -5.72 48.28 -53.94
CA LYS F 51 -4.50 47.65 -54.41
C LYS F 51 -3.44 47.69 -53.32
N VAL F 52 -3.16 48.90 -52.83
CA VAL F 52 -2.17 49.10 -51.77
C VAL F 52 -2.48 48.28 -50.51
N ASN F 53 -3.76 48.23 -50.12
CA ASN F 53 -4.12 47.47 -48.94
C ASN F 53 -3.96 45.97 -49.16
N SER F 54 -4.13 45.53 -50.40
CA SER F 54 -3.96 44.13 -50.72
C SER F 54 -2.49 43.73 -50.58
N VAL F 55 -1.61 44.54 -51.16
CA VAL F 55 -0.17 44.27 -51.08
C VAL F 55 0.26 44.17 -49.63
N ILE F 56 -0.27 45.06 -48.81
CA ILE F 56 0.06 45.07 -47.40
C ILE F 56 -0.55 43.89 -46.67
N GLU F 57 -1.84 43.64 -46.91
CA GLU F 57 -2.51 42.55 -46.24
C GLU F 57 -1.95 41.16 -46.56
N LYS F 58 -1.44 40.96 -47.78
CA LYS F 58 -0.89 39.67 -48.15
C LYS F 58 0.36 39.29 -47.37
N MET F 59 1.12 40.28 -46.93
CA MET F 59 2.32 40.05 -46.14
C MET F 59 1.88 39.98 -44.69
N ASN F 60 1.74 38.77 -44.17
CA ASN F 60 1.31 38.64 -42.78
C ASN F 60 2.41 39.12 -41.86
N ILE F 61 2.04 39.41 -40.63
CA ILE F 61 2.99 39.86 -39.63
C ILE F 61 4.14 38.86 -39.53
N GLN F 62 5.34 39.38 -39.32
CA GLN F 62 6.50 38.54 -39.16
C GLN F 62 6.69 38.33 -37.64
N PHE F 63 6.47 37.09 -37.20
CA PHE F 63 6.63 36.80 -35.79
C PHE F 63 8.08 36.48 -35.44
N THR F 64 8.36 36.37 -34.15
CA THR F 64 9.71 36.10 -33.68
C THR F 64 10.49 35.11 -34.55
N ALA F 65 11.64 35.58 -35.01
CA ALA F 65 12.55 34.79 -35.83
C ALA F 65 13.95 35.19 -35.35
N VAL F 66 14.67 34.23 -34.77
CA VAL F 66 16.01 34.51 -34.27
C VAL F 66 17.05 33.48 -34.71
N GLY F 67 18.29 33.72 -34.34
CA GLY F 67 19.37 32.80 -34.70
C GLY F 67 19.38 31.57 -33.81
N LYS F 68 20.22 30.61 -34.15
CA LYS F 68 20.35 29.38 -33.39
C LYS F 68 21.82 29.07 -33.28
N GLU F 69 22.21 28.38 -32.20
CA GLU F 69 23.60 28.00 -32.03
C GLU F 69 23.77 26.53 -32.45
N PHE F 70 24.98 26.18 -32.84
CA PHE F 70 25.31 24.81 -33.25
C PHE F 70 26.70 24.55 -32.71
N ASN F 71 26.95 23.36 -32.16
CA ASN F 71 28.29 23.11 -31.66
C ASN F 71 29.23 22.82 -32.83
N LYS F 72 30.52 22.70 -32.52
CA LYS F 72 31.56 22.46 -33.52
C LYS F 72 31.36 21.20 -34.38
N LEU F 73 30.57 20.26 -33.89
CA LEU F 73 30.32 19.03 -34.65
C LEU F 73 28.97 19.06 -35.35
N GLU F 74 28.38 20.25 -35.47
CA GLU F 74 27.10 20.37 -36.14
C GLU F 74 27.19 21.34 -37.32
N LYS F 75 28.32 21.30 -38.02
CA LYS F 75 28.53 22.19 -39.15
C LYS F 75 27.52 21.98 -40.28
N ARG F 76 27.09 20.74 -40.50
CA ARG F 76 26.13 20.48 -41.56
C ARG F 76 24.76 21.06 -41.20
N MET F 77 24.35 20.93 -39.94
CA MET F 77 23.06 21.47 -39.52
C MET F 77 23.07 23.00 -39.63
N GLU F 78 24.19 23.61 -39.24
CA GLU F 78 24.36 25.06 -39.29
C GLU F 78 24.27 25.58 -40.73
N ASN F 79 24.87 24.87 -41.67
CA ASN F 79 24.81 25.27 -43.06
C ASN F 79 23.41 25.07 -43.64
N LEU F 80 22.71 24.04 -43.17
CA LEU F 80 21.35 23.77 -43.63
C LEU F 80 20.45 24.94 -43.20
N ASN F 81 20.59 25.35 -41.95
CA ASN F 81 19.83 26.45 -41.40
C ASN F 81 20.14 27.71 -42.20
N ASN F 82 21.42 27.92 -42.51
CA ASN F 82 21.85 29.07 -43.28
C ASN F 82 21.24 29.03 -44.68
N LYS F 83 21.18 27.84 -45.27
CA LYS F 83 20.61 27.69 -46.61
C LYS F 83 19.13 28.02 -46.58
N VAL F 84 18.47 27.63 -45.50
CA VAL F 84 17.05 27.90 -45.31
C VAL F 84 16.80 29.41 -45.18
N ASP F 85 17.47 30.04 -44.22
CA ASP F 85 17.32 31.47 -43.99
C ASP F 85 17.60 32.34 -45.22
N ASP F 86 18.67 32.04 -45.94
CA ASP F 86 19.01 32.80 -47.13
C ASP F 86 18.06 32.48 -48.26
N GLY F 87 17.63 31.21 -48.34
CA GLY F 87 16.72 30.81 -49.40
C GLY F 87 15.42 31.57 -49.31
N PHE F 88 14.84 31.62 -48.12
CA PHE F 88 13.58 32.34 -47.92
C PHE F 88 13.77 33.84 -48.14
N LEU F 89 14.87 34.38 -47.60
CA LEU F 89 15.15 35.80 -47.75
C LEU F 89 15.24 36.19 -49.23
N ASP F 90 15.85 35.32 -50.03
CA ASP F 90 15.99 35.55 -51.46
C ASP F 90 14.62 35.62 -52.14
N ILE F 91 13.75 34.67 -51.80
CA ILE F 91 12.43 34.63 -52.42
C ILE F 91 11.56 35.83 -52.06
N TRP F 92 11.54 36.21 -50.78
CA TRP F 92 10.74 37.35 -50.36
C TRP F 92 11.25 38.68 -50.89
N THR F 93 12.57 38.85 -50.95
CA THR F 93 13.14 40.10 -51.47
C THR F 93 12.79 40.20 -52.94
N TYR F 94 12.78 39.05 -53.60
CA TYR F 94 12.44 38.96 -55.02
C TYR F 94 10.97 39.28 -55.22
N ASN F 95 10.12 38.64 -54.43
CA ASN F 95 8.68 38.83 -54.52
C ASN F 95 8.28 40.29 -54.31
N ALA F 96 8.73 40.88 -53.20
CA ALA F 96 8.41 42.27 -52.88
C ALA F 96 8.83 43.25 -53.99
N GLU F 97 10.05 43.12 -54.50
CA GLU F 97 10.53 44.03 -55.54
C GLU F 97 9.79 43.89 -56.86
N LEU F 98 9.51 42.65 -57.26
CA LEU F 98 8.80 42.40 -58.50
C LEU F 98 7.34 42.84 -58.42
N LEU F 99 6.69 42.57 -57.31
CA LEU F 99 5.30 42.96 -57.15
C LEU F 99 5.18 44.48 -57.26
N VAL F 100 6.07 45.20 -56.60
CA VAL F 100 6.04 46.66 -56.64
C VAL F 100 6.32 47.21 -58.04
N LEU F 101 7.34 46.66 -58.70
CA LEU F 101 7.70 47.09 -60.06
C LEU F 101 6.53 46.87 -61.01
N LEU F 102 6.01 45.64 -61.01
CA LEU F 102 4.91 45.26 -61.87
C LEU F 102 3.64 46.08 -61.63
N GLU F 103 3.29 46.32 -60.37
CA GLU F 103 2.10 47.09 -60.07
C GLU F 103 2.23 48.60 -60.30
N ASN F 104 3.44 49.14 -60.15
CA ASN F 104 3.65 50.56 -60.38
C ASN F 104 3.35 50.84 -61.85
N GLU F 105 3.72 49.90 -62.72
CA GLU F 105 3.46 50.07 -64.14
C GLU F 105 1.95 50.04 -64.36
N ARG F 106 1.29 49.09 -63.71
CA ARG F 106 -0.15 48.95 -63.84
C ARG F 106 -0.89 50.19 -63.32
N THR F 107 -0.43 50.76 -62.22
CA THR F 107 -1.09 51.93 -61.66
C THR F 107 -1.02 53.10 -62.64
N LEU F 108 0.18 53.42 -63.11
CA LEU F 108 0.37 54.51 -64.05
C LEU F 108 -0.58 54.36 -65.25
N ASP F 109 -0.55 53.20 -65.87
CA ASP F 109 -1.40 52.94 -67.01
C ASP F 109 -2.89 52.99 -66.66
N PHE F 110 -3.20 52.75 -65.39
CA PHE F 110 -4.59 52.80 -64.93
C PHE F 110 -5.06 54.25 -65.00
N HIS F 111 -4.23 55.16 -64.51
CA HIS F 111 -4.55 56.59 -64.55
C HIS F 111 -4.68 57.06 -66.00
N ASP F 112 -3.76 56.61 -66.85
CA ASP F 112 -3.76 56.99 -68.26
C ASP F 112 -5.10 56.63 -68.85
N SER F 113 -5.57 55.43 -68.50
CA SER F 113 -6.84 54.93 -68.98
C SER F 113 -8.01 55.79 -68.47
N ASN F 114 -7.96 56.18 -67.20
CA ASN F 114 -9.04 56.98 -66.64
C ASN F 114 -9.19 58.32 -67.33
N VAL F 115 -8.07 59.00 -67.58
CA VAL F 115 -8.12 60.29 -68.26
C VAL F 115 -8.69 60.07 -69.65
N LYS F 116 -8.19 59.03 -70.31
CA LYS F 116 -8.62 58.65 -71.64
C LYS F 116 -10.13 58.44 -71.70
N ASN F 117 -10.68 57.70 -70.75
CA ASN F 117 -12.11 57.44 -70.73
C ASN F 117 -12.93 58.67 -70.37
N LEU F 118 -12.36 59.57 -69.59
CA LEU F 118 -13.06 60.79 -69.21
C LEU F 118 -13.19 61.68 -70.44
N TYR F 119 -12.09 61.81 -71.18
CA TYR F 119 -12.08 62.61 -72.39
C TYR F 119 -13.12 62.09 -73.39
N GLU F 120 -13.10 60.80 -73.67
CA GLU F 120 -14.06 60.20 -74.61
C GLU F 120 -15.50 60.29 -74.14
N LYS F 121 -15.71 60.35 -72.82
CA LYS F 121 -17.06 60.43 -72.28
C LYS F 121 -17.68 61.80 -72.56
N VAL F 122 -16.87 62.85 -72.46
CA VAL F 122 -17.32 64.21 -72.72
C VAL F 122 -17.59 64.39 -74.21
N LYS F 123 -16.68 63.86 -75.02
CA LYS F 123 -16.79 63.94 -76.47
C LYS F 123 -18.13 63.37 -76.94
N SER F 124 -18.45 62.17 -76.47
CA SER F 124 -19.71 61.54 -76.85
C SER F 124 -20.93 62.32 -76.36
N GLN F 125 -20.70 63.27 -75.45
CA GLN F 125 -21.77 64.10 -74.92
C GLN F 125 -21.97 65.37 -75.75
N LEU F 126 -20.85 66.01 -76.13
CA LEU F 126 -20.90 67.25 -76.90
C LEU F 126 -21.28 67.05 -78.36
N LYS F 127 -20.54 66.21 -79.06
CA LYS F 127 -20.80 65.93 -80.47
C LYS F 127 -20.59 67.16 -81.36
N ASN F 128 -21.64 67.53 -82.09
CA ASN F 128 -21.58 68.67 -83.01
C ASN F 128 -21.61 70.03 -82.31
N ASN F 129 -22.08 70.05 -81.07
CA ASN F 129 -22.16 71.29 -80.31
C ASN F 129 -20.81 71.84 -79.87
N ALA F 130 -19.73 71.23 -80.37
CA ALA F 130 -18.38 71.68 -80.02
C ALA F 130 -17.35 71.02 -80.91
N LYS F 131 -16.16 71.61 -81.00
CA LYS F 131 -15.12 71.03 -81.84
C LYS F 131 -13.86 70.68 -81.05
N GLU F 132 -13.26 69.55 -81.38
CA GLU F 132 -12.03 69.11 -80.72
C GLU F 132 -10.87 69.96 -81.20
N ILE F 133 -10.44 70.89 -80.37
CA ILE F 133 -9.33 71.77 -80.73
C ILE F 133 -8.00 71.16 -80.32
N GLY F 134 -8.00 69.86 -80.06
CA GLY F 134 -6.78 69.19 -79.66
C GLY F 134 -6.38 69.40 -78.21
N ASN F 135 -5.45 68.56 -77.76
CA ASN F 135 -4.94 68.63 -76.39
C ASN F 135 -6.02 68.44 -75.33
N GLY F 136 -7.10 67.78 -75.70
CA GLY F 136 -8.18 67.52 -74.75
C GLY F 136 -9.16 68.65 -74.47
N CYS F 137 -9.19 69.66 -75.34
CA CYS F 137 -10.11 70.78 -75.13
C CYS F 137 -11.21 70.78 -76.18
N PHE F 138 -12.36 71.35 -75.82
CA PHE F 138 -13.49 71.44 -76.72
C PHE F 138 -13.99 72.88 -76.80
N GLU F 139 -14.23 73.37 -78.01
CA GLU F 139 -14.76 74.72 -78.21
C GLU F 139 -16.23 74.60 -78.57
N PHE F 140 -17.09 75.15 -77.71
CA PHE F 140 -18.52 75.10 -77.95
C PHE F 140 -18.94 75.96 -79.13
N TYR F 141 -20.07 75.60 -79.74
CA TYR F 141 -20.59 76.35 -80.86
C TYR F 141 -21.77 77.20 -80.39
N HIS F 142 -21.95 77.24 -79.07
CA HIS F 142 -23.00 78.01 -78.45
C HIS F 142 -22.48 78.46 -77.09
N LYS F 143 -23.25 79.30 -76.39
CA LYS F 143 -22.82 79.77 -75.08
C LYS F 143 -23.11 78.73 -74.01
N CYS F 144 -22.07 78.40 -73.25
CA CYS F 144 -22.17 77.41 -72.20
C CYS F 144 -21.79 78.04 -70.85
N ASP F 145 -22.77 78.65 -70.20
CA ASP F 145 -22.55 79.30 -68.91
C ASP F 145 -22.24 78.27 -67.82
N ASN F 146 -21.81 78.76 -66.65
CA ASN F 146 -21.48 77.89 -65.53
C ASN F 146 -22.49 76.78 -65.29
N GLU F 147 -23.77 77.14 -65.30
CA GLU F 147 -24.84 76.16 -65.09
C GLU F 147 -24.77 75.07 -66.15
N CYS F 148 -24.36 75.46 -67.35
CA CYS F 148 -24.24 74.51 -68.45
C CYS F 148 -22.94 73.72 -68.35
N MET F 149 -21.88 74.37 -67.88
CA MET F 149 -20.60 73.72 -67.72
C MET F 149 -20.73 72.55 -66.76
N GLU F 150 -21.43 72.78 -65.66
CA GLU F 150 -21.62 71.75 -64.65
C GLU F 150 -22.41 70.56 -65.20
N SER F 151 -23.20 70.78 -66.24
CA SER F 151 -23.98 69.70 -66.83
C SER F 151 -23.03 68.77 -67.58
N VAL F 152 -21.89 69.33 -67.99
CA VAL F 152 -20.88 68.56 -68.70
C VAL F 152 -20.06 67.76 -67.70
N ARG F 153 -19.77 68.38 -66.55
CA ARG F 153 -18.99 67.73 -65.52
C ARG F 153 -19.74 66.59 -64.86
N ASN F 154 -21.04 66.75 -64.62
CA ASN F 154 -21.82 65.67 -64.01
C ASN F 154 -22.51 64.82 -65.06
N GLY F 155 -22.02 64.91 -66.29
CA GLY F 155 -22.56 64.14 -67.40
C GLY F 155 -24.05 64.19 -67.68
N THR F 156 -24.63 65.38 -67.64
CA THR F 156 -26.05 65.55 -67.92
C THR F 156 -26.29 66.59 -69.01
N TYR F 157 -25.24 66.93 -69.73
CA TYR F 157 -25.30 67.90 -70.81
C TYR F 157 -26.44 67.58 -71.77
N ASP F 158 -27.40 68.50 -71.88
CA ASP F 158 -28.54 68.31 -72.76
C ASP F 158 -28.21 68.77 -74.18
N TYR F 159 -28.03 67.82 -75.09
CA TYR F 159 -27.69 68.14 -76.48
C TYR F 159 -28.75 69.04 -77.09
N ASP G 5 -27.42 6.09 -8.37
CA ASP G 5 -26.38 6.19 -7.31
C ASP G 5 -26.93 5.70 -5.98
N THR G 6 -26.38 4.57 -5.52
CA THR G 6 -26.82 3.97 -4.26
C THR G 6 -25.64 3.64 -3.36
N ILE G 7 -25.89 3.64 -2.05
CA ILE G 7 -24.87 3.32 -1.07
C ILE G 7 -25.47 2.35 -0.06
N CYS G 8 -24.74 1.28 0.27
CA CYS G 8 -25.25 0.30 1.22
C CYS G 8 -24.34 0.15 2.44
N ILE G 9 -24.93 -0.24 3.56
CA ILE G 9 -24.19 -0.48 4.80
C ILE G 9 -24.19 -1.99 5.02
N GLY G 10 -23.01 -2.57 5.20
CA GLY G 10 -22.93 -4.01 5.40
C GLY G 10 -21.82 -4.43 6.34
N TYR G 11 -21.53 -5.73 6.36
CA TYR G 11 -20.51 -6.27 7.26
C TYR G 11 -19.62 -7.35 6.62
N HIS G 12 -18.41 -7.47 7.17
CA HIS G 12 -17.40 -8.42 6.71
C HIS G 12 -17.82 -9.88 6.71
N ALA G 13 -17.21 -10.64 5.80
CA ALA G 13 -17.44 -12.07 5.65
C ALA G 13 -16.18 -12.62 5.00
N ASN G 14 -15.87 -13.89 5.24
CA ASN G 14 -14.68 -14.50 4.65
C ASN G 14 -14.84 -16.01 4.51
N ASN G 15 -13.72 -16.71 4.31
CA ASN G 15 -13.76 -18.16 4.13
C ASN G 15 -13.57 -18.96 5.43
N SER G 16 -13.34 -18.26 6.53
CA SER G 16 -13.13 -18.89 7.82
C SER G 16 -14.16 -19.97 8.14
N THR G 17 -13.71 -21.09 8.69
CA THR G 17 -14.61 -22.16 9.05
C THR G 17 -14.63 -22.34 10.57
N ASP G 18 -14.02 -21.40 11.28
CA ASP G 18 -13.98 -21.42 12.73
C ASP G 18 -15.40 -21.47 13.26
N THR G 19 -15.62 -22.24 14.31
CA THR G 19 -16.93 -22.35 14.92
C THR G 19 -16.80 -22.15 16.42
N VAL G 20 -17.86 -21.64 17.02
CA VAL G 20 -17.90 -21.41 18.46
C VAL G 20 -19.31 -21.72 18.92
N ASP G 21 -19.48 -21.89 20.22
CA ASP G 21 -20.80 -22.18 20.75
C ASP G 21 -21.30 -20.97 21.51
N THR G 22 -22.62 -20.83 21.54
CA THR G 22 -23.26 -19.74 22.24
C THR G 22 -24.32 -20.38 23.14
N VAL G 23 -24.98 -19.58 23.96
CA VAL G 23 -26.00 -20.12 24.84
C VAL G 23 -27.23 -20.52 24.04
N LEU G 24 -27.49 -19.80 22.95
CA LEU G 24 -28.66 -20.07 22.11
C LEU G 24 -28.41 -20.99 20.94
N GLU G 25 -27.18 -21.01 20.43
CA GLU G 25 -26.86 -21.81 19.26
C GLU G 25 -25.47 -22.42 19.36
N LYS G 26 -25.36 -23.69 18.98
CA LYS G 26 -24.08 -24.39 19.00
C LYS G 26 -23.48 -24.37 17.60
N ASN G 27 -22.16 -24.55 17.51
CA ASN G 27 -21.46 -24.56 16.24
C ASN G 27 -21.81 -23.43 15.29
N VAL G 28 -21.56 -22.21 15.72
CA VAL G 28 -21.82 -21.03 14.91
C VAL G 28 -20.55 -20.64 14.18
N THR G 29 -20.62 -20.60 12.84
CA THR G 29 -19.47 -20.25 12.02
C THR G 29 -19.21 -18.74 12.10
N VAL G 30 -18.01 -18.37 12.52
CA VAL G 30 -17.65 -16.96 12.66
C VAL G 30 -16.43 -16.61 11.81
N THR G 31 -16.20 -15.30 11.60
CA THR G 31 -15.08 -14.84 10.77
C THR G 31 -13.74 -14.83 11.49
N HIS G 32 -13.75 -14.51 12.77
CA HIS G 32 -12.54 -14.47 13.57
C HIS G 32 -12.85 -15.00 14.97
N SER G 33 -11.85 -15.61 15.59
CA SER G 33 -12.00 -16.17 16.93
C SER G 33 -10.63 -16.51 17.47
N VAL G 34 -10.54 -16.71 18.78
CA VAL G 34 -9.27 -17.07 19.40
C VAL G 34 -9.45 -18.27 20.30
N ASN G 35 -8.49 -19.18 20.23
CA ASN G 35 -8.53 -20.38 21.06
C ASN G 35 -7.96 -20.03 22.44
N LEU G 36 -8.66 -20.42 23.49
CA LEU G 36 -8.19 -20.14 24.84
C LEU G 36 -7.72 -21.41 25.55
N LEU G 37 -7.81 -22.53 24.85
CA LEU G 37 -7.44 -23.83 25.43
C LEU G 37 -6.21 -24.45 24.81
N GLU G 38 -5.14 -24.55 25.59
CA GLU G 38 -3.90 -25.14 25.10
C GLU G 38 -3.96 -26.67 25.15
N ASP G 39 -3.81 -27.30 23.98
CA ASP G 39 -3.87 -28.75 23.91
C ASP G 39 -2.60 -29.36 23.29
N SER G 40 -1.52 -28.59 23.27
CA SER G 40 -0.27 -29.08 22.71
C SER G 40 0.89 -29.07 23.68
N HIS G 41 1.66 -30.16 23.68
CA HIS G 41 2.85 -30.28 24.51
C HIS G 41 3.92 -30.94 23.63
N ASN G 42 5.18 -30.89 24.07
CA ASN G 42 6.28 -31.47 23.27
C ASN G 42 6.65 -32.91 23.59
N GLY G 43 5.81 -33.58 24.37
CA GLY G 43 6.07 -34.98 24.72
C GLY G 43 7.42 -35.27 25.36
N LYS G 44 8.04 -34.28 25.98
CA LYS G 44 9.35 -34.46 26.60
C LYS G 44 9.50 -33.90 28.00
N LEU G 45 10.46 -34.44 28.74
CA LEU G 45 10.79 -33.94 30.07
C LEU G 45 11.87 -32.91 29.78
N CYS G 46 11.74 -31.72 30.34
CA CYS G 46 12.71 -30.67 30.08
C CYS G 46 13.27 -30.04 31.32
N ARG G 47 14.29 -29.22 31.13
CA ARG G 47 14.90 -28.49 32.24
C ARG G 47 13.86 -27.42 32.54
N LEU G 48 13.74 -27.07 33.81
CA LEU G 48 12.80 -26.03 34.19
C LEU G 48 13.66 -24.80 34.42
N LYS G 49 13.61 -23.87 33.47
CA LYS G 49 14.39 -22.65 33.55
C LYS G 49 15.89 -22.95 33.67
N GLY G 50 16.39 -23.80 32.79
CA GLY G 50 17.80 -24.16 32.78
C GLY G 50 18.23 -25.28 33.71
N ILE G 51 17.44 -25.60 34.72
CA ILE G 51 17.81 -26.65 35.66
C ILE G 51 17.12 -27.97 35.39
N ALA G 52 17.91 -29.04 35.43
CA ALA G 52 17.41 -30.38 35.16
C ALA G 52 16.70 -31.09 36.31
N PRO G 53 15.70 -31.91 35.99
CA PRO G 53 15.00 -32.62 37.04
C PRO G 53 15.89 -33.80 37.45
N LEU G 54 15.61 -34.36 38.61
CA LEU G 54 16.33 -35.51 39.11
C LEU G 54 15.52 -36.73 38.66
N GLN G 55 16.11 -37.58 37.83
CA GLN G 55 15.40 -38.77 37.37
C GLN G 55 15.82 -39.98 38.18
N LEU G 56 14.89 -40.50 38.98
CA LEU G 56 15.16 -41.65 39.81
C LEU G 56 15.11 -42.94 38.99
N GLY G 57 14.48 -42.88 37.83
CA GLY G 57 14.37 -44.04 36.96
C GLY G 57 13.77 -45.27 37.61
N LYS G 58 14.60 -46.31 37.75
CA LYS G 58 14.22 -47.59 38.34
C LYS G 58 14.12 -47.51 39.86
N CYS G 59 14.51 -46.38 40.42
CA CYS G 59 14.48 -46.19 41.86
C CYS G 59 13.36 -45.26 42.32
N ASN G 60 13.11 -45.22 43.63
CA ASN G 60 12.12 -44.32 44.20
C ASN G 60 12.80 -43.56 45.32
N ILE G 61 12.12 -42.58 45.91
CA ILE G 61 12.72 -41.79 46.98
C ILE G 61 13.44 -42.65 48.02
N ALA G 62 12.80 -43.71 48.49
CA ALA G 62 13.39 -44.58 49.50
C ALA G 62 14.76 -45.13 49.09
N GLY G 63 14.81 -45.79 47.94
CA GLY G 63 16.06 -46.35 47.45
C GLY G 63 17.16 -45.31 47.30
N TRP G 64 16.77 -44.14 46.84
CA TRP G 64 17.68 -43.02 46.64
C TRP G 64 18.30 -42.52 47.93
N LEU G 65 17.45 -42.27 48.94
CA LEU G 65 17.91 -41.75 50.21
C LEU G 65 18.63 -42.76 51.10
N LEU G 66 18.25 -44.03 51.01
CA LEU G 66 18.91 -45.05 51.83
C LEU G 66 20.20 -45.48 51.16
N GLY G 67 20.25 -45.33 49.85
CA GLY G 67 21.45 -45.72 49.13
C GLY G 67 21.36 -47.16 48.64
N ASN G 68 20.19 -47.54 48.16
CA ASN G 68 19.98 -48.88 47.62
C ASN G 68 21.07 -49.04 46.54
N PRO G 69 21.83 -50.14 46.56
CA PRO G 69 22.90 -50.37 45.57
C PRO G 69 22.48 -50.13 44.14
N GLU G 70 21.24 -50.48 43.80
CA GLU G 70 20.70 -50.31 42.45
C GLU G 70 20.52 -48.83 42.06
N CYS G 71 20.79 -47.91 42.98
CA CYS G 71 20.62 -46.49 42.70
C CYS G 71 21.92 -45.70 42.79
N ASP G 72 23.05 -46.38 42.63
CA ASP G 72 24.34 -45.71 42.71
C ASP G 72 24.51 -44.53 41.76
N PRO G 73 23.95 -44.60 40.55
CA PRO G 73 24.09 -43.48 39.60
C PRO G 73 23.51 -42.15 40.11
N LEU G 74 22.69 -42.21 41.14
CA LEU G 74 22.07 -41.00 41.70
C LEU G 74 22.91 -40.33 42.78
N LEU G 75 23.79 -41.11 43.40
CA LEU G 75 24.65 -40.61 44.46
C LEU G 75 25.28 -39.22 44.28
N PRO G 76 25.83 -38.93 43.09
CA PRO G 76 26.46 -37.63 42.83
C PRO G 76 25.55 -36.42 42.60
N VAL G 77 24.30 -36.64 42.18
CA VAL G 77 23.41 -35.52 41.93
C VAL G 77 23.26 -34.66 43.17
N ARG G 78 23.42 -33.35 43.00
CA ARG G 78 23.32 -32.41 44.12
C ARG G 78 22.14 -31.46 44.06
N SER G 79 21.68 -31.12 42.87
CA SER G 79 20.55 -30.21 42.72
C SER G 79 19.64 -30.62 41.57
N TRP G 80 18.40 -30.15 41.61
CA TRP G 80 17.40 -30.46 40.60
C TRP G 80 16.26 -29.45 40.65
N SER G 81 15.44 -29.41 39.60
CA SER G 81 14.32 -28.48 39.56
C SER G 81 13.02 -29.16 40.00
N TYR G 82 12.96 -30.48 39.85
CA TYR G 82 11.82 -31.29 40.24
C TYR G 82 12.26 -32.76 40.19
N ILE G 83 11.52 -33.64 40.86
CA ILE G 83 11.85 -35.06 40.92
C ILE G 83 10.89 -35.89 40.08
N VAL G 84 11.43 -36.86 39.34
CA VAL G 84 10.64 -37.71 38.47
C VAL G 84 10.75 -39.19 38.78
N GLU G 85 9.62 -39.82 39.07
CA GLU G 85 9.59 -41.25 39.31
C GLU G 85 8.92 -41.80 38.06
N THR G 86 9.13 -43.08 37.78
CA THR G 86 8.53 -43.68 36.59
C THR G 86 7.66 -44.83 37.05
N PRO G 87 6.86 -45.40 36.14
CA PRO G 87 5.99 -46.52 36.51
C PRO G 87 6.85 -47.69 37.01
N ASN G 88 8.11 -47.71 36.61
CA ASN G 88 9.03 -48.78 37.02
C ASN G 88 10.02 -48.40 38.11
N SER G 89 9.65 -47.47 38.99
CA SER G 89 10.52 -47.07 40.09
C SER G 89 10.23 -48.08 41.21
N GLU G 90 10.72 -49.29 41.02
CA GLU G 90 10.50 -50.39 41.95
C GLU G 90 11.53 -50.55 43.07
N ASN G 91 12.77 -50.13 42.81
CA ASN G 91 13.83 -50.26 43.82
C ASN G 91 13.79 -49.22 44.92
N GLY G 92 13.35 -49.65 46.09
CA GLY G 92 13.29 -48.76 47.23
C GLY G 92 14.09 -49.46 48.31
N ILE G 93 13.41 -49.91 49.35
CA ILE G 93 14.10 -50.63 50.41
C ILE G 93 14.36 -52.01 49.82
N CYS G 94 15.54 -52.58 50.08
CA CYS G 94 15.84 -53.92 49.56
C CYS G 94 15.70 -54.96 50.67
N TYR G 95 15.87 -54.53 51.93
CA TYR G 95 15.68 -55.43 53.04
C TYR G 95 14.24 -55.11 53.54
N PRO G 96 13.35 -56.10 53.51
CA PRO G 96 11.95 -55.92 53.94
C PRO G 96 11.77 -55.28 55.30
N GLY G 97 10.77 -54.42 55.39
CA GLY G 97 10.48 -53.74 56.65
C GLY G 97 9.63 -52.51 56.40
N ASP G 98 9.40 -51.74 57.45
CA ASP G 98 8.58 -50.54 57.31
C ASP G 98 9.40 -49.24 57.35
N PHE G 99 9.08 -48.32 56.45
CA PHE G 99 9.74 -47.02 56.36
C PHE G 99 8.81 -46.03 57.05
N ILE G 100 9.10 -45.71 58.31
CA ILE G 100 8.24 -44.81 59.07
C ILE G 100 8.14 -43.37 58.53
N ASP G 101 6.90 -42.90 58.39
CA ASP G 101 6.59 -41.56 57.90
C ASP G 101 7.24 -41.30 56.54
N TYR G 102 7.23 -42.33 55.70
CA TYR G 102 7.79 -42.24 54.37
C TYR G 102 7.10 -41.18 53.49
N GLU G 103 5.77 -41.12 53.55
CA GLU G 103 5.05 -40.14 52.73
C GLU G 103 5.42 -38.71 53.15
N GLU G 104 5.63 -38.49 54.45
CA GLU G 104 6.00 -37.18 54.97
C GLU G 104 7.40 -36.83 54.48
N LEU G 105 8.29 -37.83 54.45
CA LEU G 105 9.65 -37.60 54.00
C LEU G 105 9.62 -37.17 52.53
N ARG G 106 8.76 -37.81 51.75
CA ARG G 106 8.66 -37.47 50.33
C ARG G 106 8.20 -36.03 50.20
N GLU G 107 7.27 -35.62 51.05
CA GLU G 107 6.76 -34.27 51.01
C GLU G 107 7.88 -33.30 51.38
N GLN G 108 8.74 -33.72 52.30
CA GLN G 108 9.87 -32.88 52.70
C GLN G 108 10.78 -32.64 51.49
N LEU G 109 11.18 -33.72 50.83
CA LEU G 109 12.07 -33.62 49.67
C LEU G 109 11.46 -32.82 48.53
N SER G 110 10.15 -32.63 48.57
CA SER G 110 9.44 -31.88 47.53
C SER G 110 9.76 -30.39 47.51
N SER G 111 10.30 -29.88 48.62
CA SER G 111 10.64 -28.45 48.71
C SER G 111 12.14 -28.30 48.90
N VAL G 112 12.89 -29.32 48.51
CA VAL G 112 14.33 -29.27 48.61
C VAL G 112 14.83 -29.00 47.19
N SER G 113 15.70 -28.01 47.06
CA SER G 113 16.25 -27.63 45.77
C SER G 113 17.62 -28.26 45.61
N SER G 114 18.27 -28.56 46.72
CA SER G 114 19.58 -29.18 46.64
C SER G 114 20.06 -29.62 48.00
N PHE G 115 21.01 -30.54 48.01
CA PHE G 115 21.59 -30.98 49.27
C PHE G 115 23.01 -31.47 49.08
N GLU G 116 23.74 -31.64 50.19
CA GLU G 116 25.09 -32.16 50.10
C GLU G 116 25.11 -33.46 50.88
N ARG G 117 25.53 -34.53 50.21
CA ARG G 117 25.61 -35.83 50.83
C ARG G 117 26.98 -35.89 51.49
N PHE G 118 27.02 -36.03 52.81
CA PHE G 118 28.27 -36.09 53.54
C PHE G 118 28.29 -37.19 54.59
N GLU G 119 29.49 -37.65 54.95
CA GLU G 119 29.66 -38.70 55.96
C GLU G 119 29.41 -38.13 57.34
N ILE G 120 28.29 -38.49 57.95
CA ILE G 120 27.99 -38.00 59.27
C ILE G 120 28.78 -38.85 60.27
N PHE G 121 28.97 -40.13 59.94
CA PHE G 121 29.73 -41.05 60.79
C PHE G 121 30.66 -41.90 59.92
N PRO G 122 31.90 -41.43 59.70
CA PRO G 122 32.89 -42.14 58.89
C PRO G 122 33.02 -43.60 59.33
N LYS G 123 32.88 -44.51 58.37
CA LYS G 123 32.96 -45.93 58.64
C LYS G 123 34.18 -46.42 59.43
N GLU G 124 35.37 -46.02 59.00
CA GLU G 124 36.60 -46.48 59.65
C GLU G 124 36.90 -45.95 61.05
N SER G 125 36.41 -44.77 61.40
CA SER G 125 36.72 -44.22 62.72
C SER G 125 35.56 -44.10 63.70
N SER G 126 34.34 -44.31 63.23
CA SER G 126 33.18 -44.17 64.10
C SER G 126 32.86 -45.36 65.00
N TRP G 127 33.16 -46.57 64.54
CA TRP G 127 32.84 -47.78 65.31
C TRP G 127 34.05 -48.70 65.55
N PRO G 128 34.94 -48.30 66.47
CA PRO G 128 36.14 -49.06 66.83
C PRO G 128 35.86 -50.44 67.39
N ASN G 129 34.86 -50.53 68.27
CA ASN G 129 34.52 -51.78 68.92
C ASN G 129 33.42 -52.63 68.29
N HIS G 130 33.11 -52.37 67.02
CA HIS G 130 32.06 -53.14 66.37
C HIS G 130 32.44 -53.48 64.94
N ASN G 131 31.88 -54.57 64.42
CA ASN G 131 32.14 -54.92 63.03
C ASN G 131 31.17 -54.07 62.24
N THR G 132 31.57 -53.70 61.03
CA THR G 132 30.72 -52.86 60.18
C THR G 132 30.56 -53.46 58.81
N ASN G 133 30.95 -54.72 58.64
CA ASN G 133 30.86 -55.35 57.33
C ASN G 133 29.57 -56.09 57.04
N GLY G 134 28.57 -55.95 57.91
CA GLY G 134 27.30 -56.61 57.69
C GLY G 134 26.81 -56.39 56.27
N VAL G 135 26.43 -57.48 55.60
CA VAL G 135 25.98 -57.42 54.21
C VAL G 135 24.80 -58.39 54.07
N THR G 136 24.01 -58.25 53.00
CA THR G 136 22.87 -59.14 52.81
C THR G 136 22.56 -59.38 51.34
N ALA G 137 22.04 -60.56 51.03
CA ALA G 137 21.72 -60.91 49.64
C ALA G 137 20.52 -60.12 49.13
N ALA G 138 19.76 -59.56 50.07
CA ALA G 138 18.57 -58.78 49.75
C ALA G 138 18.95 -57.46 49.10
N CYS G 139 20.16 -56.99 49.38
CA CYS G 139 20.66 -55.75 48.79
C CYS G 139 21.94 -56.09 48.05
N SER G 140 21.82 -56.98 47.08
CA SER G 140 22.99 -57.39 46.32
C SER G 140 23.33 -56.45 45.18
N HIS G 141 24.60 -56.47 44.79
CA HIS G 141 25.09 -55.66 43.69
C HIS G 141 26.19 -56.46 42.99
N GLU G 142 26.11 -56.53 41.66
CA GLU G 142 27.07 -57.30 40.86
C GLU G 142 27.06 -58.76 41.34
N GLY G 143 25.87 -59.28 41.60
CA GLY G 143 25.74 -60.66 42.03
C GLY G 143 26.30 -60.99 43.40
N LYS G 144 26.76 -59.99 44.14
CA LYS G 144 27.32 -60.24 45.48
C LYS G 144 26.47 -59.54 46.55
N SER G 145 26.45 -60.10 47.75
CA SER G 145 25.70 -59.47 48.83
C SER G 145 26.35 -58.12 49.13
N SER G 146 25.53 -57.12 49.34
CA SER G 146 26.01 -55.79 49.63
C SER G 146 25.09 -55.13 50.65
N PHE G 147 25.11 -53.81 50.69
CA PHE G 147 24.25 -53.08 51.62
C PHE G 147 24.02 -51.64 51.17
N TYR G 148 23.14 -50.95 51.89
CA TYR G 148 22.81 -49.55 51.61
C TYR G 148 24.10 -48.73 51.68
N ARG G 149 24.26 -47.78 50.76
CA ARG G 149 25.46 -46.96 50.76
C ARG G 149 25.46 -45.89 51.83
N ASN G 150 24.31 -45.54 52.38
CA ASN G 150 24.26 -44.49 53.38
C ASN G 150 24.09 -44.98 54.80
N LEU G 151 23.99 -46.29 54.97
CA LEU G 151 23.83 -46.91 56.28
C LEU G 151 24.93 -47.95 56.54
N LEU G 152 25.15 -48.25 57.80
CA LEU G 152 26.15 -49.22 58.23
C LEU G 152 25.52 -50.26 59.15
N TRP G 153 25.63 -51.54 58.78
CA TRP G 153 25.06 -52.62 59.59
C TRP G 153 26.10 -53.04 60.61
N LEU G 154 25.98 -52.56 61.85
CA LEU G 154 26.91 -52.90 62.92
C LEU G 154 26.59 -54.26 63.53
N THR G 155 27.62 -55.01 63.91
CA THR G 155 27.43 -56.32 64.53
C THR G 155 28.47 -56.58 65.61
N GLU G 156 28.31 -57.73 66.26
CA GLU G 156 29.23 -58.15 67.31
C GLU G 156 30.67 -58.25 66.80
N LYS G 157 31.62 -57.97 67.67
CA LYS G 157 33.03 -58.05 67.33
C LYS G 157 33.74 -58.90 68.39
N GLU G 158 34.39 -59.97 67.93
CA GLU G 158 35.10 -60.86 68.85
C GLU G 158 34.19 -61.33 69.98
N GLY G 159 32.95 -61.67 69.62
CA GLY G 159 32.00 -62.17 70.59
C GLY G 159 31.39 -61.16 71.53
N SER G 160 31.50 -59.88 71.21
CA SER G 160 30.93 -58.85 72.09
C SER G 160 30.34 -57.67 71.33
N TYR G 161 29.28 -57.09 71.88
CA TYR G 161 28.65 -55.91 71.30
C TYR G 161 28.54 -54.89 72.42
N PRO G 162 29.60 -54.11 72.64
CA PRO G 162 29.64 -53.09 73.69
C PRO G 162 28.60 -52.02 73.47
N LYS G 163 28.03 -51.51 74.55
CA LYS G 163 27.03 -50.45 74.42
C LYS G 163 27.74 -49.29 73.74
N LEU G 164 27.18 -48.81 72.64
CA LEU G 164 27.79 -47.71 71.91
C LEU G 164 27.04 -46.40 72.11
N LYS G 165 27.75 -45.29 71.94
CA LYS G 165 27.15 -43.97 72.05
C LYS G 165 27.95 -43.03 71.19
N ASN G 166 27.33 -42.58 70.12
CA ASN G 166 28.01 -41.66 69.21
C ASN G 166 27.07 -40.49 68.96
N SER G 167 27.65 -39.36 68.62
CA SER G 167 26.85 -38.17 68.37
C SER G 167 27.48 -37.31 67.29
N TYR G 168 26.65 -36.46 66.70
CA TYR G 168 27.10 -35.55 65.65
C TYR G 168 26.46 -34.21 65.89
N VAL G 169 27.28 -33.16 65.83
CA VAL G 169 26.80 -31.81 66.02
C VAL G 169 26.63 -31.22 64.63
N ASN G 170 25.45 -30.69 64.35
CA ASN G 170 25.18 -30.12 63.03
C ASN G 170 25.79 -28.74 62.85
N LYS G 171 26.90 -28.67 62.13
CA LYS G 171 27.57 -27.41 61.89
C LYS G 171 27.46 -26.98 60.43
N LYS G 172 26.56 -27.62 59.70
CA LYS G 172 26.34 -27.33 58.29
C LYS G 172 25.61 -26.01 57.99
N GLY G 173 24.92 -25.46 58.99
CA GLY G 173 24.19 -24.22 58.76
C GLY G 173 22.88 -24.47 58.01
N LYS G 174 22.47 -25.74 57.99
CA LYS G 174 21.25 -26.16 57.31
C LYS G 174 20.68 -27.37 58.03
N GLU G 175 19.44 -27.70 57.70
CA GLU G 175 18.81 -28.86 58.30
C GLU G 175 19.56 -30.07 57.74
N VAL G 176 19.80 -31.05 58.60
CA VAL G 176 20.47 -32.27 58.16
C VAL G 176 19.48 -33.42 58.31
N LEU G 177 19.17 -34.07 57.20
CA LEU G 177 18.27 -35.22 57.21
C LEU G 177 19.10 -36.44 57.60
N VAL G 178 18.71 -37.10 58.68
CA VAL G 178 19.43 -38.29 59.10
C VAL G 178 18.50 -39.49 59.00
N LEU G 179 18.99 -40.57 58.39
CA LEU G 179 18.19 -41.79 58.25
C LEU G 179 18.93 -42.92 58.98
N TRP G 180 18.19 -43.93 59.42
CA TRP G 180 18.80 -45.06 60.11
C TRP G 180 17.81 -46.21 60.17
N GLY G 181 18.29 -47.35 60.67
CA GLY G 181 17.43 -48.52 60.75
C GLY G 181 17.52 -49.28 62.06
N ILE G 182 16.61 -50.22 62.23
CA ILE G 182 16.57 -51.06 63.41
C ILE G 182 16.30 -52.46 62.88
N HIS G 183 17.23 -53.38 63.13
CA HIS G 183 17.06 -54.74 62.66
C HIS G 183 16.25 -55.58 63.63
N HIS G 184 15.37 -56.41 63.10
CA HIS G 184 14.52 -57.30 63.89
C HIS G 184 14.77 -58.72 63.40
N PRO G 185 15.65 -59.46 64.08
CA PRO G 185 15.95 -60.84 63.69
C PRO G 185 14.70 -61.73 63.79
N PRO G 186 14.65 -62.82 63.02
CA PRO G 186 13.51 -63.75 63.04
C PRO G 186 13.46 -64.69 64.26
N ASN G 187 14.58 -64.79 64.98
CA ASN G 187 14.66 -65.65 66.17
C ASN G 187 15.80 -65.23 67.11
N SER G 188 15.67 -65.61 68.37
CA SER G 188 16.65 -65.27 69.39
C SER G 188 18.07 -65.74 69.06
N LYS G 189 18.17 -66.82 68.26
CA LYS G 189 19.49 -67.31 67.90
C LYS G 189 20.25 -66.29 67.04
N GLU G 190 19.58 -65.74 66.03
CA GLU G 190 20.21 -64.74 65.17
C GLU G 190 20.50 -63.49 66.00
N GLN G 191 19.54 -63.09 66.82
CA GLN G 191 19.71 -61.92 67.66
C GLN G 191 21.00 -62.09 68.48
N GLN G 192 21.26 -63.32 68.92
CA GLN G 192 22.45 -63.62 69.71
C GLN G 192 23.73 -63.68 68.87
N ASN G 193 23.67 -64.34 67.72
CA ASN G 193 24.86 -64.40 66.88
C ASN G 193 25.29 -63.00 66.43
N LEU G 194 24.33 -62.20 66.01
CA LEU G 194 24.62 -60.85 65.53
C LEU G 194 24.87 -59.80 66.58
N TYR G 195 24.16 -59.85 67.72
CA TYR G 195 24.35 -58.80 68.71
C TYR G 195 24.69 -59.22 70.13
N GLN G 196 24.84 -60.52 70.38
CA GLN G 196 25.16 -61.02 71.70
C GLN G 196 24.08 -60.73 72.74
N ASN G 197 23.89 -59.45 73.05
CA ASN G 197 22.90 -59.03 74.02
C ASN G 197 21.50 -59.49 73.60
N GLU G 198 20.82 -60.18 74.51
CA GLU G 198 19.48 -60.73 74.26
C GLU G 198 18.38 -59.67 74.34
N ASN G 199 18.56 -58.70 75.24
CA ASN G 199 17.60 -57.63 75.40
C ASN G 199 18.30 -56.32 75.06
N ALA G 200 18.22 -55.96 73.79
CA ALA G 200 18.86 -54.77 73.30
C ALA G 200 17.89 -53.62 73.06
N TYR G 201 18.44 -52.42 72.94
CA TYR G 201 17.65 -51.23 72.69
C TYR G 201 18.50 -50.21 71.93
N VAL G 202 17.82 -49.36 71.17
CA VAL G 202 18.49 -48.32 70.42
C VAL G 202 17.81 -47.02 70.85
N SER G 203 18.60 -45.98 71.01
CA SER G 203 18.06 -44.69 71.42
C SER G 203 18.56 -43.61 70.48
N VAL G 204 17.65 -42.75 70.04
CA VAL G 204 18.03 -41.66 69.14
C VAL G 204 17.38 -40.39 69.69
N VAL G 205 18.20 -39.39 69.97
CA VAL G 205 17.68 -38.14 70.51
C VAL G 205 18.36 -36.91 69.95
N THR G 206 17.61 -35.80 69.94
CA THR G 206 18.12 -34.51 69.51
C THR G 206 17.44 -33.57 70.50
N SER G 207 17.40 -32.28 70.19
CA SER G 207 16.76 -31.35 71.10
C SER G 207 15.26 -31.51 70.98
N ASN G 208 14.79 -31.92 69.81
CA ASN G 208 13.35 -32.06 69.59
C ASN G 208 12.88 -33.44 69.14
N TYR G 209 13.79 -34.41 69.09
CA TYR G 209 13.43 -35.77 68.70
C TYR G 209 13.84 -36.68 69.86
N ASN G 210 13.01 -37.68 70.16
CA ASN G 210 13.30 -38.59 71.27
C ASN G 210 12.53 -39.90 71.13
N ARG G 211 13.22 -40.93 70.65
CA ARG G 211 12.59 -42.24 70.48
C ARG G 211 13.48 -43.40 70.89
N ARG G 212 12.86 -44.44 71.42
CA ARG G 212 13.59 -45.62 71.85
C ARG G 212 13.03 -46.76 71.02
N PHE G 213 13.89 -47.69 70.61
CA PHE G 213 13.44 -48.80 69.79
C PHE G 213 13.83 -50.13 70.44
N THR G 214 12.91 -51.09 70.36
CA THR G 214 13.11 -52.40 70.96
C THR G 214 12.93 -53.48 69.91
N PRO G 215 13.92 -54.37 69.76
CA PRO G 215 13.82 -55.46 68.77
C PRO G 215 12.58 -56.30 69.08
N GLU G 216 11.82 -56.63 68.04
CA GLU G 216 10.63 -57.46 68.20
C GLU G 216 10.97 -58.69 67.38
N ILE G 217 11.26 -59.78 68.09
CA ILE G 217 11.71 -61.02 67.48
C ILE G 217 10.62 -62.06 67.25
N ALA G 218 10.47 -62.47 66.00
CA ALA G 218 9.46 -63.46 65.63
C ALA G 218 9.62 -63.94 64.19
N GLU G 219 9.21 -65.19 63.94
CA GLU G 219 9.27 -65.78 62.60
C GLU G 219 8.31 -64.98 61.72
N ARG G 220 8.71 -64.71 60.49
CA ARG G 220 7.86 -63.95 59.60
C ARG G 220 7.91 -64.48 58.16
N PRO G 221 6.84 -64.22 57.37
CA PRO G 221 6.86 -64.71 55.99
C PRO G 221 8.11 -64.12 55.35
N LYS G 222 8.67 -64.81 54.36
CA LYS G 222 9.86 -64.31 53.72
C LYS G 222 9.55 -63.32 52.62
N VAL G 223 10.28 -62.21 52.61
CA VAL G 223 10.15 -61.18 51.58
C VAL G 223 11.59 -61.04 51.11
N ARG G 224 11.82 -61.15 49.81
CA ARG G 224 13.18 -61.10 49.26
C ARG G 224 13.95 -62.12 50.10
N ASP G 225 13.28 -63.24 50.33
CA ASP G 225 13.71 -64.38 51.16
C ASP G 225 14.41 -64.04 52.46
N GLN G 226 13.83 -63.06 53.16
CA GLN G 226 14.33 -62.62 54.46
C GLN G 226 13.16 -62.77 55.44
N ALA G 227 13.38 -63.49 56.53
CA ALA G 227 12.32 -63.66 57.52
C ALA G 227 12.48 -62.48 58.48
N GLY G 228 13.63 -61.84 58.40
CA GLY G 228 13.91 -60.72 59.26
C GLY G 228 13.26 -59.46 58.72
N ARG G 229 13.31 -58.40 59.52
CA ARG G 229 12.73 -57.13 59.10
C ARG G 229 13.63 -55.99 59.53
N MET G 230 13.59 -54.92 58.75
CA MET G 230 14.38 -53.75 59.04
C MET G 230 13.45 -52.54 58.90
N ASN G 231 13.30 -51.77 59.98
CA ASN G 231 12.45 -50.58 59.91
C ASN G 231 13.34 -49.36 59.78
N TYR G 232 12.93 -48.41 58.95
CA TYR G 232 13.74 -47.22 58.74
C TYR G 232 13.10 -45.97 59.30
N TYR G 233 13.94 -45.12 59.90
CA TYR G 233 13.47 -43.88 60.49
C TYR G 233 14.34 -42.72 60.05
N TRP G 234 13.83 -41.51 60.23
CA TRP G 234 14.55 -40.29 59.86
C TRP G 234 14.10 -39.15 60.75
N THR G 235 14.90 -38.09 60.79
CA THR G 235 14.58 -36.88 61.55
C THR G 235 15.35 -35.72 60.94
N LEU G 236 14.86 -34.50 61.11
CA LEU G 236 15.56 -33.35 60.59
C LEU G 236 16.31 -32.75 61.76
N LEU G 237 17.64 -32.74 61.65
CA LEU G 237 18.47 -32.17 62.70
C LEU G 237 18.64 -30.68 62.37
N LYS G 238 18.08 -29.83 63.24
CA LYS G 238 18.16 -28.38 63.08
C LYS G 238 19.62 -27.91 63.12
N PRO G 239 19.90 -26.74 62.53
CA PRO G 239 21.27 -26.20 62.52
C PRO G 239 21.79 -25.96 63.94
N GLY G 240 23.00 -26.42 64.22
CA GLY G 240 23.55 -26.25 65.55
C GLY G 240 23.16 -27.30 66.57
N ASP G 241 22.14 -28.11 66.27
CA ASP G 241 21.72 -29.13 67.22
C ASP G 241 22.57 -30.40 67.14
N THR G 242 22.42 -31.26 68.13
CA THR G 242 23.18 -32.51 68.23
C THR G 242 22.27 -33.75 68.25
N ILE G 243 22.63 -34.76 67.46
CA ILE G 243 21.87 -35.99 67.47
C ILE G 243 22.74 -37.06 68.14
N ILE G 244 22.16 -37.80 69.08
CA ILE G 244 22.90 -38.83 69.79
C ILE G 244 22.33 -40.22 69.63
N PHE G 245 23.18 -41.14 69.20
CA PHE G 245 22.80 -42.54 69.01
C PHE G 245 23.39 -43.37 70.16
N GLU G 246 22.58 -44.25 70.73
CA GLU G 246 23.03 -45.11 71.81
C GLU G 246 22.38 -46.46 71.59
N ALA G 247 23.17 -47.53 71.66
CA ALA G 247 22.62 -48.84 71.44
C ALA G 247 23.53 -49.96 71.93
N ASN G 248 22.93 -51.12 72.14
CA ASN G 248 23.66 -52.29 72.56
C ASN G 248 23.26 -53.42 71.62
N GLY G 249 22.88 -53.02 70.40
CA GLY G 249 22.49 -53.97 69.37
C GLY G 249 21.39 -53.48 68.43
N ASN G 250 21.22 -54.15 67.31
CA ASN G 250 20.14 -53.87 66.35
C ASN G 250 20.13 -52.55 65.57
N LEU G 251 21.13 -51.71 65.77
CA LEU G 251 21.20 -50.44 65.07
C LEU G 251 21.81 -50.55 63.68
N ILE G 252 21.13 -49.97 62.70
CA ILE G 252 21.63 -49.92 61.33
C ILE G 252 21.94 -48.43 61.28
N ALA G 253 23.15 -48.11 61.70
CA ALA G 253 23.65 -46.75 61.81
C ALA G 253 23.75 -45.89 60.56
N PRO G 254 23.69 -44.58 60.75
CA PRO G 254 23.80 -43.63 59.64
C PRO G 254 25.27 -43.54 59.26
N MET G 255 25.55 -43.44 57.97
CA MET G 255 26.93 -43.29 57.54
C MET G 255 26.95 -41.97 56.78
N TYR G 256 26.02 -41.83 55.83
CA TYR G 256 25.88 -40.59 55.08
C TYR G 256 24.58 -39.91 55.44
N ALA G 257 24.63 -38.59 55.60
CA ALA G 257 23.45 -37.78 55.92
C ALA G 257 23.33 -36.68 54.86
N PHE G 258 22.28 -35.86 54.93
CA PHE G 258 22.08 -34.82 53.93
C PHE G 258 21.80 -33.42 54.49
N ALA G 259 22.57 -32.44 54.06
CA ALA G 259 22.38 -31.04 54.47
C ALA G 259 21.47 -30.49 53.38
N LEU G 260 20.25 -30.15 53.75
CA LEU G 260 19.26 -29.69 52.78
C LEU G 260 19.11 -28.18 52.55
N ARG G 261 18.90 -27.80 51.29
CA ARG G 261 18.69 -26.41 50.96
C ARG G 261 17.26 -26.36 50.38
N ARG G 262 16.43 -25.49 50.94
CA ARG G 262 15.04 -25.36 50.50
C ARG G 262 14.86 -24.44 49.31
N GLY G 263 13.85 -24.76 48.50
CA GLY G 263 13.54 -23.95 47.32
C GLY G 263 12.02 -23.87 47.17
N PHE G 264 11.57 -23.33 46.06
CA PHE G 264 10.13 -23.21 45.82
C PHE G 264 9.79 -23.72 44.43
N GLY G 265 8.55 -24.15 44.24
CA GLY G 265 8.11 -24.62 42.95
C GLY G 265 8.43 -26.05 42.58
N SER G 266 9.17 -26.77 43.41
CA SER G 266 9.49 -28.15 43.06
C SER G 266 8.39 -29.14 43.46
N GLY G 267 8.57 -30.38 43.05
CA GLY G 267 7.59 -31.42 43.36
C GLY G 267 7.99 -32.75 42.77
N ILE G 268 7.22 -33.79 43.06
CA ILE G 268 7.51 -35.11 42.53
C ILE G 268 6.39 -35.55 41.59
N ILE G 269 6.77 -35.86 40.35
CA ILE G 269 5.81 -36.32 39.35
C ILE G 269 6.20 -37.72 38.87
N THR G 270 5.24 -38.42 38.29
CA THR G 270 5.44 -39.76 37.76
C THR G 270 5.29 -39.64 36.25
N SER G 271 6.27 -40.09 35.50
CA SER G 271 6.19 -39.96 34.05
C SER G 271 6.96 -41.05 33.32
N ASN G 272 6.53 -41.39 32.12
CA ASN G 272 7.26 -42.37 31.33
C ASN G 272 7.84 -41.68 30.11
N ALA G 273 7.86 -40.34 30.14
CA ALA G 273 8.42 -39.56 29.05
C ALA G 273 9.93 -39.46 29.27
N SER G 274 10.68 -39.15 28.23
CA SER G 274 12.13 -39.06 28.36
C SER G 274 12.69 -37.64 28.52
N MET G 275 13.82 -37.55 29.19
CA MET G 275 14.53 -36.30 29.40
C MET G 275 15.25 -35.95 28.09
N HIS G 276 15.11 -34.70 27.66
CA HIS G 276 15.75 -34.20 26.45
C HIS G 276 16.38 -32.86 26.78
N GLU G 277 17.38 -32.44 26.01
CA GLU G 277 18.02 -31.15 26.26
C GLU G 277 17.08 -30.08 25.71
N CYS G 278 16.04 -29.83 26.49
CA CYS G 278 15.00 -28.87 26.17
C CYS G 278 14.77 -28.04 27.42
N ASN G 279 14.24 -26.83 27.25
CA ASN G 279 13.98 -25.95 28.39
C ASN G 279 12.51 -25.48 28.39
N THR G 280 11.96 -25.27 29.59
CA THR G 280 10.56 -24.83 29.69
C THR G 280 10.26 -24.08 30.98
N LYS G 281 9.09 -23.49 31.02
CA LYS G 281 8.62 -22.78 32.20
C LYS G 281 7.42 -23.57 32.74
N CYS G 282 6.98 -24.56 31.96
CA CYS G 282 5.85 -25.39 32.34
C CYS G 282 6.03 -26.85 31.92
N GLN G 283 6.08 -27.74 32.90
CA GLN G 283 6.27 -29.16 32.63
C GLN G 283 5.16 -30.06 33.19
N THR G 284 4.70 -31.02 32.39
CA THR G 284 3.68 -31.97 32.85
C THR G 284 4.24 -33.37 32.63
N PRO G 285 3.63 -34.38 33.26
CA PRO G 285 4.10 -35.77 33.12
C PRO G 285 4.07 -36.28 31.68
N LEU G 286 3.34 -35.59 30.81
CA LEU G 286 3.23 -36.01 29.42
C LEU G 286 4.16 -35.23 28.50
N GLY G 287 4.53 -34.03 28.96
CA GLY G 287 5.39 -33.18 28.14
C GLY G 287 5.37 -31.74 28.61
N ALA G 288 6.31 -30.96 28.10
CA ALA G 288 6.41 -29.56 28.46
C ALA G 288 5.48 -28.72 27.60
N ILE G 289 5.05 -27.60 28.17
CA ILE G 289 4.13 -26.68 27.51
C ILE G 289 4.75 -25.29 27.37
N ASN G 290 4.56 -24.70 26.20
CA ASN G 290 5.01 -23.34 25.94
C ASN G 290 3.76 -22.63 25.43
N SER G 291 3.07 -21.93 26.32
CA SER G 291 1.84 -21.27 25.94
C SER G 291 1.52 -20.06 26.80
N SER G 292 0.65 -19.21 26.29
CA SER G 292 0.20 -18.01 26.99
C SER G 292 -1.31 -18.07 27.19
N LEU G 293 -1.93 -19.15 26.73
CA LEU G 293 -3.36 -19.34 26.87
C LEU G 293 -3.69 -19.58 28.33
N PRO G 294 -4.86 -19.11 28.80
CA PRO G 294 -5.29 -19.28 30.19
C PRO G 294 -5.61 -20.70 30.63
N TYR G 295 -6.01 -21.56 29.70
CA TYR G 295 -6.34 -22.94 30.04
C TYR G 295 -5.57 -23.99 29.25
N GLN G 296 -5.66 -25.23 29.72
CA GLN G 296 -5.01 -26.36 29.06
C GLN G 296 -5.77 -27.62 29.48
N ASN G 297 -5.89 -28.58 28.57
CA ASN G 297 -6.59 -29.81 28.88
C ASN G 297 -5.64 -30.99 28.74
N ILE G 298 -4.35 -30.72 28.96
CA ILE G 298 -3.30 -31.73 28.84
C ILE G 298 -3.13 -32.63 30.06
N HIS G 299 -2.91 -32.05 31.22
CA HIS G 299 -2.74 -32.85 32.42
C HIS G 299 -2.92 -31.98 33.65
N PRO G 300 -3.46 -32.56 34.74
CA PRO G 300 -3.66 -31.79 35.97
C PRO G 300 -2.41 -31.61 36.81
N VAL G 301 -1.38 -32.44 36.56
CA VAL G 301 -0.12 -32.33 37.32
C VAL G 301 0.76 -31.34 36.56
N THR G 302 1.22 -30.35 37.30
CA THR G 302 1.98 -29.25 36.73
C THR G 302 3.18 -28.78 37.55
N ILE G 303 4.27 -28.48 36.87
CA ILE G 303 5.48 -27.96 37.51
C ILE G 303 5.84 -26.64 36.84
N GLY G 304 5.89 -25.57 37.63
CA GLY G 304 6.26 -24.26 37.09
C GLY G 304 5.13 -23.25 37.01
N GLU G 305 4.99 -22.61 35.85
CA GLU G 305 3.95 -21.61 35.62
C GLU G 305 3.19 -22.11 34.41
N CYS G 306 1.98 -22.59 34.65
CA CYS G 306 1.20 -23.18 33.59
C CYS G 306 -0.24 -22.67 33.45
N PRO G 307 -0.91 -23.07 32.35
CA PRO G 307 -2.30 -22.65 32.14
C PRO G 307 -3.12 -23.51 33.11
N LYS G 308 -4.32 -23.08 33.46
CA LYS G 308 -5.15 -23.84 34.39
C LYS G 308 -5.71 -25.08 33.71
N TYR G 309 -5.60 -26.22 34.38
CA TYR G 309 -6.13 -27.46 33.82
C TYR G 309 -7.66 -27.52 33.92
N VAL G 310 -8.28 -27.91 32.82
CA VAL G 310 -9.73 -28.01 32.75
C VAL G 310 -10.04 -29.24 31.89
N ARG G 311 -11.19 -29.86 32.10
CA ARG G 311 -11.56 -31.06 31.34
C ARG G 311 -12.08 -30.74 29.95
N SER G 312 -12.25 -29.46 29.64
CA SER G 312 -12.78 -29.03 28.35
C SER G 312 -12.04 -29.58 27.13
N ALA G 313 -12.79 -29.82 26.07
CA ALA G 313 -12.24 -30.32 24.81
C ALA G 313 -12.10 -29.14 23.87
N LYS G 314 -12.86 -28.09 24.14
CA LYS G 314 -12.83 -26.89 23.31
C LYS G 314 -13.21 -25.63 24.07
N LEU G 315 -12.42 -24.58 23.88
CA LEU G 315 -12.68 -23.29 24.51
C LEU G 315 -12.25 -22.22 23.52
N ARG G 316 -13.16 -21.85 22.61
CA ARG G 316 -12.87 -20.84 21.60
C ARG G 316 -13.77 -19.62 21.79
N MET G 317 -13.15 -18.46 21.83
CA MET G 317 -13.85 -17.20 22.02
C MET G 317 -13.98 -16.45 20.70
N VAL G 318 -15.21 -16.25 20.24
CA VAL G 318 -15.44 -15.54 18.98
C VAL G 318 -15.03 -14.08 19.12
N THR G 319 -14.33 -13.58 18.10
CA THR G 319 -13.89 -12.20 18.08
C THR G 319 -14.60 -11.45 16.94
N GLY G 320 -14.64 -12.07 15.77
CA GLY G 320 -15.31 -11.45 14.65
C GLY G 320 -16.82 -11.59 14.79
N LEU G 321 -17.52 -11.64 13.67
CA LEU G 321 -18.97 -11.78 13.72
C LEU G 321 -19.40 -13.03 12.99
N ARG G 322 -20.71 -13.27 12.98
CA ARG G 322 -21.25 -14.43 12.30
C ARG G 322 -20.75 -14.35 10.85
N ASN G 323 -20.26 -15.46 10.33
CA ASN G 323 -19.75 -15.47 8.96
C ASN G 323 -20.79 -15.92 7.96
N ILE G 324 -21.12 -15.05 7.01
CA ILE G 324 -22.11 -15.35 6.00
C ILE G 324 -21.61 -14.94 4.61
N PRO G 325 -20.81 -15.81 3.98
CA PRO G 325 -20.25 -15.56 2.64
C PRO G 325 -21.32 -15.19 1.61
N ALA G 326 -22.52 -15.72 1.82
CA ALA G 326 -23.64 -15.45 0.92
C ALA G 326 -23.28 -15.81 -0.53
N ARG G 327 -23.16 -17.11 -0.80
CA ARG G 327 -22.82 -17.59 -2.12
C ARG G 327 -24.03 -18.23 -2.82
N GLY H 1 -30.69 -12.34 15.28
CA GLY H 1 -29.85 -11.44 16.03
C GLY H 1 -30.68 -10.56 16.94
N LEU H 2 -30.09 -10.16 18.07
CA LEU H 2 -30.80 -9.32 19.03
C LEU H 2 -31.18 -7.93 18.49
N PHE H 3 -30.39 -7.42 17.54
CA PHE H 3 -30.69 -6.10 17.01
C PHE H 3 -31.28 -6.06 15.59
N GLY H 4 -31.49 -7.22 15.00
CA GLY H 4 -32.09 -7.31 13.67
C GLY H 4 -31.31 -7.02 12.42
N ALA H 5 -30.09 -6.51 12.54
CA ALA H 5 -29.28 -6.19 11.36
C ALA H 5 -28.58 -7.41 10.75
N ILE H 6 -27.49 -7.87 11.38
CA ILE H 6 -26.74 -9.02 10.88
C ILE H 6 -27.63 -10.25 10.73
N ALA H 7 -27.66 -10.80 9.52
CA ALA H 7 -28.49 -11.96 9.23
C ALA H 7 -29.96 -11.57 9.46
N GLY H 8 -30.22 -10.26 9.37
CA GLY H 8 -31.56 -9.74 9.55
C GLY H 8 -32.00 -8.98 8.31
N PHE H 9 -32.27 -7.69 8.46
CA PHE H 9 -32.70 -6.90 7.30
C PHE H 9 -31.52 -6.69 6.35
N ILE H 10 -30.36 -7.18 6.76
CA ILE H 10 -29.16 -7.13 5.93
C ILE H 10 -28.74 -8.60 5.85
N GLU H 11 -29.44 -9.33 5.00
CA GLU H 11 -29.25 -10.77 4.78
C GLU H 11 -27.87 -11.38 4.97
N GLY H 12 -26.86 -10.85 4.29
CA GLY H 12 -25.53 -11.42 4.42
C GLY H 12 -24.35 -10.48 4.52
N GLY H 13 -23.15 -11.06 4.45
CA GLY H 13 -21.93 -10.27 4.54
C GLY H 13 -21.19 -10.12 3.22
N TRP H 14 -20.19 -9.24 3.22
CA TRP H 14 -19.42 -8.98 2.02
C TRP H 14 -18.01 -9.54 2.10
N THR H 15 -17.71 -10.56 1.30
CA THR H 15 -16.36 -11.12 1.31
C THR H 15 -15.46 -10.14 0.57
N GLY H 16 -16.08 -9.17 -0.09
CA GLY H 16 -15.35 -8.16 -0.83
C GLY H 16 -14.75 -7.07 0.02
N MET H 17 -15.35 -6.80 1.17
CA MET H 17 -14.82 -5.76 2.06
C MET H 17 -13.85 -6.39 3.05
N ILE H 18 -12.58 -6.01 2.93
CA ILE H 18 -11.56 -6.58 3.80
C ILE H 18 -10.79 -5.56 4.65
N ASP H 19 -11.34 -4.36 4.78
CA ASP H 19 -10.70 -3.30 5.57
C ASP H 19 -11.18 -3.20 7.01
N GLY H 20 -12.27 -3.90 7.32
CA GLY H 20 -12.80 -3.85 8.68
C GLY H 20 -14.02 -4.75 8.81
N TRP H 21 -14.71 -4.65 9.93
CA TRP H 21 -15.90 -5.48 10.16
C TRP H 21 -17.20 -4.86 9.64
N TYR H 22 -17.26 -3.54 9.62
CA TYR H 22 -18.45 -2.82 9.15
C TYR H 22 -18.06 -1.79 8.10
N GLY H 23 -18.87 -1.67 7.05
CA GLY H 23 -18.55 -0.70 6.02
C GLY H 23 -19.66 -0.35 5.03
N TYR H 24 -19.26 0.30 3.94
CA TYR H 24 -20.20 0.72 2.91
C TYR H 24 -19.80 0.14 1.56
N HIS H 25 -20.79 -0.02 0.68
CA HIS H 25 -20.53 -0.56 -0.66
C HIS H 25 -20.43 0.57 -1.67
N HIS H 26 -21.55 1.25 -1.91
CA HIS H 26 -21.61 2.37 -2.86
C HIS H 26 -21.23 2.02 -4.31
N GLN H 27 -22.06 2.46 -5.24
CA GLN H 27 -21.82 2.24 -6.67
C GLN H 27 -22.24 3.47 -7.46
N ASN H 28 -21.35 4.44 -7.53
CA ASN H 28 -21.59 5.69 -8.23
C ASN H 28 -21.27 5.56 -9.72
N GLU H 29 -21.67 6.55 -10.50
CA GLU H 29 -21.42 6.54 -11.94
C GLU H 29 -19.93 6.48 -12.24
N GLN H 30 -19.11 6.68 -11.21
CA GLN H 30 -17.67 6.66 -11.35
C GLN H 30 -17.10 5.27 -11.04
N GLY H 31 -17.96 4.40 -10.49
CA GLY H 31 -17.52 3.05 -10.18
C GLY H 31 -18.01 2.54 -8.83
N SER H 32 -17.76 1.27 -8.56
CA SER H 32 -18.17 0.63 -7.31
C SER H 32 -17.02 0.58 -6.30
N GLY H 33 -16.96 -0.51 -5.53
CA GLY H 33 -15.92 -0.66 -4.54
C GLY H 33 -16.45 -0.72 -3.12
N TYR H 34 -15.57 -1.02 -2.17
CA TYR H 34 -15.96 -1.10 -0.76
C TYR H 34 -15.07 -0.21 0.08
N ALA H 35 -15.56 0.16 1.26
CA ALA H 35 -14.81 1.00 2.18
C ALA H 35 -15.27 0.66 3.60
N ALA H 36 -14.32 0.40 4.49
CA ALA H 36 -14.66 0.07 5.87
C ALA H 36 -14.61 1.28 6.77
N ASP H 37 -15.59 1.39 7.67
CA ASP H 37 -15.64 2.51 8.60
C ASP H 37 -14.66 2.27 9.74
N GLN H 38 -13.62 3.09 9.82
CA GLN H 38 -12.62 2.94 10.87
C GLN H 38 -13.23 3.24 12.22
N LYS H 39 -14.04 4.29 12.28
CA LYS H 39 -14.69 4.70 13.52
C LYS H 39 -15.31 3.47 14.22
N SER H 40 -16.24 2.80 13.53
CA SER H 40 -16.92 1.63 14.06
C SER H 40 -16.01 0.43 14.29
N THR H 41 -15.45 -0.09 13.21
CA THR H 41 -14.56 -1.24 13.28
C THR H 41 -13.47 -1.11 14.33
N GLN H 42 -12.95 0.09 14.52
CA GLN H 42 -11.89 0.27 15.50
C GLN H 42 -12.40 0.24 16.93
N ASN H 43 -13.53 0.89 17.18
CA ASN H 43 -14.09 0.89 18.53
C ASN H 43 -14.46 -0.54 18.88
N ALA H 44 -14.89 -1.29 17.86
CA ALA H 44 -15.27 -2.68 18.05
C ALA H 44 -14.02 -3.48 18.41
N ILE H 45 -12.92 -3.21 17.71
CA ILE H 45 -11.69 -3.93 18.00
C ILE H 45 -11.16 -3.61 19.40
N ASN H 46 -11.43 -2.40 19.89
CA ASN H 46 -10.97 -2.05 21.22
C ASN H 46 -11.78 -2.80 22.28
N GLY H 47 -13.10 -2.77 22.13
CA GLY H 47 -13.96 -3.46 23.08
C GLY H 47 -13.68 -4.95 23.18
N ILE H 48 -13.71 -5.63 22.04
CA ILE H 48 -13.48 -7.07 21.99
C ILE H 48 -12.08 -7.48 22.45
N THR H 49 -11.09 -6.65 22.15
CA THR H 49 -9.73 -6.95 22.58
C THR H 49 -9.69 -6.88 24.10
N ASN H 50 -10.33 -5.85 24.65
CA ASN H 50 -10.38 -5.68 26.10
C ASN H 50 -11.09 -6.87 26.74
N LYS H 51 -12.16 -7.33 26.11
CA LYS H 51 -12.92 -8.45 26.65
C LYS H 51 -12.05 -9.70 26.74
N VAL H 52 -11.47 -10.10 25.62
CA VAL H 52 -10.62 -11.27 25.57
C VAL H 52 -9.48 -11.17 26.59
N ASN H 53 -8.88 -9.99 26.69
CA ASN H 53 -7.79 -9.80 27.64
C ASN H 53 -8.33 -9.91 29.06
N SER H 54 -9.55 -9.43 29.28
CA SER H 54 -10.13 -9.52 30.60
C SER H 54 -10.29 -10.99 30.96
N VAL H 55 -10.89 -11.76 30.08
CA VAL H 55 -11.10 -13.18 30.30
C VAL H 55 -9.77 -13.88 30.63
N ILE H 56 -8.74 -13.55 29.87
CA ILE H 56 -7.43 -14.15 30.08
C ILE H 56 -6.81 -13.75 31.41
N GLU H 57 -6.71 -12.44 31.64
CA GLU H 57 -6.13 -11.93 32.87
C GLU H 57 -6.76 -12.48 34.14
N LYS H 58 -8.08 -12.65 34.14
CA LYS H 58 -8.77 -13.16 35.33
C LYS H 58 -8.33 -14.56 35.71
N MET H 59 -7.86 -15.33 34.72
CA MET H 59 -7.37 -16.68 34.96
C MET H 59 -5.86 -16.69 35.20
N ASN H 60 -5.41 -15.97 36.23
CA ASN H 60 -3.99 -15.92 36.56
C ASN H 60 -3.33 -17.31 36.47
N ILE H 61 -2.02 -17.34 36.29
CA ILE H 61 -1.29 -18.60 36.14
C ILE H 61 -1.39 -19.65 37.24
N GLN H 62 -1.41 -20.90 36.79
CA GLN H 62 -1.47 -22.07 37.66
C GLN H 62 -0.04 -22.44 38.03
N PHE H 63 0.27 -22.43 39.32
CA PHE H 63 1.61 -22.79 39.78
C PHE H 63 1.70 -24.27 40.12
N THR H 64 2.89 -24.71 40.52
CA THR H 64 3.10 -26.12 40.82
C THR H 64 2.00 -26.80 41.62
N ALA H 65 1.39 -27.80 40.98
CA ALA H 65 0.33 -28.59 41.56
C ALA H 65 0.61 -30.04 41.20
N VAL H 66 0.99 -30.84 42.19
CA VAL H 66 1.29 -32.25 41.94
C VAL H 66 0.50 -33.18 42.85
N GLY H 67 0.59 -34.48 42.59
CA GLY H 67 -0.10 -35.45 43.42
C GLY H 67 0.62 -35.67 44.75
N LYS H 68 -0.02 -36.40 45.65
CA LYS H 68 0.57 -36.69 46.96
C LYS H 68 0.35 -38.16 47.23
N GLU H 69 1.22 -38.76 48.05
CA GLU H 69 1.07 -40.17 48.42
C GLU H 69 0.46 -40.28 49.82
N PHE H 70 -0.18 -41.41 50.09
CA PHE H 70 -0.83 -41.68 51.36
C PHE H 70 -0.58 -43.15 51.70
N ASN H 71 -0.28 -43.47 52.95
CA ASN H 71 -0.05 -44.88 53.25
C ASN H 71 -1.38 -45.63 53.28
N LYS H 72 -1.32 -46.96 53.40
CA LYS H 72 -2.50 -47.80 53.39
C LYS H 72 -3.51 -47.49 54.48
N LEU H 73 -3.06 -46.80 55.53
CA LEU H 73 -3.94 -46.45 56.64
C LEU H 73 -4.38 -44.99 56.60
N GLU H 74 -4.32 -44.39 55.42
CA GLU H 74 -4.74 -43.00 55.25
C GLU H 74 -5.70 -42.88 54.07
N LYS H 75 -6.57 -43.87 53.92
CA LYS H 75 -7.52 -43.87 52.83
C LYS H 75 -8.50 -42.70 52.91
N ARG H 76 -8.87 -42.31 54.13
CA ARG H 76 -9.79 -41.18 54.30
C ARG H 76 -9.13 -39.89 53.82
N MET H 77 -7.88 -39.67 54.24
CA MET H 77 -7.13 -38.49 53.83
C MET H 77 -6.93 -38.45 52.32
N GLU H 78 -6.67 -39.61 51.73
CA GLU H 78 -6.48 -39.71 50.29
C GLU H 78 -7.77 -39.40 49.54
N ASN H 79 -8.91 -39.82 50.11
CA ASN H 79 -10.19 -39.54 49.48
C ASN H 79 -10.57 -38.07 49.63
N LEU H 80 -10.16 -37.46 50.72
CA LEU H 80 -10.47 -36.05 50.98
C LEU H 80 -9.72 -35.24 49.93
N ASN H 81 -8.45 -35.57 49.77
CA ASN H 81 -7.60 -34.90 48.81
C ASN H 81 -8.21 -35.03 47.42
N ASN H 82 -8.76 -36.21 47.13
CA ASN H 82 -9.37 -36.48 45.84
C ASN H 82 -10.65 -35.67 45.65
N LYS H 83 -11.40 -35.47 46.75
CA LYS H 83 -12.64 -34.71 46.68
C LYS H 83 -12.31 -33.24 46.41
N VAL H 84 -11.23 -32.77 47.03
CA VAL H 84 -10.79 -31.39 46.86
C VAL H 84 -10.34 -31.15 45.42
N ASP H 85 -9.48 -32.02 44.88
CA ASP H 85 -8.99 -31.86 43.50
C ASP H 85 -10.11 -31.94 42.45
N ASP H 86 -10.99 -32.93 42.60
CA ASP H 86 -12.09 -33.09 41.64
C ASP H 86 -13.08 -31.94 41.77
N GLY H 87 -13.30 -31.50 43.00
CA GLY H 87 -14.23 -30.41 43.27
C GLY H 87 -13.80 -29.12 42.61
N PHE H 88 -12.53 -28.75 42.81
CA PHE H 88 -12.00 -27.53 42.20
C PHE H 88 -12.02 -27.69 40.68
N LEU H 89 -11.63 -28.86 40.19
CA LEU H 89 -11.61 -29.11 38.76
C LEU H 89 -13.00 -28.99 38.14
N ASP H 90 -14.03 -29.41 38.87
CA ASP H 90 -15.40 -29.31 38.36
C ASP H 90 -15.83 -27.83 38.23
N ILE H 91 -15.53 -27.04 39.25
CA ILE H 91 -15.90 -25.63 39.24
C ILE H 91 -15.19 -24.84 38.14
N TRP H 92 -13.89 -25.02 37.99
CA TRP H 92 -13.18 -24.29 36.96
C TRP H 92 -13.58 -24.70 35.57
N THR H 93 -13.84 -25.98 35.37
CA THR H 93 -14.26 -26.44 34.03
C THR H 93 -15.61 -25.83 33.69
N TYR H 94 -16.47 -25.75 34.71
CA TYR H 94 -17.79 -25.17 34.57
C TYR H 94 -17.66 -23.68 34.27
N ASN H 95 -16.89 -22.98 35.10
CA ASN H 95 -16.68 -21.55 34.95
C ASN H 95 -16.16 -21.18 33.56
N ALA H 96 -15.07 -21.81 33.15
CA ALA H 96 -14.48 -21.52 31.83
C ALA H 96 -15.47 -21.76 30.70
N GLU H 97 -16.16 -22.89 30.72
CA GLU H 97 -17.10 -23.22 29.66
C GLU H 97 -18.32 -22.29 29.60
N LEU H 98 -18.87 -21.95 30.77
CA LEU H 98 -20.02 -21.06 30.83
C LEU H 98 -19.64 -19.67 30.38
N LEU H 99 -18.53 -19.18 30.92
CA LEU H 99 -18.06 -17.84 30.57
C LEU H 99 -17.94 -17.66 29.06
N VAL H 100 -17.34 -18.65 28.40
CA VAL H 100 -17.14 -18.57 26.95
C VAL H 100 -18.45 -18.59 26.15
N LEU H 101 -19.37 -19.48 26.52
CA LEU H 101 -20.65 -19.56 25.82
C LEU H 101 -21.41 -18.25 25.98
N LEU H 102 -21.46 -17.75 27.21
CA LEU H 102 -22.15 -16.52 27.52
C LEU H 102 -21.56 -15.29 26.83
N GLU H 103 -20.23 -15.18 26.84
CA GLU H 103 -19.61 -14.05 26.21
C GLU H 103 -19.64 -14.12 24.69
N ASN H 104 -19.66 -15.33 24.15
CA ASN H 104 -19.73 -15.49 22.71
C ASN H 104 -21.07 -14.97 22.23
N GLU H 105 -22.11 -15.23 23.01
CA GLU H 105 -23.45 -14.78 22.66
C GLU H 105 -23.42 -13.25 22.69
N ARG H 106 -22.81 -12.71 23.73
CA ARG H 106 -22.73 -11.26 23.90
C ARG H 106 -21.97 -10.58 22.77
N THR H 107 -20.86 -11.17 22.36
CA THR H 107 -20.04 -10.61 21.31
C THR H 107 -20.79 -10.54 19.99
N LEU H 108 -21.55 -11.58 19.66
CA LEU H 108 -22.30 -11.58 18.42
C LEU H 108 -23.41 -10.52 18.44
N ASP H 109 -23.99 -10.29 19.61
CA ASP H 109 -25.03 -9.27 19.74
C ASP H 109 -24.37 -7.89 19.56
N PHE H 110 -23.16 -7.75 20.11
CA PHE H 110 -22.40 -6.51 20.02
C PHE H 110 -22.24 -6.06 18.56
N HIS H 111 -21.72 -6.95 17.72
CA HIS H 111 -21.56 -6.64 16.30
C HIS H 111 -22.91 -6.27 15.69
N ASP H 112 -23.90 -7.13 15.91
CA ASP H 112 -25.24 -6.89 15.40
C ASP H 112 -25.64 -5.47 15.74
N SER H 113 -25.38 -5.09 16.99
CA SER H 113 -25.69 -3.75 17.47
C SER H 113 -24.92 -2.72 16.64
N ASN H 114 -23.61 -2.93 16.50
CA ASN H 114 -22.80 -1.99 15.73
C ASN H 114 -23.29 -1.80 14.30
N VAL H 115 -23.62 -2.88 13.62
CA VAL H 115 -24.12 -2.76 12.25
C VAL H 115 -25.40 -1.92 12.27
N LYS H 116 -26.26 -2.22 13.24
CA LYS H 116 -27.52 -1.52 13.41
C LYS H 116 -27.37 -0.01 13.63
N ASN H 117 -26.52 0.38 14.57
CA ASN H 117 -26.31 1.80 14.86
C ASN H 117 -25.60 2.53 13.71
N LEU H 118 -24.91 1.79 12.86
CA LEU H 118 -24.21 2.41 11.73
C LEU H 118 -25.24 2.73 10.66
N TYR H 119 -26.15 1.79 10.43
CA TYR H 119 -27.21 1.97 9.46
C TYR H 119 -28.06 3.17 9.85
N GLU H 120 -28.58 3.16 11.08
CA GLU H 120 -29.41 4.24 11.59
C GLU H 120 -28.70 5.59 11.58
N LYS H 121 -27.39 5.56 11.80
CA LYS H 121 -26.60 6.79 11.84
C LYS H 121 -26.57 7.48 10.47
N VAL H 122 -26.43 6.68 9.42
CA VAL H 122 -26.41 7.20 8.06
C VAL H 122 -27.81 7.64 7.65
N LYS H 123 -28.81 6.85 8.02
CA LYS H 123 -30.20 7.14 7.69
C LYS H 123 -30.64 8.50 8.20
N SER H 124 -30.24 8.84 9.43
CA SER H 124 -30.64 10.13 10.00
C SER H 124 -29.97 11.29 9.26
N GLN H 125 -28.94 10.99 8.48
CA GLN H 125 -28.24 12.02 7.72
C GLN H 125 -28.93 12.32 6.40
N LEU H 126 -29.09 11.28 5.59
CA LEU H 126 -29.74 11.42 4.30
C LEU H 126 -31.17 11.91 4.45
N LYS H 127 -31.96 11.19 5.25
CA LYS H 127 -33.35 11.55 5.49
C LYS H 127 -34.20 11.43 4.22
N ASN H 128 -34.28 12.52 3.46
CA ASN H 128 -35.11 12.52 2.25
C ASN H 128 -34.31 12.48 0.95
N ASN H 129 -33.01 12.75 1.03
CA ASN H 129 -32.17 12.75 -0.16
C ASN H 129 -32.00 11.37 -0.78
N ALA H 130 -32.72 10.38 -0.24
CA ALA H 130 -32.64 9.02 -0.75
C ALA H 130 -33.71 8.15 -0.11
N LYS H 131 -33.95 6.98 -0.67
CA LYS H 131 -34.95 6.08 -0.11
C LYS H 131 -34.34 4.75 0.34
N GLU H 132 -34.94 4.17 1.37
CA GLU H 132 -34.48 2.90 1.90
C GLU H 132 -34.99 1.76 1.03
N ILE H 133 -34.12 1.23 0.16
CA ILE H 133 -34.53 0.14 -0.71
C ILE H 133 -34.68 -1.11 0.15
N GLY H 134 -33.68 -2.00 0.07
CA GLY H 134 -33.70 -3.21 0.84
C GLY H 134 -32.30 -3.63 1.25
N ASN H 135 -32.21 -4.60 2.15
CA ASN H 135 -30.93 -5.10 2.64
C ASN H 135 -29.99 -3.98 3.05
N GLY H 136 -30.53 -2.94 3.65
CA GLY H 136 -29.71 -1.83 4.12
C GLY H 136 -29.04 -0.99 3.05
N CYS H 137 -29.75 -0.72 1.96
CA CYS H 137 -29.19 0.12 0.91
C CYS H 137 -30.00 1.41 0.81
N PHE H 138 -29.32 2.47 0.38
CA PHE H 138 -29.96 3.78 0.22
C PHE H 138 -29.78 4.25 -1.22
N GLU H 139 -30.88 4.38 -1.96
CA GLU H 139 -30.83 4.83 -3.35
C GLU H 139 -31.04 6.35 -3.41
N PHE H 140 -29.95 7.07 -3.65
CA PHE H 140 -30.02 8.53 -3.71
C PHE H 140 -31.01 9.07 -4.73
N TYR H 141 -31.54 10.25 -4.42
CA TYR H 141 -32.49 10.93 -5.28
C TYR H 141 -31.76 11.92 -6.16
N HIS H 142 -30.77 12.59 -5.57
CA HIS H 142 -29.98 13.58 -6.29
C HIS H 142 -28.76 13.07 -7.01
N LYS H 143 -28.42 11.79 -6.83
CA LYS H 143 -27.25 11.21 -7.49
C LYS H 143 -25.99 11.96 -7.07
N CYS H 144 -25.10 11.29 -6.36
CA CYS H 144 -23.87 11.92 -5.88
C CYS H 144 -22.58 11.18 -6.25
N ASP H 145 -21.56 11.94 -6.61
CA ASP H 145 -20.26 11.41 -7.00
C ASP H 145 -19.53 10.71 -5.87
N ASN H 146 -18.39 10.11 -6.19
CA ASN H 146 -17.58 9.40 -5.20
C ASN H 146 -17.12 10.35 -4.11
N GLU H 147 -16.92 11.61 -4.47
CA GLU H 147 -16.46 12.60 -3.51
C GLU H 147 -17.58 12.86 -2.49
N CYS H 148 -18.82 12.70 -2.93
CA CYS H 148 -19.96 12.91 -2.04
C CYS H 148 -20.12 11.72 -1.12
N MET H 149 -20.00 10.52 -1.69
CA MET H 149 -20.12 9.29 -0.91
C MET H 149 -19.27 9.36 0.34
N GLU H 150 -18.05 9.89 0.19
CA GLU H 150 -17.13 10.01 1.29
C GLU H 150 -17.64 10.94 2.39
N SER H 151 -18.48 11.89 2.02
CA SER H 151 -19.03 12.82 3.01
C SER H 151 -19.99 12.02 3.89
N VAL H 152 -20.60 11.00 3.28
CA VAL H 152 -21.52 10.13 3.98
C VAL H 152 -20.73 9.21 4.91
N ARG H 153 -19.62 8.68 4.38
CA ARG H 153 -18.76 7.78 5.15
C ARG H 153 -18.17 8.46 6.39
N ASN H 154 -17.78 9.73 6.26
CA ASN H 154 -17.21 10.43 7.40
C ASN H 154 -18.23 11.18 8.25
N GLY H 155 -19.50 11.04 7.93
CA GLY H 155 -20.56 11.68 8.70
C GLY H 155 -20.72 13.19 8.58
N THR H 156 -20.53 13.73 7.38
CA THR H 156 -20.68 15.16 7.16
C THR H 156 -21.93 15.39 6.29
N TYR H 157 -21.85 14.97 5.04
CA TYR H 157 -22.96 15.08 4.09
C TYR H 157 -23.59 16.48 4.02
N ASP H 158 -24.61 16.71 4.85
CA ASP H 158 -25.32 17.99 4.91
C ASP H 158 -26.26 18.19 3.72
N TYR H 159 -27.56 18.23 4.03
CA TYR H 159 -28.67 18.42 3.10
C TYR H 159 -29.88 17.58 3.51
N PRO H 160 -30.36 17.76 4.76
CA PRO H 160 -31.52 17.02 5.27
C PRO H 160 -32.76 17.09 4.37
N ASP I 5 -59.59 -2.41 7.25
CA ASP I 5 -58.74 -3.64 7.35
C ASP I 5 -57.44 -3.34 8.08
N THR I 6 -57.20 -4.07 9.16
CA THR I 6 -56.02 -3.86 9.97
C THR I 6 -55.29 -5.16 10.36
N ILE I 7 -53.97 -5.07 10.46
CA ILE I 7 -53.15 -6.21 10.87
C ILE I 7 -52.26 -5.75 12.00
N CYS I 8 -52.27 -6.49 13.11
CA CYS I 8 -51.45 -6.14 14.26
C CYS I 8 -50.40 -7.20 14.56
N ILE I 9 -49.35 -6.79 15.25
CA ILE I 9 -48.28 -7.70 15.65
C ILE I 9 -48.37 -7.79 17.17
N GLY I 10 -48.47 -9.01 17.69
CA GLY I 10 -48.56 -9.17 19.12
C GLY I 10 -47.88 -10.43 19.64
N TYR I 11 -48.05 -10.71 20.93
CA TYR I 11 -47.42 -11.89 21.53
C TYR I 11 -48.37 -12.65 22.45
N HIS I 12 -48.07 -13.94 22.60
CA HIS I 12 -48.84 -14.88 23.41
C HIS I 12 -49.06 -14.46 24.86
N ALA I 13 -50.12 -15.01 25.45
CA ALA I 13 -50.48 -14.77 26.85
C ALA I 13 -51.36 -15.95 27.28
N ASN I 14 -51.47 -16.18 28.58
CA ASN I 14 -52.30 -17.28 29.08
C ASN I 14 -52.62 -17.13 30.56
N ASN I 15 -53.20 -18.17 31.15
CA ASN I 15 -53.59 -18.12 32.56
C ASN I 15 -52.50 -18.63 33.49
N SER I 16 -51.32 -18.90 32.94
CA SER I 16 -50.21 -19.39 33.75
C SER I 16 -49.94 -18.46 34.90
N THR I 17 -49.54 -19.01 36.03
CA THR I 17 -49.26 -18.21 37.21
C THR I 17 -47.79 -18.34 37.64
N ASP I 18 -47.01 -19.06 36.83
CA ASP I 18 -45.57 -19.27 37.09
C ASP I 18 -44.85 -17.95 37.31
N THR I 19 -43.99 -17.90 38.31
CA THR I 19 -43.20 -16.71 38.57
C THR I 19 -41.71 -17.07 38.60
N VAL I 20 -40.87 -16.11 38.24
CA VAL I 20 -39.43 -16.30 38.24
C VAL I 20 -38.76 -15.02 38.69
N ASP I 21 -37.52 -15.13 39.15
CA ASP I 21 -36.77 -13.97 39.57
C ASP I 21 -35.78 -13.63 38.47
N THR I 22 -35.48 -12.35 38.34
CA THR I 22 -34.52 -11.86 37.36
C THR I 22 -33.58 -10.99 38.19
N VAL I 23 -32.56 -10.44 37.55
CA VAL I 23 -31.65 -9.60 38.31
C VAL I 23 -32.27 -8.22 38.59
N LEU I 24 -33.20 -7.79 37.74
CA LEU I 24 -33.85 -6.49 37.91
C LEU I 24 -35.19 -6.53 38.63
N GLU I 25 -35.91 -7.63 38.50
CA GLU I 25 -37.22 -7.74 39.12
C GLU I 25 -37.51 -9.13 39.66
N LYS I 26 -38.10 -9.19 40.84
CA LYS I 26 -38.43 -10.47 41.46
C LYS I 26 -39.88 -10.85 41.18
N ASN I 27 -40.18 -12.14 41.31
CA ASN I 27 -41.52 -12.67 41.09
C ASN I 27 -42.22 -12.11 39.86
N VAL I 28 -41.63 -12.37 38.70
CA VAL I 28 -42.17 -11.92 37.44
C VAL I 28 -43.02 -13.05 36.88
N THR I 29 -44.29 -12.78 36.64
CA THR I 29 -45.19 -13.80 36.11
C THR I 29 -44.90 -14.05 34.63
N VAL I 30 -44.71 -15.31 34.27
CA VAL I 30 -44.39 -15.67 32.89
C VAL I 30 -45.32 -16.75 32.36
N THR I 31 -45.41 -16.82 31.03
CA THR I 31 -46.26 -17.77 30.33
C THR I 31 -45.82 -19.23 30.39
N HIS I 32 -44.51 -19.44 30.34
CA HIS I 32 -43.95 -20.79 30.39
C HIS I 32 -42.61 -20.81 31.12
N SER I 33 -42.39 -21.83 31.94
CA SER I 33 -41.16 -21.96 32.68
C SER I 33 -40.84 -23.43 32.93
N VAL I 34 -39.65 -23.68 33.48
CA VAL I 34 -39.23 -25.05 33.75
C VAL I 34 -38.45 -25.07 35.06
N ASN I 35 -38.81 -26.00 35.94
CA ASN I 35 -38.12 -26.12 37.22
C ASN I 35 -36.84 -26.92 37.01
N LEU I 36 -35.78 -26.54 37.72
CA LEU I 36 -34.52 -27.24 37.61
C LEU I 36 -34.11 -27.80 38.96
N LEU I 37 -34.89 -27.49 39.98
CA LEU I 37 -34.59 -27.94 41.34
C LEU I 37 -35.52 -29.08 41.78
N GLU I 38 -34.97 -30.27 41.95
CA GLU I 38 -35.77 -31.41 42.37
C GLU I 38 -35.98 -31.37 43.88
N ASP I 39 -37.23 -31.46 44.31
CA ASP I 39 -37.53 -31.43 45.74
C ASP I 39 -38.44 -32.58 46.14
N SER I 40 -38.57 -33.55 45.26
CA SER I 40 -39.42 -34.72 45.52
C SER I 40 -38.60 -35.98 45.69
N HIS I 41 -39.00 -36.82 46.64
CA HIS I 41 -38.33 -38.08 46.88
C HIS I 41 -39.31 -39.09 47.47
N ASN I 42 -38.96 -40.38 47.32
CA ASN I 42 -39.73 -41.50 47.83
C ASN I 42 -40.26 -41.23 49.22
N GLY I 43 -39.33 -40.72 51.63
CA GLY I 43 -39.12 -41.85 52.49
C GLY I 43 -38.69 -43.04 51.66
N LYS I 44 -38.60 -44.20 52.27
CA LYS I 44 -38.19 -45.39 51.53
C LYS I 44 -36.75 -45.47 51.04
N LEU I 45 -36.07 -46.53 51.48
CA LEU I 45 -34.72 -46.85 51.06
C LEU I 45 -34.98 -47.85 49.95
N CYS I 46 -34.35 -47.71 48.80
CA CYS I 46 -34.60 -48.64 47.72
C CYS I 46 -33.38 -49.41 47.28
N ARG I 47 -33.60 -50.35 46.38
CA ARG I 47 -32.52 -51.12 45.82
C ARG I 47 -31.84 -50.14 44.88
N LEU I 48 -30.56 -50.33 44.65
CA LEU I 48 -29.83 -49.46 43.75
C LEU I 48 -29.51 -50.32 42.55
N LYS I 49 -30.27 -50.12 41.48
CA LYS I 49 -30.09 -50.90 40.26
C LYS I 49 -30.28 -52.39 40.52
N GLY I 50 -31.33 -52.72 41.27
CA GLY I 50 -31.61 -54.12 41.56
C GLY I 50 -30.96 -54.72 42.79
N ILE I 51 -29.86 -54.12 43.27
CA ILE I 51 -29.17 -54.64 44.43
C ILE I 51 -29.62 -53.95 45.71
N ALA I 52 -29.95 -54.74 46.72
CA ALA I 52 -30.41 -54.22 47.98
C ALA I 52 -29.26 -53.75 48.87
N PRO I 53 -29.55 -52.81 49.77
CA PRO I 53 -28.53 -52.30 50.69
C PRO I 53 -28.36 -53.25 51.85
N LEU I 54 -27.34 -52.99 52.67
CA LEU I 54 -27.09 -53.79 53.84
C LEU I 54 -27.58 -52.92 54.98
N GLN I 55 -28.61 -53.38 55.69
CA GLN I 55 -29.16 -52.62 56.81
C GLN I 55 -28.60 -53.20 58.09
N LEU I 56 -27.75 -52.42 58.77
CA LEU I 56 -27.15 -52.87 60.01
C LEU I 56 -28.13 -52.71 61.18
N GLY I 57 -29.20 -51.95 60.97
CA GLY I 57 -30.20 -51.74 62.00
C GLY I 57 -29.67 -51.26 63.33
N LYS I 58 -29.74 -52.12 64.36
CA LYS I 58 -29.26 -51.75 65.68
C LYS I 58 -27.76 -51.96 65.85
N CYS I 59 -27.09 -52.31 64.76
CA CYS I 59 -25.66 -52.55 64.81
C CYS I 59 -24.89 -51.55 63.96
N ASN I 60 -23.63 -51.32 64.32
CA ASN I 60 -22.79 -50.43 63.53
C ASN I 60 -21.78 -51.35 62.87
N ILE I 61 -20.91 -50.79 62.04
CA ILE I 61 -19.90 -51.58 61.34
C ILE I 61 -19.09 -52.49 62.27
N ALA I 62 -18.71 -51.98 63.45
CA ALA I 62 -17.93 -52.75 64.42
C ALA I 62 -18.65 -54.02 64.88
N GLY I 63 -19.93 -53.88 65.24
CA GLY I 63 -20.69 -55.02 65.68
C GLY I 63 -20.82 -56.05 64.57
N TRP I 64 -21.01 -55.57 63.35
CA TRP I 64 -21.16 -56.45 62.20
C TRP I 64 -19.88 -57.27 61.90
N LEU I 65 -18.74 -56.60 61.75
CA LEU I 65 -17.49 -57.28 61.44
C LEU I 65 -16.96 -58.17 62.57
N LEU I 66 -17.17 -57.76 63.81
CA LEU I 66 -16.70 -58.55 64.95
C LEU I 66 -17.65 -59.73 65.23
N GLY I 67 -18.90 -59.58 64.86
CA GLY I 67 -19.87 -60.64 65.10
C GLY I 67 -20.52 -60.49 66.47
N ASN I 68 -20.89 -59.27 66.82
CA ASN I 68 -21.58 -59.02 68.07
C ASN I 68 -22.85 -59.90 68.05
N PRO I 69 -23.09 -60.67 69.12
CA PRO I 69 -24.25 -61.56 69.18
C PRO I 69 -25.55 -60.85 68.75
N GLU I 70 -25.66 -59.57 69.06
CA GLU I 70 -26.84 -58.80 68.70
C GLU I 70 -26.98 -58.56 67.20
N CYS I 71 -26.03 -59.04 66.40
CA CYS I 71 -26.09 -58.83 64.96
C CYS I 71 -26.08 -60.14 64.15
N ASP I 72 -26.46 -61.26 64.75
CA ASP I 72 -26.46 -62.53 64.01
C ASP I 72 -27.23 -62.52 62.69
N PRO I 73 -28.37 -61.81 62.61
CA PRO I 73 -29.14 -61.75 61.37
C PRO I 73 -28.34 -61.23 60.18
N LEU I 74 -27.23 -60.57 60.45
CA LEU I 74 -26.38 -60.02 59.40
C LEU I 74 -25.36 -61.02 58.86
N LEU I 75 -25.01 -62.01 59.69
CA LEU I 75 -24.00 -63.01 59.31
C LEU I 75 -24.04 -63.58 57.89
N PRO I 76 -25.24 -63.93 57.40
CA PRO I 76 -25.35 -64.50 56.05
C PRO I 76 -25.30 -63.53 54.86
N VAL I 77 -25.50 -62.24 55.09
CA VAL I 77 -25.48 -61.27 53.99
C VAL I 77 -24.12 -61.23 53.29
N ARG I 78 -24.13 -61.46 51.99
CA ARG I 78 -22.88 -61.51 51.21
C ARG I 78 -22.58 -60.35 50.27
N SER I 79 -23.59 -59.63 49.82
CA SER I 79 -23.39 -58.50 48.93
C SER I 79 -24.44 -57.42 49.14
N TRP I 80 -24.11 -56.20 48.73
CA TRP I 80 -24.99 -55.06 48.89
C TRP I 80 -24.62 -53.94 47.94
N SER I 81 -25.49 -52.95 47.81
CA SER I 81 -25.24 -51.81 46.94
C SER I 81 -24.73 -50.64 47.77
N TYR I 82 -25.16 -50.58 49.04
CA TYR I 82 -24.70 -49.57 49.98
C TYR I 82 -25.00 -50.03 51.40
N ILE I 83 -24.39 -49.37 52.37
CA ILE I 83 -24.54 -49.71 53.77
C ILE I 83 -25.34 -48.64 54.52
N VAL I 84 -26.29 -49.08 55.33
CA VAL I 84 -27.15 -48.18 56.08
C VAL I 84 -27.09 -48.36 57.58
N GLU I 85 -26.77 -47.28 58.29
CA GLU I 85 -26.74 -47.30 59.74
C GLU I 85 -27.92 -46.43 60.16
N THR I 86 -28.44 -46.65 61.37
CA THR I 86 -29.56 -45.86 61.85
C THR I 86 -29.15 -45.12 63.10
N PRO I 87 -30.01 -44.22 63.59
CA PRO I 87 -29.69 -43.47 64.80
C PRO I 87 -29.61 -44.43 65.99
N ASN I 88 -30.20 -45.61 65.85
CA ASN I 88 -30.21 -46.59 66.94
C ASN I 88 -29.16 -47.69 66.83
N SER I 89 -28.24 -47.59 65.87
CA SER I 89 -27.21 -48.61 65.73
C SER I 89 -26.09 -48.38 66.75
N GLU I 90 -26.36 -48.83 67.98
CA GLU I 90 -25.45 -48.69 69.11
C GLU I 90 -24.59 -49.92 69.36
N ASN I 91 -25.11 -51.10 68.99
CA ASN I 91 -24.38 -52.34 69.21
C ASN I 91 -23.15 -52.53 68.34
N GLY I 92 -21.99 -52.17 68.89
CA GLY I 92 -20.74 -52.34 68.19
C GLY I 92 -19.93 -53.34 69.00
N ILE I 93 -18.88 -52.88 69.64
CA ILE I 93 -18.08 -53.78 70.47
C ILE I 93 -18.89 -53.98 71.75
N CYS I 94 -18.94 -55.21 72.26
CA CYS I 94 -19.70 -55.44 73.48
C CYS I 94 -18.76 -55.51 74.68
N TYR I 95 -17.51 -55.90 74.46
CA TYR I 95 -16.54 -55.90 75.56
C TYR I 95 -15.80 -54.54 75.42
N PRO I 96 -15.78 -53.73 76.48
CA PRO I 96 -15.12 -52.41 76.45
C PRO I 96 -13.67 -52.39 75.97
N GLY I 97 -13.35 -51.38 75.16
CA GLY I 97 -12.00 -51.24 74.63
C GLY I 97 -11.94 -50.29 73.45
N ASP I 98 -10.79 -50.26 72.80
CA ASP I 98 -10.59 -49.37 71.66
C ASP I 98 -10.46 -50.18 70.37
N PHE I 99 -11.10 -49.71 69.31
CA PHE I 99 -11.06 -50.38 68.03
C PHE I 99 -10.05 -49.57 67.20
N ILE I 100 -8.82 -50.06 67.12
CA ILE I 100 -7.78 -49.35 66.40
C ILE I 100 -8.04 -49.16 64.91
N ASP I 101 -7.94 -47.90 64.48
CA ASP I 101 -8.16 -47.50 63.09
C ASP I 101 -9.54 -47.87 62.58
N TYR I 102 -10.52 -47.74 63.47
CA TYR I 102 -11.89 -48.05 63.17
C TYR I 102 -12.42 -47.25 61.98
N GLU I 103 -12.18 -45.93 61.97
CA GLU I 103 -12.67 -45.10 60.87
C GLU I 103 -12.08 -45.50 59.52
N GLU I 104 -10.82 -45.94 59.52
CA GLU I 104 -10.19 -46.39 58.29
C GLU I 104 -10.83 -47.70 57.83
N LEU I 105 -11.23 -48.54 58.79
CA LEU I 105 -11.86 -49.80 58.40
C LEU I 105 -13.21 -49.47 57.76
N ARG I 106 -13.92 -48.51 58.32
CA ARG I 106 -15.22 -48.09 57.77
C ARG I 106 -15.01 -47.62 56.34
N GLU I 107 -13.91 -46.89 56.13
CA GLU I 107 -13.60 -46.37 54.80
C GLU I 107 -13.31 -47.55 53.85
N GLN I 108 -12.59 -48.56 54.32
CA GLN I 108 -12.29 -49.72 53.49
C GLN I 108 -13.59 -50.43 53.06
N LEU I 109 -14.48 -50.65 54.01
CA LEU I 109 -15.74 -51.33 53.71
C LEU I 109 -16.63 -50.55 52.76
N SER I 110 -16.33 -49.26 52.60
CA SER I 110 -17.12 -48.41 51.72
C SER I 110 -16.94 -48.71 50.25
N SER I 111 -15.85 -49.37 49.89
CA SER I 111 -15.63 -49.72 48.48
C SER I 111 -15.73 -51.23 48.26
N VAL I 112 -16.37 -51.91 49.20
CA VAL I 112 -16.55 -53.36 49.10
C VAL I 112 -17.96 -53.67 48.60
N SER I 113 -18.07 -54.38 47.49
CA SER I 113 -19.37 -54.70 46.93
C SER I 113 -19.90 -56.01 47.49
N SER I 114 -18.99 -56.86 47.97
CA SER I 114 -19.38 -58.15 48.54
C SER I 114 -18.18 -58.87 49.11
N PHE I 115 -18.45 -59.82 50.00
CA PHE I 115 -17.38 -60.62 50.57
C PHE I 115 -17.89 -62.00 50.96
N GLU I 116 -16.95 -62.90 51.28
CA GLU I 116 -17.36 -64.22 51.73
C GLU I 116 -16.76 -64.41 53.12
N ARG I 117 -17.65 -64.66 54.08
CA ARG I 117 -17.24 -64.89 55.45
C ARG I 117 -16.83 -66.36 55.51
N PHE I 118 -15.62 -66.64 55.97
CA PHE I 118 -15.12 -68.00 56.03
C PHE I 118 -14.28 -68.25 57.28
N GLU I 119 -14.19 -69.52 57.69
CA GLU I 119 -13.39 -69.87 58.85
C GLU I 119 -11.92 -69.79 58.51
N ILE I 120 -11.21 -68.86 59.12
CA ILE I 120 -9.78 -68.75 58.85
C ILE I 120 -9.04 -69.70 59.80
N PHE I 121 -9.58 -69.85 61.01
CA PHE I 121 -9.00 -70.73 62.03
C PHE I 121 -10.14 -71.49 62.71
N PRO I 122 -10.54 -72.65 62.15
CA PRO I 122 -11.63 -73.46 62.71
C PRO I 122 -11.51 -73.72 64.22
N LYS I 123 -12.59 -73.43 64.94
CA LYS I 123 -12.64 -73.59 66.38
C LYS I 123 -12.14 -74.93 66.91
N GLU I 124 -12.51 -76.02 66.24
CA GLU I 124 -12.08 -77.33 66.69
C GLU I 124 -11.09 -77.95 65.71
N SER I 125 -9.80 -77.70 65.96
CA SER I 125 -8.71 -78.21 65.14
C SER I 125 -7.55 -77.20 65.09
N SER I 126 -7.87 -75.93 65.31
CA SER I 126 -6.86 -74.89 65.28
C SER I 126 -6.11 -74.68 66.59
N TRP I 127 -6.78 -74.91 67.71
CA TRP I 127 -6.14 -74.70 69.00
C TRP I 127 -6.20 -75.94 69.91
N PRO I 128 -5.42 -76.97 69.58
CA PRO I 128 -5.35 -78.24 70.32
C PRO I 128 -4.93 -78.13 71.78
N ASN I 129 -4.06 -77.18 72.08
CA ASN I 129 -3.56 -77.04 73.45
C ASN I 129 -4.12 -75.88 74.27
N HIS I 130 -5.26 -75.33 73.84
CA HIS I 130 -5.86 -74.21 74.54
C HIS I 130 -7.39 -74.33 74.64
N ASN I 131 -7.97 -73.73 75.67
CA ASN I 131 -9.43 -73.75 75.78
C ASN I 131 -9.94 -72.65 74.86
N THR I 132 -11.11 -72.87 74.28
CA THR I 132 -11.70 -71.92 73.35
C THR I 132 -13.12 -71.53 73.70
N ASN I 133 -13.53 -71.80 74.93
CA ASN I 133 -14.90 -71.51 75.34
C ASN I 133 -15.12 -70.25 76.18
N GLY I 134 -14.14 -69.36 76.21
CA GLY I 134 -14.29 -68.14 76.97
C GLY I 134 -15.47 -67.30 76.49
N VAL I 135 -16.29 -66.85 77.43
CA VAL I 135 -17.46 -66.02 77.14
C VAL I 135 -17.53 -64.90 78.17
N THR I 136 -18.43 -63.95 77.97
CA THR I 136 -18.55 -62.84 78.90
C THR I 136 -19.97 -62.34 78.98
N ALA I 137 -20.34 -61.79 80.13
CA ALA I 137 -21.69 -61.25 80.30
C ALA I 137 -21.85 -59.94 79.49
N ALA I 138 -20.72 -59.37 79.10
CA ALA I 138 -20.73 -58.13 78.33
C ALA I 138 -21.22 -58.37 76.91
N CYS I 139 -21.09 -59.62 76.47
CA CYS I 139 -21.53 -60.01 75.14
C CYS I 139 -22.50 -61.18 75.29
N SER I 140 -23.57 -60.95 76.05
CA SER I 140 -24.53 -62.01 76.29
C SER I 140 -25.57 -62.16 75.18
N HIS I 141 -26.08 -63.38 75.03
CA HIS I 141 -27.09 -63.68 74.04
C HIS I 141 -28.08 -64.63 74.67
N GLU I 142 -29.37 -64.31 74.56
CA GLU I 142 -30.40 -65.14 75.15
C GLU I 142 -30.21 -65.25 76.66
N GLY I 143 -29.91 -64.13 77.31
CA GLY I 143 -29.71 -64.15 78.75
C GLY I 143 -28.51 -64.95 79.23
N LYS I 144 -27.63 -65.37 78.32
CA LYS I 144 -26.45 -66.14 78.71
C LYS I 144 -25.16 -65.51 78.20
N SER I 145 -24.10 -65.60 79.01
CA SER I 145 -22.81 -65.06 78.60
C SER I 145 -22.42 -65.69 77.27
N SER I 146 -22.00 -64.87 76.33
CA SER I 146 -21.62 -65.36 75.02
C SER I 146 -20.38 -64.59 74.57
N PHE I 147 -20.11 -64.59 73.27
CA PHE I 147 -18.96 -63.90 72.74
C PHE I 147 -19.13 -63.68 71.23
N TYR I 148 -18.29 -62.82 70.67
CA TYR I 148 -18.28 -62.51 69.25
C TYR I 148 -18.31 -63.76 68.39
N ARG I 149 -19.05 -63.71 67.29
CA ARG I 149 -19.13 -64.87 66.42
C ARG I 149 -17.90 -65.08 65.54
N ASN I 150 -17.15 -64.01 65.27
CA ASN I 150 -15.98 -64.15 64.40
C ASN I 150 -14.65 -64.24 65.13
N LEU I 151 -14.69 -64.17 66.45
CA LEU I 151 -13.48 -64.24 67.25
C LEU I 151 -13.61 -65.34 68.29
N LEU I 152 -12.47 -65.81 68.77
CA LEU I 152 -12.40 -66.86 69.78
C LEU I 152 -11.56 -66.40 70.94
N TRP I 153 -12.11 -66.52 72.15
CA TRP I 153 -11.37 -66.14 73.34
C TRP I 153 -10.59 -67.37 73.82
N LEU I 154 -9.27 -67.36 73.62
CA LEU I 154 -8.41 -68.47 74.03
C LEU I 154 -7.93 -68.29 75.46
N THR I 155 -7.90 -69.38 76.21
CA THR I 155 -7.44 -69.33 77.59
C THR I 155 -6.64 -70.58 78.00
N GLU I 156 -6.17 -70.56 79.23
CA GLU I 156 -5.39 -71.66 79.79
C GLU I 156 -6.14 -72.99 79.73
N LYS I 157 -5.40 -74.05 79.47
CA LYS I 157 -5.97 -75.39 79.40
C LYS I 157 -5.18 -76.30 80.34
N GLU I 158 -5.83 -76.71 81.43
CA GLU I 158 -5.20 -77.58 82.40
C GLU I 158 -4.01 -76.89 83.08
N GLY I 159 -4.25 -75.67 83.55
CA GLY I 159 -3.21 -74.90 84.22
C GLY I 159 -2.04 -74.50 83.35
N SER I 160 -2.20 -74.61 82.03
CA SER I 160 -1.11 -74.25 81.12
C SER I 160 -1.55 -73.51 79.84
N TYR I 161 -0.78 -72.51 79.45
CA TYR I 161 -1.04 -71.74 78.23
C TYR I 161 0.25 -71.77 77.44
N PRO I 162 0.45 -72.80 76.61
CA PRO I 162 1.64 -72.96 75.77
C PRO I 162 1.75 -71.85 74.75
N LYS I 163 2.97 -71.60 74.28
CA LYS I 163 3.19 -70.57 73.28
C LYS I 163 2.57 -71.11 72.00
N LEU I 164 1.65 -70.36 71.43
CA LEU I 164 0.98 -70.79 70.21
C LEU I 164 1.51 -70.08 68.98
N LYS I 165 1.38 -70.75 67.84
CA LYS I 165 1.78 -70.20 66.56
C LYS I 165 0.92 -70.84 65.49
N ASN I 166 0.07 -70.02 64.88
CA ASN I 166 -0.82 -70.48 63.84
C ASN I 166 -0.62 -69.59 62.62
N SER I 167 -0.82 -70.18 61.45
CA SER I 167 -0.65 -69.46 60.20
C SER I 167 -1.80 -69.73 59.26
N TYR I 168 -1.99 -68.80 58.34
CA TYR I 168 -3.02 -68.92 57.32
C TYR I 168 -2.47 -68.28 56.05
N VAL I 169 -2.53 -69.04 54.96
CA VAL I 169 -2.05 -68.58 53.66
C VAL I 169 -3.26 -68.19 52.84
N ASN I 170 -3.29 -66.94 52.38
CA ASN I 170 -4.41 -66.44 51.60
C ASN I 170 -4.43 -67.04 50.21
N LYS I 171 -5.31 -68.03 50.01
CA LYS I 171 -5.43 -68.69 48.71
C LYS I 171 -6.74 -68.31 48.04
N LYS I 172 -7.39 -67.28 48.58
CA LYS I 172 -8.68 -66.81 48.08
C LYS I 172 -8.63 -66.02 46.77
N GLY I 173 -7.44 -65.53 46.41
CA GLY I 173 -7.32 -64.73 45.20
C GLY I 173 -7.91 -63.33 45.39
N LYS I 174 -8.09 -62.94 46.65
CA LYS I 174 -8.65 -61.63 47.00
C LYS I 174 -8.05 -61.21 48.34
N GLU I 175 -8.13 -59.92 48.64
CA GLU I 175 -7.63 -59.43 49.92
C GLU I 175 -8.51 -60.07 50.99
N VAL I 176 -7.93 -60.39 52.13
CA VAL I 176 -8.69 -60.96 53.21
C VAL I 176 -8.57 -60.10 54.46
N LEU I 177 -9.71 -59.58 54.91
CA LEU I 177 -9.75 -58.76 56.11
C LEU I 177 -9.73 -59.70 57.32
N VAL I 178 -8.72 -59.55 58.17
CA VAL I 178 -8.59 -60.35 59.37
C VAL I 178 -8.70 -59.46 60.60
N LEU I 179 -9.55 -59.83 61.54
CA LEU I 179 -9.72 -59.07 62.76
C LEU I 179 -9.31 -59.93 63.96
N TRP I 180 -8.90 -59.30 65.04
CA TRP I 180 -8.50 -60.02 66.24
C TRP I 180 -8.49 -59.04 67.40
N GLY I 181 -8.36 -59.57 68.61
CA GLY I 181 -8.35 -58.72 69.78
C GLY I 181 -7.22 -59.05 70.72
N ILE I 182 -7.00 -58.16 71.69
CA ILE I 182 -5.97 -58.33 72.68
C ILE I 182 -6.64 -58.02 74.02
N HIS I 183 -6.66 -58.99 74.92
CA HIS I 183 -7.30 -58.78 76.20
C HIS I 183 -6.35 -58.18 77.24
N HIS I 184 -6.88 -57.27 78.05
CA HIS I 184 -6.09 -56.61 79.08
C HIS I 184 -6.78 -56.76 80.43
N PRO I 185 -6.40 -57.77 81.21
CA PRO I 185 -7.00 -57.99 82.54
C PRO I 185 -6.86 -56.76 83.43
N PRO I 186 -7.73 -56.62 84.45
CA PRO I 186 -7.73 -55.50 85.40
C PRO I 186 -6.71 -55.69 86.53
N ASN I 187 -6.26 -56.93 86.73
CA ASN I 187 -5.28 -57.23 87.78
C ASN I 187 -4.47 -58.49 87.50
N SER I 188 -3.30 -58.55 88.11
CA SER I 188 -2.38 -59.67 87.98
C SER I 188 -3.04 -61.04 88.18
N LYS I 189 -4.01 -61.10 89.09
CA LYS I 189 -4.72 -62.34 89.38
C LYS I 189 -5.50 -62.88 88.19
N GLU I 190 -6.28 -62.02 87.55
CA GLU I 190 -7.08 -62.45 86.40
C GLU I 190 -6.16 -62.88 85.25
N GLN I 191 -5.04 -62.18 85.09
CA GLN I 191 -4.09 -62.53 84.03
C GLN I 191 -3.64 -63.98 84.20
N GLN I 192 -3.42 -64.37 85.45
CA GLN I 192 -2.97 -65.71 85.79
C GLN I 192 -3.95 -66.83 85.54
N ASN I 193 -5.15 -66.75 86.12
CA ASN I 193 -6.08 -67.84 85.92
C ASN I 193 -6.62 -67.94 84.51
N LEU I 194 -6.37 -66.92 83.69
CA LEU I 194 -6.82 -66.93 82.30
C LEU I 194 -5.70 -67.35 81.36
N TYR I 195 -4.48 -66.89 81.61
CA TYR I 195 -3.36 -67.19 80.73
C TYR I 195 -2.09 -67.75 81.38
N GLN I 196 -2.12 -67.92 82.70
CA GLN I 196 -0.99 -68.45 83.45
C GLN I 196 0.28 -67.59 83.40
N ASN I 197 0.75 -67.24 82.21
CA ASN I 197 1.95 -66.43 82.08
C ASN I 197 1.72 -64.98 82.52
N GLU I 198 2.42 -64.56 83.56
CA GLU I 198 2.30 -63.20 84.09
C GLU I 198 2.70 -62.13 83.07
N ASN I 199 3.77 -62.38 82.33
CA ASN I 199 4.24 -61.45 81.31
C ASN I 199 4.11 -62.06 79.92
N ALA I 200 2.94 -61.90 79.32
CA ALA I 200 2.67 -62.46 78.01
C ALA I 200 2.81 -61.45 76.89
N TYR I 201 2.67 -61.93 75.66
CA TYR I 201 2.76 -61.06 74.51
C TYR I 201 2.09 -61.69 73.30
N VAL I 202 1.67 -60.87 72.36
CA VAL I 202 1.04 -61.34 71.13
C VAL I 202 1.77 -60.73 69.95
N SER I 203 1.96 -61.53 68.90
CA SER I 203 2.65 -61.07 67.71
C SER I 203 1.83 -61.42 66.48
N VAL I 204 1.69 -60.47 65.58
CA VAL I 204 0.95 -60.71 64.35
C VAL I 204 1.75 -60.12 63.20
N VAL I 205 2.10 -60.97 62.24
CA VAL I 205 2.91 -60.52 61.11
C VAL I 205 2.45 -61.10 59.79
N THR I 206 2.69 -60.34 58.72
CA THR I 206 2.37 -60.74 57.35
C THR I 206 3.56 -60.20 56.56
N SER I 207 3.43 -60.10 55.24
CA SER I 207 4.53 -59.55 54.46
C SER I 207 4.70 -58.05 54.63
N ASN I 208 3.61 -57.35 54.90
CA ASN I 208 3.67 -55.91 55.07
C ASN I 208 3.13 -55.39 56.40
N TYR I 209 2.74 -56.30 57.28
CA TYR I 209 2.22 -55.91 58.58
C TYR I 209 3.12 -56.54 59.64
N ASN I 210 3.42 -55.79 60.69
CA ASN I 210 4.30 -56.29 61.75
C ASN I 210 4.07 -55.57 63.06
N ARG I 211 3.35 -56.22 63.97
CA ARG I 211 3.06 -55.61 65.25
C ARG I 211 3.09 -56.59 66.42
N ARG I 212 3.51 -56.09 67.58
CA ARG I 212 3.60 -56.88 68.81
C ARG I 212 2.73 -56.18 69.87
N PHE I 213 2.08 -56.96 70.70
CA PHE I 213 1.21 -56.40 71.74
C PHE I 213 1.52 -56.93 73.12
N THR I 214 1.61 -56.01 74.07
CA THR I 214 1.91 -56.32 75.45
C THR I 214 0.69 -56.00 76.31
N PRO I 215 0.30 -56.91 77.21
CA PRO I 215 -0.86 -56.66 78.07
C PRO I 215 -0.51 -55.56 79.07
N GLU I 216 -1.42 -54.62 79.28
CA GLU I 216 -1.19 -53.54 80.22
C GLU I 216 -2.25 -53.77 81.30
N ILE I 217 -1.83 -54.31 82.43
CA ILE I 217 -2.75 -54.63 83.53
C ILE I 217 -2.95 -53.49 84.52
N ALA I 218 -4.21 -53.11 84.70
CA ALA I 218 -4.54 -52.04 85.64
C ALA I 218 -6.04 -51.96 85.90
N GLU I 219 -6.40 -51.53 87.10
CA GLU I 219 -7.80 -51.39 87.47
C GLU I 219 -8.36 -50.22 86.67
N ARG I 220 -9.50 -50.42 86.01
CA ARG I 220 -10.11 -49.38 85.21
C ARG I 220 -11.59 -49.23 85.52
N PRO I 221 -12.17 -48.05 85.28
CA PRO I 221 -13.60 -47.85 85.55
C PRO I 221 -14.40 -48.90 84.78
N LYS I 222 -15.47 -49.40 85.39
CA LYS I 222 -16.28 -50.42 84.74
C LYS I 222 -17.18 -49.89 83.64
N VAL I 223 -17.14 -50.57 82.51
CA VAL I 223 -17.95 -50.25 81.35
C VAL I 223 -18.62 -51.59 81.01
N ARG I 224 -19.94 -51.59 80.96
CA ARG I 224 -20.70 -52.82 80.72
C ARG I 224 -20.27 -53.79 81.81
N ASP I 225 -20.04 -53.23 82.98
CA ASP I 225 -19.63 -53.96 84.17
C ASP I 225 -18.27 -54.65 84.05
N GLN I 226 -17.47 -54.23 83.08
CA GLN I 226 -16.14 -54.82 82.89
C GLN I 226 -15.03 -53.80 83.22
N ALA I 227 -14.11 -54.21 84.09
CA ALA I 227 -13.00 -53.35 84.47
C ALA I 227 -11.83 -53.67 83.54
N GLY I 228 -11.95 -54.79 82.82
CA GLY I 228 -10.91 -55.18 81.90
C GLY I 228 -11.16 -54.49 80.58
N ARG I 229 -10.22 -54.65 79.63
CA ARG I 229 -10.39 -54.01 78.33
C ARG I 229 -9.94 -54.95 77.21
N MET I 230 -10.52 -54.76 76.04
CA MET I 230 -10.17 -55.57 74.90
C MET I 230 -9.97 -54.60 73.73
N ASN I 231 -8.77 -54.60 73.15
CA ASN I 231 -8.49 -53.74 72.00
C ASN I 231 -8.62 -54.60 70.75
N TYR I 232 -9.24 -54.05 69.71
CA TYR I 232 -9.43 -54.80 68.49
C TYR I 232 -8.61 -54.26 67.34
N TYR I 233 -7.97 -55.17 66.59
CA TYR I 233 -7.14 -54.75 65.46
C TYR I 233 -7.53 -55.49 64.21
N TRP I 234 -7.04 -55.01 63.07
CA TRP I 234 -7.33 -55.64 61.78
C TRP I 234 -6.23 -55.31 60.78
N THR I 235 -6.21 -56.07 59.69
CA THR I 235 -5.27 -55.82 58.62
C THR I 235 -5.80 -56.52 57.37
N LEU I 236 -5.27 -56.14 56.22
CA LEU I 236 -5.71 -56.75 54.98
C LEU I 236 -4.58 -57.65 54.52
N LEU I 237 -4.89 -58.94 54.39
CA LEU I 237 -3.90 -59.92 53.96
C LEU I 237 -3.99 -60.02 52.45
N LYS I 238 -2.92 -59.60 51.78
CA LYS I 238 -2.88 -59.64 50.32
C LYS I 238 -2.97 -61.06 49.81
N PRO I 239 -3.41 -61.24 48.55
CA PRO I 239 -3.54 -62.56 47.92
C PRO I 239 -2.21 -63.32 47.93
N GLY I 240 -2.25 -64.57 48.38
CA GLY I 240 -1.04 -65.37 48.41
C GLY I 240 -0.15 -65.14 49.60
N ASP I 241 -0.38 -64.05 50.34
CA ASP I 241 0.45 -63.77 51.50
C ASP I 241 0.02 -64.61 52.68
N THR I 242 0.87 -64.65 53.71
CA THR I 242 0.61 -65.43 54.91
C THR I 242 0.58 -64.55 56.15
N ILE I 243 -0.35 -64.84 57.05
CA ILE I 243 -0.43 -64.11 58.30
C ILE I 243 -0.08 -65.12 59.39
N ILE I 244 0.73 -64.69 60.35
CA ILE I 244 1.15 -65.57 61.43
C ILE I 244 0.85 -64.99 62.79
N PHE I 245 0.13 -65.76 63.60
CA PHE I 245 -0.18 -65.35 64.96
C PHE I 245 0.65 -66.19 65.93
N GLU I 246 1.28 -65.51 66.88
CA GLU I 246 2.09 -66.18 67.88
C GLU I 246 1.75 -65.49 69.19
N ALA I 247 1.60 -66.28 70.25
CA ALA I 247 1.26 -65.69 71.53
C ALA I 247 1.39 -66.67 72.68
N ASN I 248 1.52 -66.13 73.89
CA ASN I 248 1.59 -66.97 75.08
C ASN I 248 0.56 -66.40 76.05
N GLY I 249 -0.45 -65.76 75.48
CA GLY I 249 -1.53 -65.20 76.29
C GLY I 249 -2.21 -63.98 75.70
N ASN I 250 -3.37 -63.64 76.26
CA ASN I 250 -4.14 -62.46 75.87
C ASN I 250 -4.62 -62.32 74.42
N LEU I 251 -4.49 -63.37 73.62
CA LEU I 251 -4.94 -63.29 72.25
C LEU I 251 -6.43 -63.66 72.08
N ILE I 252 -7.18 -62.79 71.42
CA ILE I 252 -8.58 -63.02 71.13
C ILE I 252 -8.44 -63.32 69.65
N ALA I 253 -8.25 -64.59 69.33
CA ALA I 253 -8.02 -65.07 67.97
C ALA I 253 -9.11 -64.92 66.93
N PRO I 254 -8.71 -64.85 65.66
CA PRO I 254 -9.68 -64.72 64.57
C PRO I 254 -10.21 -66.13 64.32
N MET I 255 -11.52 -66.25 64.10
CA MET I 255 -12.12 -67.54 63.80
C MET I 255 -12.62 -67.40 62.36
N TYR I 256 -13.37 -66.33 62.09
CA TYR I 256 -13.85 -66.07 60.74
C TYR I 256 -13.19 -64.83 60.18
N ALA I 257 -12.94 -64.84 58.87
CA ALA I 257 -12.34 -63.71 58.18
C ALA I 257 -13.19 -63.41 56.95
N PHE I 258 -12.85 -62.37 56.19
CA PHE I 258 -13.63 -62.03 55.01
C PHE I 258 -12.77 -61.81 53.79
N ALA I 259 -13.12 -62.47 52.70
CA ALA I 259 -12.41 -62.30 51.43
C ALA I 259 -13.22 -61.23 50.73
N LEU I 260 -12.63 -60.05 50.56
CA LEU I 260 -13.29 -58.89 49.96
C LEU I 260 -13.24 -58.78 48.45
N ARG I 261 -14.34 -58.28 47.89
CA ARG I 261 -14.42 -58.03 46.45
C ARG I 261 -14.72 -56.53 46.42
N ARG I 262 -14.00 -55.78 45.59
CA ARG I 262 -14.18 -54.33 45.51
C ARG I 262 -15.15 -53.88 44.43
N GLY I 263 -15.82 -52.75 44.68
CA GLY I 263 -16.76 -52.19 43.73
C GLY I 263 -16.72 -50.66 43.76
N PHE I 264 -17.55 -50.01 42.96
CA PHE I 264 -17.59 -48.55 42.93
C PHE I 264 -18.99 -48.03 43.20
N GLY I 265 -19.07 -46.82 43.74
CA GLY I 265 -20.37 -46.20 43.99
C GLY I 265 -21.07 -46.51 45.30
N SER I 266 -20.44 -47.29 46.15
CA SER I 266 -21.04 -47.63 47.44
C SER I 266 -20.58 -46.63 48.51
N GLY I 267 -21.13 -46.78 49.71
CA GLY I 267 -20.77 -45.89 50.79
C GLY I 267 -21.67 -46.16 51.99
N ILE I 268 -21.40 -45.50 53.09
CA ILE I 268 -22.19 -45.69 54.30
C ILE I 268 -23.02 -44.44 54.59
N ILE I 269 -24.33 -44.63 54.78
CA ILE I 269 -25.23 -43.53 55.10
C ILE I 269 -26.02 -43.87 56.37
N THR I 270 -26.51 -42.83 57.02
CA THR I 270 -27.29 -42.99 58.23
C THR I 270 -28.71 -42.56 57.87
N SER I 271 -29.65 -43.49 57.98
CA SER I 271 -31.02 -43.19 57.63
C SER I 271 -32.02 -43.71 58.64
N ASN I 272 -33.14 -43.02 58.71
CA ASN I 272 -34.23 -43.38 59.60
C ASN I 272 -35.37 -43.96 58.75
N ALA I 273 -35.20 -43.93 57.43
CA ALA I 273 -36.21 -44.44 56.51
C ALA I 273 -36.22 -45.98 56.41
N SER I 274 -37.32 -46.53 55.91
CA SER I 274 -37.44 -47.98 55.79
C SER I 274 -37.18 -48.51 54.39
N MET I 275 -36.67 -49.74 54.35
CA MET I 275 -36.39 -50.41 53.10
C MET I 275 -37.72 -50.88 52.51
N HIS I 276 -37.87 -50.78 51.20
CA HIS I 276 -39.08 -51.21 50.49
C HIS I 276 -38.65 -51.88 49.22
N GLU I 277 -39.54 -52.64 48.60
CA GLU I 277 -39.22 -53.31 47.35
C GLU I 277 -39.38 -52.33 46.19
N CYS I 278 -38.49 -51.35 46.14
CA CYS I 278 -38.48 -50.32 45.09
C CYS I 278 -37.07 -50.27 44.54
N ASN I 279 -36.92 -49.74 43.34
CA ASN I 279 -35.62 -49.65 42.71
C ASN I 279 -35.36 -48.21 42.27
N THR I 280 -34.14 -47.75 42.48
CA THR I 280 -33.79 -46.38 42.12
C THR I 280 -32.37 -46.30 41.60
N LYS I 281 -32.04 -45.16 41.02
CA LYS I 281 -30.69 -44.96 40.54
C LYS I 281 -30.02 -43.92 41.45
N CYS I 282 -30.82 -43.30 42.31
CA CYS I 282 -30.33 -42.30 43.23
C CYS I 282 -30.99 -42.44 44.62
N GLN I 283 -30.17 -42.62 45.65
CA GLN I 283 -30.67 -42.77 47.01
C GLN I 283 -30.07 -41.78 48.00
N THR I 284 -30.91 -41.15 48.81
CA THR I 284 -30.45 -40.22 49.84
C THR I 284 -30.98 -40.78 51.15
N PRO I 285 -30.50 -40.26 52.29
CA PRO I 285 -30.97 -40.77 53.57
C PRO I 285 -32.46 -40.53 53.84
N LEU I 286 -33.09 -39.65 53.06
CA LEU I 286 -34.49 -39.33 53.26
C LEU I 286 -35.44 -40.13 52.39
N GLY I 287 -34.95 -40.54 51.22
CA GLY I 287 -35.76 -41.30 50.29
C GLY I 287 -35.06 -41.32 48.95
N ALA I 288 -35.60 -42.07 48.00
CA ALA I 288 -35.02 -42.18 46.68
C ALA I 288 -35.51 -41.06 45.75
N ILE I 289 -34.68 -40.74 44.77
CA ILE I 289 -34.99 -39.69 43.80
C ILE I 289 -35.00 -40.27 42.38
N ASN I 290 -36.01 -39.89 41.60
CA ASN I 290 -36.12 -40.31 40.20
C ASN I 290 -36.29 -38.99 39.47
N SER I 291 -35.21 -38.49 38.88
CA SER I 291 -35.28 -37.20 38.22
C SER I 291 -34.18 -36.95 37.21
N SER I 292 -34.42 -35.98 36.32
CA SER I 292 -33.46 -35.59 35.31
C SER I 292 -33.01 -34.16 35.58
N LEU I 293 -33.62 -33.54 36.58
CA LEU I 293 -33.26 -32.17 36.93
C LEU I 293 -31.80 -32.13 37.37
N PRO I 294 -31.10 -31.04 37.07
CA PRO I 294 -29.68 -30.92 37.45
C PRO I 294 -29.43 -30.62 38.92
N TYR I 295 -30.43 -30.10 39.62
CA TYR I 295 -30.22 -29.78 41.04
C TYR I 295 -31.30 -30.41 41.92
N GLN I 296 -30.98 -30.52 43.21
CA GLN I 296 -31.92 -31.05 44.20
C GLN I 296 -31.60 -30.40 45.54
N ASN I 297 -32.62 -30.13 46.34
CA ASN I 297 -32.39 -29.54 47.67
C ASN I 297 -32.85 -30.51 48.74
N ILE I 298 -32.89 -31.78 48.39
CA ILE I 298 -33.33 -32.82 49.33
C ILE I 298 -32.27 -33.18 50.38
N HIS I 299 -31.06 -33.56 49.93
CA HIS I 299 -30.03 -33.92 50.90
C HIS I 299 -28.64 -33.94 50.25
N PRO I 300 -27.58 -33.59 51.01
CA PRO I 300 -26.20 -33.59 50.48
C PRO I 300 -25.61 -35.01 50.31
N VAL I 301 -26.08 -35.95 51.12
CA VAL I 301 -25.62 -37.33 51.05
C VAL I 301 -26.41 -38.04 49.95
N THR I 302 -25.70 -38.64 48.98
CA THR I 302 -26.36 -39.32 47.88
C THR I 302 -25.59 -40.55 47.39
N ILE I 303 -26.30 -41.61 47.05
CA ILE I 303 -25.69 -42.83 46.52
C ILE I 303 -26.20 -43.02 45.09
N GLY I 304 -25.29 -43.28 44.16
CA GLY I 304 -25.69 -43.49 42.77
C GLY I 304 -25.44 -42.32 41.83
N GLU I 305 -26.41 -42.04 40.96
CA GLU I 305 -26.29 -40.94 40.00
C GLU I 305 -27.40 -39.94 40.34
N CYS I 306 -27.02 -38.84 40.96
CA CYS I 306 -27.97 -37.86 41.41
C CYS I 306 -27.75 -36.42 40.94
N PRO I 307 -28.74 -35.55 41.22
CA PRO I 307 -28.66 -34.13 40.87
C PRO I 307 -27.74 -33.51 41.92
N LYS I 308 -27.10 -32.39 41.58
CA LYS I 308 -26.20 -31.72 42.51
C LYS I 308 -26.98 -31.10 43.66
N TYR I 309 -26.57 -31.39 44.89
CA TYR I 309 -27.26 -30.83 46.05
C TYR I 309 -26.96 -29.34 46.12
N VAL I 310 -27.97 -28.56 46.49
CA VAL I 310 -27.84 -27.13 46.58
C VAL I 310 -28.73 -26.65 47.73
N ARG I 311 -28.47 -25.47 48.29
CA ARG I 311 -29.29 -24.98 49.40
C ARG I 311 -30.53 -24.23 48.94
N SER I 312 -30.61 -23.99 47.63
CA SER I 312 -31.71 -23.26 47.06
C SER I 312 -33.11 -23.80 47.38
N ALA I 313 -34.06 -22.88 47.50
CA ALA I 313 -35.45 -23.23 47.78
C ALA I 313 -36.20 -23.25 46.47
N LYS I 314 -35.68 -22.50 45.50
CA LYS I 314 -36.31 -22.41 44.18
C LYS I 314 -35.32 -22.13 43.06
N LEU I 315 -35.45 -22.85 41.95
CA LEU I 315 -34.61 -22.65 40.78
C LEU I 315 -35.45 -22.88 39.53
N ARG I 316 -36.15 -21.83 39.09
CA ARG I 316 -37.02 -21.92 37.93
C ARG I 316 -36.53 -21.00 36.83
N MET I 317 -36.36 -21.59 35.65
CA MET I 317 -35.88 -20.86 34.49
C MET I 317 -37.07 -20.55 33.60
N VAL I 318 -37.23 -19.28 33.24
CA VAL I 318 -38.33 -18.89 32.38
C VAL I 318 -38.01 -19.25 30.93
N THR I 319 -39.01 -19.77 30.22
CA THR I 319 -38.86 -20.17 28.83
C THR I 319 -39.73 -19.29 27.94
N GLY I 320 -40.94 -19.00 28.43
CA GLY I 320 -41.87 -18.16 27.68
C GLY I 320 -41.59 -16.70 27.96
N LEU I 321 -42.60 -15.84 27.81
CA LEU I 321 -42.41 -14.41 28.05
C LEU I 321 -43.25 -13.89 29.21
N ARG I 322 -43.15 -12.59 29.48
CA ARG I 322 -43.94 -12.00 30.53
C ARG I 322 -45.40 -12.28 30.20
N ASN I 323 -46.19 -12.62 31.20
CA ASN I 323 -47.57 -12.91 30.95
C ASN I 323 -48.41 -11.68 31.25
N ILE I 324 -48.98 -11.11 30.21
CA ILE I 324 -49.82 -9.92 30.34
C ILE I 324 -51.11 -10.17 29.57
N PRO I 325 -52.05 -10.90 30.19
CA PRO I 325 -53.34 -11.22 29.58
C PRO I 325 -54.10 -9.94 29.20
N ALA I 326 -53.77 -8.87 29.92
CA ALA I 326 -54.39 -7.56 29.70
C ALA I 326 -55.90 -7.64 29.90
N ARG I 327 -56.32 -8.49 30.83
CA ARG I 327 -57.74 -8.66 31.12
C ARG I 327 -58.30 -7.42 31.80
N GLY J 1 -38.82 -3.46 29.24
CA GLY J 1 -38.12 -4.29 28.29
C GLY J 1 -37.02 -3.52 27.58
N LEU J 2 -35.90 -4.18 27.33
CA LEU J 2 -34.76 -3.55 26.66
C LEU J 2 -35.07 -3.08 25.23
N PHE J 3 -35.99 -3.76 24.56
CA PHE J 3 -36.29 -3.39 23.18
C PHE J 3 -37.60 -2.63 22.93
N GLY J 4 -38.32 -2.32 24.00
CA GLY J 4 -39.55 -1.54 23.90
C GLY J 4 -40.87 -2.16 23.43
N ALA J 5 -40.83 -3.37 22.87
CA ALA J 5 -42.06 -3.99 22.39
C ALA J 5 -42.96 -4.51 23.50
N ILE J 6 -42.62 -5.70 24.03
CA ILE J 6 -43.39 -6.33 25.08
C ILE J 6 -43.56 -5.40 26.29
N ALA J 7 -44.80 -5.23 26.72
CA ALA J 7 -45.13 -4.35 27.84
C ALA J 7 -44.64 -2.94 27.51
N GLY J 8 -44.40 -2.70 26.23
CA GLY J 8 -43.94 -1.39 25.79
C GLY J 8 -44.99 -0.73 24.92
N PHE J 9 -44.69 -0.54 23.63
CA PHE J 9 -45.66 0.09 22.75
C PHE J 9 -46.74 -0.92 22.36
N ILE J 10 -46.50 -2.19 22.67
CA ILE J 10 -47.48 -3.24 22.44
C ILE J 10 -47.83 -3.65 23.87
N GLU J 11 -48.66 -2.82 24.49
CA GLU J 11 -49.11 -2.95 25.87
C GLU J 11 -49.46 -4.30 26.47
N GLY J 12 -50.01 -5.23 25.69
CA GLY J 12 -50.36 -6.51 26.27
C GLY J 12 -50.26 -7.74 25.38
N GLY J 13 -50.53 -8.90 25.97
CA GLY J 13 -50.48 -10.15 25.24
C GLY J 13 -51.87 -10.63 24.86
N TRP J 14 -51.94 -11.55 23.92
CA TRP J 14 -53.22 -12.07 23.47
C TRP J 14 -53.46 -13.50 23.94
N THR J 15 -54.37 -13.66 24.88
CA THR J 15 -54.71 -14.99 25.37
C THR J 15 -55.34 -15.72 24.19
N GLY J 16 -55.78 -14.94 23.21
CA GLY J 16 -56.41 -15.48 22.03
C GLY J 16 -55.47 -16.23 21.10
N MET J 17 -54.22 -15.80 21.06
CA MET J 17 -53.24 -16.47 20.20
C MET J 17 -52.66 -17.67 20.94
N ILE J 18 -52.89 -18.86 20.40
CA ILE J 18 -52.42 -20.09 21.02
C ILE J 18 -51.62 -20.99 20.09
N ASP J 19 -51.05 -20.41 19.04
CA ASP J 19 -50.28 -21.18 18.07
C ASP J 19 -48.79 -21.02 18.30
N GLY J 20 -48.42 -19.99 19.06
CA GLY J 20 -47.01 -19.72 19.33
C GLY J 20 -46.85 -18.56 20.29
N TRP J 21 -45.65 -17.99 20.32
CA TRP J 21 -45.36 -16.86 21.20
C TRP J 21 -45.55 -15.51 20.52
N TYR J 22 -45.28 -15.47 19.20
CA TYR J 22 -45.42 -14.23 18.43
C TYR J 22 -46.37 -14.47 17.26
N GLY J 23 -47.17 -13.45 16.93
CA GLY J 23 -48.10 -13.61 15.83
C GLY J 23 -48.74 -12.34 15.30
N TYR J 24 -49.82 -12.51 14.55
CA TYR J 24 -50.53 -11.38 13.96
C TYR J 24 -52.02 -11.46 14.25
N HIS J 25 -52.64 -10.31 14.49
CA HIS J 25 -54.08 -10.29 14.69
C HIS J 25 -54.67 -9.86 13.36
N HIS J 26 -55.57 -10.69 12.86
CA HIS J 26 -56.21 -10.49 11.58
C HIS J 26 -57.57 -9.80 11.71
N GLN J 27 -57.82 -8.81 10.85
CA GLN J 27 -59.09 -8.07 10.86
C GLN J 27 -59.40 -7.60 9.44
N ASN J 28 -60.11 -8.45 8.71
CA ASN J 28 -60.47 -8.18 7.33
C ASN J 28 -61.98 -8.10 7.16
N GLU J 29 -62.42 -8.03 5.90
CA GLU J 29 -63.83 -7.97 5.58
C GLU J 29 -64.37 -9.39 5.65
N GLN J 30 -63.47 -10.35 5.44
CA GLN J 30 -63.82 -11.76 5.48
C GLN J 30 -63.91 -12.26 6.91
N GLY J 31 -63.43 -11.47 7.86
CA GLY J 31 -63.47 -11.88 9.25
C GLY J 31 -62.19 -11.53 9.99
N SER J 32 -62.14 -11.87 11.28
CA SER J 32 -60.97 -11.59 12.11
C SER J 32 -60.30 -12.88 12.57
N GLY J 33 -59.44 -12.76 13.58
CA GLY J 33 -58.74 -13.92 14.11
C GLY J 33 -57.27 -13.72 14.38
N TYR J 34 -56.61 -14.76 14.87
CA TYR J 34 -55.19 -14.72 15.16
C TYR J 34 -54.44 -15.72 14.31
N ALA J 35 -53.12 -15.72 14.43
CA ALA J 35 -52.25 -16.63 13.69
C ALA J 35 -50.82 -16.39 14.15
N ALA J 36 -50.16 -17.42 14.65
CA ALA J 36 -48.80 -17.29 15.11
C ALA J 36 -47.82 -17.32 13.95
N ASP J 37 -46.65 -16.72 14.14
CA ASP J 37 -45.62 -16.68 13.12
C ASP J 37 -44.64 -17.82 13.38
N GLN J 38 -44.93 -18.99 12.83
CA GLN J 38 -44.07 -20.17 13.00
C GLN J 38 -42.59 -19.85 12.90
N LYS J 39 -42.22 -19.06 11.90
CA LYS J 39 -40.83 -18.68 11.70
C LYS J 39 -40.20 -18.17 13.00
N SER J 40 -40.64 -17.01 13.45
CA SER J 40 -40.13 -16.39 14.67
C SER J 40 -40.28 -17.27 15.90
N THR J 41 -41.47 -17.80 16.11
CA THR J 41 -41.73 -18.65 17.26
C THR J 41 -40.81 -19.88 17.29
N GLN J 42 -40.57 -20.48 16.13
CA GLN J 42 -39.72 -21.66 16.06
C GLN J 42 -38.28 -21.30 16.43
N ASN J 43 -37.75 -20.25 15.83
CA ASN J 43 -36.39 -19.83 16.14
C ASN J 43 -36.25 -19.55 17.63
N ALA J 44 -37.25 -18.90 18.22
CA ALA J 44 -37.21 -18.58 19.64
C ALA J 44 -37.19 -19.87 20.46
N ILE J 45 -37.95 -20.85 20.02
CA ILE J 45 -38.01 -22.14 20.72
C ILE J 45 -36.67 -22.87 20.64
N ASN J 46 -36.04 -22.86 19.46
CA ASN J 46 -34.76 -23.53 19.30
C ASN J 46 -33.71 -22.90 20.20
N GLY J 47 -33.76 -21.57 20.32
CA GLY J 47 -32.81 -20.85 21.15
C GLY J 47 -32.99 -21.08 22.64
N ILE J 48 -34.21 -20.99 23.13
CA ILE J 48 -34.46 -21.20 24.56
C ILE J 48 -34.24 -22.66 24.92
N THR J 49 -34.62 -23.57 24.03
CA THR J 49 -34.43 -25.00 24.28
C THR J 49 -32.96 -25.31 24.43
N ASN J 50 -32.15 -24.76 23.53
CA ASN J 50 -30.71 -24.97 23.57
C ASN J 50 -30.12 -24.33 24.84
N LYS J 51 -30.70 -23.22 25.29
CA LYS J 51 -30.21 -22.56 26.49
C LYS J 51 -30.47 -23.44 27.72
N VAL J 52 -31.71 -23.86 27.89
CA VAL J 52 -32.05 -24.70 29.04
C VAL J 52 -31.25 -26.00 28.99
N ASN J 53 -31.04 -26.54 27.79
CA ASN J 53 -30.27 -27.76 27.64
C ASN J 53 -28.81 -27.54 28.04
N SER J 54 -28.27 -26.35 27.76
CA SER J 54 -26.89 -26.05 28.11
C SER J 54 -26.72 -25.93 29.62
N VAL J 55 -27.65 -25.23 30.28
CA VAL J 55 -27.55 -25.07 31.73
C VAL J 55 -27.58 -26.45 32.38
N ILE J 56 -28.46 -27.31 31.89
CA ILE J 56 -28.57 -28.66 32.44
C ILE J 56 -27.33 -29.50 32.14
N GLU J 57 -26.84 -29.44 30.91
CA GLU J 57 -25.67 -30.20 30.52
C GLU J 57 -24.40 -29.84 31.30
N LYS J 58 -24.23 -28.56 31.60
CA LYS J 58 -23.04 -28.12 32.33
C LYS J 58 -22.95 -28.69 33.73
N MET J 59 -24.10 -29.01 34.33
CA MET J 59 -24.16 -29.58 35.67
C MET J 59 -24.16 -31.10 35.59
N ASN J 60 -23.03 -31.66 35.21
CA ASN J 60 -22.90 -33.11 35.10
C ASN J 60 -23.46 -33.76 36.37
N ILE J 61 -23.75 -35.05 36.27
CA ILE J 61 -24.31 -35.79 37.40
C ILE J 61 -23.44 -35.94 38.64
N GLN J 62 -24.10 -35.81 39.79
CA GLN J 62 -23.47 -35.93 41.10
C GLN J 62 -23.37 -37.40 41.49
N PHE J 63 -22.16 -37.91 41.63
CA PHE J 63 -21.99 -39.31 42.00
C PHE J 63 -21.95 -39.47 43.52
N THR J 64 -21.88 -40.71 43.98
CA THR J 64 -21.85 -41.01 45.39
C THR J 64 -21.00 -40.03 46.20
N ALA J 65 -21.64 -39.40 47.17
CA ALA J 65 -21.01 -38.43 48.06
C ALA J 65 -21.63 -38.67 49.43
N VAL J 66 -20.82 -39.10 50.39
CA VAL J 66 -21.31 -39.36 51.75
C VAL J 66 -20.38 -38.80 52.83
N GLY J 67 -20.80 -38.91 54.08
CA GLY J 67 -19.99 -38.40 55.17
C GLY J 67 -18.90 -39.37 55.59
N LYS J 68 -17.97 -38.90 56.40
CA LYS J 68 -16.89 -39.72 56.89
C LYS J 68 -16.91 -39.61 58.39
N GLU J 69 -16.25 -40.54 59.08
CA GLU J 69 -16.17 -40.49 60.53
C GLU J 69 -14.73 -40.13 60.91
N PHE J 70 -14.57 -39.52 62.08
CA PHE J 70 -13.27 -39.10 62.57
C PHE J 70 -13.26 -39.41 64.05
N ASN J 71 -12.17 -39.99 64.56
CA ASN J 71 -12.18 -40.26 65.98
C ASN J 71 -11.98 -38.95 66.75
N LYS J 72 -12.09 -39.05 68.08
CA LYS J 72 -11.98 -37.91 68.97
C LYS J 72 -10.67 -37.12 68.90
N LEU J 73 -9.64 -37.71 68.29
CA LEU J 73 -8.37 -37.01 68.19
C LEU J 73 -8.09 -36.55 66.76
N GLU J 74 -9.14 -36.45 65.95
CA GLU J 74 -9.01 -35.97 64.58
C GLU J 74 -9.97 -34.80 64.35
N LYS J 75 -10.11 -33.96 65.35
CA LYS J 75 -11.01 -32.81 65.24
C LYS J 75 -10.58 -31.85 64.13
N ARG J 76 -9.28 -31.68 63.95
CA ARG J 76 -8.79 -30.79 62.90
C ARG J 76 -9.16 -31.33 61.52
N MET J 77 -8.95 -32.62 61.30
CA MET J 77 -9.27 -33.23 60.02
C MET J 77 -10.77 -33.14 59.78
N GLU J 78 -11.56 -33.39 60.82
CA GLU J 78 -13.00 -33.31 60.70
C GLU J 78 -13.42 -31.89 60.32
N ASN J 79 -12.77 -30.89 60.90
CA ASN J 79 -13.10 -29.51 60.57
C ASN J 79 -12.69 -29.16 59.15
N LEU J 80 -11.63 -29.81 58.68
CA LEU J 80 -11.15 -29.58 57.32
C LEU J 80 -12.19 -30.14 56.37
N ASN J 81 -12.58 -31.40 56.58
CA ASN J 81 -13.58 -32.04 55.74
C ASN J 81 -14.84 -31.17 55.71
N ASN J 82 -15.20 -30.60 56.86
CA ASN J 82 -16.37 -29.74 56.97
C ASN J 82 -16.20 -28.44 56.17
N LYS J 83 -15.01 -27.84 56.25
CA LYS J 83 -14.75 -26.61 55.51
C LYS J 83 -14.83 -26.87 54.01
N VAL J 84 -14.35 -28.03 53.57
CA VAL J 84 -14.39 -28.38 52.15
C VAL J 84 -15.82 -28.58 51.67
N ASP J 85 -16.61 -29.33 52.44
CA ASP J 85 -17.99 -29.59 52.05
C ASP J 85 -18.85 -28.31 52.02
N ASP J 86 -18.73 -27.48 53.05
CA ASP J 86 -19.51 -26.25 53.06
C ASP J 86 -19.01 -25.28 51.99
N GLY J 87 -17.71 -25.35 51.70
CA GLY J 87 -17.12 -24.48 50.71
C GLY J 87 -17.70 -24.73 49.33
N PHE J 88 -17.66 -25.98 48.89
CA PHE J 88 -18.20 -26.35 47.59
C PHE J 88 -19.70 -26.12 47.53
N LEU J 89 -20.41 -26.45 48.60
CA LEU J 89 -21.84 -26.24 48.62
C LEU J 89 -22.19 -24.75 48.43
N ASP J 90 -21.43 -23.86 49.07
CA ASP J 90 -21.69 -22.41 48.94
C ASP J 90 -21.50 -21.95 47.50
N ILE J 91 -20.44 -22.43 46.86
CA ILE J 91 -20.14 -22.04 45.49
C ILE J 91 -21.19 -22.51 44.50
N TRP J 92 -21.61 -23.77 44.60
CA TRP J 92 -22.61 -24.28 43.67
C TRP J 92 -23.97 -23.67 43.89
N THR J 93 -24.29 -23.36 45.14
CA THR J 93 -25.59 -22.75 45.43
C THR J 93 -25.60 -21.35 44.81
N TYR J 94 -24.47 -20.65 44.95
CA TYR J 94 -24.31 -19.31 44.40
C TYR J 94 -24.36 -19.37 42.89
N ASN J 95 -23.60 -20.31 42.31
CA ASN J 95 -23.56 -20.46 40.86
C ASN J 95 -24.94 -20.73 40.27
N ALA J 96 -25.63 -21.73 40.81
CA ALA J 96 -26.96 -22.09 40.33
C ALA J 96 -27.94 -20.92 40.41
N GLU J 97 -27.94 -20.22 41.54
CA GLU J 97 -28.85 -19.09 41.71
C GLU J 97 -28.54 -17.92 40.79
N LEU J 98 -27.27 -17.53 40.72
CA LEU J 98 -26.86 -16.44 39.86
C LEU J 98 -27.14 -16.74 38.39
N LEU J 99 -26.69 -17.90 37.93
CA LEU J 99 -26.88 -18.29 36.54
C LEU J 99 -28.34 -18.16 36.12
N VAL J 100 -29.25 -18.67 36.96
CA VAL J 100 -30.67 -18.61 36.65
C VAL J 100 -31.21 -17.18 36.66
N LEU J 101 -30.82 -16.38 37.65
CA LEU J 101 -31.27 -15.00 37.71
C LEU J 101 -30.85 -14.25 36.45
N LEU J 102 -29.58 -14.40 36.09
CA LEU J 102 -29.04 -13.73 34.91
C LEU J 102 -29.64 -14.20 33.59
N GLU J 103 -29.81 -15.50 33.43
CA GLU J 103 -30.37 -16.00 32.18
C GLU J 103 -31.85 -15.72 32.01
N ASN J 104 -32.58 -15.60 33.12
CA ASN J 104 -34.00 -15.29 33.06
C ASN J 104 -34.17 -13.87 32.51
N GLU J 105 -33.33 -12.96 32.98
CA GLU J 105 -33.38 -11.58 32.52
C GLU J 105 -33.14 -11.63 31.02
N ARG J 106 -32.08 -12.32 30.62
CA ARG J 106 -31.72 -12.43 29.21
C ARG J 106 -32.80 -13.06 28.34
N THR J 107 -33.49 -14.07 28.85
CA THR J 107 -34.54 -14.74 28.07
C THR J 107 -35.69 -13.77 27.84
N LEU J 108 -36.04 -13.00 28.88
CA LEU J 108 -37.11 -12.04 28.74
C LEU J 108 -36.74 -10.99 27.68
N ASP J 109 -35.51 -10.48 27.72
CA ASP J 109 -35.05 -9.49 26.73
C ASP J 109 -35.08 -10.13 25.34
N PHE J 110 -34.75 -11.42 25.30
CA PHE J 110 -34.73 -12.16 24.04
C PHE J 110 -36.10 -12.11 23.38
N HIS J 111 -37.15 -12.37 24.15
CA HIS J 111 -38.50 -12.32 23.60
C HIS J 111 -38.83 -10.91 23.14
N ASP J 112 -38.54 -9.92 23.98
CA ASP J 112 -38.80 -8.53 23.66
C ASP J 112 -38.18 -8.21 22.32
N SER J 113 -36.94 -8.64 22.15
CA SER J 113 -36.21 -8.43 20.90
C SER J 113 -36.91 -9.07 19.71
N ASN J 114 -37.35 -10.31 19.88
CA ASN J 114 -38.00 -11.00 18.77
C ASN J 114 -39.29 -10.32 18.35
N VAL J 115 -40.09 -9.89 19.33
CA VAL J 115 -41.35 -9.21 19.03
C VAL J 115 -41.02 -7.88 18.34
N LYS J 116 -39.97 -7.24 18.81
CA LYS J 116 -39.51 -5.98 18.26
C LYS J 116 -39.08 -6.14 16.80
N ASN J 117 -38.27 -7.16 16.53
CA ASN J 117 -37.79 -7.37 15.17
C ASN J 117 -38.88 -7.79 14.21
N LEU J 118 -39.82 -8.60 14.68
CA LEU J 118 -40.93 -9.03 13.84
C LEU J 118 -41.72 -7.79 13.42
N TYR J 119 -41.91 -6.88 14.38
CA TYR J 119 -42.63 -5.64 14.14
C TYR J 119 -41.92 -4.78 13.09
N GLU J 120 -40.62 -4.56 13.26
CA GLU J 120 -39.86 -3.76 12.32
C GLU J 120 -39.77 -4.43 10.94
N LYS J 121 -40.15 -5.70 10.87
CA LYS J 121 -40.09 -6.44 9.60
C LYS J 121 -41.37 -6.17 8.82
N VAL J 122 -42.49 -6.19 9.52
CA VAL J 122 -43.80 -5.94 8.94
C VAL J 122 -43.91 -4.46 8.57
N LYS J 123 -43.34 -3.59 9.39
CA LYS J 123 -43.37 -2.16 9.13
C LYS J 123 -42.69 -1.81 7.82
N SER J 124 -41.52 -2.40 7.57
CA SER J 124 -40.79 -2.13 6.34
C SER J 124 -41.56 -2.59 5.11
N GLN J 125 -42.47 -3.54 5.30
CA GLN J 125 -43.26 -4.05 4.19
C GLN J 125 -44.49 -3.19 3.90
N LEU J 126 -45.18 -2.78 4.96
CA LEU J 126 -46.38 -1.97 4.83
C LEU J 126 -46.05 -0.48 4.91
N LYS J 127 -44.76 -0.18 4.89
CA LYS J 127 -44.26 1.18 4.98
C LYS J 127 -45.02 2.22 4.16
N ASN J 128 -45.42 1.87 2.94
CA ASN J 128 -46.12 2.81 2.08
C ASN J 128 -47.57 2.48 1.74
N ASN J 129 -48.10 1.40 2.31
CA ASN J 129 -49.47 1.01 2.00
C ASN J 129 -50.39 0.92 3.22
N ALA J 130 -50.02 1.58 4.30
CA ALA J 130 -50.83 1.57 5.52
C ALA J 130 -50.23 2.56 6.51
N LYS J 131 -50.96 2.84 7.58
CA LYS J 131 -50.43 3.76 8.58
C LYS J 131 -50.21 3.09 9.93
N GLU J 132 -49.15 3.51 10.60
CA GLU J 132 -48.80 2.99 11.92
C GLU J 132 -49.73 3.53 12.98
N ILE J 133 -50.62 2.69 13.49
CA ILE J 133 -51.52 3.13 14.53
C ILE J 133 -50.66 3.52 15.74
N GLY J 134 -49.82 2.58 16.18
CA GLY J 134 -48.95 2.85 17.31
C GLY J 134 -49.01 1.78 18.38
N ASN J 135 -50.08 0.99 18.37
CA ASN J 135 -50.25 -0.08 19.34
C ASN J 135 -49.77 -1.37 18.71
N GLY J 136 -48.94 -1.25 17.69
CA GLY J 136 -48.42 -2.42 17.01
C GLY J 136 -49.31 -2.83 15.85
N CYS J 137 -50.24 -1.96 15.48
CA CYS J 137 -51.16 -2.27 14.38
C CYS J 137 -50.92 -1.37 13.16
N PHE J 138 -51.42 -1.82 12.02
CA PHE J 138 -51.30 -1.08 10.76
C PHE J 138 -52.63 -1.06 10.01
N GLU J 139 -53.13 0.14 9.69
CA GLU J 139 -54.37 0.26 8.94
C GLU J 139 -54.03 0.39 7.47
N PHE J 140 -54.42 -0.62 6.69
CA PHE J 140 -54.14 -0.62 5.26
C PHE J 140 -54.87 0.50 4.52
N TYR J 141 -54.15 1.17 3.61
CA TYR J 141 -54.73 2.23 2.82
C TYR J 141 -55.79 1.62 1.91
N HIS J 142 -55.38 0.60 1.16
CA HIS J 142 -56.24 -0.10 0.21
C HIS J 142 -57.08 -1.21 0.81
N LYS J 143 -56.69 -1.69 1.99
CA LYS J 143 -57.42 -2.79 2.64
C LYS J 143 -57.24 -4.06 1.81
N CYS J 144 -56.69 -5.11 2.43
CA CYS J 144 -56.44 -6.35 1.72
C CYS J 144 -57.12 -7.58 2.33
N ASP J 145 -57.69 -8.41 1.46
CA ASP J 145 -58.40 -9.62 1.86
C ASP J 145 -57.50 -10.63 2.57
N ASN J 146 -58.11 -11.71 3.05
CA ASN J 146 -57.40 -12.76 3.77
C ASN J 146 -56.27 -13.39 2.96
N GLU J 147 -56.30 -13.20 1.65
CA GLU J 147 -55.26 -13.75 0.79
C GLU J 147 -54.05 -12.83 0.80
N CYS J 148 -54.30 -11.54 0.93
CA CYS J 148 -53.23 -10.55 0.95
C CYS J 148 -52.67 -10.43 2.38
N MET J 149 -53.49 -10.74 3.37
CA MET J 149 -53.06 -10.69 4.76
C MET J 149 -51.98 -11.75 4.94
N GLU J 150 -52.14 -12.86 4.24
CA GLU J 150 -51.19 -13.95 4.32
C GLU J 150 -49.85 -13.55 3.69
N SER J 151 -49.90 -12.72 2.66
CA SER J 151 -48.69 -12.28 2.00
C SER J 151 -47.86 -11.48 2.99
N VAL J 152 -48.54 -10.92 3.98
CA VAL J 152 -47.87 -10.13 5.01
C VAL J 152 -47.23 -11.06 6.03
N ARG J 153 -47.92 -12.15 6.34
CA ARG J 153 -47.41 -13.13 7.30
C ARG J 153 -46.25 -13.95 6.73
N ASN J 154 -46.33 -14.32 5.45
CA ASN J 154 -45.25 -15.11 4.87
C ASN J 154 -44.10 -14.24 4.38
N GLY J 155 -44.13 -12.96 4.78
CA GLY J 155 -43.09 -12.02 4.42
C GLY J 155 -42.89 -11.59 2.98
N THR J 156 -43.88 -11.83 2.13
CA THR J 156 -43.75 -11.43 0.73
C THR J 156 -44.28 -10.01 0.50
N TYR J 157 -45.58 -9.89 0.27
CA TYR J 157 -46.23 -8.60 0.05
C TYR J 157 -45.59 -7.83 -1.11
N ASP J 158 -44.48 -7.14 -0.84
CA ASP J 158 -43.78 -6.37 -1.87
C ASP J 158 -44.74 -5.60 -2.77
N TYR J 159 -45.32 -4.53 -2.24
CA TYR J 159 -46.26 -3.70 -2.98
C TYR J 159 -46.03 -2.21 -2.71
N PRO J 160 -44.76 -1.76 -2.66
CA PRO J 160 -44.44 -0.35 -2.40
C PRO J 160 -45.15 0.63 -3.33
N ASP K 5 -41.39 26.54 19.64
CA ASP K 5 -41.50 25.63 20.82
C ASP K 5 -40.82 24.29 20.57
N THR K 6 -39.96 23.91 21.51
CA THR K 6 -39.21 22.67 21.43
C THR K 6 -39.32 21.85 22.71
N ILE K 7 -38.74 20.64 22.68
CA ILE K 7 -38.70 19.75 23.82
C ILE K 7 -37.65 18.70 23.48
N CYS K 8 -36.69 18.52 24.38
CA CYS K 8 -35.62 17.54 24.14
C CYS K 8 -35.59 16.43 25.18
N ILE K 9 -35.26 15.23 24.72
CA ILE K 9 -35.13 14.06 25.58
C ILE K 9 -33.63 13.90 25.84
N GLY K 10 -33.25 13.88 27.11
CA GLY K 10 -31.84 13.75 27.46
C GLY K 10 -31.60 12.98 28.75
N TYR K 11 -30.35 12.93 29.18
CA TYR K 11 -29.98 12.20 30.39
C TYR K 11 -29.05 12.94 31.35
N HIS K 12 -29.10 12.52 32.61
CA HIS K 12 -28.32 13.11 33.70
C HIS K 12 -26.80 13.10 33.53
N ALA K 13 -26.18 14.10 34.16
CA ALA K 13 -24.74 14.26 34.15
C ALA K 13 -24.43 15.03 35.43
N ASN K 14 -23.18 14.98 35.89
CA ASN K 14 -22.78 15.69 37.09
C ASN K 14 -21.28 15.83 37.20
N ASN K 15 -20.79 16.17 38.39
CA ASN K 15 -19.35 16.36 38.59
C ASN K 15 -18.64 15.13 39.16
N SER K 16 -19.29 13.97 39.07
CA SER K 16 -18.70 12.73 39.58
C SER K 16 -17.45 12.30 38.83
N THR K 17 -16.48 11.78 39.57
CA THR K 17 -15.23 11.29 38.97
C THR K 17 -15.09 9.78 39.23
N ASP K 18 -16.13 9.18 39.80
CA ASP K 18 -16.15 7.75 40.08
C ASP K 18 -15.95 6.96 38.79
N THR K 19 -15.11 5.94 38.84
CA THR K 19 -14.88 5.10 37.67
C THR K 19 -15.15 3.64 38.00
N VAL K 20 -15.53 2.88 36.98
CA VAL K 20 -15.78 1.46 37.14
C VAL K 20 -15.26 0.79 35.90
N ASP K 21 -14.99 -0.51 35.99
CA ASP K 21 -14.52 -1.25 34.85
C ASP K 21 -15.66 -2.07 34.30
N THR K 22 -15.62 -2.32 32.99
CA THR K 22 -16.64 -3.12 32.33
C THR K 22 -15.91 -4.12 31.46
N VAL K 23 -16.65 -5.02 30.82
CA VAL K 23 -16.05 -6.05 29.97
C VAL K 23 -15.34 -5.41 28.77
N LEU K 24 -16.02 -4.47 28.13
CA LEU K 24 -15.50 -3.80 26.95
C LEU K 24 -14.54 -2.64 27.21
N GLU K 25 -14.82 -1.86 28.25
CA GLU K 25 -13.99 -0.70 28.54
C GLU K 25 -13.61 -0.56 30.01
N LYS K 26 -12.36 -0.16 30.25
CA LYS K 26 -11.85 0.02 31.59
C LYS K 26 -11.92 1.48 32.01
N ASN K 27 -11.81 1.72 33.31
CA ASN K 27 -11.84 3.07 33.88
C ASN K 27 -12.87 3.98 33.20
N VAL K 28 -14.14 3.67 33.41
CA VAL K 28 -15.24 4.44 32.82
C VAL K 28 -15.85 5.35 33.87
N THR K 29 -15.93 6.65 33.59
CA THR K 29 -16.50 7.61 34.53
C THR K 29 -18.03 7.52 34.50
N VAL K 30 -18.62 7.40 35.68
CA VAL K 30 -20.07 7.28 35.79
C VAL K 30 -20.64 8.25 36.81
N THR K 31 -21.93 8.55 36.68
CA THR K 31 -22.59 9.50 37.57
C THR K 31 -22.83 9.00 38.99
N HIS K 32 -23.15 7.72 39.12
CA HIS K 32 -23.42 7.12 40.43
C HIS K 32 -22.88 5.70 40.49
N SER K 33 -22.46 5.29 41.68
CA SER K 33 -21.91 3.95 41.87
C SER K 33 -21.90 3.59 43.35
N VAL K 34 -21.65 2.33 43.65
CA VAL K 34 -21.60 1.86 45.03
C VAL K 34 -20.44 0.89 45.16
N ASN K 35 -19.65 1.10 46.21
CA ASN K 35 -18.49 0.27 46.50
C ASN K 35 -18.99 -1.00 47.20
N LEU K 36 -18.42 -2.15 46.83
CA LEU K 36 -18.82 -3.42 47.42
C LEU K 36 -17.66 -4.06 48.19
N LEU K 37 -16.50 -3.39 48.14
CA LEU K 37 -15.30 -3.90 48.78
C LEU K 37 -14.92 -3.12 50.03
N GLU K 38 -15.10 -3.74 51.20
CA GLU K 38 -14.75 -3.08 52.45
C GLU K 38 -13.24 -3.14 52.62
N ASP K 39 -12.60 -1.98 52.74
CA ASP K 39 -11.16 -1.93 52.90
C ASP K 39 -10.78 -1.13 54.13
N SER K 40 -11.77 -0.77 54.93
CA SER K 40 -11.50 0.01 56.12
C SER K 40 -11.58 -0.84 57.37
N HIS K 41 -10.59 -0.70 58.23
CA HIS K 41 -10.61 -1.43 59.48
C HIS K 41 -10.15 -0.55 60.62
N ASN K 42 -10.56 -0.97 61.80
CA ASN K 42 -10.33 -0.35 63.09
C ASN K 42 -8.91 -0.26 63.64
N GLY K 43 -8.08 -1.23 63.26
CA GLY K 43 -6.77 -1.30 63.89
C GLY K 43 -7.38 -1.79 65.20
N LYS K 44 -6.62 -2.03 66.26
CA LYS K 44 -7.32 -2.44 67.50
C LYS K 44 -8.11 -3.76 67.52
N LEU K 45 -8.02 -4.46 68.66
CA LEU K 45 -8.74 -5.71 68.90
C LEU K 45 -9.95 -5.30 69.76
N CYS K 46 -11.13 -5.79 69.42
CA CYS K 46 -12.33 -5.42 70.16
C CYS K 46 -13.07 -6.55 70.83
N ARG K 47 -14.03 -6.18 71.66
CA ARG K 47 -14.86 -7.15 72.33
C ARG K 47 -15.73 -7.66 71.20
N LEU K 48 -16.22 -8.88 71.31
CA LEU K 48 -17.07 -9.44 70.28
C LEU K 48 -18.46 -9.55 70.90
N LYS K 49 -19.36 -8.67 70.50
CA LYS K 49 -20.71 -8.64 71.05
C LYS K 49 -20.67 -8.52 72.57
N GLY K 50 -19.79 -7.65 73.06
CA GLY K 50 -19.67 -7.41 74.48
C GLY K 50 -18.69 -8.27 75.26
N ILE K 51 -18.13 -9.29 74.64
CA ILE K 51 -17.19 -10.16 75.35
C ILE K 51 -15.76 -9.99 74.87
N ALA K 52 -14.85 -9.82 75.82
CA ALA K 52 -13.44 -9.61 75.53
C ALA K 52 -12.74 -10.92 75.18
N PRO K 53 -11.71 -10.85 74.34
CA PRO K 53 -10.98 -12.05 73.96
C PRO K 53 -9.97 -12.38 75.05
N LEU K 54 -9.35 -13.54 74.94
CA LEU K 54 -8.33 -13.96 75.89
C LEU K 54 -7.00 -13.59 75.23
N GLN K 55 -6.20 -12.79 75.92
CA GLN K 55 -4.91 -12.37 75.39
C GLN K 55 -3.79 -13.10 76.08
N LEU K 56 -3.25 -14.10 75.39
CA LEU K 56 -2.16 -14.91 75.94
C LEU K 56 -0.86 -14.13 75.99
N GLY K 57 -0.80 -13.03 75.24
CA GLY K 57 0.39 -12.21 75.22
C GLY K 57 1.68 -12.96 74.94
N LYS K 58 2.57 -12.99 75.93
CA LYS K 58 3.86 -13.65 75.81
C LYS K 58 3.78 -15.16 75.96
N CYS K 59 2.59 -15.65 76.23
CA CYS K 59 2.36 -17.08 76.42
C CYS K 59 1.57 -17.70 75.26
N ASN K 60 1.66 -19.02 75.13
CA ASN K 60 0.89 -19.73 74.10
C ASN K 60 -0.08 -20.67 74.81
N ILE K 61 -0.90 -21.39 74.05
CA ILE K 61 -1.89 -22.29 74.65
C ILE K 61 -1.26 -23.24 75.66
N ALA K 62 -0.10 -23.80 75.30
CA ALA K 62 0.60 -24.75 76.17
C ALA K 62 1.01 -24.13 77.51
N GLY K 63 1.58 -22.93 77.47
CA GLY K 63 2.00 -22.28 78.71
C GLY K 63 0.79 -21.93 79.58
N TRP K 64 -0.31 -21.60 78.92
CA TRP K 64 -1.54 -21.23 79.60
C TRP K 64 -2.18 -22.44 80.30
N LEU K 65 -2.39 -23.53 79.57
CA LEU K 65 -3.02 -24.71 80.15
C LEU K 65 -2.12 -25.45 81.15
N LEU K 66 -0.82 -25.42 80.95
CA LEU K 66 0.06 -26.11 81.89
C LEU K 66 0.28 -25.24 83.12
N GLY K 67 0.14 -23.94 82.95
CA GLY K 67 0.34 -23.04 84.06
C GLY K 67 1.80 -22.66 84.21
N ASN K 68 2.43 -22.28 83.09
CA ASN K 68 3.81 -21.84 83.09
C ASN K 68 3.83 -20.62 84.03
N PRO K 69 4.78 -20.57 84.98
CA PRO K 69 4.86 -19.43 85.92
C PRO K 69 4.78 -18.08 85.21
N GLU K 70 5.31 -18.00 84.00
CA GLU K 70 5.30 -16.77 83.21
C GLU K 70 3.89 -16.38 82.76
N CYS K 71 2.91 -17.23 83.02
CA CYS K 71 1.55 -16.92 82.58
C CYS K 71 0.54 -16.80 83.70
N ASP K 72 1.01 -16.49 84.91
CA ASP K 72 0.10 -16.35 86.06
C ASP K 72 -1.03 -15.33 85.84
N PRO K 73 -0.76 -14.22 85.15
CA PRO K 73 -1.82 -13.22 84.93
C PRO K 73 -3.07 -13.79 84.25
N LEU K 74 -2.94 -14.96 83.63
CA LEU K 74 -4.05 -15.59 82.92
C LEU K 74 -4.88 -16.53 83.79
N LEU K 75 -4.30 -17.00 84.88
CA LEU K 75 -4.97 -17.93 85.79
C LEU K 75 -6.44 -17.66 86.13
N PRO K 76 -6.81 -16.39 86.39
CA PRO K 76 -8.21 -16.08 86.74
C PRO K 76 -9.24 -16.00 85.61
N VAL K 77 -8.78 -15.70 84.39
CA VAL K 77 -9.69 -15.58 83.25
C VAL K 77 -10.54 -16.83 83.05
N ARG K 78 -11.86 -16.66 83.02
CA ARG K 78 -12.78 -17.78 82.87
C ARG K 78 -13.59 -17.82 81.59
N SER K 79 -13.74 -16.68 80.93
CA SER K 79 -14.52 -16.63 79.70
C SER K 79 -13.91 -15.67 78.71
N TRP K 80 -14.15 -15.94 77.43
CA TRP K 80 -13.61 -15.12 76.35
C TRP K 80 -14.43 -15.34 75.08
N SER K 81 -14.27 -14.46 74.10
CA SER K 81 -15.00 -14.56 72.85
C SER K 81 -14.10 -15.14 71.74
N TYR K 82 -12.80 -15.01 71.93
CA TYR K 82 -11.82 -15.54 70.98
C TYR K 82 -10.45 -15.49 71.62
N ILE K 83 -9.52 -16.29 71.10
CA ILE K 83 -8.18 -16.33 71.66
C ILE K 83 -7.17 -15.61 70.78
N VAL K 84 -6.31 -14.83 71.42
CA VAL K 84 -5.31 -14.06 70.71
C VAL K 84 -3.88 -14.40 71.10
N GLU K 85 -3.07 -14.83 70.14
CA GLU K 85 -1.68 -15.13 70.39
C GLU K 85 -0.91 -14.03 69.67
N THR K 86 0.29 -13.73 70.13
CA THR K 86 1.08 -12.69 69.50
C THR K 86 2.35 -13.27 68.90
N PRO K 87 3.04 -12.49 68.07
CA PRO K 87 4.28 -12.99 67.48
C PRO K 87 5.29 -13.28 68.59
N ASN K 88 5.00 -12.81 69.80
CA ASN K 88 5.89 -13.01 70.94
C ASN K 88 5.42 -14.08 71.93
N SER K 89 4.43 -14.88 71.54
CA SER K 89 3.94 -15.93 72.43
C SER K 89 4.92 -17.11 72.41
N GLU K 90 6.01 -16.98 73.17
CA GLU K 90 7.05 -18.01 73.22
C GLU K 90 7.00 -18.92 74.44
N ASN K 91 6.49 -18.40 75.55
CA ASN K 91 6.42 -19.18 76.78
C ASN K 91 5.33 -20.26 76.77
N GLY K 92 5.74 -21.47 76.41
CA GLY K 92 4.81 -22.59 76.38
C GLY K 92 5.32 -23.52 77.46
N ILE K 93 5.89 -24.64 77.06
CA ILE K 93 6.43 -25.57 78.04
C ILE K 93 7.77 -24.99 78.50
N CYS K 94 8.06 -25.06 79.79
CA CYS K 94 9.33 -24.53 80.29
C CYS K 94 10.35 -25.65 80.47
N TYR K 95 9.87 -26.84 80.81
CA TYR K 95 10.76 -27.99 80.94
C TYR K 95 10.61 -28.69 79.57
N PRO K 96 11.73 -28.89 78.85
CA PRO K 96 11.75 -29.53 77.53
C PRO K 96 11.07 -30.88 77.42
N GLY K 97 10.41 -31.10 76.29
CA GLY K 97 9.73 -32.35 76.04
C GLY K 97 8.75 -32.20 74.91
N ASP K 98 7.88 -33.18 74.73
CA ASP K 98 6.89 -33.11 73.67
C ASP K 98 5.49 -33.07 74.25
N PHE K 99 4.65 -32.20 73.69
CA PHE K 99 3.27 -32.04 74.12
C PHE K 99 2.48 -32.91 73.14
N ILE K 100 2.09 -34.11 73.56
CA ILE K 100 1.38 -35.02 72.67
C ILE K 100 -0.02 -34.52 72.26
N ASP K 101 -0.26 -34.49 70.96
CA ASP K 101 -1.53 -34.05 70.38
C ASP K 101 -1.85 -32.60 70.76
N TYR K 102 -0.80 -31.78 70.80
CA TYR K 102 -0.95 -30.38 71.13
C TYR K 102 -1.87 -29.62 70.16
N GLU K 103 -1.73 -29.89 68.86
CA GLU K 103 -2.57 -29.20 67.88
C GLU K 103 -4.05 -29.54 68.04
N GLU K 104 -4.33 -30.78 68.39
CA GLU K 104 -5.72 -31.19 68.60
C GLU K 104 -6.26 -30.48 69.85
N LEU K 105 -5.40 -30.29 70.84
CA LEU K 105 -5.81 -29.63 72.07
C LEU K 105 -6.15 -28.16 71.77
N ARG K 106 -5.39 -27.54 70.86
CA ARG K 106 -5.66 -26.14 70.48
C ARG K 106 -7.00 -26.08 69.78
N GLU K 107 -7.28 -27.08 68.95
CA GLU K 107 -8.53 -27.14 68.21
C GLU K 107 -9.68 -27.30 69.19
N GLN K 108 -9.44 -28.04 70.28
CA GLN K 108 -10.46 -28.25 71.28
C GLN K 108 -10.81 -26.92 71.97
N LEU K 109 -9.80 -26.21 72.45
CA LEU K 109 -10.01 -24.93 73.12
C LEU K 109 -10.65 -23.90 72.20
N SER K 110 -10.60 -24.13 70.90
CA SER K 110 -11.17 -23.22 69.91
C SER K 110 -12.68 -23.17 69.96
N SER K 111 -13.31 -24.21 70.52
CA SER K 111 -14.76 -24.22 70.61
C SER K 111 -15.18 -24.09 72.06
N VAL K 112 -14.26 -23.62 72.91
CA VAL K 112 -14.55 -23.43 74.32
C VAL K 112 -14.85 -21.95 74.60
N SER K 113 -16.01 -21.68 75.18
CA SER K 113 -16.39 -20.30 75.48
C SER K 113 -15.97 -19.94 76.90
N SER K 114 -15.87 -20.94 77.77
CA SER K 114 -15.46 -20.69 79.14
C SER K 114 -15.19 -21.98 79.88
N PHE K 115 -14.48 -21.87 81.00
CA PHE K 115 -14.22 -23.04 81.83
C PHE K 115 -13.98 -22.63 83.26
N GLU K 116 -13.93 -23.61 84.15
CA GLU K 116 -13.62 -23.31 85.54
C GLU K 116 -12.39 -24.11 85.91
N ARG K 117 -11.37 -23.40 86.37
CA ARG K 117 -10.13 -24.02 86.79
C ARG K 117 -10.37 -24.43 88.26
N PHE K 118 -10.21 -25.72 88.56
CA PHE K 118 -10.42 -26.22 89.92
C PHE K 118 -9.39 -27.30 90.29
N GLU K 119 -9.21 -27.52 91.58
CA GLU K 119 -8.26 -28.52 92.09
C GLU K 119 -8.78 -29.94 92.00
N ILE K 120 -8.28 -30.68 91.02
CA ILE K 120 -8.71 -32.05 90.84
C ILE K 120 -8.02 -32.93 91.89
N PHE K 121 -6.77 -32.59 92.21
CA PHE K 121 -6.01 -33.30 93.24
C PHE K 121 -5.30 -32.30 94.12
N PRO K 122 -5.95 -31.85 95.20
CA PRO K 122 -5.36 -30.88 96.14
C PRO K 122 -3.93 -31.23 96.50
N LYS K 123 -3.03 -30.25 96.41
CA LYS K 123 -1.62 -30.46 96.72
C LYS K 123 -1.45 -31.21 98.03
N GLU K 124 -2.19 -30.81 99.04
CA GLU K 124 -2.10 -31.44 100.35
C GLU K 124 -3.37 -32.23 100.64
N SER K 125 -3.18 -33.53 100.88
CA SER K 125 -4.24 -34.51 101.18
C SER K 125 -4.33 -35.54 100.07
N SER K 126 -3.79 -35.20 98.91
CA SER K 126 -3.82 -36.11 97.77
C SER K 126 -2.62 -37.05 97.73
N TRP K 127 -1.47 -36.59 98.17
CA TRP K 127 -0.24 -37.40 98.15
C TRP K 127 0.45 -37.47 99.51
N PRO K 128 -0.17 -38.17 100.47
CA PRO K 128 0.34 -38.35 101.84
C PRO K 128 1.75 -38.92 101.93
N ASN K 129 2.08 -39.86 101.05
CA ASN K 129 3.36 -40.54 101.09
C ASN K 129 4.36 -40.17 99.99
N HIS K 130 4.25 -38.95 99.47
CA HIS K 130 5.16 -38.52 98.42
C HIS K 130 5.53 -37.06 98.62
N ASN K 131 6.71 -36.66 98.14
CA ASN K 131 7.09 -35.26 98.24
C ASN K 131 6.52 -34.57 97.00
N THR K 132 6.05 -33.34 97.18
CA THR K 132 5.45 -32.59 96.10
C THR K 132 6.13 -31.24 95.88
N ASN K 133 7.24 -31.03 96.58
CA ASN K 133 7.98 -29.77 96.50
C ASN K 133 8.95 -29.63 95.33
N GLY K 134 8.97 -30.62 94.44
CA GLY K 134 9.87 -30.58 93.30
C GLY K 134 9.73 -29.36 92.41
N VAL K 135 10.87 -28.72 92.09
CA VAL K 135 10.87 -27.54 91.23
C VAL K 135 12.06 -27.61 90.27
N THR K 136 12.13 -26.68 89.33
CA THR K 136 13.22 -26.69 88.36
C THR K 136 13.58 -25.28 87.89
N ALA K 137 14.85 -25.08 87.57
CA ALA K 137 15.32 -23.78 87.11
C ALA K 137 14.80 -23.48 85.71
N ALA K 138 14.28 -24.52 85.05
CA ALA K 138 13.76 -24.36 83.70
C ALA K 138 12.41 -23.65 83.77
N CYS K 139 11.77 -23.71 84.94
CA CYS K 139 10.48 -23.05 85.13
C CYS K 139 10.61 -22.07 86.30
N SER K 140 11.55 -21.13 86.19
CA SER K 140 11.76 -20.16 87.25
C SER K 140 10.78 -18.99 87.23
N HIS K 141 10.53 -18.43 88.41
CA HIS K 141 9.64 -17.28 88.60
C HIS K 141 10.32 -16.44 89.68
N GLU K 142 10.56 -15.16 89.40
CA GLU K 142 11.22 -14.26 90.35
C GLU K 142 12.64 -14.75 90.65
N GLY K 143 13.35 -15.19 89.63
CA GLY K 143 14.72 -15.66 89.81
C GLY K 143 14.89 -16.93 90.63
N LYS K 144 13.79 -17.52 91.09
CA LYS K 144 13.87 -18.75 91.89
C LYS K 144 13.28 -19.92 91.12
N SER K 145 13.78 -21.12 91.38
CA SER K 145 13.26 -22.30 90.69
C SER K 145 11.80 -22.49 91.10
N SER K 146 10.96 -22.84 90.14
CA SER K 146 9.54 -23.04 90.42
C SER K 146 9.00 -24.19 89.57
N PHE K 147 7.69 -24.22 89.37
CA PHE K 147 7.07 -25.27 88.56
C PHE K 147 5.70 -24.86 88.05
N TYR K 148 5.16 -25.65 87.11
CA TYR K 148 3.84 -25.38 86.54
C TYR K 148 2.82 -25.18 87.65
N ARG K 149 1.92 -24.21 87.49
CA ARG K 149 0.91 -23.94 88.50
C ARG K 149 -0.17 -25.00 88.53
N ASN K 150 -0.33 -25.74 87.45
CA ASN K 150 -1.39 -26.74 87.39
C ASN K 150 -0.96 -28.18 87.53
N LEU K 151 0.35 -28.41 87.66
CA LEU K 151 0.88 -29.75 87.81
C LEU K 151 1.72 -29.84 89.08
N LEU K 152 1.99 -31.06 89.52
CA LEU K 152 2.78 -31.32 90.73
C LEU K 152 3.86 -32.36 90.45
N TRP K 153 5.11 -32.04 90.78
CA TRP K 153 6.22 -32.96 90.57
C TRP K 153 6.31 -33.88 91.78
N LEU K 154 5.81 -35.10 91.65
CA LEU K 154 5.86 -36.06 92.76
C LEU K 154 7.20 -36.78 92.80
N THR K 155 7.79 -36.87 93.99
CA THR K 155 9.07 -37.55 94.15
C THR K 155 9.15 -38.39 95.41
N GLU K 156 10.24 -39.12 95.53
CA GLU K 156 10.51 -40.00 96.66
C GLU K 156 10.37 -39.29 98.00
N LYS K 157 9.83 -40.00 98.99
CA LYS K 157 9.67 -39.45 100.33
C LYS K 157 10.34 -40.38 101.35
N GLU K 158 11.37 -39.87 102.03
CA GLU K 158 12.10 -40.65 103.03
C GLU K 158 12.67 -41.95 102.44
N GLY K 159 13.30 -41.83 101.27
CA GLY K 159 13.90 -42.99 100.63
C GLY K 159 12.95 -43.96 99.95
N SER K 160 11.66 -43.67 99.98
CA SER K 160 10.68 -44.56 99.37
C SER K 160 9.61 -43.86 98.52
N TYR K 161 9.25 -44.49 97.40
CA TYR K 161 8.23 -43.96 96.50
C TYR K 161 7.19 -45.07 96.36
N PRO K 162 6.22 -45.11 97.27
CA PRO K 162 5.16 -46.14 97.23
C PRO K 162 4.38 -46.05 95.94
N LYS K 163 3.82 -47.17 95.50
CA LYS K 163 3.02 -47.15 94.29
C LYS K 163 1.79 -46.35 94.67
N LEU K 164 1.38 -45.42 93.82
CA LEU K 164 0.21 -44.60 94.11
C LEU K 164 -0.94 -44.90 93.16
N LYS K 165 -2.15 -44.72 93.68
CA LYS K 165 -3.37 -44.92 92.90
C LYS K 165 -4.37 -43.90 93.39
N ASN K 166 -4.62 -42.89 92.56
CA ASN K 166 -5.57 -41.87 92.92
C ASN K 166 -6.54 -41.73 91.77
N SER K 167 -7.79 -41.46 92.10
CA SER K 167 -8.79 -41.30 91.07
C SER K 167 -9.64 -40.09 91.36
N TYR K 168 -10.36 -39.64 90.34
CA TYR K 168 -11.24 -38.50 90.42
C TYR K 168 -12.50 -38.78 89.61
N VAL K 169 -13.65 -38.52 90.22
CA VAL K 169 -14.95 -38.73 89.59
C VAL K 169 -15.48 -37.36 89.13
N ASN K 170 -15.73 -37.25 87.83
CA ASN K 170 -16.22 -36.00 87.26
C ASN K 170 -17.68 -35.71 87.64
N LYS K 171 -17.89 -34.79 88.56
CA LYS K 171 -19.23 -34.42 89.00
C LYS K 171 -19.51 -32.95 88.67
N LYS K 172 -18.77 -32.43 87.69
CA LYS K 172 -18.90 -31.04 87.26
C LYS K 172 -20.03 -30.81 86.26
N GLY K 173 -20.59 -31.90 85.74
CA GLY K 173 -21.68 -31.78 84.78
C GLY K 173 -21.17 -31.35 83.42
N LYS K 174 -19.86 -31.39 83.24
CA LYS K 174 -19.23 -30.99 81.97
C LYS K 174 -17.96 -31.81 81.69
N GLU K 175 -17.41 -31.64 80.50
CA GLU K 175 -16.17 -32.32 80.13
C GLU K 175 -15.08 -31.70 80.98
N VAL K 176 -14.18 -32.53 81.49
CA VAL K 176 -13.10 -32.01 82.29
C VAL K 176 -11.79 -32.33 81.59
N LEU K 177 -11.03 -31.27 81.29
CA LEU K 177 -9.75 -31.43 80.63
C LEU K 177 -8.69 -31.70 81.68
N VAL K 178 -8.03 -32.86 81.59
CA VAL K 178 -6.98 -33.23 82.53
C VAL K 178 -5.63 -33.29 81.81
N LEU K 179 -4.61 -32.69 82.41
CA LEU K 179 -3.28 -32.70 81.83
C LEU K 179 -2.32 -33.27 82.87
N TRP K 180 -1.29 -33.94 82.39
CA TRP K 180 -0.30 -34.51 83.30
C TRP K 180 0.98 -34.69 82.51
N GLY K 181 2.05 -35.05 83.19
CA GLY K 181 3.28 -35.25 82.48
C GLY K 181 3.99 -36.51 82.93
N ILE K 182 4.95 -36.93 82.12
CA ILE K 182 5.76 -38.09 82.43
C ILE K 182 7.19 -37.60 82.34
N HIS K 183 7.94 -37.73 83.44
CA HIS K 183 9.33 -37.27 83.47
C HIS K 183 10.27 -38.39 83.03
N HIS K 184 11.27 -38.03 82.22
CA HIS K 184 12.26 -38.99 81.73
C HIS K 184 13.65 -38.48 82.10
N PRO K 185 14.25 -39.01 83.19
CA PRO K 185 15.58 -38.60 83.63
C PRO K 185 16.66 -38.93 82.59
N PRO K 186 17.79 -38.21 82.63
CA PRO K 186 18.90 -38.43 81.69
C PRO K 186 19.75 -39.69 81.98
N ASN K 187 19.75 -40.14 83.23
CA ASN K 187 20.52 -41.32 83.62
C ASN K 187 19.86 -42.09 84.79
N SER K 188 20.26 -43.34 84.97
CA SER K 188 19.70 -44.18 86.02
C SER K 188 19.87 -43.65 87.44
N LYS K 189 20.98 -42.95 87.69
CA LYS K 189 21.23 -42.41 89.02
C LYS K 189 20.12 -41.44 89.42
N GLU K 190 19.75 -40.54 88.50
CA GLU K 190 18.71 -39.57 88.78
C GLU K 190 17.35 -40.25 88.93
N GLN K 191 17.09 -41.25 88.08
CA GLN K 191 15.84 -41.99 88.16
C GLN K 191 15.69 -42.54 89.57
N GLN K 192 16.78 -43.12 90.09
CA GLN K 192 16.78 -43.70 91.42
C GLN K 192 16.67 -42.66 92.53
N ASN K 193 17.43 -41.57 92.42
CA ASN K 193 17.39 -40.54 93.44
C ASN K 193 16.00 -39.94 93.58
N LEU K 194 15.33 -39.74 92.45
CA LEU K 194 14.00 -39.16 92.46
C LEU K 194 12.86 -40.14 92.72
N TYR K 195 12.91 -41.34 92.12
CA TYR K 195 11.82 -42.28 92.29
C TYR K 195 12.06 -43.63 92.96
N GLN K 196 13.29 -43.88 93.40
CA GLN K 196 13.63 -45.14 94.07
C GLN K 196 13.58 -46.37 93.17
N ASN K 197 12.47 -46.58 92.48
CA ASN K 197 12.34 -47.74 91.60
C ASN K 197 13.02 -47.49 90.26
N GLU K 198 13.80 -48.47 89.81
CA GLU K 198 14.53 -48.37 88.54
C GLU K 198 13.61 -48.62 87.34
N ASN K 199 12.64 -49.51 87.50
CA ASN K 199 11.69 -49.82 86.45
C ASN K 199 10.32 -49.32 86.85
N ALA K 200 10.09 -48.03 86.63
CA ALA K 200 8.81 -47.43 86.99
C ALA K 200 7.85 -47.35 85.80
N TYR K 201 6.60 -47.02 86.09
CA TYR K 201 5.60 -46.90 85.05
C TYR K 201 4.44 -46.04 85.51
N VAL K 202 3.75 -45.46 84.55
CA VAL K 202 2.58 -44.66 84.88
C VAL K 202 1.42 -45.19 84.04
N SER K 203 0.28 -45.29 84.68
CA SER K 203 -0.94 -45.77 84.02
C SER K 203 -2.02 -44.73 84.24
N VAL K 204 -2.73 -44.38 83.17
CA VAL K 204 -3.82 -43.40 83.25
C VAL K 204 -4.99 -43.98 82.47
N VAL K 205 -6.14 -44.09 83.13
CA VAL K 205 -7.31 -44.66 82.48
C VAL K 205 -8.61 -43.98 82.88
N THR K 206 -9.58 -44.03 81.96
CA THR K 206 -10.93 -43.50 82.16
C THR K 206 -11.80 -44.56 81.50
N SER K 207 -13.07 -44.26 81.23
CA SER K 207 -13.94 -45.24 80.60
C SER K 207 -13.63 -45.39 79.12
N ASN K 208 -12.96 -44.38 78.55
CA ASN K 208 -12.64 -44.42 77.14
C ASN K 208 -11.20 -44.03 76.80
N TYR K 209 -10.35 -43.91 77.81
CA TYR K 209 -8.94 -43.58 77.62
C TYR K 209 -8.15 -44.61 78.39
N ASN K 210 -7.07 -45.08 77.78
CA ASN K 210 -6.26 -46.12 78.41
C ASN K 210 -4.81 -46.06 77.93
N ARG K 211 -3.92 -45.60 78.80
CA ARG K 211 -2.53 -45.52 78.38
C ARG K 211 -1.51 -45.76 79.48
N ARG K 212 -0.41 -46.39 79.09
CA ARG K 212 0.66 -46.72 80.01
C ARG K 212 1.93 -46.04 79.53
N PHE K 213 2.71 -45.51 80.46
CA PHE K 213 3.93 -44.81 80.10
C PHE K 213 5.13 -45.41 80.82
N THR K 214 6.21 -45.57 80.06
CA THR K 214 7.45 -46.13 80.57
C THR K 214 8.58 -45.11 80.45
N PRO K 215 9.33 -44.91 81.54
CA PRO K 215 10.43 -43.95 81.47
C PRO K 215 11.45 -44.49 80.46
N GLU K 216 12.00 -43.59 79.64
CA GLU K 216 13.01 -43.99 78.68
C GLU K 216 14.21 -43.13 79.06
N ILE K 217 15.16 -43.72 79.78
CA ILE K 217 16.34 -43.02 80.25
C ILE K 217 17.48 -42.96 79.25
N ALA K 218 18.05 -41.78 79.08
CA ALA K 218 19.16 -41.58 78.15
C ALA K 218 19.74 -40.17 78.22
N GLU K 219 21.00 -40.04 77.83
CA GLU K 219 21.70 -38.74 77.81
C GLU K 219 21.15 -38.01 76.61
N ARG K 220 20.70 -36.77 76.80
CA ARG K 220 20.15 -35.96 75.71
C ARG K 220 20.79 -34.58 75.67
N PRO K 221 20.81 -33.94 74.49
CA PRO K 221 21.40 -32.61 74.40
C PRO K 221 20.64 -31.70 75.37
N LYS K 222 21.29 -30.68 75.91
CA LYS K 222 20.60 -29.80 76.84
C LYS K 222 19.70 -28.79 76.14
N VAL K 223 18.51 -28.60 76.72
CA VAL K 223 17.52 -27.65 76.25
C VAL K 223 17.08 -26.96 77.51
N ARG K 224 17.25 -25.64 77.55
CA ARG K 224 16.92 -24.84 78.74
C ARG K 224 17.64 -25.41 79.95
N ASP K 225 18.85 -25.90 79.70
CA ASP K 225 19.71 -26.48 80.73
C ASP K 225 19.34 -27.85 81.21
N GLN K 226 18.38 -28.50 80.55
CA GLN K 226 17.96 -29.83 80.99
C GLN K 226 18.26 -30.93 79.98
N ALA K 227 18.93 -31.99 80.44
CA ALA K 227 19.23 -33.12 79.59
C ALA K 227 18.02 -34.03 79.75
N GLY K 228 17.28 -33.80 80.82
CA GLY K 228 16.09 -34.60 81.07
C GLY K 228 14.99 -34.18 80.13
N ARG K 229 13.88 -34.91 80.16
CA ARG K 229 12.74 -34.59 79.31
C ARG K 229 11.42 -34.82 80.04
N MET K 230 10.41 -34.05 79.65
CA MET K 230 9.09 -34.15 80.25
C MET K 230 8.08 -34.15 79.12
N ASN K 231 7.31 -35.23 78.97
CA ASN K 231 6.28 -35.29 77.94
C ASN K 231 4.95 -34.95 78.60
N TYR K 232 4.10 -34.21 77.90
CA TYR K 232 2.80 -33.82 78.46
C TYR K 232 1.64 -34.45 77.73
N TYR K 233 0.65 -34.89 78.49
CA TYR K 233 -0.53 -35.52 77.93
C TYR K 233 -1.83 -34.96 78.49
N TRP K 234 -2.91 -35.15 77.74
CA TRP K 234 -4.21 -34.67 78.17
C TRP K 234 -5.31 -35.57 77.65
N THR K 235 -6.48 -35.46 78.26
CA THR K 235 -7.63 -36.23 77.83
C THR K 235 -8.86 -35.52 78.37
N LEU K 236 -10.00 -35.76 77.74
CA LEU K 236 -11.26 -35.17 78.15
C LEU K 236 -12.03 -36.21 78.94
N LEU K 237 -12.24 -35.94 80.21
CA LEU K 237 -12.98 -36.85 81.08
C LEU K 237 -14.45 -36.46 80.97
N LYS K 238 -15.26 -37.39 80.46
CA LYS K 238 -16.69 -37.14 80.30
C LYS K 238 -17.41 -36.99 81.63
N PRO K 239 -18.59 -36.33 81.63
CA PRO K 239 -19.38 -36.12 82.84
C PRO K 239 -19.75 -37.45 83.48
N GLY K 240 -19.50 -37.58 84.77
CA GLY K 240 -19.81 -38.81 85.45
C GLY K 240 -18.72 -39.86 85.41
N ASP K 241 -17.80 -39.74 84.44
CA ASP K 241 -16.72 -40.70 84.31
C ASP K 241 -15.61 -40.49 85.35
N THR K 242 -14.79 -41.52 85.54
CA THR K 242 -13.70 -41.47 86.51
C THR K 242 -12.34 -41.62 85.84
N ILE K 243 -11.35 -40.92 86.37
CA ILE K 243 -10.00 -41.04 85.83
C ILE K 243 -9.11 -41.57 86.97
N ILE K 244 -8.32 -42.58 86.66
CA ILE K 244 -7.45 -43.20 87.63
C ILE K 244 -5.98 -43.09 87.26
N PHE K 245 -5.19 -42.58 88.19
CA PHE K 245 -3.74 -42.45 88.00
C PHE K 245 -3.06 -43.47 88.91
N GLU K 246 -2.18 -44.27 88.31
CA GLU K 246 -1.43 -45.29 89.05
C GLU K 246 0.02 -45.18 88.57
N ALA K 247 0.94 -45.11 89.52
CA ALA K 247 2.34 -44.98 89.16
C ALA K 247 3.26 -45.30 90.32
N ASN K 248 4.49 -45.71 90.00
CA ASN K 248 5.46 -45.98 91.03
C ASN K 248 6.71 -45.15 90.73
N GLY K 249 6.49 -44.03 90.05
CA GLY K 249 7.56 -43.12 89.70
C GLY K 249 7.31 -42.32 88.44
N ASN K 250 8.05 -41.23 88.26
CA ASN K 250 7.97 -40.42 87.05
C ASN K 250 6.65 -39.70 86.71
N LEU K 251 5.69 -39.68 87.63
CA LEU K 251 4.44 -39.00 87.35
C LEU K 251 4.43 -37.53 87.70
N ILE K 252 4.07 -36.70 86.72
CA ILE K 252 3.95 -35.27 86.94
C ILE K 252 2.44 -35.14 87.02
N ALA K 253 1.91 -35.33 88.22
CA ALA K 253 0.48 -35.32 88.45
C ALA K 253 -0.30 -34.05 88.21
N PRO K 254 -1.59 -34.19 87.91
CA PRO K 254 -2.50 -33.07 87.66
C PRO K 254 -2.79 -32.47 89.04
N MET K 255 -2.91 -31.16 89.12
CA MET K 255 -3.26 -30.52 90.38
C MET K 255 -4.56 -29.77 90.11
N TYR K 256 -4.57 -29.02 89.01
CA TYR K 256 -5.76 -28.28 88.58
C TYR K 256 -6.18 -28.80 87.23
N ALA K 257 -7.49 -28.89 87.02
CA ALA K 257 -8.04 -29.33 85.74
C ALA K 257 -9.09 -28.28 85.32
N PHE K 258 -9.67 -28.44 84.14
CA PHE K 258 -10.64 -27.47 83.66
C PHE K 258 -11.97 -28.08 83.23
N ALA K 259 -13.06 -27.60 83.82
CA ALA K 259 -14.40 -28.05 83.45
C ALA K 259 -14.77 -27.12 82.29
N LEU K 260 -14.99 -27.69 81.11
CA LEU K 260 -15.26 -26.93 79.91
C LEU K 260 -16.71 -26.66 79.49
N ARG K 261 -16.94 -25.47 78.96
CA ARG K 261 -18.24 -25.09 78.43
C ARG K 261 -17.98 -24.80 76.95
N ARG K 262 -18.81 -25.35 76.08
CA ARG K 262 -18.63 -25.15 74.64
C ARG K 262 -19.49 -24.02 74.06
N GLY K 263 -19.01 -23.43 72.97
CA GLY K 263 -19.72 -22.35 72.31
C GLY K 263 -19.41 -22.36 70.83
N PHE K 264 -19.95 -21.40 70.09
CA PHE K 264 -19.70 -21.33 68.66
C PHE K 264 -19.12 -19.98 68.26
N GLY K 265 -18.43 -19.95 67.13
CA GLY K 265 -17.86 -18.73 66.63
C GLY K 265 -16.49 -18.33 67.12
N SER K 266 -15.97 -19.04 68.12
CA SER K 266 -14.66 -18.70 68.64
C SER K 266 -13.53 -19.29 67.79
N GLY K 267 -12.32 -18.87 68.07
CA GLY K 267 -11.16 -19.33 67.32
C GLY K 267 -9.89 -18.71 67.88
N ILE K 268 -8.75 -19.17 67.38
CA ILE K 268 -7.47 -18.64 67.81
C ILE K 268 -6.89 -17.83 66.65
N ILE K 269 -6.45 -16.61 66.93
CA ILE K 269 -5.85 -15.76 65.89
C ILE K 269 -4.52 -15.23 66.39
N THR K 270 -3.68 -14.79 65.46
CA THR K 270 -2.38 -14.24 65.82
C THR K 270 -2.37 -12.78 65.42
N SER K 271 -2.12 -11.92 66.38
CA SER K 271 -2.12 -10.48 66.09
C SER K 271 -1.19 -9.65 66.96
N ASN K 272 -0.68 -8.57 66.40
CA ASN K 272 0.15 -7.68 67.18
C ASN K 272 -0.61 -6.36 67.38
N ALA K 273 -1.92 -6.40 67.19
CA ALA K 273 -2.76 -5.22 67.39
C ALA K 273 -3.08 -5.15 68.88
N SER K 274 -3.57 -4.01 69.35
CA SER K 274 -3.88 -3.87 70.77
C SER K 274 -5.35 -3.89 71.13
N MET K 275 -5.66 -4.42 72.30
CA MET K 275 -7.01 -4.50 72.82
C MET K 275 -7.48 -3.12 73.30
N HIS K 276 -8.69 -2.72 72.90
CA HIS K 276 -9.27 -1.44 73.26
C HIS K 276 -10.69 -1.72 73.75
N GLU K 277 -11.32 -0.73 74.37
CA GLU K 277 -12.69 -0.91 74.82
C GLU K 277 -13.64 -0.51 73.69
N CYS K 278 -13.69 -1.38 72.68
CA CYS K 278 -14.54 -1.20 71.51
C CYS K 278 -15.34 -2.47 71.35
N ASN K 279 -16.45 -2.39 70.64
CA ASN K 279 -17.26 -3.58 70.43
C ASN K 279 -17.46 -3.74 68.93
N THR K 280 -17.43 -4.99 68.46
CA THR K 280 -17.58 -5.26 67.04
C THR K 280 -18.30 -6.58 66.80
N LYS K 281 -18.71 -6.80 65.55
CA LYS K 281 -19.38 -8.03 65.16
C LYS K 281 -18.42 -8.82 64.29
N CYS K 282 -17.38 -8.13 63.82
CA CYS K 282 -16.38 -8.75 62.96
C CYS K 282 -14.97 -8.32 63.32
N GLN K 283 -14.14 -9.29 63.70
CA GLN K 283 -12.77 -9.02 64.10
C GLN K 283 -11.72 -9.73 63.25
N THR K 284 -10.68 -9.01 62.83
CA THR K 284 -9.60 -9.64 62.07
C THR K 284 -8.32 -9.38 62.84
N PRO K 285 -7.22 -10.06 62.47
CA PRO K 285 -5.95 -9.86 63.17
C PRO K 285 -5.41 -8.42 63.06
N LEU K 286 -5.85 -7.68 62.04
CA LEU K 286 -5.41 -6.30 61.84
C LEU K 286 -6.29 -5.26 62.53
N GLY K 287 -7.55 -5.61 62.77
CA GLY K 287 -8.47 -4.69 63.40
C GLY K 287 -9.90 -5.09 63.11
N ALA K 288 -10.85 -4.47 63.82
CA ALA K 288 -12.27 -4.78 63.65
C ALA K 288 -12.87 -4.08 62.45
N ILE K 289 -13.91 -4.71 61.90
CA ILE K 289 -14.64 -4.21 60.75
C ILE K 289 -16.10 -3.92 61.11
N ASN K 290 -16.60 -2.77 60.65
CA ASN K 290 -17.99 -2.39 60.87
C ASN K 290 -18.51 -2.13 59.47
N SER K 291 -19.16 -3.13 58.87
CA SER K 291 -19.62 -2.96 57.52
C SER K 291 -20.76 -3.89 57.13
N SER K 292 -21.45 -3.52 56.05
CA SER K 292 -22.55 -4.31 55.52
C SER K 292 -22.17 -4.75 54.11
N LEU K 293 -21.00 -4.32 53.64
CA LEU K 293 -20.55 -4.68 52.31
C LEU K 293 -20.30 -6.18 52.22
N PRO K 294 -20.58 -6.77 51.03
CA PRO K 294 -20.39 -8.20 50.80
C PRO K 294 -18.95 -8.70 50.81
N TYR K 295 -18.00 -7.86 50.41
CA TYR K 295 -16.60 -8.28 50.37
C TYR K 295 -15.65 -7.38 51.16
N GLN K 296 -14.43 -7.91 51.38
CA GLN K 296 -13.39 -7.19 52.09
C GLN K 296 -12.03 -7.76 51.64
N ASN K 297 -11.02 -6.89 51.61
CA ASN K 297 -9.67 -7.28 51.20
C ASN K 297 -8.69 -6.99 52.33
N ILE K 298 -9.19 -7.02 53.55
CA ILE K 298 -8.38 -6.72 54.73
C ILE K 298 -7.60 -7.92 55.26
N HIS K 299 -8.27 -9.04 55.47
CA HIS K 299 -7.60 -10.24 55.98
C HIS K 299 -8.49 -11.48 55.88
N PRO K 300 -7.91 -12.65 55.56
CA PRO K 300 -8.69 -13.89 55.43
C PRO K 300 -9.09 -14.48 56.78
N VAL K 301 -8.35 -14.16 57.84
CA VAL K 301 -8.70 -14.66 59.16
C VAL K 301 -9.82 -13.80 59.72
N THR K 302 -10.93 -14.45 60.08
CA THR K 302 -12.12 -13.75 60.53
C THR K 302 -12.82 -14.37 61.74
N ILE K 303 -13.22 -13.53 62.69
CA ILE K 303 -13.97 -13.98 63.85
C ILE K 303 -15.29 -13.21 63.87
N GLY K 304 -16.41 -13.92 63.85
CA GLY K 304 -17.71 -13.27 63.89
C GLY K 304 -18.56 -13.35 62.63
N GLU K 305 -19.18 -12.24 62.28
CA GLU K 305 -20.02 -12.14 61.09
C GLU K 305 -19.37 -11.07 60.23
N CYS K 306 -18.64 -11.52 59.22
CA CYS K 306 -17.86 -10.64 58.35
C CYS K 306 -18.15 -10.74 56.86
N PRO K 307 -17.60 -9.80 56.08
CA PRO K 307 -17.79 -9.80 54.62
C PRO K 307 -16.82 -10.89 54.12
N LYS K 308 -17.01 -11.38 52.90
CA LYS K 308 -16.10 -12.40 52.39
C LYS K 308 -14.78 -11.81 51.88
N TYR K 309 -13.67 -12.40 52.32
CA TYR K 309 -12.34 -11.94 51.90
C TYR K 309 -12.07 -12.30 50.44
N VAL K 310 -11.52 -11.36 49.68
CA VAL K 310 -11.15 -11.56 48.28
C VAL K 310 -9.83 -10.81 48.06
N ARG K 311 -9.05 -11.19 47.06
CA ARG K 311 -7.77 -10.53 46.82
C ARG K 311 -7.92 -9.22 46.07
N SER K 312 -9.13 -8.93 45.62
CA SER K 312 -9.43 -7.75 44.85
C SER K 312 -8.94 -6.43 45.45
N ALA K 313 -8.55 -5.51 44.57
CA ALA K 313 -8.08 -4.20 45.01
C ALA K 313 -9.26 -3.24 44.89
N LYS K 314 -10.22 -3.57 44.03
CA LYS K 314 -11.38 -2.72 43.82
C LYS K 314 -12.60 -3.47 43.27
N LEU K 315 -13.77 -3.18 43.83
CA LEU K 315 -15.02 -3.77 43.38
C LEU K 315 -16.10 -2.71 43.55
N ARG K 316 -16.40 -2.03 42.46
CA ARG K 316 -17.40 -0.97 42.46
C ARG K 316 -18.41 -1.24 41.38
N MET K 317 -19.67 -1.19 41.76
CA MET K 317 -20.77 -1.46 40.85
C MET K 317 -21.39 -0.13 40.42
N VAL K 318 -21.50 0.10 39.11
CA VAL K 318 -22.09 1.34 38.63
C VAL K 318 -23.60 1.31 38.79
N THR K 319 -24.16 2.42 39.26
CA THR K 319 -25.61 2.53 39.42
C THR K 319 -26.12 3.54 38.40
N GLY K 320 -25.48 4.70 38.35
CA GLY K 320 -25.86 5.74 37.42
C GLY K 320 -25.48 5.39 35.99
N LEU K 321 -25.08 6.38 35.21
CA LEU K 321 -24.69 6.13 33.82
C LEU K 321 -23.39 6.80 33.41
N ARG K 322 -22.99 6.55 32.17
CA ARG K 322 -21.79 7.13 31.61
C ARG K 322 -21.93 8.64 31.81
N ASN K 323 -21.03 9.23 32.57
CA ASN K 323 -21.07 10.65 32.86
C ASN K 323 -20.43 11.45 31.75
N ILE K 324 -21.23 12.25 31.06
CA ILE K 324 -20.76 13.08 29.97
C ILE K 324 -21.23 14.51 30.19
N PRO K 325 -20.51 15.26 31.04
CA PRO K 325 -20.82 16.66 31.37
C PRO K 325 -21.09 17.53 30.15
N ALA K 326 -20.37 17.26 29.07
CA ALA K 326 -20.52 18.02 27.84
C ALA K 326 -20.29 19.52 28.08
N ARG K 327 -19.32 19.83 28.93
CA ARG K 327 -19.00 21.22 29.24
C ARG K 327 -18.18 21.84 28.12
N GLY L 1 -22.99 3.02 22.95
CA GLY L 1 -23.78 2.05 23.69
C GLY L 1 -24.56 1.12 22.79
N LEU L 2 -24.96 -0.03 23.33
CA LEU L 2 -25.71 -1.01 22.57
C LEU L 2 -26.96 -0.48 21.87
N PHE L 3 -27.59 0.55 22.45
CA PHE L 3 -28.81 1.07 21.84
C PHE L 3 -28.69 2.40 21.10
N GLY L 4 -27.47 2.91 21.00
CA GLY L 4 -27.21 4.15 20.27
C GLY L 4 -27.61 5.49 20.85
N ALA L 5 -28.37 5.51 21.93
CA ALA L 5 -28.81 6.77 22.53
C ALA L 5 -27.72 7.52 23.29
N ILE L 6 -27.42 7.10 24.51
CA ILE L 6 -26.39 7.76 25.32
C ILE L 6 -25.06 7.76 24.60
N ALA L 7 -24.44 8.94 24.54
CA ALA L 7 -23.18 9.12 23.86
C ALA L 7 -23.37 8.65 22.43
N GLY L 8 -24.61 8.78 21.95
CA GLY L 8 -24.94 8.36 20.59
C GLY L 8 -25.62 9.50 19.84
N PHE L 9 -26.87 9.30 19.43
CA PHE L 9 -27.59 10.35 18.72
C PHE L 9 -28.02 11.44 19.70
N ILE L 10 -27.51 11.33 20.92
CA ILE L 10 -27.74 12.30 21.99
C ILE L 10 -26.39 12.37 22.66
N GLU L 11 -25.49 13.10 22.02
CA GLU L 11 -24.10 13.26 22.47
C GLU L 11 -23.80 13.35 23.96
N GLY L 12 -24.20 14.42 24.62
CA GLY L 12 -23.90 14.54 26.05
C GLY L 12 -25.05 14.55 27.03
N GLY L 13 -24.71 14.61 28.32
CA GLY L 13 -25.71 14.63 29.37
C GLY L 13 -25.95 16.04 29.89
N TRP L 14 -27.02 16.22 30.66
CA TRP L 14 -27.34 17.53 31.20
C TRP L 14 -27.08 17.73 32.69
N THR L 15 -26.08 18.53 33.01
CA THR L 15 -25.76 18.81 34.40
C THR L 15 -26.91 19.62 34.99
N GLY L 16 -27.78 20.12 34.12
CA GLY L 16 -28.90 20.92 34.56
C GLY L 16 -30.07 20.12 35.10
N MET L 17 -30.17 18.86 34.69
CA MET L 17 -31.25 17.99 35.15
C MET L 17 -30.80 17.25 36.40
N ILE L 18 -31.33 17.66 37.55
CA ILE L 18 -30.95 17.06 38.83
C ILE L 18 -32.07 16.29 39.53
N ASP L 19 -33.12 15.94 38.81
CA ASP L 19 -34.23 15.21 39.40
C ASP L 19 -34.26 13.73 39.06
N GLY L 20 -33.41 13.32 38.13
CA GLY L 20 -33.37 11.92 37.74
C GLY L 20 -32.30 11.63 36.72
N TRP L 21 -32.35 10.42 36.16
CA TRP L 21 -31.37 10.02 35.17
C TRP L 21 -31.83 10.36 33.75
N TYR L 22 -33.14 10.31 33.53
CA TYR L 22 -33.72 10.59 32.21
C TYR L 22 -34.75 11.69 32.35
N GLY L 23 -34.86 12.55 31.34
CA GLY L 23 -35.85 13.63 31.41
C GLY L 23 -36.00 14.46 30.14
N TYR L 24 -36.58 15.63 30.30
CA TYR L 24 -36.81 16.53 29.16
C TYR L 24 -36.33 17.95 29.43
N HIS L 25 -35.91 18.64 28.37
CA HIS L 25 -35.46 20.02 28.49
C HIS L 25 -36.68 20.93 28.28
N HIS L 26 -37.00 21.20 27.02
CA HIS L 26 -38.15 22.03 26.64
C HIS L 26 -38.00 23.54 26.68
N GLN L 27 -38.47 24.20 25.63
CA GLN L 27 -38.44 25.65 25.50
C GLN L 27 -39.86 26.10 25.16
N ASN L 28 -40.38 27.04 25.93
CA ASN L 28 -41.73 27.52 25.72
C ASN L 28 -41.82 29.04 25.82
N GLU L 29 -42.96 29.58 25.44
CA GLU L 29 -43.20 31.02 25.50
C GLU L 29 -42.99 31.43 26.95
N GLN L 30 -43.42 30.55 27.86
CA GLN L 30 -43.32 30.80 29.28
C GLN L 30 -41.91 30.59 29.84
N GLY L 31 -41.00 30.09 29.01
CA GLY L 31 -39.62 29.87 29.45
C GLY L 31 -39.02 28.50 29.19
N SER L 32 -37.78 28.33 29.62
CA SER L 32 -37.05 27.07 29.46
C SER L 32 -37.03 26.29 30.78
N GLY L 33 -36.26 25.21 30.83
CA GLY L 33 -36.19 24.42 32.04
C GLY L 33 -35.87 22.95 31.82
N TYR L 34 -35.72 22.22 32.92
CA TYR L 34 -35.44 20.79 32.89
C TYR L 34 -36.46 20.06 33.74
N ALA L 35 -36.72 18.81 33.39
CA ALA L 35 -37.66 18.00 34.14
C ALA L 35 -37.33 16.52 33.95
N ALA L 36 -37.30 15.77 35.04
CA ALA L 36 -37.00 14.34 34.97
C ALA L 36 -38.28 13.55 34.78
N ASP L 37 -38.19 12.46 34.04
CA ASP L 37 -39.36 11.60 33.80
C ASP L 37 -39.48 10.62 34.96
N GLN L 38 -40.14 11.04 36.03
CA GLN L 38 -40.32 10.18 37.22
C GLN L 38 -40.65 8.74 36.87
N LYS L 39 -41.44 8.56 35.81
CA LYS L 39 -41.86 7.23 35.37
C LYS L 39 -40.68 6.30 35.06
N SER L 40 -39.89 6.65 34.05
CA SER L 40 -38.76 5.82 33.66
C SER L 40 -37.60 5.84 34.64
N THR L 41 -37.36 6.98 35.26
CA THR L 41 -36.26 7.11 36.22
C THR L 41 -36.48 6.20 37.42
N GLN L 42 -37.72 6.13 37.90
CA GLN L 42 -38.03 5.31 39.04
C GLN L 42 -37.91 3.82 38.68
N ASN L 43 -38.44 3.43 37.52
CA ASN L 43 -38.36 2.05 37.09
C ASN L 43 -36.90 1.61 37.09
N ALA L 44 -36.03 2.48 36.59
CA ALA L 44 -34.61 2.19 36.53
C ALA L 44 -34.05 2.07 37.94
N ILE L 45 -34.53 2.90 38.84
CA ILE L 45 -34.07 2.86 40.21
C ILE L 45 -34.46 1.53 40.86
N ASN L 46 -35.70 1.11 40.65
CA ASN L 46 -36.16 -0.14 41.23
C ASN L 46 -35.36 -1.31 40.69
N GLY L 47 -35.12 -1.31 39.38
CA GLY L 47 -34.35 -2.37 38.75
C GLY L 47 -32.91 -2.46 39.24
N ILE L 48 -32.19 -1.35 39.20
CA ILE L 48 -30.80 -1.35 39.63
C ILE L 48 -30.65 -1.60 41.12
N THR L 49 -31.58 -1.09 41.92
CA THR L 49 -31.52 -1.31 43.35
C THR L 49 -31.68 -2.82 43.59
N ASN L 50 -32.58 -3.45 42.85
CA ASN L 50 -32.77 -4.88 43.00
C ASN L 50 -31.51 -5.65 42.56
N LYS L 51 -30.87 -5.19 41.50
CA LYS L 51 -29.65 -5.85 41.01
C LYS L 51 -28.56 -5.81 42.08
N VAL L 52 -28.31 -4.61 42.62
CA VAL L 52 -27.30 -4.45 43.65
C VAL L 52 -27.62 -5.26 44.90
N ASN L 53 -28.87 -5.21 45.35
CA ASN L 53 -29.24 -6.00 46.52
C ASN L 53 -29.09 -7.49 46.26
N SER L 54 -29.33 -7.92 45.04
CA SER L 54 -29.19 -9.33 44.71
C SER L 54 -27.73 -9.76 44.83
N VAL L 55 -26.83 -8.95 44.29
CA VAL L 55 -25.41 -9.25 44.35
C VAL L 55 -25.00 -9.36 45.82
N ILE L 56 -25.44 -8.42 46.62
CA ILE L 56 -25.11 -8.42 48.04
C ILE L 56 -25.72 -9.60 48.77
N GLU L 57 -26.98 -9.88 48.47
CA GLU L 57 -27.68 -10.97 49.13
C GLU L 57 -27.09 -12.34 48.83
N LYS L 58 -26.67 -12.58 47.59
CA LYS L 58 -26.10 -13.88 47.24
C LYS L 58 -24.84 -14.22 48.03
N MET L 59 -24.09 -13.20 48.45
CA MET L 59 -22.89 -13.40 49.24
C MET L 59 -23.27 -13.46 50.71
N ASN L 60 -23.69 -14.62 51.19
CA ASN L 60 -24.07 -14.73 52.59
C ASN L 60 -22.86 -14.31 53.42
N ILE L 61 -23.09 -13.98 54.69
CA ILE L 61 -22.01 -13.57 55.56
C ILE L 61 -20.94 -14.63 55.81
N GLN L 62 -19.71 -14.16 55.97
CA GLN L 62 -18.57 -15.02 56.22
C GLN L 62 -18.45 -15.22 57.74
N PHE L 63 -18.66 -16.44 58.21
CA PHE L 63 -18.54 -16.71 59.63
C PHE L 63 -17.11 -17.01 60.01
N THR L 64 -16.85 -17.19 61.31
CA THR L 64 -15.51 -17.46 61.78
C THR L 64 -14.73 -18.43 60.89
N ALA L 65 -13.58 -17.96 60.43
CA ALA L 65 -12.68 -18.72 59.59
C ALA L 65 -11.27 -18.34 60.05
N VAL L 66 -10.53 -19.30 60.59
CA VAL L 66 -9.17 -19.04 61.08
C VAL L 66 -8.15 -20.10 60.67
N GLY L 67 -6.89 -19.85 60.99
CA GLY L 67 -5.84 -20.80 60.66
C GLY L 67 -5.85 -22.00 61.59
N LYS L 68 -4.99 -22.96 61.29
CA LYS L 68 -4.88 -24.18 62.08
C LYS L 68 -3.40 -24.51 62.15
N GLU L 69 -2.99 -25.22 63.20
CA GLU L 69 -1.60 -25.62 63.34
C GLU L 69 -1.44 -27.11 63.00
N PHE L 70 -0.24 -27.47 62.56
CA PHE L 70 0.08 -28.85 62.21
C PHE L 70 1.48 -29.10 62.73
N ASN L 71 1.73 -30.26 63.33
CA ASN L 71 3.09 -30.52 63.80
C ASN L 71 4.02 -30.81 62.62
N LYS L 72 5.32 -30.88 62.89
CA LYS L 72 6.35 -31.11 61.88
C LYS L 72 6.17 -32.37 61.02
N LEU L 73 5.37 -33.30 61.50
CA LEU L 73 5.13 -34.53 60.75
C LEU L 73 3.75 -34.51 60.07
N GLU L 74 3.17 -33.33 59.91
CA GLU L 74 1.88 -33.21 59.25
C GLU L 74 1.98 -32.22 58.09
N LYS L 75 3.11 -32.26 57.40
CA LYS L 75 3.34 -31.37 56.28
C LYS L 75 2.33 -31.58 55.16
N ARG L 76 1.92 -32.83 54.94
CA ARG L 76 0.95 -33.10 53.87
C ARG L 76 -0.43 -32.52 54.23
N MET L 77 -0.82 -32.66 55.48
CA MET L 77 -2.12 -32.15 55.94
C MET L 77 -2.13 -30.62 55.83
N GLU L 78 -1.04 -30.00 56.24
CA GLU L 78 -0.90 -28.55 56.19
C GLU L 78 -1.02 -28.02 54.76
N ASN L 79 -0.39 -28.73 53.82
CA ASN L 79 -0.45 -28.31 52.42
C ASN L 79 -1.83 -28.56 51.84
N LEU L 80 -2.53 -29.58 52.30
CA LEU L 80 -3.87 -29.86 51.79
C LEU L 80 -4.74 -28.69 52.22
N ASN L 81 -4.57 -28.27 53.47
CA ASN L 81 -5.32 -27.17 54.06
C ASN L 81 -5.04 -25.90 53.26
N ASN L 82 -3.78 -25.70 52.89
CA ASN L 82 -3.33 -24.55 52.12
C ASN L 82 -4.00 -24.55 50.74
N LYS L 83 -4.03 -25.70 50.10
CA LYS L 83 -4.63 -25.83 48.77
C LYS L 83 -6.12 -25.51 48.82
N VAL L 84 -6.76 -25.97 49.88
CA VAL L 84 -8.18 -25.72 50.07
C VAL L 84 -8.41 -24.23 50.24
N ASP L 85 -7.71 -23.61 51.19
CA ASP L 85 -7.86 -22.17 51.42
C ASP L 85 -7.58 -21.32 50.19
N ASP L 86 -6.52 -21.62 49.45
CA ASP L 86 -6.19 -20.83 48.27
C ASP L 86 -7.17 -21.08 47.13
N GLY L 87 -7.60 -22.34 47.01
CA GLY L 87 -8.54 -22.71 45.96
C GLY L 87 -9.83 -21.95 46.08
N PHE L 88 -10.39 -21.90 47.29
CA PHE L 88 -11.63 -21.19 47.51
C PHE L 88 -11.41 -19.70 47.28
N LEU L 89 -10.36 -19.15 47.89
CA LEU L 89 -10.06 -17.74 47.73
C LEU L 89 -9.93 -17.39 46.24
N ASP L 90 -9.28 -18.25 45.46
CA ASP L 90 -9.14 -18.02 44.02
C ASP L 90 -10.49 -17.91 43.31
N ILE L 91 -11.40 -18.81 43.67
CA ILE L 91 -12.69 -18.85 43.04
C ILE L 91 -13.59 -17.67 43.40
N TRP L 92 -13.60 -17.26 44.66
CA TRP L 92 -14.44 -16.14 45.08
C TRP L 92 -13.92 -14.81 44.54
N THR L 93 -12.60 -14.66 44.48
CA THR L 93 -12.01 -13.43 43.96
C THR L 93 -12.39 -13.32 42.48
N TYR L 94 -12.38 -14.45 41.80
CA TYR L 94 -12.72 -14.54 40.39
C TYR L 94 -14.21 -14.28 40.19
N ASN L 95 -15.04 -14.96 40.98
CA ASN L 95 -16.48 -14.78 40.86
C ASN L 95 -16.88 -13.33 41.08
N ALA L 96 -16.36 -12.72 42.15
CA ALA L 96 -16.66 -11.33 42.51
C ALA L 96 -16.26 -10.34 41.42
N GLU L 97 -15.05 -10.48 40.90
CA GLU L 97 -14.57 -9.59 39.87
C GLU L 97 -15.32 -9.71 38.54
N LEU L 98 -15.60 -10.95 38.14
CA LEU L 98 -16.30 -11.20 36.89
C LEU L 98 -17.73 -10.70 36.98
N LEU L 99 -18.39 -10.95 38.11
CA LEU L 99 -19.76 -10.50 38.29
C LEU L 99 -19.89 -8.98 38.16
N VAL L 100 -19.02 -8.25 38.85
CA VAL L 100 -19.05 -6.78 38.79
C VAL L 100 -18.78 -6.27 37.37
N LEU L 101 -17.74 -6.79 36.73
CA LEU L 101 -17.39 -6.39 35.38
C LEU L 101 -18.53 -6.63 34.40
N LEU L 102 -19.09 -7.83 34.44
CA LEU L 102 -20.18 -8.19 33.54
C LEU L 102 -21.46 -7.41 33.78
N GLU L 103 -21.80 -7.17 35.04
CA GLU L 103 -23.02 -6.43 35.33
C GLU L 103 -22.91 -4.93 35.11
N ASN L 104 -21.72 -4.36 35.27
CA ASN L 104 -21.54 -2.93 35.03
C ASN L 104 -21.86 -2.67 33.56
N GLU L 105 -21.44 -3.60 32.71
CA GLU L 105 -21.69 -3.47 31.27
C GLU L 105 -23.20 -3.50 31.04
N ARG L 106 -23.88 -4.45 31.67
CA ARG L 106 -25.32 -4.60 31.51
C ARG L 106 -26.09 -3.39 32.05
N THR L 107 -25.57 -2.78 33.11
CA THR L 107 -26.23 -1.62 33.68
C THR L 107 -26.13 -0.42 32.75
N LEU L 108 -24.93 -0.13 32.24
CA LEU L 108 -24.78 1.00 31.32
C LEU L 108 -25.72 0.83 30.11
N ASP L 109 -25.73 -0.36 29.53
CA ASP L 109 -26.60 -0.64 28.38
C ASP L 109 -28.08 -0.56 28.77
N PHE L 110 -28.36 -0.74 30.05
CA PHE L 110 -29.74 -0.67 30.55
C PHE L 110 -30.18 0.80 30.46
N HIS L 111 -29.30 1.71 30.88
CA HIS L 111 -29.61 3.13 30.82
C HIS L 111 -29.75 3.56 29.36
N ASP L 112 -28.82 3.13 28.53
CA ASP L 112 -28.82 3.45 27.11
C ASP L 112 -30.18 3.11 26.53
N SER L 113 -30.66 1.93 26.88
CA SER L 113 -31.95 1.45 26.40
C SER L 113 -33.11 2.31 26.91
N ASN L 114 -33.08 2.65 28.21
CA ASN L 114 -34.15 3.46 28.78
C ASN L 114 -34.28 4.82 28.12
N VAL L 115 -33.14 5.43 27.77
CA VAL L 115 -33.14 6.73 27.11
C VAL L 115 -33.71 6.55 25.71
N LYS L 116 -33.16 5.58 24.99
CA LYS L 116 -33.59 5.26 23.64
C LYS L 116 -35.10 5.05 23.55
N ASN L 117 -35.65 4.29 24.50
CA ASN L 117 -37.10 4.02 24.49
C ASN L 117 -37.94 5.22 24.90
N LEU L 118 -37.37 6.11 25.72
CA LEU L 118 -38.10 7.29 26.14
C LEU L 118 -38.27 8.21 24.93
N TYR L 119 -37.19 8.31 24.14
CA TYR L 119 -37.20 9.10 22.93
C TYR L 119 -38.29 8.59 22.00
N GLU L 120 -38.22 7.31 21.64
CA GLU L 120 -39.21 6.71 20.75
C GLU L 120 -40.65 6.86 21.24
N LYS L 121 -40.84 6.82 22.56
CA LYS L 121 -42.17 6.93 23.13
C LYS L 121 -42.75 8.33 22.86
N VAL L 122 -41.88 9.34 22.88
CA VAL L 122 -42.30 10.71 22.63
C VAL L 122 -42.58 10.88 21.14
N LYS L 123 -41.62 10.44 20.33
CA LYS L 123 -41.71 10.53 18.88
C LYS L 123 -43.05 9.98 18.38
N SER L 124 -43.44 8.82 18.88
CA SER L 124 -44.69 8.20 18.45
C SER L 124 -45.92 8.97 18.95
N GLN L 125 -45.72 9.83 19.94
CA GLN L 125 -46.82 10.63 20.48
C GLN L 125 -47.05 11.87 19.63
N LEU L 126 -45.95 12.50 19.22
CA LEU L 126 -46.01 13.73 18.43
C LEU L 126 -46.42 13.51 16.97
N LYS L 127 -45.69 12.66 16.25
CA LYS L 127 -45.98 12.38 14.86
C LYS L 127 -45.76 13.60 13.98
N ASN L 128 -46.83 14.07 13.33
CA ASN L 128 -46.77 15.23 12.44
C ASN L 128 -46.70 16.58 13.14
N ASN L 129 -47.14 16.64 14.39
CA ASN L 129 -47.14 17.89 15.14
C ASN L 129 -45.77 18.37 15.59
N ALA L 130 -44.72 17.79 15.00
CA ALA L 130 -43.35 18.18 15.35
C ALA L 130 -42.37 17.49 14.43
N LYS L 131 -41.16 18.02 14.34
CA LYS L 131 -40.14 17.42 13.48
C LYS L 131 -38.89 17.06 14.27
N GLU L 132 -38.27 15.94 13.92
CA GLU L 132 -37.05 15.49 14.58
C GLU L 132 -35.90 16.38 14.12
N ILE L 133 -35.51 17.32 14.96
CA ILE L 133 -34.42 18.22 14.61
C ILE L 133 -33.06 17.65 14.97
N GLY L 134 -33.04 16.39 15.41
CA GLY L 134 -31.79 15.75 15.77
C GLY L 134 -31.38 15.91 17.23
N ASN L 135 -30.43 15.09 17.65
CA ASN L 135 -29.93 15.11 19.02
C ASN L 135 -31.04 14.92 20.06
N GLY L 136 -32.11 14.25 19.65
CA GLY L 136 -33.22 13.97 20.55
C GLY L 136 -34.19 15.09 20.84
N CYS L 137 -34.19 16.15 20.05
CA CYS L 137 -35.10 17.26 20.26
C CYS L 137 -36.22 17.27 19.23
N PHE L 138 -37.37 17.78 19.63
CA PHE L 138 -38.51 17.87 18.73
C PHE L 138 -38.98 19.33 18.64
N GLU L 139 -39.23 19.79 17.43
CA GLU L 139 -39.68 21.16 17.18
C GLU L 139 -41.16 21.13 16.82
N PHE L 140 -41.99 21.71 17.68
CA PHE L 140 -43.43 21.74 17.44
C PHE L 140 -43.85 22.66 16.31
N TYR L 141 -44.86 22.23 15.57
CA TYR L 141 -45.39 23.02 14.47
C TYR L 141 -46.57 23.86 14.97
N HIS L 142 -46.88 23.70 16.26
CA HIS L 142 -47.96 24.45 16.89
C HIS L 142 -47.50 24.92 18.26
N LYS L 143 -48.33 25.67 18.96
CA LYS L 143 -47.96 26.16 20.28
C LYS L 143 -48.17 25.11 21.35
N CYS L 144 -47.13 24.90 22.15
CA CYS L 144 -47.16 23.92 23.23
C CYS L 144 -46.75 24.57 24.54
N ASP L 145 -47.73 25.12 25.24
CA ASP L 145 -47.49 25.78 26.51
C ASP L 145 -47.19 24.77 27.62
N ASN L 146 -46.82 25.27 28.80
CA ASN L 146 -46.50 24.42 29.94
C ASN L 146 -47.49 23.28 30.15
N GLU L 147 -48.77 23.63 30.21
CA GLU L 147 -49.82 22.62 30.41
C GLU L 147 -49.76 21.56 29.32
N CYS L 148 -49.35 21.97 28.12
CA CYS L 148 -49.26 21.05 26.99
C CYS L 148 -47.97 20.23 27.06
N MET L 149 -46.91 20.84 27.57
CA MET L 149 -45.64 20.15 27.70
C MET L 149 -45.81 18.98 28.66
N GLU L 150 -46.47 19.25 29.78
CA GLU L 150 -46.70 18.24 30.78
C GLU L 150 -47.47 17.05 30.21
N SER L 151 -48.27 17.28 29.17
CA SER L 151 -49.03 16.20 28.56
C SER L 151 -48.07 15.28 27.81
N VAL L 152 -46.96 15.83 27.34
CA VAL L 152 -45.96 15.07 26.61
C VAL L 152 -45.13 14.25 27.59
N ARG L 153 -44.75 14.88 28.70
CA ARG L 153 -43.96 14.23 29.73
C ARG L 153 -44.67 13.01 30.31
N ASN L 154 -45.93 13.19 30.70
CA ASN L 154 -46.68 12.07 31.26
C ASN L 154 -47.46 11.26 30.24
N GLY L 155 -46.99 11.30 28.99
CA GLY L 155 -47.61 10.56 27.91
C GLY L 155 -49.12 10.65 27.75
N THR L 156 -49.65 11.87 27.75
CA THR L 156 -51.08 12.08 27.58
C THR L 156 -51.32 13.09 26.46
N TYR L 157 -50.26 13.38 25.70
CA TYR L 157 -50.33 14.33 24.60
C TYR L 157 -51.44 14.00 23.62
N ASP L 158 -52.43 14.90 23.54
CA ASP L 158 -53.58 14.73 22.66
C ASP L 158 -53.21 15.24 21.27
N TYR L 159 -52.88 14.32 20.36
CA TYR L 159 -52.48 14.67 19.01
C TYR L 159 -53.12 15.97 18.54
#